data_2N2H
#
_entry.id   2N2H
#
loop_
_entity.id
_entity.type
_entity.pdbx_description
1 polymer 'Sin3 histone deacetylase corepressor complex component SDS3'
2 polymer 'Paired amphipathic helix protein Sin3a'
#
loop_
_entity_poly.entity_id
_entity_poly.type
_entity_poly.pdbx_seq_one_letter_code
_entity_poly.pdbx_strand_id
1 'polypeptide(L)' SNAAQLNYLLTDEQIMEDLRTLNKLKS A
2 'polypeptide(L)'
;SNAEHIYRCEDERFELDVVLETNLATIRVLEAIQKKLSRLSAEEQAKFRLDNTLGGTSEVIHRKALQRIYADKAADIIDG
LRKNPSIAVPIVLKRLKMKEEEWREAQRGFNKVWREQNEKYYLKS
;
B
#
# COMPACT_ATOMS: atom_id res chain seq x y z
N SER A 1 11.23 10.66 15.84
CA SER A 1 10.95 10.81 17.28
C SER A 1 10.83 9.45 17.95
N ASN A 2 10.07 8.56 17.33
CA ASN A 2 9.91 7.20 17.83
C ASN A 2 10.89 6.27 17.12
N ALA A 3 10.73 4.98 17.32
CA ALA A 3 11.54 4.00 16.59
C ALA A 3 10.93 3.77 15.21
N ALA A 4 9.62 3.85 15.15
CA ALA A 4 8.89 3.72 13.91
C ALA A 4 7.93 4.90 13.75
N GLN A 5 7.90 5.48 12.56
CA GLN A 5 7.04 6.62 12.29
C GLN A 5 5.85 6.19 11.46
N LEU A 6 4.64 6.45 11.95
CA LEU A 6 3.43 6.05 11.25
C LEU A 6 3.05 7.07 10.18
N ASN A 7 3.68 6.95 9.03
CA ASN A 7 3.35 7.78 7.89
C ASN A 7 2.55 6.98 6.88
N TYR A 8 1.30 7.34 6.68
CA TYR A 8 0.41 6.59 5.80
C TYR A 8 0.23 7.33 4.48
N LEU A 9 -0.03 8.62 4.57
CA LEU A 9 -0.28 9.43 3.40
C LEU A 9 1.03 9.90 2.78
N LEU A 10 1.13 9.79 1.46
CA LEU A 10 2.31 10.26 0.74
C LEU A 10 2.19 11.76 0.51
N THR A 11 3.33 12.42 0.42
CA THR A 11 3.37 13.86 0.24
C THR A 11 2.96 14.23 -1.19
N ASP A 12 2.51 15.47 -1.37
CA ASP A 12 2.11 15.95 -2.69
C ASP A 12 3.29 15.90 -3.66
N GLU A 13 4.49 15.93 -3.11
CA GLU A 13 5.71 15.77 -3.89
C GLU A 13 5.70 14.41 -4.60
N GLN A 14 5.54 13.37 -3.80
CA GLN A 14 5.53 12.00 -4.30
C GLN A 14 4.34 11.75 -5.21
N ILE A 15 3.17 12.21 -4.76
CA ILE A 15 1.93 12.03 -5.50
C ILE A 15 2.01 12.68 -6.87
N MET A 16 2.39 13.95 -6.92
CA MET A 16 2.44 14.69 -8.17
C MET A 16 3.50 14.09 -9.10
N GLU A 17 4.62 13.65 -8.54
CA GLU A 17 5.67 13.01 -9.33
C GLU A 17 5.13 11.78 -10.05
N ASP A 18 4.34 11.01 -9.32
CA ASP A 18 3.72 9.80 -9.87
C ASP A 18 2.86 10.17 -11.07
N LEU A 19 1.97 11.14 -10.87
CA LEU A 19 1.09 11.65 -11.93
C LEU A 19 1.90 12.13 -13.13
N ARG A 20 2.95 12.91 -12.88
CA ARG A 20 3.82 13.41 -13.94
C ARG A 20 4.37 12.24 -14.76
N THR A 21 4.84 11.23 -14.05
CA THR A 21 5.44 10.06 -14.68
C THR A 21 4.40 9.27 -15.48
N LEU A 22 3.22 9.06 -14.87
CA LEU A 22 2.16 8.27 -15.50
C LEU A 22 1.75 8.84 -16.86
N ASN A 23 1.55 10.14 -16.91
CA ASN A 23 1.04 10.77 -18.12
C ASN A 23 2.16 11.07 -19.11
N LYS A 24 3.39 10.75 -18.75
CA LYS A 24 4.52 10.98 -19.64
C LYS A 24 5.10 9.67 -20.15
N LEU A 25 5.70 8.90 -19.24
CA LEU A 25 6.49 7.72 -19.60
C LEU A 25 7.49 8.05 -20.71
N LYS A 26 8.63 8.61 -20.32
CA LYS A 26 9.63 9.06 -21.29
C LYS A 26 10.79 8.09 -21.36
N SER A 27 10.66 6.96 -20.68
CA SER A 27 11.71 5.97 -20.65
C SER A 27 11.54 4.98 -21.81
N SER B 1 2.58 1.97 40.96
CA SER B 1 2.72 0.82 40.06
C SER B 1 3.92 1.01 39.11
N ASN B 2 3.76 1.91 38.14
CA ASN B 2 4.79 2.13 37.14
C ASN B 2 4.93 3.62 36.87
N ALA B 3 4.07 4.14 36.03
CA ALA B 3 4.01 5.57 35.77
C ALA B 3 2.81 6.15 36.49
N GLU B 4 1.64 5.62 36.18
CA GLU B 4 0.43 5.93 36.90
C GLU B 4 -0.54 4.76 36.80
N HIS B 5 -0.87 4.39 35.56
CA HIS B 5 -1.80 3.30 35.32
C HIS B 5 -1.27 2.42 34.19
N ILE B 6 -1.78 1.20 34.10
CA ILE B 6 -1.37 0.27 33.07
C ILE B 6 -1.95 0.67 31.72
N TYR B 7 -1.08 1.06 30.80
CA TYR B 7 -1.49 1.43 29.46
C TYR B 7 -1.31 0.25 28.53
N ARG B 8 -2.37 -0.51 28.31
CA ARG B 8 -2.34 -1.64 27.42
C ARG B 8 -2.56 -1.16 25.98
N CYS B 9 -2.11 -1.95 25.01
CA CYS B 9 -2.27 -1.61 23.61
C CYS B 9 -3.72 -1.25 23.28
N GLU B 10 -3.90 -0.05 22.76
CA GLU B 10 -5.23 0.45 22.44
C GLU B 10 -5.73 -0.09 21.10
N ASP B 11 -5.70 0.77 20.09
CA ASP B 11 -6.20 0.44 18.76
C ASP B 11 -5.06 0.49 17.76
N GLU B 12 -3.86 0.65 18.30
CA GLU B 12 -2.67 0.84 17.49
C GLU B 12 -2.41 -0.39 16.65
N ARG B 13 -2.48 -1.54 17.31
CA ARG B 13 -2.29 -2.81 16.63
C ARG B 13 -3.36 -2.99 15.56
N PHE B 14 -4.59 -2.66 15.88
CA PHE B 14 -5.71 -2.86 14.95
C PHE B 14 -5.43 -2.12 13.65
N GLU B 15 -4.98 -0.89 13.76
CA GLU B 15 -4.66 -0.08 12.60
C GLU B 15 -3.56 -0.75 11.78
N LEU B 16 -2.49 -1.18 12.45
CA LEU B 16 -1.33 -1.74 11.77
C LEU B 16 -1.64 -3.12 11.18
N ASP B 17 -2.28 -3.96 11.99
CA ASP B 17 -2.61 -5.32 11.60
C ASP B 17 -3.45 -5.31 10.33
N VAL B 18 -4.44 -4.43 10.30
CA VAL B 18 -5.35 -4.32 9.17
C VAL B 18 -4.64 -3.70 7.95
N VAL B 19 -3.93 -2.59 8.16
CA VAL B 19 -3.29 -1.89 7.04
C VAL B 19 -2.20 -2.75 6.40
N LEU B 20 -1.48 -3.52 7.22
CA LEU B 20 -0.45 -4.41 6.71
C LEU B 20 -1.07 -5.56 5.93
N GLU B 21 -2.15 -6.13 6.46
CA GLU B 21 -2.86 -7.19 5.76
C GLU B 21 -3.40 -6.68 4.44
N THR B 22 -3.99 -5.49 4.48
CA THR B 22 -4.49 -4.83 3.27
C THR B 22 -3.35 -4.57 2.30
N ASN B 23 -2.22 -4.13 2.85
CA ASN B 23 -1.02 -3.88 2.06
C ASN B 23 -0.59 -5.15 1.33
N LEU B 24 -0.38 -6.22 2.09
CA LEU B 24 0.10 -7.49 1.54
C LEU B 24 -0.82 -8.01 0.43
N ALA B 25 -2.12 -7.88 0.62
CA ALA B 25 -3.08 -8.32 -0.40
C ALA B 25 -2.88 -7.54 -1.70
N THR B 26 -2.67 -6.24 -1.55
CA THR B 26 -2.43 -5.37 -2.71
C THR B 26 -1.03 -5.61 -3.29
N ILE B 27 -0.07 -5.92 -2.42
CA ILE B 27 1.28 -6.29 -2.86
C ILE B 27 1.21 -7.51 -3.78
N ARG B 28 0.51 -8.54 -3.31
CA ARG B 28 0.35 -9.77 -4.05
C ARG B 28 -0.27 -9.52 -5.42
N VAL B 29 -1.44 -8.87 -5.43
CA VAL B 29 -2.19 -8.70 -6.67
C VAL B 29 -1.43 -7.84 -7.68
N LEU B 30 -0.78 -6.77 -7.22
CA LEU B 30 -0.05 -5.89 -8.13
C LEU B 30 1.18 -6.58 -8.70
N GLU B 31 1.92 -7.28 -7.85
CA GLU B 31 3.10 -8.02 -8.30
C GLU B 31 2.69 -9.11 -9.30
N ALA B 32 1.52 -9.68 -9.08
CA ALA B 32 0.99 -10.69 -9.98
C ALA B 32 0.69 -10.09 -11.34
N ILE B 33 -0.04 -8.99 -11.34
CA ILE B 33 -0.40 -8.30 -12.58
C ILE B 33 0.84 -7.75 -13.29
N GLN B 34 1.72 -7.11 -12.52
CA GLN B 34 2.94 -6.53 -13.06
C GLN B 34 3.82 -7.61 -13.70
N LYS B 35 3.80 -8.79 -13.10
CA LYS B 35 4.56 -9.92 -13.65
C LYS B 35 3.93 -10.39 -14.96
N LYS B 36 2.60 -10.41 -15.00
CA LYS B 36 1.87 -10.79 -16.21
C LYS B 36 2.06 -9.73 -17.30
N LEU B 37 2.26 -8.49 -16.87
CA LEU B 37 2.53 -7.40 -17.78
C LEU B 37 3.89 -7.57 -18.45
N SER B 38 4.94 -7.61 -17.62
CA SER B 38 6.32 -7.69 -18.10
C SER B 38 6.59 -6.65 -19.19
N ARG B 39 5.96 -5.47 -19.02
CA ARG B 39 6.06 -4.37 -19.97
C ARG B 39 5.40 -4.73 -21.31
N LEU B 40 4.11 -4.42 -21.42
CA LEU B 40 3.35 -4.74 -22.62
C LEU B 40 3.29 -3.53 -23.56
N SER B 41 2.98 -3.80 -24.82
CA SER B 41 2.82 -2.74 -25.82
C SER B 41 1.50 -2.02 -25.59
N ALA B 42 1.27 -0.92 -26.31
CA ALA B 42 0.05 -0.14 -26.16
C ALA B 42 -1.18 -0.99 -26.45
N GLU B 43 -1.15 -1.70 -27.58
CA GLU B 43 -2.26 -2.57 -27.96
C GLU B 43 -2.43 -3.72 -26.95
N GLU B 44 -1.33 -4.09 -26.31
CA GLU B 44 -1.37 -5.16 -25.32
C GLU B 44 -1.92 -4.65 -23.99
N GLN B 45 -1.71 -3.36 -23.73
CA GLN B 45 -2.28 -2.72 -22.53
C GLN B 45 -3.77 -2.49 -22.72
N ALA B 46 -4.19 -2.44 -23.98
CA ALA B 46 -5.61 -2.41 -24.31
C ALA B 46 -6.18 -3.82 -24.19
N LYS B 47 -5.44 -4.79 -24.71
CA LYS B 47 -5.85 -6.19 -24.65
C LYS B 47 -5.90 -6.69 -23.21
N PHE B 48 -4.76 -6.67 -22.55
CA PHE B 48 -4.69 -7.07 -21.14
C PHE B 48 -4.77 -5.83 -20.27
N ARG B 49 -5.99 -5.54 -19.81
CA ARG B 49 -6.23 -4.38 -18.99
C ARG B 49 -7.08 -4.77 -17.78
N LEU B 50 -6.97 -4.00 -16.71
CA LEU B 50 -7.76 -4.24 -15.51
C LEU B 50 -9.23 -3.93 -15.78
N ASP B 51 -9.93 -4.88 -16.37
CA ASP B 51 -11.35 -4.72 -16.66
C ASP B 51 -12.17 -5.24 -15.49
N ASN B 52 -11.89 -6.46 -15.06
CA ASN B 52 -12.50 -7.02 -13.86
C ASN B 52 -11.42 -7.27 -12.82
N THR B 53 -10.19 -6.99 -13.21
CA THR B 53 -9.05 -7.24 -12.36
C THR B 53 -8.90 -6.15 -11.29
N LEU B 54 -8.60 -6.58 -10.07
CA LEU B 54 -8.49 -5.68 -8.92
C LEU B 54 -9.86 -5.15 -8.51
N GLY B 55 -10.91 -5.81 -9.02
CA GLY B 55 -12.25 -5.40 -8.71
C GLY B 55 -13.10 -6.57 -8.28
N GLY B 56 -14.37 -6.53 -8.67
CA GLY B 56 -15.28 -7.62 -8.34
C GLY B 56 -15.75 -7.57 -6.91
N THR B 57 -14.88 -7.94 -5.99
CA THR B 57 -15.20 -7.97 -4.57
C THR B 57 -14.09 -7.35 -3.73
N SER B 58 -12.85 -7.69 -4.06
CA SER B 58 -11.71 -7.29 -3.26
C SER B 58 -11.15 -5.93 -3.70
N GLU B 59 -11.95 -5.18 -4.46
CA GLU B 59 -11.51 -3.89 -4.96
C GLU B 59 -11.32 -2.90 -3.81
N VAL B 60 -12.21 -2.95 -2.82
CA VAL B 60 -12.15 -2.03 -1.68
C VAL B 60 -10.80 -2.14 -0.97
N ILE B 61 -10.22 -3.33 -0.96
CA ILE B 61 -8.95 -3.56 -0.30
C ILE B 61 -7.84 -2.72 -0.94
N HIS B 62 -7.75 -2.81 -2.26
CA HIS B 62 -6.69 -2.13 -2.99
C HIS B 62 -7.05 -0.66 -3.15
N ARG B 63 -8.33 -0.40 -3.30
CA ARG B 63 -8.85 0.96 -3.43
C ARG B 63 -8.56 1.75 -2.17
N LYS B 64 -8.90 1.17 -1.03
CA LYS B 64 -8.67 1.82 0.27
C LYS B 64 -7.18 2.01 0.52
N ALA B 65 -6.40 0.97 0.25
CA ALA B 65 -4.96 1.03 0.45
C ALA B 65 -4.34 2.14 -0.40
N LEU B 66 -4.85 2.29 -1.62
CA LEU B 66 -4.33 3.29 -2.54
C LEU B 66 -4.80 4.68 -2.14
N GLN B 67 -6.03 4.77 -1.63
CA GLN B 67 -6.56 6.04 -1.16
C GLN B 67 -5.85 6.50 0.11
N ARG B 68 -5.24 5.57 0.83
CA ARG B 68 -4.50 5.92 2.04
C ARG B 68 -3.18 6.61 1.68
N ILE B 69 -2.56 6.19 0.59
CA ILE B 69 -1.28 6.77 0.18
C ILE B 69 -1.49 7.93 -0.80
N TYR B 70 -2.47 7.79 -1.68
CA TYR B 70 -2.74 8.81 -2.70
C TYR B 70 -4.11 9.43 -2.49
N ALA B 71 -4.47 9.66 -1.23
CA ALA B 71 -5.78 10.22 -0.84
C ALA B 71 -6.38 11.22 -1.84
N ASP B 72 -5.62 12.26 -2.17
CA ASP B 72 -6.14 13.35 -3.00
C ASP B 72 -6.26 12.94 -4.46
N LYS B 73 -5.34 12.11 -4.92
CA LYS B 73 -5.24 11.77 -6.33
C LYS B 73 -5.51 10.29 -6.57
N ALA B 74 -6.31 9.69 -5.71
CA ALA B 74 -6.62 8.27 -5.80
C ALA B 74 -7.30 7.96 -7.13
N ALA B 75 -8.20 8.83 -7.55
CA ALA B 75 -8.93 8.64 -8.80
C ALA B 75 -7.97 8.58 -9.99
N ASP B 76 -7.00 9.47 -9.99
CA ASP B 76 -6.02 9.56 -11.07
C ASP B 76 -5.18 8.29 -11.15
N ILE B 77 -4.84 7.73 -10.00
CA ILE B 77 -4.03 6.51 -9.96
C ILE B 77 -4.88 5.30 -10.33
N ILE B 78 -6.11 5.27 -9.80
CA ILE B 78 -7.06 4.20 -10.14
C ILE B 78 -7.31 4.19 -11.64
N ASP B 79 -7.54 5.37 -12.20
CA ASP B 79 -7.75 5.51 -13.63
C ASP B 79 -6.53 5.01 -14.40
N GLY B 80 -5.35 5.33 -13.90
CA GLY B 80 -4.13 4.87 -14.52
C GLY B 80 -4.06 3.36 -14.60
N LEU B 81 -4.46 2.69 -13.52
CA LEU B 81 -4.47 1.23 -13.46
C LEU B 81 -5.50 0.65 -14.43
N ARG B 82 -6.58 1.38 -14.62
CA ARG B 82 -7.68 0.95 -15.48
C ARG B 82 -7.44 1.39 -16.92
N LYS B 83 -6.23 1.86 -17.22
CA LYS B 83 -5.93 2.45 -18.51
C LYS B 83 -4.58 1.99 -19.03
N ASN B 84 -3.53 2.32 -18.29
CA ASN B 84 -2.16 2.03 -18.70
C ASN B 84 -1.47 1.19 -17.63
N PRO B 85 -1.64 -0.14 -17.66
CA PRO B 85 -1.08 -1.03 -16.65
C PRO B 85 0.44 -1.09 -16.69
N SER B 86 1.02 -1.13 -17.89
CA SER B 86 2.46 -1.24 -18.02
C SER B 86 3.15 0.09 -17.73
N ILE B 87 2.34 1.13 -17.52
CA ILE B 87 2.86 2.43 -17.12
C ILE B 87 2.66 2.63 -15.63
N ALA B 88 1.41 2.60 -15.19
CA ALA B 88 1.07 2.92 -13.82
C ALA B 88 1.50 1.84 -12.84
N VAL B 89 1.14 0.59 -13.13
CA VAL B 89 1.35 -0.53 -12.21
C VAL B 89 2.81 -0.62 -11.72
N PRO B 90 3.81 -0.64 -12.62
CA PRO B 90 5.22 -0.68 -12.19
C PRO B 90 5.58 0.43 -11.20
N ILE B 91 5.10 1.63 -11.48
CA ILE B 91 5.39 2.79 -10.65
C ILE B 91 4.66 2.68 -9.31
N VAL B 92 3.34 2.51 -9.38
CA VAL B 92 2.51 2.43 -8.18
C VAL B 92 2.94 1.27 -7.30
N LEU B 93 3.32 0.18 -7.92
CA LEU B 93 3.80 -0.99 -7.20
C LEU B 93 5.11 -0.67 -6.48
N LYS B 94 6.02 0.02 -7.16
CA LYS B 94 7.29 0.41 -6.55
C LYS B 94 7.07 1.34 -5.37
N ARG B 95 6.11 2.25 -5.50
CA ARG B 95 5.72 3.12 -4.40
C ARG B 95 5.19 2.28 -3.25
N LEU B 96 4.39 1.28 -3.61
CA LEU B 96 3.74 0.41 -2.65
C LEU B 96 4.75 -0.51 -1.96
N LYS B 97 5.78 -0.92 -2.69
CA LYS B 97 6.78 -1.82 -2.12
C LYS B 97 7.68 -1.09 -1.12
N MET B 98 8.07 0.13 -1.44
CA MET B 98 8.87 0.92 -0.50
C MET B 98 8.01 1.25 0.73
N LYS B 99 6.73 1.51 0.48
CA LYS B 99 5.80 1.80 1.56
C LYS B 99 5.53 0.54 2.37
N GLU B 100 5.53 -0.60 1.69
CA GLU B 100 5.38 -1.91 2.33
C GLU B 100 6.46 -2.10 3.38
N GLU B 101 7.71 -1.89 2.98
CA GLU B 101 8.83 -2.07 3.89
C GLU B 101 8.74 -1.08 5.05
N GLU B 102 8.31 0.14 4.75
CA GLU B 102 8.12 1.16 5.77
C GLU B 102 7.01 0.75 6.75
N TRP B 103 5.91 0.22 6.21
CA TRP B 103 4.83 -0.31 7.04
C TRP B 103 5.32 -1.51 7.82
N ARG B 104 6.16 -2.33 7.19
CA ARG B 104 6.76 -3.47 7.87
C ARG B 104 7.61 -3.02 9.05
N GLU B 105 8.35 -1.94 8.86
CA GLU B 105 9.15 -1.34 9.93
C GLU B 105 8.25 -0.95 11.09
N ALA B 106 7.12 -0.32 10.79
CA ALA B 106 6.15 0.04 11.80
C ALA B 106 5.58 -1.20 12.47
N GLN B 107 5.30 -2.23 11.66
CA GLN B 107 4.77 -3.48 12.18
C GLN B 107 5.80 -4.15 13.09
N ARG B 108 7.08 -3.96 12.77
CA ARG B 108 8.16 -4.49 13.59
C ARG B 108 8.15 -3.81 14.96
N GLY B 109 7.91 -2.51 14.97
CA GLY B 109 7.88 -1.77 16.21
C GLY B 109 6.68 -2.10 17.07
N PHE B 110 5.50 -2.13 16.48
CA PHE B 110 4.28 -2.35 17.25
C PHE B 110 3.95 -3.83 17.38
N ASN B 111 3.64 -4.48 16.25
CA ASN B 111 3.17 -5.87 16.26
C ASN B 111 4.24 -6.85 16.71
N LYS B 112 5.44 -6.71 16.15
CA LYS B 112 6.52 -7.65 16.41
C LYS B 112 6.95 -7.59 17.87
N VAL B 113 7.16 -6.38 18.38
CA VAL B 113 7.54 -6.21 19.77
C VAL B 113 6.42 -6.65 20.71
N TRP B 114 5.17 -6.39 20.31
CA TRP B 114 4.01 -6.84 21.07
C TRP B 114 4.04 -8.35 21.19
N ARG B 115 4.32 -9.01 20.07
CA ARG B 115 4.46 -10.46 20.03
C ARG B 115 5.47 -10.92 21.07
N GLU B 116 6.65 -10.31 21.05
CA GLU B 116 7.73 -10.64 21.98
C GLU B 116 7.28 -10.47 23.42
N GLN B 117 6.78 -9.27 23.74
CA GLN B 117 6.42 -8.92 25.11
C GLN B 117 5.31 -9.82 25.65
N ASN B 118 4.34 -10.12 24.80
CA ASN B 118 3.16 -10.88 25.23
C ASN B 118 3.49 -12.34 25.47
N GLU B 119 4.30 -12.93 24.58
CA GLU B 119 4.60 -14.36 24.66
C GLU B 119 5.67 -14.66 25.70
N LYS B 120 6.49 -13.67 26.01
CA LYS B 120 7.56 -13.87 26.99
C LYS B 120 7.06 -13.63 28.41
N TYR B 121 7.98 -13.74 29.37
CA TYR B 121 7.63 -13.65 30.77
C TYR B 121 7.42 -12.19 31.18
N TYR B 122 6.16 -11.86 31.47
CA TYR B 122 5.78 -10.51 31.85
C TYR B 122 5.99 -10.31 33.35
N LEU B 123 6.18 -11.43 34.05
CA LEU B 123 6.35 -11.44 35.50
C LEU B 123 5.03 -11.16 36.21
N LYS B 124 5.06 -11.14 37.54
CA LYS B 124 3.85 -11.02 38.33
C LYS B 124 3.68 -9.62 38.91
N SER B 125 4.56 -8.72 38.53
CA SER B 125 4.48 -7.35 38.99
C SER B 125 3.62 -6.53 38.04
N SER A 1 10.30 3.23 22.82
CA SER A 1 8.93 3.50 23.32
C SER A 1 8.41 4.83 22.78
N ASN A 2 8.97 5.26 21.66
CA ASN A 2 8.61 6.54 21.06
C ASN A 2 7.52 6.36 20.03
N ALA A 3 6.48 7.18 20.13
CA ALA A 3 5.38 7.13 19.18
C ALA A 3 5.76 7.84 17.90
N ALA A 4 6.22 7.07 16.92
CA ALA A 4 6.55 7.61 15.61
C ALA A 4 5.33 8.25 14.97
N GLN A 5 5.52 9.37 14.28
CA GLN A 5 4.41 10.08 13.69
C GLN A 5 4.01 9.42 12.36
N LEU A 6 3.27 8.34 12.49
CA LEU A 6 2.75 7.65 11.34
C LEU A 6 1.46 8.31 10.89
N ASN A 7 1.54 9.07 9.81
CA ASN A 7 0.36 9.74 9.28
C ASN A 7 -0.41 8.79 8.36
N TYR A 8 0.29 7.73 7.94
CA TYR A 8 -0.30 6.67 7.12
C TYR A 8 -0.62 7.16 5.71
N LEU A 9 -0.11 8.34 5.37
CA LEU A 9 -0.32 8.90 4.05
C LEU A 9 0.98 8.89 3.27
N LEU A 10 0.92 9.28 2.01
CA LEU A 10 2.11 9.40 1.19
C LEU A 10 2.35 10.86 0.85
N THR A 11 3.61 11.24 0.65
CA THR A 11 3.93 12.63 0.37
C THR A 11 3.35 13.06 -0.98
N ASP A 12 2.72 14.23 -0.97
CA ASP A 12 2.06 14.77 -2.16
C ASP A 12 3.05 14.96 -3.30
N GLU A 13 4.32 15.21 -2.97
CA GLU A 13 5.36 15.35 -3.98
C GLU A 13 5.46 14.08 -4.82
N GLN A 14 5.53 12.94 -4.15
CA GLN A 14 5.63 11.66 -4.85
C GLN A 14 4.35 11.37 -5.63
N ILE A 15 3.21 11.65 -5.02
CA ILE A 15 1.92 11.50 -5.69
C ILE A 15 1.89 12.29 -7.00
N MET A 16 2.24 13.57 -6.91
CA MET A 16 2.26 14.45 -8.07
C MET A 16 3.35 14.00 -9.05
N GLU A 17 4.43 13.43 -8.51
CA GLU A 17 5.52 12.92 -9.33
C GLU A 17 5.04 11.76 -10.18
N ASP A 18 4.24 10.89 -9.56
CA ASP A 18 3.69 9.74 -10.25
C ASP A 18 2.75 10.19 -11.37
N LEU A 19 1.87 11.14 -11.07
CA LEU A 19 0.99 11.72 -12.08
C LEU A 19 1.80 12.26 -13.25
N ARG A 20 2.83 13.04 -12.93
CA ARG A 20 3.71 13.60 -13.96
C ARG A 20 4.34 12.49 -14.80
N THR A 21 4.74 11.41 -14.13
CA THR A 21 5.37 10.28 -14.80
C THR A 21 4.36 9.52 -15.67
N LEU A 22 3.11 9.43 -15.21
CA LEU A 22 2.05 8.78 -15.97
C LEU A 22 1.84 9.46 -17.31
N ASN A 23 2.23 10.73 -17.40
CA ASN A 23 2.05 11.51 -18.62
C ASN A 23 3.34 11.58 -19.43
N LYS A 24 4.37 10.89 -18.98
CA LYS A 24 5.66 10.92 -19.66
C LYS A 24 5.72 9.89 -20.78
N LEU A 25 5.35 8.66 -20.48
CA LEU A 25 5.36 7.60 -21.49
C LEU A 25 4.10 7.67 -22.32
N LYS A 26 4.08 8.56 -23.30
CA LYS A 26 2.91 8.76 -24.11
C LYS A 26 3.30 9.00 -25.56
N SER A 27 2.61 8.32 -26.46
CA SER A 27 2.84 8.48 -27.89
C SER A 27 1.52 8.36 -28.64
N SER B 1 -13.64 13.57 21.10
CA SER B 1 -13.42 12.11 21.05
C SER B 1 -13.62 11.51 22.44
N ASN B 2 -12.63 11.67 23.31
CA ASN B 2 -12.77 11.20 24.70
C ASN B 2 -12.67 12.36 25.66
N ALA B 3 -13.83 12.85 26.11
CA ALA B 3 -13.86 13.94 27.08
C ALA B 3 -13.44 13.42 28.45
N GLU B 4 -13.82 12.19 28.73
CA GLU B 4 -13.41 11.53 29.95
C GLU B 4 -13.01 10.09 29.62
N HIS B 5 -12.15 9.50 30.45
CA HIS B 5 -11.64 8.15 30.23
C HIS B 5 -10.71 8.12 29.02
N ILE B 6 -9.43 8.31 29.27
CA ILE B 6 -8.45 8.35 28.20
C ILE B 6 -7.71 7.03 28.09
N TYR B 7 -7.89 6.35 26.96
CA TYR B 7 -7.17 5.12 26.71
C TYR B 7 -6.22 5.33 25.54
N ARG B 8 -4.95 4.95 25.73
CA ARG B 8 -3.92 5.28 24.76
C ARG B 8 -3.83 4.27 23.63
N CYS B 9 -4.61 4.52 22.58
CA CYS B 9 -4.49 3.85 21.29
C CYS B 9 -4.73 2.33 21.35
N GLU B 10 -5.95 1.93 21.06
CA GLU B 10 -6.28 0.51 20.90
C GLU B 10 -6.54 0.22 19.42
N ASP B 11 -7.31 1.11 18.79
CA ASP B 11 -7.68 0.95 17.39
C ASP B 11 -6.48 1.18 16.49
N GLU B 12 -5.44 1.74 17.09
CA GLU B 12 -4.23 2.09 16.37
C GLU B 12 -3.51 0.80 16.00
N ARG B 13 -3.35 -0.07 16.98
CA ARG B 13 -2.70 -1.34 16.76
C ARG B 13 -3.53 -2.21 15.84
N PHE B 14 -4.84 -2.24 16.09
CA PHE B 14 -5.77 -3.03 15.29
C PHE B 14 -5.66 -2.63 13.82
N GLU B 15 -5.61 -1.33 13.56
CA GLU B 15 -5.50 -0.84 12.20
C GLU B 15 -4.11 -1.18 11.63
N LEU B 16 -3.09 -1.23 12.49
CA LEU B 16 -1.75 -1.61 12.04
C LEU B 16 -1.75 -3.00 11.45
N ASP B 17 -2.34 -3.95 12.17
CA ASP B 17 -2.46 -5.31 11.68
C ASP B 17 -3.24 -5.34 10.37
N VAL B 18 -4.36 -4.62 10.35
CA VAL B 18 -5.23 -4.57 9.18
C VAL B 18 -4.51 -3.96 7.98
N VAL B 19 -3.91 -2.79 8.16
CA VAL B 19 -3.30 -2.07 7.05
C VAL B 19 -2.13 -2.85 6.46
N LEU B 20 -1.33 -3.48 7.29
CA LEU B 20 -0.21 -4.28 6.82
C LEU B 20 -0.71 -5.47 6.01
N GLU B 21 -1.70 -6.16 6.54
CA GLU B 21 -2.30 -7.31 5.85
C GLU B 21 -2.94 -6.86 4.53
N THR B 22 -3.61 -5.73 4.57
CA THR B 22 -4.28 -5.17 3.40
C THR B 22 -3.26 -4.74 2.34
N ASN B 23 -2.23 -4.03 2.77
CA ASN B 23 -1.22 -3.52 1.85
C ASN B 23 -0.45 -4.66 1.21
N LEU B 24 -0.03 -5.63 2.01
CA LEU B 24 0.71 -6.78 1.51
C LEU B 24 -0.14 -7.54 0.48
N ALA B 25 -1.43 -7.68 0.76
CA ALA B 25 -2.34 -8.31 -0.18
C ALA B 25 -2.34 -7.55 -1.50
N THR B 26 -2.31 -6.22 -1.41
CA THR B 26 -2.25 -5.38 -2.59
C THR B 26 -0.90 -5.53 -3.29
N ILE B 27 0.17 -5.64 -2.51
CA ILE B 27 1.50 -5.91 -3.03
C ILE B 27 1.47 -7.15 -3.92
N ARG B 28 0.97 -8.25 -3.36
CA ARG B 28 0.97 -9.54 -4.05
C ARG B 28 0.11 -9.53 -5.31
N VAL B 29 -1.04 -8.86 -5.25
CA VAL B 29 -1.91 -8.79 -6.42
C VAL B 29 -1.31 -7.89 -7.50
N LEU B 30 -0.64 -6.82 -7.08
CA LEU B 30 0.06 -5.94 -8.01
C LEU B 30 1.21 -6.67 -8.69
N GLU B 31 1.98 -7.44 -7.90
CA GLU B 31 3.05 -8.27 -8.45
C GLU B 31 2.47 -9.25 -9.47
N ALA B 32 1.29 -9.77 -9.16
CA ALA B 32 0.61 -10.70 -10.05
C ALA B 32 0.24 -10.01 -11.35
N ILE B 33 -0.22 -8.78 -11.25
CA ILE B 33 -0.57 -7.99 -12.43
C ILE B 33 0.68 -7.72 -13.27
N GLN B 34 1.76 -7.32 -12.59
CA GLN B 34 3.04 -7.08 -13.27
C GLN B 34 3.49 -8.32 -14.02
N LYS B 35 3.29 -9.48 -13.41
CA LYS B 35 3.62 -10.76 -14.04
C LYS B 35 2.71 -11.03 -15.24
N LYS B 36 1.41 -10.83 -15.06
CA LYS B 36 0.46 -11.10 -16.12
C LYS B 36 0.63 -10.12 -17.28
N LEU B 37 1.07 -8.91 -16.97
CA LEU B 37 1.36 -7.93 -18.01
C LEU B 37 2.57 -8.33 -18.83
N SER B 38 3.61 -8.82 -18.16
CA SER B 38 4.83 -9.31 -18.82
C SER B 38 5.45 -8.22 -19.71
N ARG B 39 5.09 -6.96 -19.45
CA ARG B 39 5.46 -5.85 -20.32
C ARG B 39 5.18 -6.14 -21.78
N LEU B 40 3.93 -6.50 -22.06
CA LEU B 40 3.44 -6.63 -23.43
C LEU B 40 3.44 -5.26 -24.12
N SER B 41 3.11 -5.23 -25.39
CA SER B 41 3.06 -3.97 -26.13
C SER B 41 1.77 -3.21 -25.79
N ALA B 42 1.66 -1.97 -26.26
CA ALA B 42 0.53 -1.09 -25.91
C ALA B 42 -0.83 -1.70 -26.25
N GLU B 43 -0.93 -2.31 -27.43
CA GLU B 43 -2.18 -2.92 -27.87
C GLU B 43 -2.53 -4.10 -26.97
N GLU B 44 -1.50 -4.75 -26.44
CA GLU B 44 -1.67 -5.89 -25.56
C GLU B 44 -2.02 -5.42 -24.14
N GLN B 45 -1.50 -4.25 -23.76
CA GLN B 45 -1.83 -3.65 -22.47
C GLN B 45 -3.29 -3.20 -22.46
N ALA B 46 -3.79 -2.83 -23.63
CA ALA B 46 -5.19 -2.47 -23.79
C ALA B 46 -6.07 -3.71 -23.77
N LYS B 47 -5.54 -4.80 -24.30
CA LYS B 47 -6.24 -6.08 -24.30
C LYS B 47 -6.37 -6.59 -22.88
N PHE B 48 -5.23 -6.80 -22.22
CA PHE B 48 -5.22 -7.23 -20.83
C PHE B 48 -5.20 -6.01 -19.93
N ARG B 49 -6.38 -5.53 -19.57
CA ARG B 49 -6.52 -4.30 -18.83
C ARG B 49 -7.00 -4.58 -17.41
N LEU B 50 -6.60 -3.74 -16.47
CA LEU B 50 -7.03 -3.87 -15.08
C LEU B 50 -8.46 -3.38 -14.93
N ASP B 51 -9.36 -4.03 -15.64
CA ASP B 51 -10.75 -3.62 -15.68
C ASP B 51 -11.49 -4.20 -14.48
N ASN B 52 -11.48 -5.51 -14.40
CA ASN B 52 -12.14 -6.23 -13.32
C ASN B 52 -11.17 -7.26 -12.75
N THR B 53 -9.88 -6.99 -12.96
CA THR B 53 -8.82 -7.91 -12.63
C THR B 53 -8.27 -7.70 -11.23
N LEU B 54 -8.60 -6.55 -10.63
CA LEU B 54 -8.05 -6.20 -9.32
C LEU B 54 -8.86 -6.85 -8.19
N GLY B 55 -9.88 -7.61 -8.57
CA GLY B 55 -10.62 -8.37 -7.59
C GLY B 55 -12.10 -8.08 -7.59
N GLY B 56 -12.48 -6.90 -8.08
CA GLY B 56 -13.89 -6.51 -8.04
C GLY B 56 -14.37 -6.33 -6.61
N THR B 57 -14.95 -7.36 -6.04
CA THR B 57 -15.31 -7.35 -4.63
C THR B 57 -14.04 -7.37 -3.78
N SER B 58 -13.04 -8.08 -4.27
CA SER B 58 -11.74 -8.15 -3.59
C SER B 58 -10.93 -6.87 -3.80
N GLU B 59 -11.43 -5.99 -4.65
CA GLU B 59 -10.71 -4.77 -4.97
C GLU B 59 -10.84 -3.75 -3.85
N VAL B 60 -11.89 -3.88 -3.03
CA VAL B 60 -12.16 -2.90 -1.97
C VAL B 60 -10.93 -2.66 -1.10
N ILE B 61 -10.27 -3.73 -0.69
CA ILE B 61 -9.10 -3.62 0.18
C ILE B 61 -7.90 -3.04 -0.57
N HIS B 62 -7.71 -3.49 -1.81
CA HIS B 62 -6.57 -3.06 -2.60
C HIS B 62 -6.71 -1.59 -2.97
N ARG B 63 -7.90 -1.26 -3.45
CA ARG B 63 -8.25 0.08 -3.88
C ARG B 63 -8.23 1.05 -2.70
N LYS B 64 -8.66 0.56 -1.54
CA LYS B 64 -8.69 1.38 -0.33
C LYS B 64 -7.28 1.69 0.15
N ALA B 65 -6.43 0.67 0.21
CA ALA B 65 -5.06 0.85 0.67
C ALA B 65 -4.33 1.84 -0.22
N LEU B 66 -4.53 1.71 -1.52
CA LEU B 66 -3.89 2.60 -2.49
C LEU B 66 -4.42 4.03 -2.33
N GLN B 67 -5.71 4.14 -2.05
CA GLN B 67 -6.34 5.45 -1.87
C GLN B 67 -5.93 6.09 -0.57
N ARG B 68 -5.52 5.30 0.41
CA ARG B 68 -5.08 5.85 1.69
C ARG B 68 -3.79 6.62 1.52
N ILE B 69 -2.82 6.04 0.81
CA ILE B 69 -1.56 6.72 0.58
C ILE B 69 -1.69 7.82 -0.47
N TYR B 70 -2.47 7.55 -1.50
CA TYR B 70 -2.71 8.53 -2.56
C TYR B 70 -3.95 9.36 -2.27
N ALA B 71 -4.26 9.51 -0.98
CA ALA B 71 -5.46 10.22 -0.53
C ALA B 71 -5.69 11.56 -1.22
N ASP B 72 -4.62 12.21 -1.64
CA ASP B 72 -4.72 13.51 -2.28
C ASP B 72 -5.27 13.41 -3.70
N LYS B 73 -4.86 12.39 -4.43
CA LYS B 73 -5.14 12.31 -5.86
C LYS B 73 -5.23 10.85 -6.32
N ALA B 74 -5.93 10.03 -5.57
CA ALA B 74 -6.03 8.60 -5.88
C ALA B 74 -6.90 8.38 -7.10
N ALA B 75 -7.82 9.30 -7.35
CA ALA B 75 -8.78 9.18 -8.45
C ALA B 75 -8.08 9.02 -9.79
N ASP B 76 -6.89 9.63 -9.93
CA ASP B 76 -6.16 9.58 -11.19
C ASP B 76 -5.32 8.32 -11.28
N ILE B 77 -4.79 7.87 -10.15
CA ILE B 77 -3.95 6.67 -10.11
C ILE B 77 -4.81 5.42 -10.36
N ILE B 78 -5.94 5.35 -9.68
CA ILE B 78 -6.87 4.24 -9.84
C ILE B 78 -7.32 4.12 -11.29
N ASP B 79 -7.57 5.26 -11.90
CA ASP B 79 -7.99 5.34 -13.30
C ASP B 79 -6.80 5.08 -14.23
N GLY B 80 -5.64 5.58 -13.83
CA GLY B 80 -4.43 5.36 -14.60
C GLY B 80 -4.10 3.90 -14.80
N LEU B 81 -4.35 3.11 -13.75
CA LEU B 81 -4.18 1.66 -13.81
C LEU B 81 -5.02 1.04 -14.94
N ARG B 82 -6.15 1.66 -15.23
CA ARG B 82 -7.05 1.17 -16.26
C ARG B 82 -6.66 1.71 -17.65
N LYS B 83 -5.80 2.71 -17.69
CA LYS B 83 -5.48 3.34 -18.97
C LYS B 83 -4.15 2.85 -19.53
N ASN B 84 -3.14 2.75 -18.68
CA ASN B 84 -1.85 2.23 -19.12
C ASN B 84 -1.16 1.51 -17.98
N PRO B 85 -1.35 0.20 -17.90
CA PRO B 85 -0.76 -0.63 -16.85
C PRO B 85 0.75 -0.75 -16.98
N SER B 86 1.27 -0.50 -18.18
CA SER B 86 2.70 -0.58 -18.41
C SER B 86 3.41 0.56 -17.70
N ILE B 87 2.70 1.66 -17.49
CA ILE B 87 3.25 2.80 -16.78
C ILE B 87 2.90 2.73 -15.30
N ALA B 88 1.60 2.80 -14.99
CA ALA B 88 1.14 2.99 -13.63
C ALA B 88 1.49 1.81 -12.72
N VAL B 89 1.28 0.59 -13.20
CA VAL B 89 1.47 -0.59 -12.36
C VAL B 89 2.89 -0.65 -11.76
N PRO B 90 3.96 -0.65 -12.58
CA PRO B 90 5.33 -0.67 -12.06
C PRO B 90 5.62 0.47 -11.09
N ILE B 91 5.17 1.67 -11.44
CA ILE B 91 5.37 2.84 -10.59
C ILE B 91 4.63 2.67 -9.26
N VAL B 92 3.33 2.42 -9.37
CA VAL B 92 2.47 2.36 -8.19
C VAL B 92 2.84 1.18 -7.31
N LEU B 93 3.27 0.09 -7.93
CA LEU B 93 3.71 -1.09 -7.20
C LEU B 93 5.03 -0.81 -6.48
N LYS B 94 5.90 -0.02 -7.10
CA LYS B 94 7.17 0.33 -6.49
C LYS B 94 6.95 1.30 -5.32
N ARG B 95 6.02 2.24 -5.50
CA ARG B 95 5.62 3.13 -4.41
C ARG B 95 5.03 2.32 -3.29
N LEU B 96 4.20 1.36 -3.66
CA LEU B 96 3.50 0.52 -2.73
C LEU B 96 4.49 -0.37 -1.98
N LYS B 97 5.53 -0.78 -2.69
CA LYS B 97 6.59 -1.58 -2.10
C LYS B 97 7.29 -0.78 -1.00
N MET B 98 7.64 0.46 -1.32
CA MET B 98 8.28 1.35 -0.37
C MET B 98 7.40 1.55 0.86
N LYS B 99 6.11 1.75 0.62
CA LYS B 99 5.16 1.99 1.69
C LYS B 99 4.95 0.72 2.51
N GLU B 100 4.94 -0.42 1.83
CA GLU B 100 4.90 -1.73 2.49
C GLU B 100 6.06 -1.85 3.47
N GLU B 101 7.26 -1.57 2.98
CA GLU B 101 8.46 -1.63 3.81
C GLU B 101 8.36 -0.65 4.98
N GLU B 102 7.87 0.55 4.70
CA GLU B 102 7.68 1.56 5.75
C GLU B 102 6.75 1.03 6.83
N TRP B 103 5.59 0.54 6.41
CA TRP B 103 4.61 -0.01 7.33
C TRP B 103 5.15 -1.24 8.06
N ARG B 104 5.97 -2.04 7.37
CA ARG B 104 6.58 -3.21 7.99
C ARG B 104 7.60 -2.80 9.04
N GLU B 105 8.28 -1.68 8.82
CA GLU B 105 9.26 -1.19 9.79
C GLU B 105 8.57 -0.43 10.92
N ALA B 106 7.44 0.19 10.61
CA ALA B 106 6.60 0.79 11.64
C ALA B 106 5.98 -0.30 12.50
N GLN B 107 5.45 -1.32 11.84
CA GLN B 107 4.93 -2.50 12.52
C GLN B 107 6.05 -3.18 13.29
N ARG B 108 7.22 -3.22 12.67
CA ARG B 108 8.43 -3.79 13.27
C ARG B 108 8.66 -3.22 14.65
N GLY B 109 8.64 -1.90 14.75
CA GLY B 109 8.91 -1.23 16.00
C GLY B 109 7.78 -1.37 17.02
N PHE B 110 6.54 -1.17 16.57
CA PHE B 110 5.41 -1.19 17.50
C PHE B 110 4.80 -2.58 17.66
N ASN B 111 4.21 -3.10 16.57
CA ASN B 111 3.39 -4.30 16.64
C ASN B 111 4.23 -5.57 16.77
N LYS B 112 5.23 -5.69 15.91
CA LYS B 112 6.05 -6.90 15.87
C LYS B 112 6.81 -7.05 17.18
N VAL B 113 7.44 -5.97 17.62
CA VAL B 113 8.16 -5.97 18.89
C VAL B 113 7.22 -6.20 20.07
N TRP B 114 6.03 -5.62 20.03
CA TRP B 114 5.05 -5.81 21.10
C TRP B 114 4.71 -7.29 21.23
N ARG B 115 4.57 -7.96 20.08
CA ARG B 115 4.34 -9.40 20.07
C ARG B 115 5.51 -10.13 20.71
N GLU B 116 6.74 -9.72 20.35
CA GLU B 116 7.95 -10.31 20.93
C GLU B 116 7.90 -10.24 22.45
N GLN B 117 7.46 -9.11 22.96
CA GLN B 117 7.38 -8.89 24.40
C GLN B 117 6.28 -9.75 25.02
N ASN B 118 5.19 -9.93 24.28
CA ASN B 118 4.04 -10.70 24.78
C ASN B 118 4.31 -12.21 24.71
N GLU B 119 5.30 -12.61 23.93
CA GLU B 119 5.66 -14.01 23.82
C GLU B 119 6.54 -14.45 25.00
N LYS B 120 6.95 -13.49 25.82
CA LYS B 120 7.85 -13.78 26.93
C LYS B 120 7.11 -13.85 28.25
N TYR B 121 7.84 -14.37 29.26
CA TYR B 121 7.37 -14.44 30.64
C TYR B 121 5.90 -14.88 30.77
N TYR B 122 5.68 -16.18 30.78
CA TYR B 122 4.34 -16.74 30.92
C TYR B 122 3.78 -16.44 32.30
N LEU B 123 2.57 -15.93 32.35
CA LEU B 123 1.93 -15.58 33.60
C LEU B 123 1.16 -16.78 34.14
N LYS B 124 1.56 -17.27 35.31
CA LYS B 124 0.88 -18.40 35.94
C LYS B 124 -0.48 -17.98 36.47
N SER B 125 -0.65 -16.69 36.63
CA SER B 125 -1.94 -16.11 37.00
C SER B 125 -2.15 -14.86 36.18
N SER A 1 15.54 5.72 10.07
CA SER A 1 15.62 5.58 11.54
C SER A 1 14.22 5.70 12.14
N ASN A 2 14.11 5.43 13.44
CA ASN A 2 12.83 5.55 14.18
C ASN A 2 11.84 4.46 13.76
N ALA A 3 11.56 3.55 14.68
CA ALA A 3 10.56 2.52 14.45
C ALA A 3 9.15 3.09 14.61
N ALA A 4 9.08 4.27 15.22
CA ALA A 4 7.81 4.95 15.42
C ALA A 4 7.67 6.12 14.46
N GLN A 5 6.58 6.87 14.58
CA GLN A 5 6.26 7.97 13.68
C GLN A 5 6.04 7.47 12.27
N LEU A 6 4.80 7.15 11.96
CA LEU A 6 4.46 6.59 10.66
C LEU A 6 3.71 7.59 9.81
N ASN A 7 3.90 7.50 8.52
CA ASN A 7 3.18 8.34 7.58
C ASN A 7 2.23 7.47 6.76
N TYR A 8 1.01 7.32 7.24
CA TYR A 8 0.03 6.47 6.55
C TYR A 8 -0.35 7.07 5.20
N LEU A 9 -0.22 8.39 5.10
CA LEU A 9 -0.45 9.09 3.85
C LEU A 9 0.85 9.14 3.04
N LEU A 10 0.73 9.54 1.78
CA LEU A 10 1.91 9.70 0.93
C LEU A 10 2.16 11.19 0.70
N THR A 11 3.42 11.56 0.58
CA THR A 11 3.78 12.96 0.37
C THR A 11 3.23 13.46 -0.96
N ASP A 12 2.59 14.63 -0.92
CA ASP A 12 1.88 15.17 -2.08
C ASP A 12 2.80 15.35 -3.28
N GLU A 13 4.00 15.87 -3.03
CA GLU A 13 4.99 16.08 -4.09
C GLU A 13 5.33 14.76 -4.78
N GLN A 14 5.44 13.69 -3.99
CA GLN A 14 5.74 12.37 -4.52
C GLN A 14 4.56 11.86 -5.35
N ILE A 15 3.36 12.13 -4.86
CA ILE A 15 2.14 11.76 -5.56
C ILE A 15 2.07 12.48 -6.91
N MET A 16 2.32 13.79 -6.90
CA MET A 16 2.33 14.58 -8.12
C MET A 16 3.39 14.04 -9.07
N GLU A 17 4.53 13.64 -8.52
CA GLU A 17 5.60 13.05 -9.30
C GLU A 17 5.09 11.84 -10.09
N ASP A 18 4.34 10.98 -9.40
CA ASP A 18 3.77 9.79 -10.02
C ASP A 18 2.81 10.18 -11.14
N LEU A 19 1.88 11.09 -10.82
CA LEU A 19 0.91 11.57 -11.81
C LEU A 19 1.61 12.14 -13.04
N ARG A 20 2.57 13.03 -12.80
CA ARG A 20 3.30 13.66 -13.89
C ARG A 20 4.08 12.64 -14.69
N THR A 21 4.50 11.57 -14.04
CA THR A 21 5.20 10.48 -14.73
C THR A 21 4.21 9.71 -15.61
N LEU A 22 3.05 9.37 -15.04
CA LEU A 22 2.02 8.63 -15.76
C LEU A 22 1.63 9.36 -17.05
N ASN A 23 1.35 10.65 -16.92
CA ASN A 23 0.85 11.46 -18.02
C ASN A 23 1.88 11.66 -19.13
N LYS A 24 3.16 11.44 -18.83
CA LYS A 24 4.20 11.60 -19.83
C LYS A 24 4.55 10.27 -20.50
N LEU A 25 3.98 9.19 -19.98
CA LEU A 25 4.28 7.87 -20.50
C LEU A 25 3.11 7.32 -21.31
N LYS A 26 3.15 7.58 -22.62
CA LYS A 26 2.14 7.11 -23.57
C LYS A 26 0.75 7.65 -23.26
N SER A 27 -0.20 7.36 -24.14
CA SER A 27 -1.58 7.79 -23.97
C SER A 27 -2.46 6.63 -23.55
N SER B 1 -5.48 19.17 18.59
CA SER B 1 -4.44 18.14 18.73
C SER B 1 -3.74 18.26 20.09
N ASN B 2 -3.86 19.44 20.70
CA ASN B 2 -3.28 19.73 22.02
C ASN B 2 -1.76 19.87 21.94
N ALA B 3 -1.26 21.00 22.45
CA ALA B 3 0.15 21.35 22.34
C ALA B 3 1.07 20.38 23.10
N GLU B 4 0.47 19.48 23.89
CA GLU B 4 1.23 18.47 24.62
C GLU B 4 1.89 17.47 23.68
N HIS B 5 1.38 17.40 22.43
CA HIS B 5 1.91 16.48 21.43
C HIS B 5 1.68 15.03 21.87
N ILE B 6 0.49 14.76 22.38
CA ILE B 6 0.17 13.43 22.88
C ILE B 6 -0.42 12.55 21.78
N TYR B 7 0.43 11.74 21.18
CA TYR B 7 0.02 10.81 20.15
C TYR B 7 0.16 9.39 20.67
N ARG B 8 -0.85 8.93 21.39
CA ARG B 8 -0.84 7.59 21.97
C ARG B 8 -2.08 6.83 21.54
N CYS B 9 -1.96 6.00 20.53
CA CYS B 9 -3.08 5.22 20.06
C CYS B 9 -2.84 3.74 20.26
N GLU B 10 -3.71 3.09 21.01
CA GLU B 10 -3.66 1.64 21.13
C GLU B 10 -4.31 1.02 19.91
N ASP B 11 -5.06 1.85 19.17
CA ASP B 11 -5.65 1.44 17.90
C ASP B 11 -4.60 1.42 16.82
N GLU B 12 -3.39 1.84 17.18
CA GLU B 12 -2.32 2.03 16.23
C GLU B 12 -1.91 0.68 15.66
N ARG B 13 -1.79 -0.29 16.56
CA ARG B 13 -1.34 -1.61 16.18
C ARG B 13 -2.46 -2.37 15.51
N PHE B 14 -3.69 -2.13 15.95
CA PHE B 14 -4.85 -2.75 15.33
C PHE B 14 -4.98 -2.28 13.89
N GLU B 15 -4.86 -0.97 13.69
CA GLU B 15 -4.87 -0.39 12.37
C GLU B 15 -3.63 -0.83 11.60
N LEU B 16 -2.53 -1.04 12.31
CA LEU B 16 -1.28 -1.45 11.69
C LEU B 16 -1.41 -2.84 11.10
N ASP B 17 -2.03 -3.74 11.87
CA ASP B 17 -2.28 -5.09 11.41
C ASP B 17 -3.21 -5.07 10.21
N VAL B 18 -4.24 -4.25 10.29
CA VAL B 18 -5.19 -4.09 9.20
C VAL B 18 -4.52 -3.51 7.95
N VAL B 19 -3.79 -2.40 8.11
CA VAL B 19 -3.17 -1.74 6.98
C VAL B 19 -2.11 -2.63 6.33
N LEU B 20 -1.41 -3.41 7.14
CA LEU B 20 -0.42 -4.33 6.62
C LEU B 20 -1.09 -5.44 5.81
N GLU B 21 -2.23 -5.92 6.31
CA GLU B 21 -2.97 -6.95 5.60
C GLU B 21 -3.57 -6.38 4.31
N THR B 22 -4.16 -5.20 4.42
CA THR B 22 -4.69 -4.49 3.26
C THR B 22 -3.57 -4.25 2.24
N ASN B 23 -2.43 -3.81 2.74
CA ASN B 23 -1.25 -3.58 1.91
C ASN B 23 -0.78 -4.87 1.26
N LEU B 24 -0.52 -5.90 2.07
CA LEU B 24 -0.04 -7.18 1.56
C LEU B 24 -0.95 -7.71 0.46
N ALA B 25 -2.26 -7.67 0.70
CA ALA B 25 -3.24 -8.11 -0.30
C ALA B 25 -3.05 -7.35 -1.61
N THR B 26 -2.89 -6.04 -1.51
CA THR B 26 -2.68 -5.22 -2.69
C THR B 26 -1.29 -5.46 -3.31
N ILE B 27 -0.27 -5.60 -2.45
CA ILE B 27 1.06 -6.00 -2.90
C ILE B 27 0.98 -7.26 -3.75
N ARG B 28 0.31 -8.27 -3.21
CA ARG B 28 0.18 -9.56 -3.88
C ARG B 28 -0.45 -9.41 -5.26
N VAL B 29 -1.59 -8.71 -5.34
CA VAL B 29 -2.28 -8.55 -6.61
C VAL B 29 -1.47 -7.66 -7.56
N LEU B 30 -0.79 -6.65 -7.02
CA LEU B 30 0.05 -5.78 -7.82
C LEU B 30 1.17 -6.59 -8.49
N GLU B 31 1.89 -7.36 -7.68
CA GLU B 31 2.97 -8.20 -8.19
C GLU B 31 2.42 -9.24 -9.15
N ALA B 32 1.23 -9.76 -8.86
CA ALA B 32 0.60 -10.76 -9.71
C ALA B 32 0.30 -10.18 -11.09
N ILE B 33 -0.30 -9.00 -11.11
CA ILE B 33 -0.66 -8.36 -12.36
C ILE B 33 0.58 -7.90 -13.13
N GLN B 34 1.55 -7.37 -12.41
CA GLN B 34 2.81 -6.95 -13.02
C GLN B 34 3.50 -8.15 -13.64
N LYS B 35 3.36 -9.29 -12.98
CA LYS B 35 3.88 -10.56 -13.47
C LYS B 35 3.16 -10.95 -14.76
N LYS B 36 1.84 -10.81 -14.76
CA LYS B 36 1.02 -11.09 -15.94
C LYS B 36 1.40 -10.16 -17.08
N LEU B 37 1.68 -8.91 -16.74
CA LEU B 37 2.06 -7.90 -17.71
C LEU B 37 3.41 -8.21 -18.35
N SER B 38 4.47 -8.11 -17.56
CA SER B 38 5.84 -8.29 -18.06
C SER B 38 6.10 -7.32 -19.22
N ARG B 39 5.50 -6.14 -19.13
CA ARG B 39 5.55 -5.13 -20.19
C ARG B 39 4.93 -5.65 -21.48
N LEU B 40 3.60 -5.60 -21.53
CA LEU B 40 2.87 -6.02 -22.72
C LEU B 40 2.97 -4.96 -23.81
N SER B 41 2.76 -5.37 -25.05
CA SER B 41 2.73 -4.44 -26.16
C SER B 41 1.39 -3.70 -26.18
N ALA B 42 1.23 -2.74 -27.07
CA ALA B 42 0.04 -1.90 -27.10
C ALA B 42 -1.23 -2.73 -27.28
N GLU B 43 -1.26 -3.58 -28.29
CA GLU B 43 -2.45 -4.38 -28.58
C GLU B 43 -2.75 -5.33 -27.43
N GLU B 44 -1.69 -5.78 -26.75
CA GLU B 44 -1.84 -6.69 -25.62
C GLU B 44 -2.34 -5.96 -24.38
N GLN B 45 -2.01 -4.68 -24.25
CA GLN B 45 -2.49 -3.87 -23.13
C GLN B 45 -3.94 -3.50 -23.33
N ALA B 46 -4.39 -3.48 -24.57
CA ALA B 46 -5.80 -3.33 -24.86
C ALA B 46 -6.51 -4.66 -24.66
N LYS B 47 -5.75 -5.74 -24.81
CA LYS B 47 -6.26 -7.09 -24.58
C LYS B 47 -6.44 -7.35 -23.09
N PHE B 48 -5.34 -7.29 -22.35
CA PHE B 48 -5.36 -7.48 -20.92
C PHE B 48 -5.16 -6.14 -20.22
N ARG B 49 -6.24 -5.62 -19.66
CA ARG B 49 -6.19 -4.34 -18.96
C ARG B 49 -6.96 -4.46 -17.65
N LEU B 50 -6.69 -3.56 -16.71
CA LEU B 50 -7.23 -3.65 -15.35
C LEU B 50 -8.70 -3.25 -15.27
N ASP B 51 -9.43 -3.41 -16.35
CA ASP B 51 -10.86 -3.10 -16.36
C ASP B 51 -11.66 -4.27 -15.81
N ASN B 52 -11.06 -5.46 -15.87
CA ASN B 52 -11.72 -6.68 -15.41
C ASN B 52 -10.92 -7.35 -14.31
N THR B 53 -9.89 -6.66 -13.84
CA THR B 53 -8.98 -7.23 -12.87
C THR B 53 -9.15 -6.58 -11.49
N LEU B 54 -8.20 -6.85 -10.60
CA LEU B 54 -8.19 -6.35 -9.22
C LEU B 54 -9.18 -7.13 -8.35
N GLY B 55 -10.35 -7.40 -8.90
CA GLY B 55 -11.30 -8.26 -8.22
C GLY B 55 -12.41 -7.49 -7.55
N GLY B 56 -13.64 -7.91 -7.78
CA GLY B 56 -14.79 -7.28 -7.15
C GLY B 56 -15.15 -7.98 -5.85
N THR B 57 -14.27 -8.88 -5.42
CA THR B 57 -14.43 -9.59 -4.18
C THR B 57 -13.57 -8.95 -3.09
N SER B 58 -12.72 -8.02 -3.51
CA SER B 58 -11.82 -7.33 -2.60
C SER B 58 -11.46 -5.97 -3.15
N GLU B 59 -12.35 -5.39 -3.94
CA GLU B 59 -12.11 -4.11 -4.59
C GLU B 59 -11.98 -3.04 -3.52
N VAL B 60 -12.83 -3.11 -2.50
CA VAL B 60 -12.80 -2.16 -1.40
C VAL B 60 -11.42 -2.14 -0.73
N ILE B 61 -10.80 -3.31 -0.64
CA ILE B 61 -9.51 -3.45 0.01
C ILE B 61 -8.42 -2.78 -0.81
N HIS B 62 -8.46 -2.98 -2.12
CA HIS B 62 -7.46 -2.40 -3.01
C HIS B 62 -7.70 -0.90 -3.16
N ARG B 63 -8.97 -0.53 -3.21
CA ARG B 63 -9.37 0.89 -3.25
C ARG B 63 -8.90 1.59 -1.98
N LYS B 64 -9.15 0.94 -0.84
CA LYS B 64 -8.77 1.47 0.46
C LYS B 64 -7.26 1.60 0.61
N ALA B 65 -6.55 0.61 0.08
CA ALA B 65 -5.09 0.63 0.13
C ALA B 65 -4.54 1.81 -0.66
N LEU B 66 -5.11 2.07 -1.82
CA LEU B 66 -4.68 3.20 -2.63
C LEU B 66 -5.06 4.52 -1.98
N GLN B 67 -6.26 4.60 -1.43
CA GLN B 67 -6.71 5.81 -0.75
C GLN B 67 -5.91 6.08 0.51
N ARG B 68 -5.31 5.04 1.07
CA ARG B 68 -4.47 5.17 2.25
C ARG B 68 -3.34 6.17 1.99
N ILE B 69 -2.67 6.02 0.86
CA ILE B 69 -1.54 6.87 0.52
C ILE B 69 -1.90 7.91 -0.54
N TYR B 70 -2.64 7.50 -1.55
CA TYR B 70 -3.02 8.39 -2.66
C TYR B 70 -4.41 8.98 -2.41
N ALA B 71 -4.72 9.20 -1.13
CA ALA B 71 -6.03 9.68 -0.67
C ALA B 71 -6.74 10.61 -1.66
N ASP B 72 -6.12 11.73 -1.99
CA ASP B 72 -6.78 12.76 -2.80
C ASP B 72 -6.49 12.62 -4.29
N LYS B 73 -5.68 11.64 -4.65
CA LYS B 73 -5.28 11.45 -6.04
C LYS B 73 -5.49 10.01 -6.49
N ALA B 74 -6.35 9.29 -5.78
CA ALA B 74 -6.59 7.89 -6.06
C ALA B 74 -7.23 7.71 -7.43
N ALA B 75 -8.15 8.61 -7.77
CA ALA B 75 -8.83 8.58 -9.06
C ALA B 75 -7.85 8.65 -10.22
N ASP B 76 -6.84 9.51 -10.07
CA ASP B 76 -5.85 9.72 -11.11
C ASP B 76 -4.99 8.47 -11.29
N ILE B 77 -4.62 7.85 -10.18
CA ILE B 77 -3.80 6.65 -10.21
C ILE B 77 -4.57 5.48 -10.81
N ILE B 78 -5.79 5.29 -10.33
CA ILE B 78 -6.62 4.19 -10.79
C ILE B 78 -6.96 4.33 -12.27
N ASP B 79 -7.23 5.56 -12.69
CA ASP B 79 -7.48 5.85 -14.10
C ASP B 79 -6.26 5.44 -14.93
N GLY B 80 -5.07 5.75 -14.41
CA GLY B 80 -3.84 5.36 -15.09
C GLY B 80 -3.64 3.86 -15.11
N LEU B 81 -3.98 3.20 -14.01
CA LEU B 81 -3.86 1.75 -13.89
C LEU B 81 -4.73 1.07 -14.95
N ARG B 82 -5.92 1.61 -15.17
CA ARG B 82 -6.86 1.05 -16.14
C ARG B 82 -6.64 1.66 -17.52
N LYS B 83 -5.48 2.28 -17.72
CA LYS B 83 -5.16 2.91 -18.98
C LYS B 83 -3.84 2.38 -19.52
N ASN B 84 -2.79 2.51 -18.72
CA ASN B 84 -1.47 2.03 -19.08
C ASN B 84 -0.86 1.22 -17.95
N PRO B 85 -1.04 -0.11 -17.97
CA PRO B 85 -0.55 -1.00 -16.93
C PRO B 85 0.97 -1.11 -16.93
N SER B 86 1.58 -0.99 -18.11
CA SER B 86 3.03 -1.04 -18.24
C SER B 86 3.64 0.24 -17.66
N ILE B 87 2.81 1.25 -17.50
CA ILE B 87 3.24 2.55 -17.00
C ILE B 87 2.96 2.69 -15.51
N ALA B 88 1.69 2.66 -15.15
CA ALA B 88 1.26 2.95 -13.80
C ALA B 88 1.66 1.86 -12.81
N VAL B 89 1.37 0.61 -13.16
CA VAL B 89 1.56 -0.52 -12.24
C VAL B 89 3.00 -0.60 -11.70
N PRO B 90 4.05 -0.57 -12.55
CA PRO B 90 5.43 -0.57 -12.06
C PRO B 90 5.69 0.56 -11.07
N ILE B 91 5.22 1.76 -11.41
CA ILE B 91 5.43 2.94 -10.56
C ILE B 91 4.72 2.77 -9.22
N VAL B 92 3.43 2.44 -9.29
CA VAL B 92 2.61 2.30 -8.09
C VAL B 92 3.09 1.14 -7.23
N LEU B 93 3.48 0.05 -7.88
CA LEU B 93 3.99 -1.13 -7.19
C LEU B 93 5.26 -0.78 -6.40
N LYS B 94 6.13 0.03 -6.99
CA LYS B 94 7.35 0.45 -6.32
C LYS B 94 7.04 1.36 -5.14
N ARG B 95 6.12 2.30 -5.35
CA ARG B 95 5.66 3.18 -4.28
C ARG B 95 5.07 2.36 -3.14
N LEU B 96 4.22 1.43 -3.51
CA LEU B 96 3.55 0.56 -2.57
C LEU B 96 4.56 -0.36 -1.87
N LYS B 97 5.61 -0.73 -2.58
CA LYS B 97 6.63 -1.62 -2.04
C LYS B 97 7.54 -0.90 -1.04
N MET B 98 7.90 0.34 -1.35
CA MET B 98 8.72 1.13 -0.43
C MET B 98 7.88 1.57 0.76
N LYS B 99 6.60 1.79 0.51
CA LYS B 99 5.68 2.12 1.58
C LYS B 99 5.48 0.90 2.47
N GLU B 100 5.51 -0.28 1.84
CA GLU B 100 5.49 -1.54 2.57
C GLU B 100 6.70 -1.61 3.48
N GLU B 101 7.86 -1.20 2.96
CA GLU B 101 9.08 -1.13 3.76
C GLU B 101 8.84 -0.36 5.05
N GLU B 102 8.24 0.82 4.93
CA GLU B 102 7.91 1.64 6.09
C GLU B 102 7.00 0.88 7.05
N TRP B 103 5.94 0.29 6.50
CA TRP B 103 4.98 -0.46 7.30
C TRP B 103 5.62 -1.70 7.92
N ARG B 104 6.61 -2.27 7.24
CA ARG B 104 7.35 -3.41 7.78
C ARG B 104 8.21 -2.98 8.96
N GLU B 105 8.72 -1.76 8.91
CA GLU B 105 9.50 -1.22 10.01
C GLU B 105 8.61 -1.08 11.25
N ALA B 106 7.41 -0.57 11.03
CA ALA B 106 6.43 -0.46 12.09
C ALA B 106 5.97 -1.82 12.56
N GLN B 107 5.63 -2.69 11.61
CA GLN B 107 5.19 -4.04 11.90
C GLN B 107 6.25 -4.78 12.71
N ARG B 108 7.51 -4.56 12.34
CA ARG B 108 8.64 -5.12 13.06
C ARG B 108 8.66 -4.59 14.49
N GLY B 109 8.63 -3.28 14.64
CA GLY B 109 8.76 -2.65 15.94
C GLY B 109 7.63 -2.99 16.88
N PHE B 110 6.40 -2.92 16.39
CA PHE B 110 5.24 -3.15 17.25
C PHE B 110 4.85 -4.63 17.29
N ASN B 111 4.39 -5.16 16.15
CA ASN B 111 3.78 -6.48 16.12
C ASN B 111 4.81 -7.59 16.22
N LYS B 112 5.78 -7.56 15.32
CA LYS B 112 6.78 -8.61 15.21
C LYS B 112 7.57 -8.76 16.51
N VAL B 113 8.03 -7.64 17.05
CA VAL B 113 8.79 -7.65 18.30
C VAL B 113 7.91 -8.09 19.48
N TRP B 114 6.70 -7.55 19.57
CA TRP B 114 5.78 -7.91 20.66
C TRP B 114 5.55 -9.41 20.66
N ARG B 115 5.36 -9.98 19.47
CA ARG B 115 5.13 -11.41 19.33
C ARG B 115 6.34 -12.20 19.82
N GLU B 116 7.52 -11.80 19.37
CA GLU B 116 8.74 -12.53 19.68
C GLU B 116 9.12 -12.40 21.15
N GLN B 117 8.57 -11.39 21.83
CA GLN B 117 8.77 -11.25 23.26
C GLN B 117 7.69 -11.98 24.05
N ASN B 118 6.44 -11.54 23.86
CA ASN B 118 5.33 -11.99 24.69
C ASN B 118 4.95 -13.44 24.41
N GLU B 119 4.96 -13.82 23.14
CA GLU B 119 4.55 -15.16 22.72
C GLU B 119 5.68 -16.17 22.92
N LYS B 120 6.83 -15.69 23.36
CA LYS B 120 7.97 -16.56 23.59
C LYS B 120 7.95 -17.09 25.02
N TYR B 121 7.54 -18.34 25.17
CA TYR B 121 7.40 -18.94 26.49
C TYR B 121 8.53 -19.91 26.77
N TYR B 122 8.76 -20.18 28.05
CA TYR B 122 9.83 -21.08 28.46
C TYR B 122 9.28 -22.21 29.32
N LEU B 123 9.29 -23.42 28.79
CA LEU B 123 8.84 -24.59 29.52
C LEU B 123 9.90 -25.68 29.52
N LYS B 124 10.92 -25.51 30.35
CA LYS B 124 12.01 -26.48 30.46
C LYS B 124 12.57 -26.48 31.88
N SER B 125 12.85 -27.66 32.39
CA SER B 125 13.44 -27.83 33.71
C SER B 125 14.30 -29.08 33.75
N SER A 1 8.72 8.35 25.74
CA SER A 1 7.65 7.74 24.93
C SER A 1 8.25 6.88 23.83
N ASN A 2 7.39 6.24 23.04
CA ASN A 2 7.86 5.43 21.92
C ASN A 2 6.92 5.57 20.71
N ALA A 3 7.51 5.90 19.59
CA ALA A 3 6.78 6.04 18.33
C ALA A 3 7.70 5.75 17.16
N ALA A 4 7.14 5.40 16.02
CA ALA A 4 7.95 5.02 14.86
C ALA A 4 8.02 6.17 13.86
N GLN A 5 6.96 6.96 13.80
CA GLN A 5 6.84 8.04 12.83
C GLN A 5 6.77 7.46 11.41
N LEU A 6 5.57 7.07 11.02
CA LEU A 6 5.34 6.50 9.70
C LEU A 6 4.28 7.30 8.99
N ASN A 7 4.29 7.26 7.67
CA ASN A 7 3.31 7.99 6.89
C ASN A 7 2.50 7.04 6.01
N TYR A 8 1.20 6.97 6.29
CA TYR A 8 0.29 6.21 5.46
C TYR A 8 0.08 6.97 4.15
N LEU A 9 -0.03 8.28 4.29
CA LEU A 9 -0.19 9.17 3.15
C LEU A 9 1.17 9.65 2.64
N LEU A 10 1.25 9.93 1.35
CA LEU A 10 2.46 10.49 0.76
C LEU A 10 2.31 12.01 0.67
N THR A 11 3.43 12.71 0.56
CA THR A 11 3.40 14.16 0.49
C THR A 11 2.93 14.62 -0.89
N ASP A 12 2.53 15.90 -0.98
CA ASP A 12 2.06 16.50 -2.22
C ASP A 12 3.02 16.20 -3.36
N GLU A 13 4.29 16.44 -3.11
CA GLU A 13 5.34 16.23 -4.09
C GLU A 13 5.28 14.82 -4.69
N GLN A 14 5.02 13.83 -3.84
CA GLN A 14 5.02 12.43 -4.28
C GLN A 14 3.82 12.11 -5.18
N ILE A 15 2.65 12.62 -4.82
CA ILE A 15 1.46 12.41 -5.64
C ILE A 15 1.67 12.98 -7.05
N MET A 16 2.11 14.23 -7.09
CA MET A 16 2.39 14.88 -8.37
C MET A 16 3.51 14.17 -9.10
N GLU A 17 4.53 13.73 -8.36
CA GLU A 17 5.67 13.02 -8.94
C GLU A 17 5.22 11.75 -9.62
N ASP A 18 4.23 11.09 -9.01
CA ASP A 18 3.70 9.85 -9.55
C ASP A 18 3.00 10.13 -10.87
N LEU A 19 2.13 11.14 -10.87
CA LEU A 19 1.44 11.56 -12.09
C LEU A 19 2.43 11.98 -13.17
N ARG A 20 3.50 12.67 -12.77
CA ARG A 20 4.58 13.01 -13.69
C ARG A 20 5.12 11.76 -14.37
N THR A 21 5.42 10.75 -13.55
CA THR A 21 5.97 9.50 -14.05
C THR A 21 4.97 8.81 -15.00
N LEU A 22 3.68 8.91 -14.69
CA LEU A 22 2.64 8.36 -15.55
C LEU A 22 2.66 9.01 -16.92
N ASN A 23 3.06 10.27 -16.97
CA ASN A 23 3.08 11.02 -18.23
C ASN A 23 4.44 10.90 -18.92
N LYS A 24 5.48 10.58 -18.15
CA LYS A 24 6.83 10.51 -18.69
C LYS A 24 7.21 9.08 -19.06
N LEU A 25 6.33 8.14 -18.80
CA LEU A 25 6.56 6.76 -19.19
C LEU A 25 6.19 6.60 -20.66
N LYS A 26 7.18 6.30 -21.48
CA LYS A 26 6.98 6.25 -22.92
C LYS A 26 6.78 4.82 -23.41
N SER A 27 6.14 4.69 -24.56
CA SER A 27 5.95 3.39 -25.19
C SER A 27 5.87 3.59 -26.71
N SER B 1 -16.13 8.57 17.64
CA SER B 1 -17.42 9.27 17.53
C SER B 1 -17.29 10.70 18.05
N ASN B 2 -16.76 11.59 17.21
CA ASN B 2 -16.60 12.99 17.56
C ASN B 2 -16.76 13.86 16.31
N ALA B 3 -16.71 15.17 16.48
CA ALA B 3 -16.78 16.09 15.36
C ALA B 3 -15.43 16.18 14.66
N GLU B 4 -15.46 16.17 13.32
CA GLU B 4 -14.26 16.18 12.48
C GLU B 4 -13.53 14.83 12.58
N HIS B 5 -12.76 14.49 11.55
CA HIS B 5 -12.05 13.21 11.55
C HIS B 5 -10.88 13.22 12.55
N ILE B 6 -11.06 12.51 13.65
CA ILE B 6 -10.03 12.38 14.66
C ILE B 6 -9.31 11.05 14.51
N TYR B 7 -7.98 11.09 14.49
CA TYR B 7 -7.18 9.90 14.30
C TYR B 7 -6.94 9.21 15.64
N ARG B 8 -7.19 7.91 15.69
CA ARG B 8 -6.97 7.15 16.91
C ARG B 8 -5.56 6.57 16.93
N CYS B 9 -4.78 6.95 17.93
CA CYS B 9 -3.43 6.42 18.08
C CYS B 9 -3.44 5.25 19.05
N GLU B 10 -4.48 5.20 19.87
CA GLU B 10 -4.66 4.12 20.83
C GLU B 10 -4.97 2.82 20.10
N ASP B 11 -5.73 2.94 19.02
CA ASP B 11 -6.18 1.79 18.24
C ASP B 11 -5.32 1.64 16.99
N GLU B 12 -4.13 2.23 17.03
CA GLU B 12 -3.20 2.20 15.91
C GLU B 12 -2.80 0.75 15.61
N ARG B 13 -2.71 -0.04 16.67
CA ARG B 13 -2.34 -1.44 16.57
C ARG B 13 -3.26 -2.20 15.63
N PHE B 14 -4.58 -2.09 15.85
CA PHE B 14 -5.55 -2.81 15.04
C PHE B 14 -5.43 -2.35 13.59
N GLU B 15 -5.29 -1.04 13.41
CA GLU B 15 -5.12 -0.48 12.08
C GLU B 15 -3.83 -0.99 11.44
N LEU B 16 -2.80 -1.21 12.26
CA LEU B 16 -1.52 -1.68 11.74
C LEU B 16 -1.65 -3.09 11.18
N ASP B 17 -2.36 -3.95 11.90
CA ASP B 17 -2.56 -5.31 11.45
C ASP B 17 -3.38 -5.32 10.16
N VAL B 18 -4.40 -4.46 10.13
CA VAL B 18 -5.28 -4.34 8.97
C VAL B 18 -4.54 -3.77 7.75
N VAL B 19 -3.86 -2.65 7.94
CA VAL B 19 -3.18 -1.98 6.84
C VAL B 19 -2.06 -2.84 6.27
N LEU B 20 -1.36 -3.57 7.13
CA LEU B 20 -0.30 -4.46 6.68
C LEU B 20 -0.87 -5.61 5.86
N GLU B 21 -2.00 -6.17 6.30
CA GLU B 21 -2.67 -7.21 5.54
C GLU B 21 -3.20 -6.64 4.22
N THR B 22 -3.80 -5.45 4.30
CA THR B 22 -4.29 -4.74 3.13
C THR B 22 -3.16 -4.50 2.13
N ASN B 23 -2.00 -4.10 2.67
CA ASN B 23 -0.80 -3.90 1.88
C ASN B 23 -0.43 -5.19 1.16
N LEU B 24 -0.18 -6.25 1.94
CA LEU B 24 0.22 -7.55 1.40
C LEU B 24 -0.78 -8.06 0.36
N ALA B 25 -2.05 -7.79 0.57
CA ALA B 25 -3.08 -8.16 -0.40
C ALA B 25 -2.80 -7.50 -1.74
N THR B 26 -2.73 -6.18 -1.74
CA THR B 26 -2.51 -5.42 -2.96
C THR B 26 -1.11 -5.70 -3.52
N ILE B 27 -0.16 -6.00 -2.64
CA ILE B 27 1.18 -6.41 -3.05
C ILE B 27 1.10 -7.61 -4.00
N ARG B 28 0.45 -8.66 -3.54
CA ARG B 28 0.37 -9.90 -4.28
C ARG B 28 -0.38 -9.70 -5.60
N VAL B 29 -1.41 -8.87 -5.57
CA VAL B 29 -2.15 -8.55 -6.79
C VAL B 29 -1.24 -7.82 -7.77
N LEU B 30 -0.57 -6.79 -7.26
CA LEU B 30 0.29 -5.93 -8.06
C LEU B 30 1.45 -6.72 -8.67
N GLU B 31 2.09 -7.55 -7.85
CA GLU B 31 3.19 -8.37 -8.34
C GLU B 31 2.72 -9.35 -9.42
N ALA B 32 1.53 -9.90 -9.22
CA ALA B 32 0.96 -10.83 -10.19
C ALA B 32 0.74 -10.15 -11.53
N ILE B 33 0.13 -8.97 -11.49
CA ILE B 33 -0.13 -8.20 -12.71
C ILE B 33 1.16 -7.79 -13.40
N GLN B 34 2.10 -7.27 -12.61
CA GLN B 34 3.39 -6.86 -13.14
C GLN B 34 4.11 -8.04 -13.81
N LYS B 35 3.94 -9.22 -13.23
CA LYS B 35 4.55 -10.43 -13.76
C LYS B 35 3.90 -10.84 -15.08
N LYS B 36 2.60 -10.61 -15.19
CA LYS B 36 1.87 -10.94 -16.41
C LYS B 36 2.11 -9.90 -17.51
N LEU B 37 2.46 -8.68 -17.09
CA LEU B 37 2.80 -7.62 -18.03
C LEU B 37 4.20 -7.84 -18.59
N SER B 38 5.20 -7.64 -17.74
CA SER B 38 6.61 -7.75 -18.13
C SER B 38 6.91 -6.85 -19.33
N ARG B 39 6.36 -5.63 -19.30
CA ARG B 39 6.60 -4.61 -20.32
C ARG B 39 5.94 -4.97 -21.64
N LEU B 40 4.76 -4.41 -21.86
CA LEU B 40 4.01 -4.66 -23.08
C LEU B 40 3.99 -3.42 -23.97
N SER B 41 3.82 -3.64 -25.26
CA SER B 41 3.68 -2.54 -26.22
C SER B 41 2.34 -1.86 -26.02
N ALA B 42 2.16 -0.68 -26.64
CA ALA B 42 0.95 0.10 -26.46
C ALA B 42 -0.31 -0.70 -26.78
N GLU B 43 -0.28 -1.40 -27.91
CA GLU B 43 -1.42 -2.22 -28.33
C GLU B 43 -1.64 -3.38 -27.37
N GLU B 44 -0.55 -3.87 -26.78
CA GLU B 44 -0.65 -4.97 -25.83
C GLU B 44 -1.08 -4.47 -24.45
N GLN B 45 -0.86 -3.18 -24.22
CA GLN B 45 -1.38 -2.51 -23.03
C GLN B 45 -2.89 -2.39 -23.13
N ALA B 46 -3.37 -2.23 -24.36
CA ALA B 46 -4.80 -2.27 -24.63
C ALA B 46 -5.29 -3.71 -24.65
N LYS B 47 -4.39 -4.63 -24.98
CA LYS B 47 -4.69 -6.06 -24.96
C LYS B 47 -4.92 -6.53 -23.53
N PHE B 48 -3.87 -6.49 -22.72
CA PHE B 48 -3.95 -6.90 -21.33
C PHE B 48 -4.01 -5.68 -20.44
N ARG B 49 -5.22 -5.33 -20.03
CA ARG B 49 -5.43 -4.18 -19.16
C ARG B 49 -6.21 -4.61 -17.94
N LEU B 50 -6.15 -3.81 -16.88
CA LEU B 50 -6.87 -4.11 -15.66
C LEU B 50 -8.35 -3.84 -15.84
N ASP B 51 -9.04 -4.82 -16.43
CA ASP B 51 -10.47 -4.73 -16.67
C ASP B 51 -11.24 -4.95 -15.37
N ASN B 52 -11.08 -6.14 -14.81
CA ASN B 52 -11.73 -6.47 -13.54
C ASN B 52 -10.81 -7.39 -12.73
N THR B 53 -9.59 -7.54 -13.20
CA THR B 53 -8.65 -8.49 -12.63
C THR B 53 -8.21 -8.10 -11.22
N LEU B 54 -8.32 -6.83 -10.90
CA LEU B 54 -7.82 -6.32 -9.62
C LEU B 54 -8.86 -6.45 -8.50
N GLY B 55 -10.12 -6.63 -8.87
CA GLY B 55 -11.16 -6.64 -7.86
C GLY B 55 -12.38 -7.43 -8.24
N GLY B 56 -12.45 -8.66 -7.78
CA GLY B 56 -13.66 -9.43 -7.91
C GLY B 56 -14.63 -9.12 -6.78
N THR B 57 -14.37 -9.67 -5.61
CA THR B 57 -15.16 -9.38 -4.43
C THR B 57 -14.28 -8.85 -3.30
N SER B 58 -13.06 -8.47 -3.65
CA SER B 58 -12.10 -7.99 -2.67
C SER B 58 -11.40 -6.73 -3.17
N GLU B 59 -12.18 -5.85 -3.77
CA GLU B 59 -11.63 -4.66 -4.41
C GLU B 59 -11.43 -3.53 -3.40
N VAL B 60 -12.32 -3.44 -2.41
CA VAL B 60 -12.30 -2.35 -1.43
C VAL B 60 -10.92 -2.14 -0.82
N ILE B 61 -10.26 -3.22 -0.43
CA ILE B 61 -8.94 -3.14 0.21
C ILE B 61 -7.91 -2.51 -0.70
N HIS B 62 -8.07 -2.70 -2.00
CA HIS B 62 -7.09 -2.22 -2.95
C HIS B 62 -7.29 -0.74 -3.19
N ARG B 63 -8.55 -0.35 -3.42
CA ARG B 63 -8.89 1.05 -3.60
C ARG B 63 -8.59 1.82 -2.32
N LYS B 64 -8.87 1.20 -1.18
CA LYS B 64 -8.60 1.82 0.12
C LYS B 64 -7.11 2.09 0.30
N ALA B 65 -6.28 1.11 -0.06
CA ALA B 65 -4.84 1.26 0.04
C ALA B 65 -4.36 2.43 -0.79
N LEU B 66 -4.88 2.54 -2.02
CA LEU B 66 -4.51 3.64 -2.90
C LEU B 66 -5.02 4.97 -2.37
N GLN B 67 -6.23 4.97 -1.80
CA GLN B 67 -6.83 6.18 -1.23
C GLN B 67 -6.08 6.62 0.02
N ARG B 68 -5.41 5.69 0.67
CA ARG B 68 -4.66 6.00 1.87
C ARG B 68 -3.29 6.55 1.53
N ILE B 69 -2.71 6.11 0.43
CA ILE B 69 -1.38 6.56 0.03
C ILE B 69 -1.45 7.80 -0.86
N TYR B 70 -2.47 7.87 -1.71
CA TYR B 70 -2.66 9.00 -2.62
C TYR B 70 -3.96 9.73 -2.32
N ALA B 71 -4.31 9.80 -1.04
CA ALA B 71 -5.59 10.38 -0.57
C ALA B 71 -6.12 11.56 -1.39
N ASP B 72 -5.24 12.48 -1.75
CA ASP B 72 -5.67 13.72 -2.41
C ASP B 72 -6.05 13.50 -3.88
N LYS B 73 -5.39 12.55 -4.54
CA LYS B 73 -5.60 12.34 -5.97
C LYS B 73 -5.63 10.85 -6.30
N ALA B 74 -6.20 10.07 -5.39
CA ALA B 74 -6.24 8.63 -5.53
C ALA B 74 -7.09 8.21 -6.72
N ALA B 75 -8.14 8.98 -6.98
CA ALA B 75 -9.08 8.69 -8.06
C ALA B 75 -8.38 8.66 -9.41
N ASP B 76 -7.32 9.45 -9.55
CA ASP B 76 -6.59 9.54 -10.80
C ASP B 76 -5.84 8.24 -11.08
N ILE B 77 -5.20 7.71 -10.03
CA ILE B 77 -4.45 6.46 -10.14
C ILE B 77 -5.41 5.30 -10.40
N ILE B 78 -6.61 5.40 -9.82
CA ILE B 78 -7.65 4.39 -10.02
C ILE B 78 -7.94 4.23 -11.52
N ASP B 79 -8.10 5.36 -12.20
CA ASP B 79 -8.36 5.33 -13.65
C ASP B 79 -7.09 4.98 -14.41
N GLY B 80 -5.95 5.47 -13.91
CA GLY B 80 -4.68 5.22 -14.56
C GLY B 80 -4.33 3.75 -14.65
N LEU B 81 -4.49 3.04 -13.53
CA LEU B 81 -4.22 1.60 -13.49
C LEU B 81 -5.10 0.85 -14.48
N ARG B 82 -6.35 1.29 -14.59
CA ARG B 82 -7.31 0.63 -15.45
C ARG B 82 -7.32 1.29 -16.82
N LYS B 83 -6.32 2.10 -17.08
CA LYS B 83 -6.16 2.76 -18.38
C LYS B 83 -4.89 2.26 -19.05
N ASN B 84 -3.80 2.22 -18.28
CA ASN B 84 -2.53 1.76 -18.79
C ASN B 84 -1.75 1.03 -17.71
N PRO B 85 -1.83 -0.30 -17.71
CA PRO B 85 -1.15 -1.14 -16.71
C PRO B 85 0.37 -1.12 -16.85
N SER B 86 0.86 -1.09 -18.08
CA SER B 86 2.30 -1.18 -18.32
C SER B 86 3.02 0.10 -17.90
N ILE B 87 2.26 1.14 -17.60
CA ILE B 87 2.83 2.38 -17.09
C ILE B 87 2.61 2.51 -15.58
N ALA B 88 1.35 2.46 -15.16
CA ALA B 88 1.00 2.74 -13.77
C ALA B 88 1.43 1.62 -12.82
N VAL B 89 1.18 0.38 -13.22
CA VAL B 89 1.45 -0.78 -12.35
C VAL B 89 2.90 -0.82 -11.86
N PRO B 90 3.92 -0.70 -12.74
CA PRO B 90 5.33 -0.65 -12.32
C PRO B 90 5.58 0.40 -11.24
N ILE B 91 4.96 1.57 -11.40
CA ILE B 91 5.13 2.67 -10.46
C ILE B 91 4.52 2.31 -9.11
N VAL B 92 3.23 1.96 -9.12
CA VAL B 92 2.52 1.62 -7.88
C VAL B 92 3.10 0.37 -7.23
N LEU B 93 3.63 -0.53 -8.05
CA LEU B 93 4.31 -1.71 -7.53
C LEU B 93 5.48 -1.28 -6.66
N LYS B 94 6.30 -0.38 -7.20
CA LYS B 94 7.43 0.15 -6.46
C LYS B 94 6.96 0.93 -5.23
N ARG B 95 5.87 1.67 -5.39
CA ARG B 95 5.29 2.43 -4.29
C ARG B 95 4.83 1.50 -3.18
N LEU B 96 4.21 0.40 -3.57
CA LEU B 96 3.72 -0.59 -2.62
C LEU B 96 4.87 -1.22 -1.86
N LYS B 97 5.98 -1.47 -2.53
CA LYS B 97 7.15 -2.05 -1.87
C LYS B 97 7.83 -1.02 -0.98
N MET B 98 7.87 0.22 -1.44
CA MET B 98 8.36 1.33 -0.63
C MET B 98 7.55 1.42 0.66
N LYS B 99 6.23 1.35 0.51
CA LYS B 99 5.33 1.39 1.65
C LYS B 99 5.43 0.12 2.48
N GLU B 100 5.73 -1.01 1.85
CA GLU B 100 5.96 -2.24 2.60
C GLU B 100 7.13 -2.04 3.56
N GLU B 101 8.25 -1.55 3.04
CA GLU B 101 9.40 -1.22 3.87
C GLU B 101 9.00 -0.38 5.07
N GLU B 102 8.30 0.71 4.80
CA GLU B 102 7.85 1.62 5.84
C GLU B 102 6.92 0.91 6.82
N TRP B 103 5.91 0.23 6.28
CA TRP B 103 4.93 -0.45 7.12
C TRP B 103 5.54 -1.65 7.85
N ARG B 104 6.66 -2.17 7.37
CA ARG B 104 7.36 -3.23 8.09
C ARG B 104 8.06 -2.66 9.30
N GLU B 105 8.60 -1.46 9.18
CA GLU B 105 9.23 -0.81 10.31
C GLU B 105 8.18 -0.48 11.37
N ALA B 106 6.99 -0.13 10.92
CA ALA B 106 5.86 0.08 11.83
C ALA B 106 5.37 -1.25 12.40
N GLN B 107 5.18 -2.23 11.52
CA GLN B 107 4.71 -3.56 11.91
C GLN B 107 5.69 -4.21 12.87
N ARG B 108 6.95 -4.30 12.47
CA ARG B 108 7.96 -4.97 13.26
C ARG B 108 8.35 -4.15 14.48
N GLY B 109 8.00 -2.86 14.46
CA GLY B 109 8.25 -2.01 15.60
C GLY B 109 7.19 -2.16 16.68
N PHE B 110 5.94 -1.93 16.31
CA PHE B 110 4.85 -2.04 17.26
C PHE B 110 4.23 -3.44 17.29
N ASN B 111 3.64 -3.84 16.16
CA ASN B 111 2.80 -5.03 16.10
C ASN B 111 3.57 -6.32 16.39
N LYS B 112 4.68 -6.52 15.68
CA LYS B 112 5.52 -7.69 15.86
C LYS B 112 6.04 -7.77 17.29
N VAL B 113 6.69 -6.71 17.71
CA VAL B 113 7.29 -6.65 19.04
C VAL B 113 6.26 -6.88 20.14
N TRP B 114 5.11 -6.21 20.04
CA TRP B 114 4.06 -6.37 21.02
C TRP B 114 3.55 -7.81 21.04
N ARG B 115 3.38 -8.38 19.86
CA ARG B 115 2.87 -9.74 19.73
C ARG B 115 3.83 -10.73 20.40
N GLU B 116 5.12 -10.60 20.10
CA GLU B 116 6.13 -11.48 20.65
C GLU B 116 6.16 -11.41 22.17
N GLN B 117 6.05 -10.20 22.70
CA GLN B 117 6.07 -10.00 24.15
C GLN B 117 4.79 -10.51 24.79
N ASN B 118 3.67 -10.33 24.10
CA ASN B 118 2.37 -10.79 24.60
C ASN B 118 2.31 -12.30 24.69
N GLU B 119 2.90 -12.98 23.70
CA GLU B 119 2.84 -14.43 23.63
C GLU B 119 3.53 -15.10 24.83
N LYS B 120 4.59 -14.50 25.33
CA LYS B 120 5.29 -15.03 26.49
C LYS B 120 4.91 -14.27 27.75
N TYR B 121 3.94 -13.37 27.60
CA TYR B 121 3.38 -12.57 28.69
C TYR B 121 4.47 -11.84 29.48
N TYR B 122 5.48 -11.34 28.77
CA TYR B 122 6.55 -10.60 29.40
C TYR B 122 7.03 -9.48 28.48
N LEU B 123 6.64 -8.26 28.79
CA LEU B 123 6.99 -7.10 27.97
C LEU B 123 8.24 -6.42 28.52
N LYS B 124 8.98 -7.15 29.34
CA LYS B 124 10.21 -6.66 29.96
C LYS B 124 9.91 -5.64 31.07
N SER B 125 10.38 -5.95 32.27
CA SER B 125 10.25 -5.06 33.40
C SER B 125 11.57 -4.96 34.14
N SER A 1 15.82 5.87 20.36
CA SER A 1 15.35 5.04 21.49
C SER A 1 14.30 4.04 21.00
N ASN A 2 13.14 4.55 20.63
CA ASN A 2 12.06 3.74 20.07
C ASN A 2 11.15 4.61 19.25
N ALA A 3 11.50 4.80 17.98
CA ALA A 3 10.75 5.67 17.10
C ALA A 3 9.58 4.94 16.47
N ALA A 4 8.43 5.06 17.10
CA ALA A 4 7.19 4.51 16.56
C ALA A 4 6.37 5.62 15.92
N GLN A 5 7.06 6.70 15.57
CA GLN A 5 6.44 7.88 14.99
C GLN A 5 6.18 7.68 13.50
N LEU A 6 4.95 7.34 13.17
CA LEU A 6 4.59 7.09 11.79
C LEU A 6 3.95 8.32 11.16
N ASN A 7 4.16 8.51 9.87
CA ASN A 7 3.60 9.65 9.17
C ASN A 7 2.37 9.25 8.38
N TYR A 8 2.47 8.15 7.63
CA TYR A 8 1.40 7.66 6.76
C TYR A 8 1.20 8.58 5.55
N LEU A 9 0.54 8.04 4.52
CA LEU A 9 0.21 8.80 3.31
C LEU A 9 1.46 9.21 2.55
N LEU A 10 1.27 9.66 1.32
CA LEU A 10 2.35 10.23 0.53
C LEU A 10 2.19 11.74 0.47
N THR A 11 3.29 12.45 0.35
CA THR A 11 3.24 13.89 0.24
C THR A 11 2.81 14.31 -1.17
N ASP A 12 2.42 15.59 -1.31
CA ASP A 12 2.02 16.11 -2.60
C ASP A 12 3.11 15.91 -3.64
N GLU A 13 4.36 16.07 -3.20
CA GLU A 13 5.51 15.86 -4.07
C GLU A 13 5.51 14.43 -4.62
N GLN A 14 5.36 13.45 -3.72
CA GLN A 14 5.34 12.05 -4.11
C GLN A 14 4.19 11.77 -5.08
N ILE A 15 3.00 12.24 -4.71
CA ILE A 15 1.81 12.01 -5.50
C ILE A 15 1.92 12.68 -6.87
N MET A 16 2.30 13.94 -6.88
CA MET A 16 2.43 14.68 -8.13
C MET A 16 3.55 14.10 -8.98
N GLU A 17 4.57 13.57 -8.31
CA GLU A 17 5.67 12.90 -9.00
C GLU A 17 5.13 11.72 -9.80
N ASP A 18 4.27 10.94 -9.17
CA ASP A 18 3.68 9.78 -9.82
C ASP A 18 2.89 10.21 -11.06
N LEU A 19 2.14 11.29 -10.90
CA LEU A 19 1.41 11.88 -12.03
C LEU A 19 2.37 12.27 -13.15
N ARG A 20 3.50 12.88 -12.80
CA ARG A 20 4.51 13.25 -13.79
C ARG A 20 5.11 11.99 -14.42
N THR A 21 5.35 10.99 -13.59
CA THR A 21 5.94 9.74 -14.04
C THR A 21 5.05 9.02 -15.05
N LEU A 22 3.74 9.05 -14.80
CA LEU A 22 2.77 8.48 -15.73
C LEU A 22 2.93 9.12 -17.11
N ASN A 23 3.20 10.42 -17.13
CA ASN A 23 3.34 11.15 -18.38
C ASN A 23 4.76 11.06 -18.93
N LYS A 24 5.57 10.24 -18.30
CA LYS A 24 6.92 9.97 -18.81
C LYS A 24 6.93 8.71 -19.65
N LEU A 25 5.98 7.82 -19.38
CA LEU A 25 5.81 6.62 -20.19
C LEU A 25 4.67 6.81 -21.17
N LYS A 26 3.75 7.71 -20.83
CA LYS A 26 2.61 8.02 -21.67
C LYS A 26 2.82 9.33 -22.38
N SER A 27 2.44 9.38 -23.65
CA SER A 27 2.42 10.63 -24.38
C SER A 27 1.16 11.42 -24.00
N SER B 1 4.42 4.77 36.23
CA SER B 1 3.11 5.29 36.70
C SER B 1 1.95 4.46 36.13
N ASN B 2 1.65 4.68 34.86
CA ASN B 2 0.53 3.99 34.21
C ASN B 2 1.03 2.72 33.55
N ALA B 3 0.32 1.61 33.75
CA ALA B 3 0.70 0.34 33.15
C ALA B 3 -0.37 -0.73 33.39
N GLU B 4 -1.13 -0.56 34.45
CA GLU B 4 -2.10 -1.57 34.86
C GLU B 4 -3.49 -1.34 34.28
N HIS B 5 -4.06 -0.16 34.52
CA HIS B 5 -5.45 0.10 34.13
C HIS B 5 -5.54 1.15 33.03
N ILE B 6 -4.47 1.90 32.83
CA ILE B 6 -4.47 2.99 31.87
C ILE B 6 -4.01 2.49 30.49
N TYR B 7 -4.87 2.65 29.50
CA TYR B 7 -4.59 2.22 28.15
C TYR B 7 -4.54 3.42 27.21
N ARG B 8 -3.40 3.60 26.56
CA ARG B 8 -3.22 4.69 25.61
C ARG B 8 -3.45 4.21 24.19
N CYS B 9 -3.94 5.12 23.33
CA CYS B 9 -4.30 4.81 21.95
C CYS B 9 -5.56 3.94 21.90
N GLU B 10 -6.32 4.08 20.82
CA GLU B 10 -7.59 3.37 20.72
C GLU B 10 -7.40 2.06 19.96
N ASP B 11 -7.32 2.16 18.64
CA ASP B 11 -7.14 1.00 17.79
C ASP B 11 -5.82 1.08 17.06
N GLU B 12 -4.79 1.47 17.80
CA GLU B 12 -3.47 1.70 17.22
C GLU B 12 -2.93 0.41 16.64
N ARG B 13 -2.94 -0.63 17.46
CA ARG B 13 -2.46 -1.93 17.06
C ARG B 13 -3.35 -2.52 15.97
N PHE B 14 -4.65 -2.40 16.17
CA PHE B 14 -5.63 -2.92 15.22
C PHE B 14 -5.40 -2.31 13.84
N GLU B 15 -5.23 -1.00 13.81
CA GLU B 15 -4.98 -0.30 12.56
C GLU B 15 -3.70 -0.83 11.91
N LEU B 16 -2.65 -1.03 12.71
CA LEU B 16 -1.37 -1.43 12.17
C LEU B 16 -1.48 -2.75 11.42
N ASP B 17 -2.06 -3.75 12.08
CA ASP B 17 -2.15 -5.08 11.48
C ASP B 17 -3.09 -5.08 10.27
N VAL B 18 -4.17 -4.30 10.35
CA VAL B 18 -5.11 -4.20 9.24
C VAL B 18 -4.45 -3.57 8.02
N VAL B 19 -3.70 -2.48 8.23
CA VAL B 19 -3.00 -1.83 7.14
C VAL B 19 -2.06 -2.80 6.44
N LEU B 20 -1.28 -3.51 7.24
CA LEU B 20 -0.27 -4.42 6.71
C LEU B 20 -0.87 -5.55 5.88
N GLU B 21 -1.96 -6.14 6.37
CA GLU B 21 -2.64 -7.21 5.65
C GLU B 21 -3.23 -6.66 4.34
N THR B 22 -3.88 -5.51 4.44
CA THR B 22 -4.44 -4.83 3.28
C THR B 22 -3.33 -4.49 2.27
N ASN B 23 -2.21 -4.05 2.81
CA ASN B 23 -1.02 -3.74 2.01
C ASN B 23 -0.54 -4.97 1.27
N LEU B 24 -0.28 -6.04 2.02
CA LEU B 24 0.26 -7.28 1.46
C LEU B 24 -0.66 -7.83 0.37
N ALA B 25 -1.96 -7.65 0.54
CA ALA B 25 -2.93 -8.10 -0.45
C ALA B 25 -2.77 -7.30 -1.74
N THR B 26 -2.65 -6.00 -1.60
CA THR B 26 -2.46 -5.11 -2.74
C THR B 26 -1.08 -5.32 -3.36
N ILE B 27 -0.10 -5.63 -2.53
CA ILE B 27 1.25 -5.98 -3.00
C ILE B 27 1.18 -7.20 -3.93
N ARG B 28 0.62 -8.29 -3.41
CA ARG B 28 0.57 -9.55 -4.13
C ARG B 28 -0.19 -9.43 -5.45
N VAL B 29 -1.30 -8.69 -5.45
CA VAL B 29 -2.10 -8.55 -6.66
C VAL B 29 -1.36 -7.73 -7.72
N LEU B 30 -0.69 -6.66 -7.30
CA LEU B 30 0.04 -5.81 -8.23
C LEU B 30 1.24 -6.54 -8.82
N GLU B 31 1.98 -7.25 -7.98
CA GLU B 31 3.13 -8.00 -8.45
C GLU B 31 2.69 -9.10 -9.41
N ALA B 32 1.52 -9.68 -9.14
CA ALA B 32 0.95 -10.69 -10.02
C ALA B 32 0.66 -10.10 -11.40
N ILE B 33 0.03 -8.93 -11.39
CA ILE B 33 -0.31 -8.24 -12.62
C ILE B 33 0.93 -7.90 -13.44
N GLN B 34 1.90 -7.25 -12.80
CA GLN B 34 3.12 -6.84 -13.49
C GLN B 34 3.93 -8.06 -13.96
N LYS B 35 3.80 -9.16 -13.24
CA LYS B 35 4.50 -10.39 -13.61
C LYS B 35 3.84 -11.02 -14.83
N LYS B 36 2.52 -10.88 -14.93
CA LYS B 36 1.78 -11.34 -16.10
C LYS B 36 2.03 -10.41 -17.28
N LEU B 37 2.18 -9.12 -16.98
CA LEU B 37 2.49 -8.13 -18.01
C LEU B 37 3.91 -8.33 -18.53
N SER B 38 4.89 -8.02 -17.69
CA SER B 38 6.30 -8.08 -18.08
C SER B 38 6.53 -7.43 -19.44
N ARG B 39 6.06 -6.19 -19.57
CA ARG B 39 6.20 -5.41 -20.80
C ARG B 39 5.40 -6.01 -21.95
N LEU B 40 4.11 -5.71 -21.96
CA LEU B 40 3.24 -6.13 -23.05
C LEU B 40 2.92 -4.94 -23.94
N SER B 41 2.59 -5.20 -25.19
CA SER B 41 2.18 -4.14 -26.11
C SER B 41 0.72 -3.77 -25.84
N ALA B 42 0.30 -2.63 -26.37
CA ALA B 42 -1.07 -2.15 -26.16
C ALA B 42 -2.09 -3.18 -26.61
N GLU B 43 -1.81 -3.87 -27.70
CA GLU B 43 -2.67 -4.93 -28.20
C GLU B 43 -2.82 -6.03 -27.15
N GLU B 44 -1.70 -6.40 -26.55
CA GLU B 44 -1.68 -7.45 -25.53
C GLU B 44 -2.34 -6.95 -24.25
N GLN B 45 -2.22 -5.65 -24.00
CA GLN B 45 -2.81 -5.03 -22.82
C GLN B 45 -4.33 -4.93 -22.97
N ALA B 46 -4.79 -4.86 -24.22
CA ALA B 46 -6.22 -4.90 -24.49
C ALA B 46 -6.74 -6.30 -24.20
N LYS B 47 -5.92 -7.29 -24.54
CA LYS B 47 -6.22 -8.69 -24.27
C LYS B 47 -6.31 -8.95 -22.77
N PHE B 48 -5.30 -8.49 -22.04
CA PHE B 48 -5.30 -8.61 -20.59
C PHE B 48 -5.14 -7.25 -19.92
N ARG B 49 -6.25 -6.68 -19.49
CA ARG B 49 -6.23 -5.41 -18.78
C ARG B 49 -6.98 -5.55 -17.46
N LEU B 50 -6.69 -4.66 -16.53
CA LEU B 50 -7.26 -4.71 -15.18
C LEU B 50 -8.77 -4.56 -15.22
N ASP B 51 -9.46 -5.48 -14.56
CA ASP B 51 -10.92 -5.44 -14.48
C ASP B 51 -11.40 -6.03 -13.16
N ASN B 52 -11.48 -7.36 -13.11
CA ASN B 52 -11.96 -8.05 -11.91
C ASN B 52 -10.81 -8.29 -10.93
N THR B 53 -9.60 -8.01 -11.39
CA THR B 53 -8.40 -8.26 -10.61
C THR B 53 -8.27 -7.28 -9.44
N LEU B 54 -8.65 -6.03 -9.65
CA LEU B 54 -8.55 -5.02 -8.62
C LEU B 54 -9.89 -4.81 -7.92
N GLY B 55 -10.97 -5.12 -8.62
CA GLY B 55 -12.29 -4.93 -8.06
C GLY B 55 -12.88 -6.22 -7.52
N GLY B 56 -14.21 -6.26 -7.43
CA GLY B 56 -14.87 -7.45 -6.95
C GLY B 56 -14.99 -7.47 -5.44
N THR B 57 -14.85 -8.64 -4.84
CA THR B 57 -14.96 -8.78 -3.40
C THR B 57 -13.68 -8.29 -2.71
N SER B 58 -12.63 -8.10 -3.50
CA SER B 58 -11.36 -7.62 -2.99
C SER B 58 -11.15 -6.15 -3.38
N GLU B 59 -12.23 -5.47 -3.70
CA GLU B 59 -12.16 -4.08 -4.14
C GLU B 59 -11.80 -3.16 -2.99
N VAL B 60 -12.48 -3.32 -1.86
CA VAL B 60 -12.30 -2.44 -0.70
C VAL B 60 -10.82 -2.33 -0.28
N ILE B 61 -10.14 -3.47 -0.18
CA ILE B 61 -8.76 -3.47 0.29
C ILE B 61 -7.85 -2.72 -0.68
N HIS B 62 -8.13 -2.81 -1.97
CA HIS B 62 -7.28 -2.20 -2.96
C HIS B 62 -7.49 -0.68 -2.99
N ARG B 63 -8.74 -0.26 -2.91
CA ARG B 63 -9.08 1.15 -2.88
C ARG B 63 -8.61 1.78 -1.57
N LYS B 64 -8.78 1.05 -0.48
CA LYS B 64 -8.39 1.52 0.85
C LYS B 64 -6.89 1.75 0.90
N ALA B 65 -6.12 0.74 0.46
CA ALA B 65 -4.67 0.85 0.44
C ALA B 65 -4.21 1.97 -0.48
N LEU B 66 -4.92 2.15 -1.59
CA LEU B 66 -4.60 3.20 -2.54
C LEU B 66 -4.81 4.58 -1.91
N GLN B 67 -5.85 4.70 -1.09
CA GLN B 67 -6.11 5.96 -0.39
C GLN B 67 -5.12 6.16 0.75
N ARG B 68 -4.53 5.09 1.25
CA ARG B 68 -3.51 5.18 2.29
C ARG B 68 -2.20 5.74 1.74
N ILE B 69 -2.14 5.91 0.41
CA ILE B 69 -0.96 6.46 -0.22
C ILE B 69 -1.30 7.68 -1.09
N TYR B 70 -2.32 7.55 -1.94
CA TYR B 70 -2.70 8.62 -2.84
C TYR B 70 -4.09 9.14 -2.52
N ALA B 71 -4.41 9.22 -1.22
CA ALA B 71 -5.74 9.60 -0.73
C ALA B 71 -6.50 10.59 -1.63
N ASP B 72 -5.92 11.77 -1.82
CA ASP B 72 -6.64 12.86 -2.48
C ASP B 72 -6.56 12.76 -4.01
N LYS B 73 -5.72 11.87 -4.52
CA LYS B 73 -5.52 11.75 -5.97
C LYS B 73 -5.66 10.30 -6.41
N ALA B 74 -6.38 9.52 -5.63
CA ALA B 74 -6.52 8.09 -5.88
C ALA B 74 -7.25 7.84 -7.20
N ALA B 75 -8.23 8.68 -7.48
CA ALA B 75 -9.03 8.55 -8.69
C ALA B 75 -8.16 8.65 -9.94
N ASP B 76 -7.12 9.47 -9.88
CA ASP B 76 -6.23 9.66 -11.02
C ASP B 76 -5.41 8.41 -11.25
N ILE B 77 -4.83 7.89 -10.17
CA ILE B 77 -3.96 6.72 -10.25
C ILE B 77 -4.73 5.46 -10.61
N ILE B 78 -5.83 5.22 -9.91
CA ILE B 78 -6.62 4.02 -10.12
C ILE B 78 -7.18 3.98 -11.53
N ASP B 79 -7.60 5.13 -12.04
CA ASP B 79 -8.11 5.19 -13.41
C ASP B 79 -6.95 5.03 -14.39
N GLY B 80 -5.78 5.53 -13.99
CA GLY B 80 -4.59 5.37 -14.81
C GLY B 80 -4.18 3.92 -14.93
N LEU B 81 -4.43 3.15 -13.87
CA LEU B 81 -4.21 1.71 -13.91
C LEU B 81 -5.09 1.07 -14.98
N ARG B 82 -6.28 1.61 -15.15
CA ARG B 82 -7.21 1.11 -16.16
C ARG B 82 -6.79 1.62 -17.53
N LYS B 83 -6.21 2.82 -17.56
CA LYS B 83 -5.72 3.41 -18.80
C LYS B 83 -4.57 2.60 -19.39
N ASN B 84 -3.54 2.40 -18.59
CA ASN B 84 -2.33 1.75 -19.08
C ASN B 84 -1.60 1.03 -17.95
N PRO B 85 -1.74 -0.30 -17.88
CA PRO B 85 -1.10 -1.12 -16.85
C PRO B 85 0.43 -1.17 -16.99
N SER B 86 0.95 -1.05 -18.20
CA SER B 86 2.40 -1.14 -18.39
C SER B 86 3.10 0.11 -17.85
N ILE B 87 2.32 1.14 -17.58
CA ILE B 87 2.85 2.37 -17.04
C ILE B 87 2.61 2.45 -15.53
N ALA B 88 1.35 2.55 -15.13
CA ALA B 88 1.01 2.82 -13.74
C ALA B 88 1.35 1.67 -12.81
N VAL B 89 1.10 0.43 -13.24
CA VAL B 89 1.32 -0.74 -12.39
C VAL B 89 2.74 -0.78 -11.82
N PRO B 90 3.80 -0.74 -12.67
CA PRO B 90 5.18 -0.77 -12.19
C PRO B 90 5.52 0.39 -11.25
N ILE B 91 5.05 1.58 -11.58
CA ILE B 91 5.34 2.77 -10.77
C ILE B 91 4.62 2.69 -9.42
N VAL B 92 3.33 2.42 -9.48
CA VAL B 92 2.50 2.38 -8.29
C VAL B 92 2.91 1.21 -7.40
N LEU B 93 3.40 0.15 -8.04
CA LEU B 93 3.90 -1.02 -7.32
C LEU B 93 5.14 -0.64 -6.51
N LYS B 94 6.08 0.04 -7.14
CA LYS B 94 7.31 0.44 -6.45
C LYS B 94 7.00 1.40 -5.31
N ARG B 95 6.05 2.29 -5.54
CA ARG B 95 5.63 3.23 -4.50
C ARG B 95 4.99 2.49 -3.34
N LEU B 96 4.15 1.51 -3.68
CA LEU B 96 3.49 0.69 -2.69
C LEU B 96 4.47 -0.21 -1.96
N LYS B 97 5.53 -0.62 -2.67
CA LYS B 97 6.58 -1.45 -2.08
C LYS B 97 7.40 -0.61 -1.10
N MET B 98 7.60 0.65 -1.46
CA MET B 98 8.25 1.63 -0.57
C MET B 98 7.42 1.77 0.70
N LYS B 99 6.11 1.82 0.54
CA LYS B 99 5.20 1.89 1.66
C LYS B 99 5.13 0.57 2.41
N GLU B 100 5.33 -0.54 1.69
CA GLU B 100 5.43 -1.84 2.34
C GLU B 100 6.58 -1.83 3.32
N GLU B 101 7.72 -1.33 2.87
CA GLU B 101 8.89 -1.18 3.74
C GLU B 101 8.52 -0.36 4.96
N GLU B 102 7.86 0.77 4.72
CA GLU B 102 7.44 1.67 5.79
C GLU B 102 6.49 0.96 6.77
N TRP B 103 5.39 0.42 6.24
CA TRP B 103 4.36 -0.21 7.06
C TRP B 103 4.88 -1.47 7.74
N ARG B 104 5.64 -2.29 7.02
CA ARG B 104 6.12 -3.54 7.58
C ARG B 104 7.13 -3.29 8.69
N GLU B 105 7.97 -2.28 8.52
CA GLU B 105 8.90 -1.89 9.57
C GLU B 105 8.15 -1.29 10.75
N ALA B 106 7.06 -0.59 10.44
CA ALA B 106 6.19 -0.04 11.48
C ALA B 106 5.55 -1.16 12.29
N GLN B 107 5.04 -2.17 11.60
CA GLN B 107 4.45 -3.33 12.26
C GLN B 107 5.53 -4.09 13.02
N ARG B 108 6.69 -4.21 12.39
CA ARG B 108 7.82 -4.93 12.95
C ARG B 108 8.31 -4.28 14.24
N GLY B 109 8.51 -2.96 14.19
CA GLY B 109 9.04 -2.24 15.33
C GLY B 109 8.00 -1.91 16.39
N PHE B 110 6.86 -1.40 15.96
CA PHE B 110 5.82 -1.01 16.91
C PHE B 110 4.85 -2.15 17.19
N ASN B 111 4.10 -2.57 16.17
CA ASN B 111 2.98 -3.50 16.36
C ASN B 111 3.42 -4.81 17.02
N LYS B 112 4.37 -5.49 16.38
CA LYS B 112 4.81 -6.80 16.84
C LYS B 112 5.44 -6.70 18.23
N VAL B 113 6.39 -5.78 18.38
CA VAL B 113 7.09 -5.61 19.64
C VAL B 113 6.14 -5.16 20.74
N TRP B 114 5.13 -4.36 20.40
CA TRP B 114 4.13 -3.93 21.37
C TRP B 114 3.35 -5.14 21.86
N ARG B 115 3.07 -6.07 20.96
CA ARG B 115 2.45 -7.33 21.33
C ARG B 115 3.39 -8.11 22.23
N GLU B 116 4.62 -8.26 21.78
CA GLU B 116 5.64 -9.01 22.51
C GLU B 116 5.92 -8.40 23.89
N GLN B 117 5.55 -7.13 24.07
CA GLN B 117 5.66 -6.48 25.37
C GLN B 117 4.40 -6.65 26.21
N ASN B 118 3.24 -6.36 25.61
CA ASN B 118 1.98 -6.33 26.34
C ASN B 118 1.39 -7.72 26.56
N GLU B 119 1.40 -8.55 25.51
CA GLU B 119 0.76 -9.86 25.59
C GLU B 119 1.58 -10.79 26.49
N LYS B 120 2.87 -10.51 26.59
CA LYS B 120 3.77 -11.31 27.41
C LYS B 120 4.02 -10.61 28.74
N TYR B 121 4.12 -11.40 29.80
CA TYR B 121 4.31 -10.85 31.13
C TYR B 121 5.70 -10.27 31.27
N TYR B 122 5.80 -9.10 31.90
CA TYR B 122 7.06 -8.37 31.93
C TYR B 122 7.36 -7.82 33.32
N LEU B 123 8.49 -8.25 33.89
CA LEU B 123 9.04 -7.71 35.13
C LEU B 123 8.18 -8.03 36.34
N LYS B 124 7.50 -9.16 36.33
CA LYS B 124 6.71 -9.58 37.48
C LYS B 124 6.35 -11.06 37.37
N SER B 125 6.13 -11.53 36.16
CA SER B 125 5.77 -12.92 35.93
C SER B 125 6.71 -13.52 34.89
N SER A 1 12.35 7.69 13.37
CA SER A 1 13.57 6.96 12.99
C SER A 1 13.73 5.70 13.84
N ASN A 2 14.21 5.88 15.07
CA ASN A 2 14.48 4.76 15.97
C ASN A 2 13.19 4.18 16.52
N ALA A 3 12.14 4.99 16.51
CA ALA A 3 10.81 4.52 16.91
C ALA A 3 9.90 4.49 15.69
N ALA A 4 10.51 4.33 14.51
CA ALA A 4 9.80 4.31 13.24
C ALA A 4 9.10 5.64 12.99
N GLN A 5 8.19 5.66 12.03
CA GLN A 5 7.37 6.83 11.76
C GLN A 5 6.09 6.41 11.07
N LEU A 6 4.98 6.55 11.78
CA LEU A 6 3.68 6.19 11.22
C LEU A 6 3.16 7.30 10.32
N ASN A 7 3.69 7.34 9.10
CA ASN A 7 3.33 8.39 8.15
C ASN A 7 2.10 7.99 7.37
N TYR A 8 2.11 6.75 6.86
CA TYR A 8 0.99 6.17 6.11
C TYR A 8 0.84 6.85 4.74
N LEU A 9 0.37 8.08 4.77
CA LEU A 9 0.06 8.84 3.57
C LEU A 9 1.32 9.19 2.77
N LEU A 10 1.16 9.43 1.48
CA LEU A 10 2.21 9.99 0.65
C LEU A 10 1.98 11.48 0.53
N THR A 11 3.03 12.26 0.74
CA THR A 11 2.94 13.71 0.66
C THR A 11 2.63 14.13 -0.78
N ASP A 12 2.06 15.33 -0.93
CA ASP A 12 1.57 15.83 -2.22
C ASP A 12 2.60 15.65 -3.35
N GLU A 13 3.84 16.03 -3.09
CA GLU A 13 4.88 15.99 -4.12
C GLU A 13 5.18 14.56 -4.56
N GLN A 14 4.94 13.58 -3.70
CA GLN A 14 5.09 12.18 -4.07
C GLN A 14 4.03 11.81 -5.08
N ILE A 15 2.79 12.09 -4.72
CA ILE A 15 1.64 11.81 -5.57
C ILE A 15 1.77 12.53 -6.91
N MET A 16 2.10 13.81 -6.83
CA MET A 16 2.25 14.63 -8.03
C MET A 16 3.32 14.08 -8.94
N GLU A 17 4.44 13.66 -8.35
CA GLU A 17 5.54 13.06 -9.11
C GLU A 17 5.04 11.87 -9.92
N ASP A 18 4.28 11.01 -9.27
CA ASP A 18 3.73 9.82 -9.94
C ASP A 18 2.84 10.24 -11.10
N LEU A 19 1.93 11.18 -10.85
CA LEU A 19 1.05 11.69 -11.90
C LEU A 19 1.85 12.22 -13.09
N ARG A 20 2.95 12.90 -12.80
CA ARG A 20 3.76 13.51 -13.84
C ARG A 20 4.65 12.47 -14.52
N THR A 21 4.82 11.33 -13.87
CA THR A 21 5.55 10.22 -14.47
C THR A 21 4.63 9.39 -15.35
N LEU A 22 3.40 9.18 -14.88
CA LEU A 22 2.40 8.40 -15.62
C LEU A 22 2.16 9.01 -17.00
N ASN A 23 2.06 10.33 -17.06
CA ASN A 23 1.75 11.03 -18.29
C ASN A 23 3.02 11.39 -19.06
N LYS A 24 4.12 10.79 -18.66
CA LYS A 24 5.39 11.03 -19.30
C LYS A 24 5.83 9.84 -20.15
N LEU A 25 5.37 8.65 -19.75
CA LEU A 25 5.82 7.41 -20.37
C LEU A 25 5.05 7.09 -21.66
N LYS A 26 4.78 8.11 -22.45
CA LYS A 26 4.14 7.91 -23.74
C LYS A 26 5.17 7.55 -24.80
N SER A 27 5.22 6.27 -25.16
CA SER A 27 6.08 5.82 -26.23
C SER A 27 5.45 6.19 -27.57
N SER B 1 -18.71 19.48 30.43
CA SER B 1 -17.94 20.17 29.39
C SER B 1 -17.14 19.17 28.57
N ASN B 2 -17.59 18.91 27.34
CA ASN B 2 -16.86 18.03 26.43
C ASN B 2 -16.98 18.56 25.00
N ALA B 3 -15.83 18.87 24.41
CA ALA B 3 -15.79 19.45 23.07
C ALA B 3 -16.19 18.42 22.03
N GLU B 4 -15.60 17.23 22.10
CA GLU B 4 -15.93 16.17 21.15
C GLU B 4 -16.76 15.09 21.83
N HIS B 5 -16.97 13.98 21.14
CA HIS B 5 -17.80 12.90 21.66
C HIS B 5 -16.96 11.87 22.39
N ILE B 6 -15.65 11.94 22.18
CA ILE B 6 -14.68 11.07 22.87
C ILE B 6 -14.72 9.65 22.32
N TYR B 7 -13.67 9.28 21.61
CA TYR B 7 -13.50 7.93 21.12
C TYR B 7 -12.04 7.51 21.27
N ARG B 8 -11.69 7.03 22.45
CA ARG B 8 -10.33 6.63 22.73
C ARG B 8 -10.19 5.12 22.65
N CYS B 9 -8.94 4.67 22.54
CA CYS B 9 -8.62 3.26 22.36
C CYS B 9 -9.30 2.74 21.09
N GLU B 10 -8.85 3.25 19.96
CA GLU B 10 -9.36 2.85 18.65
C GLU B 10 -8.69 1.55 18.21
N ASP B 11 -7.94 0.95 19.13
CA ASP B 11 -7.18 -0.28 18.91
C ASP B 11 -6.00 0.00 17.98
N GLU B 12 -4.83 0.14 18.58
CA GLU B 12 -3.64 0.54 17.85
C GLU B 12 -3.17 -0.60 16.95
N ARG B 13 -3.28 -1.82 17.46
CA ARG B 13 -2.94 -2.98 16.67
C ARG B 13 -3.88 -3.11 15.49
N PHE B 14 -5.17 -2.89 15.70
CA PHE B 14 -6.14 -2.99 14.62
C PHE B 14 -5.72 -2.13 13.43
N GLU B 15 -5.29 -0.91 13.71
CA GLU B 15 -4.83 0.00 12.68
C GLU B 15 -3.60 -0.57 11.97
N LEU B 16 -2.63 -1.04 12.75
CA LEU B 16 -1.36 -1.51 12.20
C LEU B 16 -1.50 -2.86 11.49
N ASP B 17 -2.24 -3.76 12.10
CA ASP B 17 -2.44 -5.10 11.58
C ASP B 17 -3.17 -5.02 10.25
N VAL B 18 -4.24 -4.23 10.20
CA VAL B 18 -5.04 -4.08 9.01
C VAL B 18 -4.25 -3.40 7.88
N VAL B 19 -3.54 -2.32 8.20
CA VAL B 19 -2.81 -1.58 7.18
C VAL B 19 -1.75 -2.46 6.52
N LEU B 20 -1.08 -3.30 7.32
CA LEU B 20 -0.08 -4.21 6.79
C LEU B 20 -0.73 -5.28 5.89
N GLU B 21 -1.81 -5.87 6.38
CA GLU B 21 -2.52 -6.90 5.62
C GLU B 21 -3.07 -6.35 4.31
N THR B 22 -3.70 -5.18 4.38
CA THR B 22 -4.26 -4.54 3.21
C THR B 22 -3.17 -4.25 2.18
N ASN B 23 -2.02 -3.81 2.68
CA ASN B 23 -0.85 -3.55 1.85
C ASN B 23 -0.44 -4.82 1.13
N LEU B 24 -0.20 -5.88 1.90
CA LEU B 24 0.31 -7.13 1.37
C LEU B 24 -0.65 -7.70 0.32
N ALA B 25 -1.95 -7.65 0.60
CA ALA B 25 -2.94 -8.13 -0.35
C ALA B 25 -2.84 -7.38 -1.68
N THR B 26 -2.70 -6.07 -1.59
CA THR B 26 -2.55 -5.24 -2.77
C THR B 26 -1.20 -5.50 -3.45
N ILE B 27 -0.17 -5.76 -2.64
CA ILE B 27 1.13 -6.16 -3.16
C ILE B 27 0.99 -7.41 -4.02
N ARG B 28 0.30 -8.40 -3.47
CA ARG B 28 0.07 -9.67 -4.15
C ARG B 28 -0.54 -9.46 -5.52
N VAL B 29 -1.68 -8.76 -5.56
CA VAL B 29 -2.40 -8.58 -6.82
C VAL B 29 -1.56 -7.75 -7.80
N LEU B 30 -0.87 -6.73 -7.31
CA LEU B 30 -0.05 -5.87 -8.15
C LEU B 30 1.06 -6.64 -8.83
N GLU B 31 1.80 -7.44 -8.05
CA GLU B 31 2.88 -8.24 -8.60
C GLU B 31 2.33 -9.27 -9.58
N ALA B 32 1.12 -9.75 -9.30
CA ALA B 32 0.45 -10.69 -10.18
C ALA B 32 0.13 -10.05 -11.53
N ILE B 33 -0.30 -8.79 -11.47
CA ILE B 33 -0.63 -8.04 -12.67
C ILE B 33 0.61 -7.83 -13.54
N GLN B 34 1.68 -7.31 -12.95
CA GLN B 34 2.92 -7.07 -13.68
C GLN B 34 3.46 -8.38 -14.25
N LYS B 35 3.25 -9.46 -13.52
CA LYS B 35 3.65 -10.79 -13.96
C LYS B 35 2.93 -11.17 -15.25
N LYS B 36 1.62 -10.99 -15.26
CA LYS B 36 0.82 -11.32 -16.44
C LYS B 36 1.15 -10.38 -17.60
N LEU B 37 1.36 -9.11 -17.27
CA LEU B 37 1.69 -8.10 -18.26
C LEU B 37 3.00 -8.43 -18.96
N SER B 38 4.07 -8.52 -18.17
CA SER B 38 5.42 -8.75 -18.70
C SER B 38 5.80 -7.65 -19.69
N ARG B 39 5.15 -6.48 -19.54
CA ARG B 39 5.41 -5.32 -20.39
C ARG B 39 4.94 -5.59 -21.83
N LEU B 40 3.70 -5.22 -22.11
CA LEU B 40 3.10 -5.46 -23.42
C LEU B 40 3.10 -4.20 -24.26
N SER B 41 2.86 -4.35 -25.55
CA SER B 41 2.79 -3.23 -26.47
C SER B 41 1.47 -2.48 -26.27
N ALA B 42 1.37 -1.29 -26.85
CA ALA B 42 0.18 -0.43 -26.71
C ALA B 42 -1.10 -1.18 -27.07
N GLU B 43 -1.10 -1.83 -28.24
CA GLU B 43 -2.27 -2.57 -28.71
C GLU B 43 -2.62 -3.70 -27.74
N GLU B 44 -1.59 -4.29 -27.14
CA GLU B 44 -1.78 -5.38 -26.20
C GLU B 44 -2.32 -4.86 -24.87
N GLN B 45 -1.93 -3.64 -24.51
CA GLN B 45 -2.43 -3.00 -23.30
C GLN B 45 -3.90 -2.61 -23.48
N ALA B 46 -4.30 -2.42 -24.73
CA ALA B 46 -5.70 -2.19 -25.06
C ALA B 46 -6.45 -3.51 -25.14
N LYS B 47 -5.75 -4.55 -25.59
CA LYS B 47 -6.32 -5.88 -25.72
C LYS B 47 -6.51 -6.51 -24.35
N PHE B 48 -5.41 -6.65 -23.62
CA PHE B 48 -5.45 -7.21 -22.29
C PHE B 48 -5.36 -6.09 -21.26
N ARG B 49 -6.51 -5.69 -20.75
CA ARG B 49 -6.57 -4.64 -19.74
C ARG B 49 -7.24 -5.17 -18.49
N LEU B 50 -7.01 -4.51 -17.36
CA LEU B 50 -7.49 -5.00 -16.09
C LEU B 50 -8.96 -4.61 -15.86
N ASP B 51 -9.86 -5.43 -16.38
CA ASP B 51 -11.27 -5.27 -16.11
C ASP B 51 -11.78 -6.46 -15.31
N ASN B 52 -11.11 -7.60 -15.48
CA ASN B 52 -11.45 -8.82 -14.77
C ASN B 52 -10.82 -8.82 -13.38
N THR B 53 -10.03 -7.79 -13.10
CA THR B 53 -9.34 -7.67 -11.83
C THR B 53 -8.97 -6.21 -11.59
N LEU B 54 -8.48 -5.92 -10.38
CA LEU B 54 -8.22 -4.54 -9.95
C LEU B 54 -9.52 -3.73 -9.92
N GLY B 55 -10.63 -4.45 -9.92
CA GLY B 55 -11.93 -3.82 -9.88
C GLY B 55 -13.01 -4.86 -9.66
N GLY B 56 -14.10 -4.46 -9.02
CA GLY B 56 -15.19 -5.38 -8.75
C GLY B 56 -14.95 -6.18 -7.49
N THR B 57 -14.41 -7.38 -7.64
CA THR B 57 -14.13 -8.25 -6.52
C THR B 57 -12.86 -7.85 -5.79
N SER B 58 -13.00 -7.61 -4.48
CA SER B 58 -11.87 -7.31 -3.60
C SER B 58 -11.22 -5.96 -3.95
N GLU B 59 -11.94 -5.11 -4.66
CA GLU B 59 -11.39 -3.82 -5.05
C GLU B 59 -11.37 -2.88 -3.85
N VAL B 60 -12.27 -3.12 -2.89
CA VAL B 60 -12.39 -2.27 -1.71
C VAL B 60 -11.06 -2.10 -1.00
N ILE B 61 -10.37 -3.22 -0.74
CA ILE B 61 -9.11 -3.19 -0.01
C ILE B 61 -8.01 -2.54 -0.82
N HIS B 62 -8.05 -2.72 -2.13
CA HIS B 62 -7.00 -2.21 -2.99
C HIS B 62 -7.19 -0.71 -3.21
N ARG B 63 -8.43 -0.33 -3.44
CA ARG B 63 -8.79 1.07 -3.63
C ARG B 63 -8.54 1.85 -2.34
N LYS B 64 -8.93 1.24 -1.22
CA LYS B 64 -8.76 1.85 0.08
C LYS B 64 -7.27 2.01 0.42
N ALA B 65 -6.48 1.01 0.04
CA ALA B 65 -5.05 1.06 0.28
C ALA B 65 -4.40 2.17 -0.53
N LEU B 66 -4.85 2.32 -1.77
CA LEU B 66 -4.33 3.35 -2.64
C LEU B 66 -4.79 4.74 -2.20
N GLN B 67 -6.02 4.83 -1.69
CA GLN B 67 -6.53 6.09 -1.16
C GLN B 67 -5.83 6.43 0.15
N ARG B 68 -5.32 5.43 0.83
CA ARG B 68 -4.59 5.63 2.08
C ARG B 68 -3.30 6.41 1.83
N ILE B 69 -2.65 6.13 0.70
CA ILE B 69 -1.39 6.78 0.37
C ILE B 69 -1.58 7.91 -0.65
N TYR B 70 -2.52 7.74 -1.56
CA TYR B 70 -2.79 8.74 -2.59
C TYR B 70 -4.09 9.48 -2.28
N ALA B 71 -4.38 9.66 -0.99
CA ALA B 71 -5.64 10.27 -0.53
C ALA B 71 -6.16 11.41 -1.41
N ASP B 72 -5.28 12.26 -1.91
CA ASP B 72 -5.70 13.43 -2.67
C ASP B 72 -6.00 13.09 -4.14
N LYS B 73 -5.08 12.40 -4.80
CA LYS B 73 -5.19 12.16 -6.24
C LYS B 73 -5.26 10.66 -6.56
N ALA B 74 -5.88 9.89 -5.69
CA ALA B 74 -5.99 8.44 -5.86
C ALA B 74 -6.82 8.09 -7.10
N ALA B 75 -7.77 8.97 -7.42
CA ALA B 75 -8.68 8.75 -8.53
C ALA B 75 -7.95 8.47 -9.84
N ASP B 76 -6.84 9.16 -10.06
CA ASP B 76 -6.09 9.01 -11.31
C ASP B 76 -5.11 7.85 -11.23
N ILE B 77 -4.62 7.58 -10.03
CA ILE B 77 -3.66 6.47 -9.83
C ILE B 77 -4.35 5.13 -9.98
N ILE B 78 -5.53 5.00 -9.39
CA ILE B 78 -6.30 3.77 -9.47
C ILE B 78 -6.75 3.54 -10.91
N ASP B 79 -7.21 4.59 -11.55
CA ASP B 79 -7.54 4.55 -12.97
C ASP B 79 -6.29 4.24 -13.80
N GLY B 80 -5.15 4.74 -13.31
CA GLY B 80 -3.87 4.50 -13.95
C GLY B 80 -3.61 3.03 -14.22
N LEU B 81 -3.85 2.21 -13.22
CA LEU B 81 -3.59 0.78 -13.31
C LEU B 81 -4.48 0.13 -14.37
N ARG B 82 -5.69 0.65 -14.52
CA ARG B 82 -6.64 0.11 -15.48
C ARG B 82 -6.66 0.92 -16.77
N LYS B 83 -5.61 1.71 -16.96
CA LYS B 83 -5.52 2.59 -18.13
C LYS B 83 -4.19 2.40 -18.83
N ASN B 84 -3.11 2.53 -18.09
CA ASN B 84 -1.77 2.35 -18.64
C ASN B 84 -0.99 1.37 -17.79
N PRO B 85 -1.17 0.06 -18.01
CA PRO B 85 -0.55 -0.96 -17.18
C PRO B 85 0.98 -0.98 -17.27
N SER B 86 1.54 -0.77 -18.44
CA SER B 86 2.99 -0.77 -18.60
C SER B 86 3.58 0.55 -18.14
N ILE B 87 2.72 1.45 -17.68
CA ILE B 87 3.13 2.75 -17.19
C ILE B 87 2.91 2.85 -15.68
N ALA B 88 1.66 2.74 -15.26
CA ALA B 88 1.29 2.93 -13.88
C ALA B 88 1.68 1.76 -13.00
N VAL B 89 1.41 0.55 -13.47
CA VAL B 89 1.61 -0.65 -12.66
C VAL B 89 3.01 -0.69 -12.01
N PRO B 90 4.10 -0.57 -12.79
CA PRO B 90 5.46 -0.56 -12.21
C PRO B 90 5.65 0.54 -11.17
N ILE B 91 5.16 1.74 -11.48
CA ILE B 91 5.32 2.89 -10.59
C ILE B 91 4.50 2.71 -9.31
N VAL B 92 3.21 2.43 -9.49
CA VAL B 92 2.29 2.27 -8.37
C VAL B 92 2.72 1.10 -7.50
N LEU B 93 3.17 0.03 -8.14
CA LEU B 93 3.64 -1.16 -7.43
C LEU B 93 4.85 -0.83 -6.57
N LYS B 94 5.79 -0.07 -7.14
CA LYS B 94 7.02 0.29 -6.44
C LYS B 94 6.72 1.21 -5.26
N ARG B 95 5.74 2.10 -5.43
CA ARG B 95 5.31 2.97 -4.34
C ARG B 95 4.73 2.13 -3.21
N LEU B 96 4.02 1.07 -3.58
CA LEU B 96 3.48 0.12 -2.62
C LEU B 96 4.61 -0.62 -1.90
N LYS B 97 5.71 -0.86 -2.60
CA LYS B 97 6.88 -1.50 -2.00
C LYS B 97 7.59 -0.55 -1.04
N MET B 98 7.60 0.74 -1.39
CA MET B 98 8.13 1.76 -0.49
C MET B 98 7.35 1.75 0.81
N LYS B 99 6.04 1.72 0.69
CA LYS B 99 5.16 1.72 1.85
C LYS B 99 5.20 0.38 2.56
N GLU B 100 5.44 -0.70 1.81
CA GLU B 100 5.68 -2.00 2.40
C GLU B 100 6.84 -1.88 3.38
N GLU B 101 7.92 -1.28 2.92
CA GLU B 101 9.11 -1.07 3.73
C GLU B 101 8.75 -0.26 4.99
N GLU B 102 8.03 0.84 4.80
CA GLU B 102 7.62 1.70 5.89
C GLU B 102 6.76 0.93 6.91
N TRP B 103 5.69 0.32 6.42
CA TRP B 103 4.73 -0.36 7.29
C TRP B 103 5.34 -1.60 7.94
N ARG B 104 6.21 -2.30 7.23
CA ARG B 104 6.86 -3.47 7.80
C ARG B 104 7.82 -3.08 8.92
N GLU B 105 8.49 -1.94 8.78
CA GLU B 105 9.37 -1.44 9.83
C GLU B 105 8.54 -0.91 11.01
N ALA B 106 7.41 -0.28 10.70
CA ALA B 106 6.49 0.17 11.73
C ALA B 106 5.96 -1.03 12.51
N GLN B 107 5.56 -2.06 11.77
CA GLN B 107 5.11 -3.31 12.37
C GLN B 107 6.26 -3.97 13.13
N ARG B 108 7.45 -3.87 12.57
CA ARG B 108 8.66 -4.46 13.13
C ARG B 108 8.88 -3.99 14.56
N GLY B 109 8.61 -2.72 14.81
CA GLY B 109 8.78 -2.17 16.14
C GLY B 109 7.75 -2.68 17.13
N PHE B 110 6.49 -2.56 16.78
CA PHE B 110 5.41 -2.88 17.72
C PHE B 110 5.00 -4.35 17.64
N ASN B 111 4.40 -4.75 16.52
CA ASN B 111 3.73 -6.04 16.41
C ASN B 111 4.70 -7.18 16.17
N LYS B 112 5.76 -6.92 15.42
CA LYS B 112 6.74 -7.95 15.11
C LYS B 112 7.42 -8.44 16.39
N VAL B 113 7.91 -7.51 17.19
CA VAL B 113 8.52 -7.86 18.47
C VAL B 113 7.48 -8.44 19.42
N TRP B 114 6.28 -7.85 19.43
CA TRP B 114 5.17 -8.34 20.24
C TRP B 114 4.87 -9.81 19.92
N ARG B 115 4.79 -10.11 18.63
CA ARG B 115 4.53 -11.47 18.16
C ARG B 115 5.61 -12.43 18.63
N GLU B 116 6.87 -12.00 18.53
CA GLU B 116 8.00 -12.83 18.92
C GLU B 116 8.07 -12.97 20.44
N GLN B 117 7.63 -11.95 21.15
CA GLN B 117 7.57 -12.00 22.62
C GLN B 117 6.33 -12.76 23.08
N ASN B 118 5.44 -13.03 22.14
CA ASN B 118 4.33 -13.94 22.39
C ASN B 118 4.82 -15.38 22.24
N GLU B 119 5.74 -15.58 21.30
CA GLU B 119 6.38 -16.88 21.09
C GLU B 119 7.33 -17.19 22.24
N LYS B 120 8.38 -16.38 22.38
CA LYS B 120 9.36 -16.59 23.42
C LYS B 120 9.04 -15.73 24.62
N TYR B 121 9.50 -16.15 25.79
CA TYR B 121 9.24 -15.42 27.01
C TYR B 121 10.54 -15.07 27.71
N TYR B 122 10.45 -14.43 28.86
CA TYR B 122 11.64 -13.99 29.57
C TYR B 122 12.29 -15.15 30.31
N LEU B 123 13.40 -15.64 29.76
CA LEU B 123 14.15 -16.73 30.36
C LEU B 123 15.05 -16.18 31.45
N LYS B 124 15.57 -17.06 32.30
CA LYS B 124 16.40 -16.66 33.42
C LYS B 124 17.83 -17.17 33.24
N SER B 125 18.71 -16.73 34.12
CA SER B 125 20.10 -17.14 34.08
C SER B 125 20.39 -18.09 35.25
N SER A 1 9.75 0.34 25.21
CA SER A 1 9.74 -0.44 23.96
C SER A 1 10.25 0.41 22.81
N ASN A 2 10.13 -0.09 21.59
CA ASN A 2 10.60 0.63 20.41
C ASN A 2 9.44 1.01 19.51
N ALA A 3 9.12 2.29 19.46
CA ALA A 3 8.04 2.79 18.63
C ALA A 3 8.53 3.09 17.22
N ALA A 4 7.60 3.26 16.29
CA ALA A 4 7.95 3.52 14.90
C ALA A 4 7.22 4.74 14.36
N GLN A 5 7.49 5.08 13.11
CA GLN A 5 6.92 6.27 12.50
C GLN A 5 5.71 5.90 11.65
N LEU A 6 4.61 6.61 11.86
CA LEU A 6 3.37 6.31 11.17
C LEU A 6 3.05 7.41 10.15
N ASN A 7 3.37 7.14 8.89
CA ASN A 7 3.15 8.12 7.84
C ASN A 7 1.82 7.84 7.13
N TYR A 8 1.68 6.64 6.57
CA TYR A 8 0.45 6.20 5.89
C TYR A 8 0.23 6.91 4.55
N LEU A 9 0.32 8.22 4.57
CA LEU A 9 0.12 9.03 3.38
C LEU A 9 1.43 9.15 2.60
N LEU A 10 1.34 9.65 1.38
CA LEU A 10 2.51 10.00 0.61
C LEU A 10 2.54 11.50 0.41
N THR A 11 3.74 12.06 0.39
CA THR A 11 3.90 13.50 0.22
C THR A 11 3.34 13.95 -1.12
N ASP A 12 2.81 15.18 -1.17
CA ASP A 12 2.24 15.75 -2.40
C ASP A 12 3.22 15.60 -3.56
N GLU A 13 4.49 15.82 -3.25
CA GLU A 13 5.57 15.70 -4.23
C GLU A 13 5.53 14.34 -4.91
N GLN A 14 5.40 13.29 -4.10
CA GLN A 14 5.40 11.92 -4.61
C GLN A 14 4.15 11.66 -5.46
N ILE A 15 3.00 12.05 -4.92
CA ILE A 15 1.72 11.83 -5.60
C ILE A 15 1.72 12.45 -6.99
N MET A 16 2.13 13.71 -7.06
CA MET A 16 2.15 14.43 -8.33
C MET A 16 3.28 13.93 -9.22
N GLU A 17 4.35 13.44 -8.60
CA GLU A 17 5.47 12.87 -9.34
C GLU A 17 5.00 11.65 -10.13
N ASP A 18 4.28 10.76 -9.46
CA ASP A 18 3.71 9.57 -10.10
C ASP A 18 2.78 9.98 -11.23
N LEU A 19 1.84 10.86 -10.93
CA LEU A 19 0.86 11.34 -11.90
C LEU A 19 1.56 11.92 -13.13
N ARG A 20 2.64 12.65 -12.90
CA ARG A 20 3.41 13.25 -13.99
C ARG A 20 4.23 12.20 -14.73
N THR A 21 4.78 11.24 -14.00
CA THR A 21 5.59 10.19 -14.59
C THR A 21 4.75 9.30 -15.51
N LEU A 22 3.47 9.17 -15.20
CA LEU A 22 2.55 8.37 -16.02
C LEU A 22 2.49 8.89 -17.46
N ASN A 23 2.89 10.13 -17.65
CA ASN A 23 2.85 10.75 -18.97
C ASN A 23 4.26 10.81 -19.58
N LYS A 24 5.26 10.44 -18.79
CA LYS A 24 6.66 10.57 -19.20
C LYS A 24 7.17 9.32 -19.94
N LEU A 25 6.43 8.22 -19.85
CA LEU A 25 6.91 6.92 -20.33
C LEU A 25 7.03 6.84 -21.86
N LYS A 26 6.61 7.88 -22.56
CA LYS A 26 6.82 7.95 -24.00
C LYS A 26 7.13 9.37 -24.43
N SER A 27 8.41 9.70 -24.40
CA SER A 27 8.87 11.05 -24.74
C SER A 27 10.09 10.97 -25.65
N SER B 1 1.26 13.62 34.66
CA SER B 1 0.77 12.28 35.01
C SER B 1 -0.69 12.15 34.62
N ASN B 2 -1.01 11.10 33.89
CA ASN B 2 -2.38 10.87 33.43
C ASN B 2 -3.08 9.88 34.32
N ALA B 3 -2.55 9.74 35.54
CA ALA B 3 -3.13 8.89 36.58
C ALA B 3 -3.12 7.41 36.20
N GLU B 4 -4.09 7.00 35.40
CA GLU B 4 -4.31 5.59 35.11
C GLU B 4 -3.61 5.16 33.84
N HIS B 5 -3.23 6.14 33.01
CA HIS B 5 -2.75 5.87 31.65
C HIS B 5 -3.89 5.29 30.82
N ILE B 6 -4.61 6.15 30.14
CA ILE B 6 -5.74 5.74 29.31
C ILE B 6 -5.28 4.80 28.20
N TYR B 7 -5.83 3.59 28.23
CA TYR B 7 -5.41 2.53 27.33
C TYR B 7 -6.16 2.63 26.00
N ARG B 8 -5.97 3.75 25.31
CA ARG B 8 -6.61 3.97 24.02
C ARG B 8 -5.55 4.18 22.93
N CYS B 9 -4.35 4.54 23.35
CA CYS B 9 -3.25 4.74 22.42
C CYS B 9 -2.75 3.39 21.91
N GLU B 10 -3.02 2.36 22.68
CA GLU B 10 -2.64 0.99 22.34
C GLU B 10 -3.62 0.38 21.33
N ASP B 11 -4.59 1.16 20.90
CA ASP B 11 -5.55 0.71 19.88
C ASP B 11 -4.93 0.86 18.49
N GLU B 12 -3.63 1.07 18.48
CA GLU B 12 -2.89 1.30 17.24
C GLU B 12 -2.65 -0.01 16.51
N ARG B 13 -2.47 -1.08 17.29
CA ARG B 13 -2.11 -2.38 16.72
C ARG B 13 -3.19 -2.89 15.77
N PHE B 14 -4.45 -2.67 16.15
CA PHE B 14 -5.58 -3.08 15.31
C PHE B 14 -5.41 -2.52 13.90
N GLU B 15 -5.13 -1.23 13.82
CA GLU B 15 -4.90 -0.58 12.54
C GLU B 15 -3.69 -1.19 11.84
N LEU B 16 -2.63 -1.43 12.60
CA LEU B 16 -1.39 -1.94 12.04
C LEU B 16 -1.56 -3.34 11.46
N ASP B 17 -2.23 -4.21 12.18
CA ASP B 17 -2.45 -5.57 11.72
C ASP B 17 -3.29 -5.56 10.45
N VAL B 18 -4.33 -4.72 10.46
CA VAL B 18 -5.22 -4.60 9.32
C VAL B 18 -4.51 -3.98 8.11
N VAL B 19 -3.75 -2.91 8.33
CA VAL B 19 -3.09 -2.22 7.23
C VAL B 19 -1.98 -3.08 6.64
N LEU B 20 -1.26 -3.83 7.46
CA LEU B 20 -0.21 -4.72 6.96
C LEU B 20 -0.82 -5.84 6.12
N GLU B 21 -1.90 -6.44 6.62
CA GLU B 21 -2.62 -7.47 5.89
C GLU B 21 -3.07 -6.93 4.53
N THR B 22 -3.70 -5.76 4.57
CA THR B 22 -4.21 -5.09 3.39
C THR B 22 -3.08 -4.70 2.43
N ASN B 23 -2.00 -4.16 2.99
CA ASN B 23 -0.85 -3.74 2.22
C ASN B 23 -0.30 -4.88 1.39
N LEU B 24 0.10 -5.94 2.07
CA LEU B 24 0.76 -7.07 1.41
C LEU B 24 -0.19 -7.76 0.44
N ALA B 25 -1.47 -7.74 0.75
CA ALA B 25 -2.49 -8.25 -0.16
C ALA B 25 -2.44 -7.48 -1.48
N THR B 26 -2.47 -6.16 -1.37
CA THR B 26 -2.40 -5.28 -2.53
C THR B 26 -1.06 -5.45 -3.24
N ILE B 27 0.00 -5.70 -2.47
CA ILE B 27 1.31 -6.02 -3.02
C ILE B 27 1.21 -7.17 -4.02
N ARG B 28 0.60 -8.25 -3.57
CA ARG B 28 0.48 -9.46 -4.37
C ARG B 28 -0.39 -9.21 -5.60
N VAL B 29 -1.35 -8.29 -5.48
CA VAL B 29 -2.22 -7.95 -6.60
C VAL B 29 -1.42 -7.30 -7.73
N LEU B 30 -0.84 -6.13 -7.45
CA LEU B 30 -0.12 -5.37 -8.47
C LEU B 30 1.03 -6.19 -9.05
N GLU B 31 1.71 -6.94 -8.19
CA GLU B 31 2.79 -7.81 -8.62
C GLU B 31 2.28 -8.83 -9.63
N ALA B 32 1.18 -9.49 -9.30
CA ALA B 32 0.61 -10.51 -10.17
C ALA B 32 0.14 -9.90 -11.48
N ILE B 33 -0.40 -8.70 -11.40
CA ILE B 33 -0.84 -7.98 -12.59
C ILE B 33 0.36 -7.67 -13.50
N GLN B 34 1.43 -7.14 -12.89
CA GLN B 34 2.63 -6.78 -13.64
C GLN B 34 3.22 -8.02 -14.33
N LYS B 35 3.19 -9.15 -13.62
CA LYS B 35 3.67 -10.41 -14.18
C LYS B 35 2.85 -10.82 -15.38
N LYS B 36 1.54 -10.63 -15.29
CA LYS B 36 0.64 -10.97 -16.38
C LYS B 36 0.80 -10.01 -17.55
N LEU B 37 1.04 -8.74 -17.23
CA LEU B 37 1.25 -7.72 -18.24
C LEU B 37 2.51 -7.99 -19.05
N SER B 38 3.66 -8.02 -18.37
CA SER B 38 4.95 -8.22 -19.02
C SER B 38 5.18 -7.16 -20.10
N ARG B 39 4.52 -6.00 -19.94
CA ARG B 39 4.55 -4.92 -20.91
C ARG B 39 4.13 -5.41 -22.30
N LEU B 40 2.86 -5.81 -22.41
CA LEU B 40 2.28 -6.20 -23.69
C LEU B 40 2.22 -5.00 -24.61
N SER B 41 1.98 -5.25 -25.90
CA SER B 41 1.79 -4.17 -26.85
C SER B 41 0.52 -3.40 -26.51
N ALA B 42 0.38 -2.20 -27.05
CA ALA B 42 -0.75 -1.32 -26.71
C ALA B 42 -2.09 -2.02 -26.92
N GLU B 43 -2.21 -2.73 -28.03
CA GLU B 43 -3.44 -3.46 -28.35
C GLU B 43 -3.71 -4.54 -27.31
N GLU B 44 -2.65 -5.20 -26.86
CA GLU B 44 -2.77 -6.28 -25.90
C GLU B 44 -2.96 -5.76 -24.48
N GLN B 45 -2.52 -4.53 -24.24
CA GLN B 45 -2.77 -3.88 -22.96
C GLN B 45 -4.24 -3.46 -22.86
N ALA B 46 -4.84 -3.22 -24.01
CA ALA B 46 -6.29 -3.02 -24.07
C ALA B 46 -7.01 -4.36 -23.93
N LYS B 47 -6.39 -5.39 -24.48
CA LYS B 47 -6.89 -6.77 -24.37
C LYS B 47 -7.03 -7.17 -22.91
N PHE B 48 -5.92 -7.10 -22.19
CA PHE B 48 -5.91 -7.43 -20.77
C PHE B 48 -5.76 -6.16 -19.94
N ARG B 49 -6.86 -5.46 -19.77
CA ARG B 49 -6.89 -4.24 -18.99
C ARG B 49 -7.41 -4.54 -17.57
N LEU B 50 -7.01 -3.72 -16.60
CA LEU B 50 -7.32 -3.96 -15.20
C LEU B 50 -8.78 -3.64 -14.86
N ASP B 51 -9.70 -4.29 -15.54
CA ASP B 51 -11.12 -4.13 -15.23
C ASP B 51 -11.69 -5.44 -14.70
N ASN B 52 -10.86 -6.46 -14.69
CA ASN B 52 -11.26 -7.76 -14.16
C ASN B 52 -10.62 -8.01 -12.79
N THR B 53 -9.88 -7.02 -12.34
CA THR B 53 -9.17 -7.09 -11.06
C THR B 53 -9.16 -5.72 -10.41
N LEU B 54 -9.09 -5.67 -9.08
CA LEU B 54 -9.08 -4.42 -8.33
C LEU B 54 -10.44 -3.74 -8.38
N GLY B 55 -11.48 -4.52 -8.67
CA GLY B 55 -12.83 -3.99 -8.71
C GLY B 55 -13.83 -5.02 -8.24
N GLY B 56 -14.81 -4.57 -7.46
CA GLY B 56 -15.83 -5.46 -6.95
C GLY B 56 -15.36 -6.28 -5.77
N THR B 57 -14.84 -7.47 -6.05
CA THR B 57 -14.36 -8.36 -5.01
C THR B 57 -13.05 -7.84 -4.40
N SER B 58 -12.97 -7.91 -3.07
CA SER B 58 -11.81 -7.44 -2.31
C SER B 58 -11.42 -6.00 -2.69
N GLU B 59 -12.40 -5.24 -3.17
CA GLU B 59 -12.15 -3.89 -3.66
C GLU B 59 -11.88 -2.95 -2.49
N VAL B 60 -12.62 -3.12 -1.41
CA VAL B 60 -12.54 -2.21 -0.26
C VAL B 60 -11.11 -2.08 0.25
N ILE B 61 -10.43 -3.20 0.44
CA ILE B 61 -9.08 -3.18 1.00
C ILE B 61 -8.10 -2.54 0.03
N HIS B 62 -8.22 -2.88 -1.24
CA HIS B 62 -7.28 -2.40 -2.23
C HIS B 62 -7.47 -0.91 -2.47
N ARG B 63 -8.73 -0.49 -2.57
CA ARG B 63 -9.04 0.92 -2.76
C ARG B 63 -8.64 1.73 -1.54
N LYS B 64 -8.90 1.17 -0.36
CA LYS B 64 -8.57 1.84 0.88
C LYS B 64 -7.06 2.06 1.01
N ALA B 65 -6.29 1.02 0.70
CA ALA B 65 -4.84 1.10 0.79
C ALA B 65 -4.30 2.18 -0.15
N LEU B 66 -4.81 2.20 -1.37
CA LEU B 66 -4.38 3.16 -2.37
C LEU B 66 -4.87 4.56 -2.01
N GLN B 67 -6.06 4.63 -1.42
CA GLN B 67 -6.63 5.91 -0.97
C GLN B 67 -5.85 6.48 0.21
N ARG B 68 -5.18 5.64 0.97
CA ARG B 68 -4.41 6.14 2.10
C ARG B 68 -3.08 6.74 1.66
N ILE B 69 -2.54 6.26 0.55
CA ILE B 69 -1.28 6.80 0.05
C ILE B 69 -1.50 7.89 -0.99
N TYR B 70 -2.59 7.77 -1.76
CA TYR B 70 -2.92 8.75 -2.77
C TYR B 70 -4.32 9.30 -2.50
N ALA B 71 -4.53 9.68 -1.25
CA ALA B 71 -5.81 10.20 -0.75
C ALA B 71 -6.65 10.96 -1.77
N ASP B 72 -6.07 11.97 -2.40
CA ASP B 72 -6.84 12.84 -3.30
C ASP B 72 -6.84 12.35 -4.73
N LYS B 73 -5.72 11.79 -5.18
CA LYS B 73 -5.54 11.45 -6.59
C LYS B 73 -5.53 9.95 -6.83
N ALA B 74 -6.16 9.21 -5.94
CA ALA B 74 -6.24 7.76 -6.06
C ALA B 74 -6.96 7.36 -7.34
N ALA B 75 -8.08 8.03 -7.62
CA ALA B 75 -8.87 7.75 -8.80
C ALA B 75 -8.09 8.01 -10.08
N ASP B 76 -7.17 8.98 -10.03
CA ASP B 76 -6.32 9.30 -11.16
C ASP B 76 -5.33 8.17 -11.39
N ILE B 77 -4.74 7.68 -10.31
CA ILE B 77 -3.80 6.57 -10.37
C ILE B 77 -4.49 5.31 -10.89
N ILE B 78 -5.65 5.02 -10.33
CA ILE B 78 -6.43 3.85 -10.73
C ILE B 78 -6.81 3.93 -12.20
N ASP B 79 -7.21 5.11 -12.65
CA ASP B 79 -7.53 5.34 -14.06
C ASP B 79 -6.30 5.07 -14.90
N GLY B 80 -5.15 5.55 -14.44
CA GLY B 80 -3.90 5.30 -15.11
C GLY B 80 -3.58 3.82 -15.21
N LEU B 81 -3.83 3.09 -14.11
CA LEU B 81 -3.60 1.64 -14.06
C LEU B 81 -4.36 0.91 -15.17
N ARG B 82 -5.57 1.36 -15.46
CA ARG B 82 -6.35 0.76 -16.53
C ARG B 82 -5.88 1.28 -17.89
N LYS B 83 -5.84 2.59 -18.01
CA LYS B 83 -5.55 3.25 -19.28
C LYS B 83 -4.19 2.84 -19.82
N ASN B 84 -3.17 2.96 -18.98
CA ASN B 84 -1.81 2.57 -19.35
C ASN B 84 -1.18 1.74 -18.23
N PRO B 85 -1.48 0.43 -18.21
CA PRO B 85 -1.06 -0.44 -17.11
C PRO B 85 0.46 -0.54 -16.97
N SER B 86 1.15 -0.82 -18.07
CA SER B 86 2.61 -1.01 -18.02
C SER B 86 3.33 0.29 -17.66
N ILE B 87 2.60 1.39 -17.66
CA ILE B 87 3.16 2.67 -17.28
C ILE B 87 2.97 2.92 -15.79
N ALA B 88 1.76 2.67 -15.30
CA ALA B 88 1.42 2.96 -13.91
C ALA B 88 1.85 1.84 -12.97
N VAL B 89 1.66 0.61 -13.40
CA VAL B 89 1.79 -0.55 -12.54
C VAL B 89 3.21 -0.70 -11.91
N PRO B 90 4.33 -0.36 -12.62
CA PRO B 90 5.66 -0.44 -12.02
C PRO B 90 5.89 0.66 -10.99
N ILE B 91 5.42 1.86 -11.30
CA ILE B 91 5.60 3.01 -10.42
C ILE B 91 4.81 2.83 -9.14
N VAL B 92 3.53 2.52 -9.31
CA VAL B 92 2.60 2.41 -8.19
C VAL B 92 2.99 1.26 -7.28
N LEU B 93 3.52 0.21 -7.88
CA LEU B 93 3.98 -0.95 -7.13
C LEU B 93 5.27 -0.63 -6.38
N LYS B 94 6.12 0.20 -6.98
CA LYS B 94 7.35 0.62 -6.33
C LYS B 94 7.04 1.45 -5.09
N ARG B 95 6.10 2.38 -5.23
CA ARG B 95 5.67 3.21 -4.10
C ARG B 95 5.05 2.32 -3.03
N LEU B 96 4.28 1.33 -3.48
CA LEU B 96 3.61 0.40 -2.58
C LEU B 96 4.65 -0.47 -1.85
N LYS B 97 5.75 -0.76 -2.52
CA LYS B 97 6.83 -1.53 -1.91
C LYS B 97 7.56 -0.71 -0.86
N MET B 98 7.72 0.57 -1.15
CA MET B 98 8.33 1.50 -0.21
C MET B 98 7.45 1.62 1.03
N LYS B 99 6.14 1.63 0.81
CA LYS B 99 5.17 1.65 1.91
C LYS B 99 5.14 0.31 2.63
N GLU B 100 5.36 -0.77 1.90
CA GLU B 100 5.50 -2.10 2.49
C GLU B 100 6.60 -2.09 3.54
N GLU B 101 7.71 -1.45 3.21
CA GLU B 101 8.83 -1.32 4.12
C GLU B 101 8.45 -0.43 5.30
N GLU B 102 7.76 0.67 5.02
CA GLU B 102 7.33 1.62 6.05
C GLU B 102 6.43 0.93 7.08
N TRP B 103 5.44 0.20 6.60
CA TRP B 103 4.51 -0.48 7.47
C TRP B 103 5.16 -1.67 8.15
N ARG B 104 6.16 -2.29 7.50
CA ARG B 104 6.96 -3.32 8.16
C ARG B 104 7.75 -2.71 9.32
N GLU B 105 8.25 -1.50 9.12
CA GLU B 105 8.92 -0.77 10.19
C GLU B 105 8.00 -0.60 11.39
N ALA B 106 6.79 -0.14 11.12
CA ALA B 106 5.79 0.07 12.17
C ALA B 106 5.37 -1.25 12.81
N GLN B 107 5.16 -2.26 11.97
CA GLN B 107 4.77 -3.58 12.44
C GLN B 107 5.87 -4.19 13.31
N ARG B 108 7.12 -3.95 12.94
CA ARG B 108 8.24 -4.47 13.71
C ARG B 108 8.41 -3.72 15.02
N GLY B 109 7.78 -2.56 15.13
CA GLY B 109 7.78 -1.83 16.38
C GLY B 109 6.68 -2.27 17.31
N PHE B 110 5.46 -2.35 16.78
CA PHE B 110 4.31 -2.73 17.60
C PHE B 110 4.11 -4.25 17.62
N ASN B 111 3.81 -4.83 16.47
CA ASN B 111 3.37 -6.22 16.39
C ASN B 111 4.51 -7.20 16.66
N LYS B 112 5.68 -6.92 16.09
CA LYS B 112 6.84 -7.79 16.28
C LYS B 112 7.22 -7.87 17.75
N VAL B 113 7.50 -6.72 18.35
CA VAL B 113 7.87 -6.65 19.76
C VAL B 113 6.78 -7.25 20.64
N TRP B 114 5.53 -7.02 20.28
CA TRP B 114 4.40 -7.63 20.97
C TRP B 114 4.55 -9.14 21.02
N ARG B 115 4.69 -9.76 19.84
CA ARG B 115 4.77 -11.21 19.74
C ARG B 115 6.02 -11.73 20.45
N GLU B 116 7.13 -11.02 20.31
CA GLU B 116 8.39 -11.44 20.90
C GLU B 116 8.30 -11.48 22.42
N GLN B 117 7.56 -10.56 23.00
CA GLN B 117 7.38 -10.53 24.45
C GLN B 117 6.19 -11.39 24.86
N ASN B 118 5.37 -11.75 23.88
CA ASN B 118 4.21 -12.60 24.11
C ASN B 118 4.62 -14.07 24.17
N GLU B 119 5.56 -14.45 23.31
CA GLU B 119 6.00 -15.84 23.22
C GLU B 119 6.91 -16.21 24.39
N LYS B 120 7.84 -15.33 24.72
CA LYS B 120 8.79 -15.60 25.79
C LYS B 120 8.61 -14.59 26.92
N TYR B 121 9.06 -14.95 28.11
CA TYR B 121 8.93 -14.08 29.26
C TYR B 121 10.29 -13.89 29.92
N TYR B 122 10.80 -14.95 30.52
CA TYR B 122 12.12 -14.92 31.12
C TYR B 122 12.99 -16.01 30.51
N LEU B 123 14.28 -15.75 30.40
CA LEU B 123 15.19 -16.66 29.72
C LEU B 123 15.75 -17.72 30.68
N LYS B 124 14.90 -18.18 31.60
CA LYS B 124 15.26 -19.27 32.49
C LYS B 124 13.99 -19.89 33.08
N SER B 125 14.04 -21.18 33.33
CA SER B 125 12.97 -21.89 34.01
C SER B 125 13.53 -23.11 34.73
N SER A 1 8.86 11.63 22.23
CA SER A 1 8.15 11.05 21.08
C SER A 1 7.39 9.80 21.48
N ASN A 2 6.07 9.91 21.58
CA ASN A 2 5.23 8.76 21.90
C ASN A 2 4.62 8.21 20.62
N ALA A 3 4.54 6.89 20.54
CA ALA A 3 3.97 6.21 19.37
C ALA A 3 4.72 6.59 18.09
N ALA A 4 4.10 6.36 16.95
CA ALA A 4 4.68 6.70 15.67
C ALA A 4 3.59 7.01 14.66
N GLN A 5 3.38 8.30 14.39
CA GLN A 5 2.39 8.71 13.41
C GLN A 5 2.94 8.49 12.00
N LEU A 6 2.68 7.31 11.49
CA LEU A 6 3.16 6.90 10.18
C LEU A 6 2.57 7.77 9.09
N ASN A 7 3.40 8.18 8.15
CA ASN A 7 2.94 8.97 7.02
C ASN A 7 2.23 8.08 6.02
N TYR A 8 0.95 7.85 6.26
CA TYR A 8 0.15 7.01 5.38
C TYR A 8 -0.01 7.67 4.02
N LEU A 9 -0.36 8.95 4.05
CA LEU A 9 -0.49 9.72 2.83
C LEU A 9 0.88 10.03 2.24
N LEU A 10 1.00 9.93 0.94
CA LEU A 10 2.23 10.30 0.26
C LEU A 10 2.30 11.81 0.13
N THR A 11 3.50 12.35 0.02
CA THR A 11 3.68 13.78 -0.08
C THR A 11 3.25 14.28 -1.45
N ASP A 12 2.81 15.54 -1.51
CA ASP A 12 2.37 16.15 -2.77
C ASP A 12 3.45 16.04 -3.84
N GLU A 13 4.71 16.07 -3.41
CA GLU A 13 5.84 15.92 -4.31
C GLU A 13 5.80 14.55 -4.99
N GLN A 14 5.74 13.49 -4.19
CA GLN A 14 5.73 12.12 -4.70
C GLN A 14 4.47 11.84 -5.50
N ILE A 15 3.36 12.43 -5.08
CA ILE A 15 2.09 12.27 -5.78
C ILE A 15 2.17 12.89 -7.17
N MET A 16 2.61 14.14 -7.24
CA MET A 16 2.74 14.82 -8.53
C MET A 16 3.80 14.14 -9.38
N GLU A 17 4.83 13.60 -8.72
CA GLU A 17 5.86 12.83 -9.41
C GLU A 17 5.22 11.65 -10.15
N ASP A 18 4.42 10.87 -9.44
CA ASP A 18 3.76 9.70 -10.02
C ASP A 18 2.92 10.11 -11.22
N LEU A 19 2.08 11.12 -11.02
CA LEU A 19 1.23 11.64 -12.09
C LEU A 19 2.05 12.03 -13.32
N ARG A 20 3.15 12.73 -13.10
CA ARG A 20 4.01 13.16 -14.20
C ARG A 20 4.73 11.97 -14.82
N THR A 21 5.06 10.98 -14.01
CA THR A 21 5.75 9.79 -14.49
C THR A 21 4.85 8.97 -15.42
N LEU A 22 3.55 9.06 -15.19
CA LEU A 22 2.56 8.40 -16.06
C LEU A 22 2.69 8.89 -17.50
N ASN A 23 3.29 10.06 -17.68
CA ASN A 23 3.49 10.64 -19.01
C ASN A 23 4.96 10.54 -19.39
N LYS A 24 5.81 10.41 -18.39
CA LYS A 24 7.24 10.53 -18.59
C LYS A 24 7.92 9.17 -18.72
N LEU A 25 7.13 8.10 -18.79
CA LEU A 25 7.71 6.78 -18.97
C LEU A 25 8.28 6.63 -20.38
N LYS A 26 9.50 6.15 -20.46
CA LYS A 26 10.17 5.98 -21.74
C LYS A 26 10.32 4.51 -22.11
N SER A 27 9.63 4.11 -23.16
CA SER A 27 9.74 2.76 -23.68
C SER A 27 10.42 2.79 -25.05
N SER B 1 5.52 4.42 41.03
CA SER B 1 4.37 3.65 40.53
C SER B 1 3.40 4.54 39.78
N ASN B 2 2.56 3.92 38.96
CA ASN B 2 1.55 4.63 38.20
C ASN B 2 0.19 4.02 38.49
N ALA B 3 -0.84 4.86 38.53
CA ALA B 3 -2.20 4.40 38.80
C ALA B 3 -2.72 3.54 37.66
N GLU B 4 -3.90 2.95 37.84
CA GLU B 4 -4.44 2.02 36.86
C GLU B 4 -4.97 2.74 35.62
N HIS B 5 -4.75 4.05 35.54
CA HIS B 5 -5.09 4.81 34.34
C HIS B 5 -3.91 4.75 33.36
N ILE B 6 -3.44 3.55 33.12
CA ILE B 6 -2.31 3.33 32.22
C ILE B 6 -2.76 3.49 30.78
N TYR B 7 -2.44 4.62 30.18
CA TYR B 7 -2.87 4.90 28.82
C TYR B 7 -1.93 4.23 27.84
N ARG B 8 -2.51 3.50 26.91
CA ARG B 8 -1.77 2.81 25.88
C ARG B 8 -2.31 3.21 24.51
N CYS B 9 -1.62 2.84 23.45
CA CYS B 9 -2.08 3.11 22.11
C CYS B 9 -3.33 2.29 21.81
N GLU B 10 -4.45 2.97 21.60
CA GLU B 10 -5.74 2.32 21.46
C GLU B 10 -5.85 1.56 20.15
N ASP B 11 -5.84 2.28 19.03
CA ASP B 11 -6.13 1.71 17.73
C ASP B 11 -4.87 1.56 16.90
N GLU B 12 -3.73 1.64 17.55
CA GLU B 12 -2.45 1.67 16.87
C GLU B 12 -2.15 0.33 16.27
N ARG B 13 -2.00 -0.66 17.13
CA ARG B 13 -1.70 -2.01 16.68
C ARG B 13 -2.85 -2.56 15.85
N PHE B 14 -4.06 -2.18 16.23
CA PHE B 14 -5.26 -2.61 15.51
C PHE B 14 -5.16 -2.22 14.05
N GLU B 15 -4.94 -0.93 13.81
CA GLU B 15 -4.84 -0.44 12.45
C GLU B 15 -3.57 -0.95 11.78
N LEU B 16 -2.53 -1.19 12.57
CA LEU B 16 -1.26 -1.67 12.03
C LEU B 16 -1.43 -3.08 11.45
N ASP B 17 -2.14 -3.93 12.17
CA ASP B 17 -2.37 -5.28 11.70
C ASP B 17 -3.28 -5.26 10.49
N VAL B 18 -4.31 -4.41 10.54
CA VAL B 18 -5.23 -4.26 9.43
C VAL B 18 -4.54 -3.71 8.18
N VAL B 19 -3.74 -2.64 8.35
CA VAL B 19 -3.08 -2.00 7.22
C VAL B 19 -2.06 -2.95 6.59
N LEU B 20 -1.37 -3.74 7.41
CA LEU B 20 -0.42 -4.70 6.88
C LEU B 20 -1.13 -5.79 6.09
N GLU B 21 -2.28 -6.24 6.57
CA GLU B 21 -3.10 -7.21 5.85
C GLU B 21 -3.55 -6.62 4.51
N THR B 22 -4.07 -5.40 4.57
CA THR B 22 -4.52 -4.69 3.39
C THR B 22 -3.36 -4.47 2.41
N ASN B 23 -2.21 -4.13 2.97
CA ASN B 23 -1.00 -3.90 2.19
C ASN B 23 -0.62 -5.14 1.40
N LEU B 24 -0.36 -6.24 2.12
CA LEU B 24 0.09 -7.49 1.50
C LEU B 24 -0.86 -7.97 0.42
N ALA B 25 -2.17 -7.86 0.66
CA ALA B 25 -3.16 -8.28 -0.32
C ALA B 25 -3.02 -7.48 -1.62
N THR B 26 -2.98 -6.16 -1.48
CA THR B 26 -2.84 -5.27 -2.62
C THR B 26 -1.46 -5.44 -3.27
N ILE B 27 -0.45 -5.67 -2.45
CA ILE B 27 0.89 -5.96 -2.95
C ILE B 27 0.86 -7.19 -3.86
N ARG B 28 0.36 -8.30 -3.32
CA ARG B 28 0.34 -9.57 -4.05
C ARG B 28 -0.38 -9.46 -5.38
N VAL B 29 -1.55 -8.81 -5.39
CA VAL B 29 -2.31 -8.71 -6.62
C VAL B 29 -1.54 -7.87 -7.66
N LEU B 30 -0.94 -6.77 -7.23
CA LEU B 30 -0.19 -5.91 -8.14
C LEU B 30 1.11 -6.57 -8.61
N GLU B 31 1.76 -7.32 -7.72
CA GLU B 31 2.96 -8.07 -8.09
C GLU B 31 2.63 -9.03 -9.22
N ALA B 32 1.48 -9.69 -9.11
CA ALA B 32 1.01 -10.60 -10.14
C ALA B 32 0.75 -9.84 -11.44
N ILE B 33 0.13 -8.67 -11.33
CA ILE B 33 -0.19 -7.86 -12.50
C ILE B 33 1.08 -7.45 -13.25
N GLN B 34 2.02 -6.82 -12.54
CA GLN B 34 3.26 -6.36 -13.18
C GLN B 34 4.03 -7.54 -13.76
N LYS B 35 3.98 -8.67 -13.07
CA LYS B 35 4.64 -9.89 -13.53
C LYS B 35 4.06 -10.33 -14.87
N LYS B 36 2.74 -10.36 -14.97
CA LYS B 36 2.07 -10.75 -16.20
C LYS B 36 2.28 -9.71 -17.29
N LEU B 37 2.47 -8.46 -16.90
CA LEU B 37 2.73 -7.39 -17.84
C LEU B 37 4.15 -7.50 -18.40
N SER B 38 5.15 -7.22 -17.55
CA SER B 38 6.54 -7.21 -17.95
C SER B 38 6.76 -6.25 -19.13
N ARG B 39 5.96 -5.17 -19.15
CA ARG B 39 5.97 -4.18 -20.22
C ARG B 39 5.41 -4.75 -21.51
N LEU B 40 4.13 -4.50 -21.74
CA LEU B 40 3.44 -4.97 -22.94
C LEU B 40 3.07 -3.80 -23.83
N SER B 41 2.77 -4.09 -25.09
CA SER B 41 2.31 -3.07 -26.03
C SER B 41 0.85 -2.72 -25.73
N ALA B 42 0.38 -1.59 -26.26
CA ALA B 42 -0.97 -1.12 -26.02
C ALA B 42 -2.01 -2.18 -26.39
N GLU B 43 -1.71 -2.95 -27.43
CA GLU B 43 -2.59 -4.02 -27.89
C GLU B 43 -2.67 -5.13 -26.86
N GLU B 44 -1.53 -5.44 -26.25
CA GLU B 44 -1.45 -6.48 -25.23
C GLU B 44 -2.06 -5.97 -23.91
N GLN B 45 -1.91 -4.67 -23.69
CA GLN B 45 -2.49 -4.01 -22.52
C GLN B 45 -4.01 -4.05 -22.61
N ALA B 46 -4.53 -4.00 -23.82
CA ALA B 46 -5.96 -4.08 -24.05
C ALA B 46 -6.47 -5.48 -23.70
N LYS B 47 -5.58 -6.46 -23.80
CA LYS B 47 -5.91 -7.84 -23.47
C LYS B 47 -5.90 -8.03 -21.95
N PHE B 48 -4.77 -7.69 -21.33
CA PHE B 48 -4.67 -7.78 -19.89
C PHE B 48 -4.59 -6.38 -19.29
N ARG B 49 -5.71 -5.94 -18.72
CA ARG B 49 -5.80 -4.60 -18.19
C ARG B 49 -6.48 -4.62 -16.83
N LEU B 50 -6.39 -3.53 -16.09
CA LEU B 50 -7.04 -3.43 -14.80
C LEU B 50 -8.52 -3.11 -14.99
N ASP B 51 -9.34 -4.14 -14.95
CA ASP B 51 -10.78 -3.97 -15.09
C ASP B 51 -11.50 -4.75 -13.99
N ASN B 52 -11.64 -6.06 -14.20
CA ASN B 52 -12.24 -6.93 -13.19
C ASN B 52 -11.14 -7.66 -12.43
N THR B 53 -9.90 -7.29 -12.72
CA THR B 53 -8.74 -7.91 -12.11
C THR B 53 -8.42 -7.28 -10.75
N LEU B 54 -8.70 -5.99 -10.63
CA LEU B 54 -8.43 -5.26 -9.38
C LEU B 54 -9.73 -5.08 -8.59
N GLY B 55 -10.85 -5.03 -9.30
CA GLY B 55 -12.14 -4.88 -8.65
C GLY B 55 -12.77 -6.23 -8.36
N GLY B 56 -13.98 -6.22 -7.82
CA GLY B 56 -14.67 -7.46 -7.52
C GLY B 56 -14.79 -7.72 -6.03
N THR B 57 -14.37 -8.91 -5.62
CA THR B 57 -14.51 -9.32 -4.23
C THR B 57 -13.53 -8.62 -3.30
N SER B 58 -12.26 -8.52 -3.71
CA SER B 58 -11.24 -7.88 -2.89
C SER B 58 -11.08 -6.41 -3.26
N GLU B 59 -12.11 -5.87 -3.88
CA GLU B 59 -12.09 -4.50 -4.38
C GLU B 59 -11.88 -3.50 -3.24
N VAL B 60 -12.64 -3.67 -2.17
CA VAL B 60 -12.62 -2.75 -1.04
C VAL B 60 -11.21 -2.55 -0.47
N ILE B 61 -10.47 -3.65 -0.27
CA ILE B 61 -9.16 -3.56 0.34
C ILE B 61 -8.15 -2.93 -0.60
N HIS B 62 -8.28 -3.20 -1.90
CA HIS B 62 -7.35 -2.63 -2.85
C HIS B 62 -7.59 -1.13 -2.96
N ARG B 63 -8.86 -0.76 -3.00
CA ARG B 63 -9.28 0.63 -3.04
C ARG B 63 -8.81 1.35 -1.79
N LYS B 64 -9.07 0.74 -0.64
CA LYS B 64 -8.74 1.32 0.65
C LYS B 64 -7.24 1.54 0.79
N ALA B 65 -6.45 0.60 0.26
CA ALA B 65 -5.00 0.72 0.33
C ALA B 65 -4.52 1.90 -0.50
N LEU B 66 -5.05 2.02 -1.72
CA LEU B 66 -4.67 3.10 -2.61
C LEU B 66 -5.18 4.44 -2.09
N GLN B 67 -6.32 4.42 -1.41
CA GLN B 67 -6.88 5.64 -0.83
C GLN B 67 -6.07 6.10 0.38
N ARG B 68 -5.43 5.16 1.06
CA ARG B 68 -4.64 5.50 2.24
C ARG B 68 -3.33 6.19 1.85
N ILE B 69 -2.80 5.86 0.69
CA ILE B 69 -1.55 6.48 0.24
C ILE B 69 -1.81 7.61 -0.76
N TYR B 70 -2.78 7.41 -1.64
CA TYR B 70 -3.09 8.39 -2.67
C TYR B 70 -4.48 8.98 -2.46
N ALA B 71 -4.83 9.23 -1.21
CA ALA B 71 -6.13 9.84 -0.88
C ALA B 71 -6.50 11.01 -1.79
N ASP B 72 -5.50 11.81 -2.15
CA ASP B 72 -5.74 13.01 -2.95
C ASP B 72 -5.98 12.67 -4.42
N LYS B 73 -5.19 11.76 -4.96
CA LYS B 73 -5.25 11.46 -6.38
C LYS B 73 -5.59 9.99 -6.64
N ALA B 74 -6.42 9.42 -5.77
CA ALA B 74 -6.79 8.02 -5.88
C ALA B 74 -7.47 7.73 -7.22
N ALA B 75 -8.40 8.60 -7.60
CA ALA B 75 -9.17 8.42 -8.83
C ALA B 75 -8.27 8.54 -10.05
N ASP B 76 -7.29 9.44 -9.96
CA ASP B 76 -6.37 9.68 -11.06
C ASP B 76 -5.47 8.47 -11.28
N ILE B 77 -5.01 7.88 -10.18
CA ILE B 77 -4.18 6.69 -10.26
C ILE B 77 -5.01 5.48 -10.71
N ILE B 78 -6.23 5.37 -10.20
CA ILE B 78 -7.15 4.33 -10.64
C ILE B 78 -7.37 4.42 -12.15
N ASP B 79 -7.62 5.64 -12.62
CA ASP B 79 -7.79 5.89 -14.04
C ASP B 79 -6.52 5.55 -14.81
N GLY B 80 -5.38 5.92 -14.24
CA GLY B 80 -4.10 5.63 -14.84
C GLY B 80 -3.87 4.13 -14.99
N LEU B 81 -4.20 3.37 -13.95
CA LEU B 81 -4.08 1.92 -13.98
C LEU B 81 -4.91 1.31 -15.12
N ARG B 82 -6.13 1.81 -15.28
CA ARG B 82 -7.01 1.31 -16.33
C ARG B 82 -6.58 1.79 -17.70
N LYS B 83 -5.88 2.91 -17.72
CA LYS B 83 -5.47 3.53 -18.97
C LYS B 83 -4.23 2.86 -19.54
N ASN B 84 -3.21 2.70 -18.72
CA ASN B 84 -1.98 2.06 -19.17
C ASN B 84 -1.32 1.31 -18.01
N PRO B 85 -1.55 0.00 -17.93
CA PRO B 85 -0.99 -0.85 -16.88
C PRO B 85 0.52 -0.95 -16.96
N SER B 86 1.06 -0.76 -18.14
CA SER B 86 2.50 -0.89 -18.33
C SER B 86 3.22 0.34 -17.78
N ILE B 87 2.46 1.35 -17.42
CA ILE B 87 3.03 2.54 -16.79
C ILE B 87 2.70 2.59 -15.31
N ALA B 88 1.43 2.73 -14.98
CA ALA B 88 1.01 2.96 -13.60
C ALA B 88 1.33 1.80 -12.67
N VAL B 89 1.09 0.58 -13.13
CA VAL B 89 1.26 -0.61 -12.28
C VAL B 89 2.68 -0.69 -11.68
N PRO B 90 3.74 -0.65 -12.49
CA PRO B 90 5.12 -0.66 -11.98
C PRO B 90 5.39 0.45 -10.97
N ILE B 91 4.88 1.64 -11.25
CA ILE B 91 5.13 2.80 -10.39
C ILE B 91 4.33 2.70 -9.09
N VAL B 92 3.05 2.43 -9.22
CA VAL B 92 2.15 2.35 -8.07
C VAL B 92 2.57 1.20 -7.15
N LEU B 93 3.07 0.14 -7.75
CA LEU B 93 3.60 -0.99 -7.00
C LEU B 93 4.89 -0.56 -6.29
N LYS B 94 5.70 0.23 -6.98
CA LYS B 94 6.94 0.75 -6.43
C LYS B 94 6.65 1.54 -5.16
N ARG B 95 5.60 2.36 -5.22
CA ARG B 95 5.16 3.15 -4.08
C ARG B 95 4.73 2.24 -2.93
N LEU B 96 3.92 1.23 -3.27
CA LEU B 96 3.36 0.32 -2.28
C LEU B 96 4.43 -0.58 -1.68
N LYS B 97 5.43 -0.95 -2.49
CA LYS B 97 6.51 -1.80 -2.01
C LYS B 97 7.42 -1.01 -1.07
N MET B 98 7.60 0.27 -1.39
CA MET B 98 8.33 1.18 -0.52
C MET B 98 7.56 1.32 0.80
N LYS B 99 6.25 1.37 0.69
CA LYS B 99 5.40 1.49 1.86
C LYS B 99 5.39 0.18 2.64
N GLU B 100 5.53 -0.94 1.94
CA GLU B 100 5.67 -2.24 2.59
C GLU B 100 6.87 -2.21 3.52
N GLU B 101 7.99 -1.74 3.01
CA GLU B 101 9.20 -1.57 3.80
C GLU B 101 8.91 -0.73 5.04
N GLU B 102 8.26 0.41 4.84
CA GLU B 102 7.92 1.30 5.94
C GLU B 102 7.01 0.60 6.95
N TRP B 103 5.95 -0.01 6.46
CA TRP B 103 4.97 -0.66 7.33
C TRP B 103 5.57 -1.86 8.05
N ARG B 104 6.50 -2.56 7.41
CA ARG B 104 7.18 -3.67 8.05
C ARG B 104 8.03 -3.17 9.21
N GLU B 105 8.68 -2.03 9.01
CA GLU B 105 9.49 -1.42 10.06
C GLU B 105 8.61 -0.97 11.23
N ALA B 106 7.42 -0.48 10.91
CA ALA B 106 6.47 -0.11 11.94
C ALA B 106 5.92 -1.35 12.62
N GLN B 107 5.59 -2.35 11.82
CA GLN B 107 5.03 -3.61 12.32
C GLN B 107 6.04 -4.32 13.21
N ARG B 108 7.32 -4.25 12.85
CA ARG B 108 8.36 -4.92 13.61
C ARG B 108 8.64 -4.19 14.93
N GLY B 109 8.18 -2.94 15.00
CA GLY B 109 8.34 -2.19 16.23
C GLY B 109 7.19 -2.42 17.17
N PHE B 110 5.97 -2.29 16.67
CA PHE B 110 4.78 -2.46 17.48
C PHE B 110 4.29 -3.90 17.48
N ASN B 111 3.88 -4.39 16.31
CA ASN B 111 3.13 -5.64 16.19
C ASN B 111 3.97 -6.88 16.52
N LYS B 112 5.08 -7.06 15.82
CA LYS B 112 5.86 -8.29 15.99
C LYS B 112 6.55 -8.29 17.34
N VAL B 113 6.88 -7.11 17.85
CA VAL B 113 7.41 -6.98 19.20
C VAL B 113 6.35 -7.35 20.21
N TRP B 114 5.12 -6.86 20.00
CA TRP B 114 3.99 -7.21 20.84
C TRP B 114 3.87 -8.72 20.95
N ARG B 115 4.05 -9.40 19.82
CA ARG B 115 3.98 -10.86 19.79
C ARG B 115 5.11 -11.49 20.60
N GLU B 116 6.37 -11.20 20.24
CA GLU B 116 7.50 -11.87 20.89
C GLU B 116 7.65 -11.43 22.35
N GLN B 117 7.09 -10.27 22.67
CA GLN B 117 7.11 -9.76 24.04
C GLN B 117 5.97 -10.39 24.83
N ASN B 118 4.87 -10.69 24.13
CA ASN B 118 3.75 -11.40 24.73
C ASN B 118 4.16 -12.82 25.05
N GLU B 119 4.94 -13.42 24.15
CA GLU B 119 5.49 -14.75 24.35
C GLU B 119 6.16 -14.86 25.71
N LYS B 120 7.25 -14.13 25.86
CA LYS B 120 8.01 -14.13 27.10
C LYS B 120 8.65 -12.76 27.32
N TYR B 121 9.01 -12.49 28.56
CA TYR B 121 9.62 -11.22 28.93
C TYR B 121 10.54 -11.43 30.12
N TYR B 122 10.61 -12.67 30.57
CA TYR B 122 11.41 -13.01 31.74
C TYR B 122 12.67 -13.76 31.31
N LEU B 123 13.82 -13.10 31.47
CA LEU B 123 15.10 -13.65 31.04
C LEU B 123 15.13 -13.86 29.53
N LYS B 124 16.26 -14.34 29.02
CA LYS B 124 16.37 -14.67 27.61
C LYS B 124 15.65 -15.98 27.34
N SER B 125 15.79 -16.92 28.29
CA SER B 125 15.15 -18.23 28.20
C SER B 125 15.65 -19.00 26.98
N SER A 1 14.51 9.04 14.62
CA SER A 1 13.81 8.58 15.83
C SER A 1 13.27 7.16 15.65
N ASN A 2 13.07 6.45 16.74
CA ASN A 2 12.56 5.08 16.68
C ASN A 2 11.16 4.99 17.28
N ALA A 3 10.39 6.05 17.12
CA ALA A 3 9.05 6.14 17.69
C ALA A 3 8.00 5.56 16.74
N ALA A 4 8.47 4.83 15.73
CA ALA A 4 7.60 4.20 14.73
C ALA A 4 6.94 5.24 13.84
N GLN A 5 7.49 5.41 12.64
CA GLN A 5 7.00 6.42 11.71
C GLN A 5 5.80 5.89 10.94
N LEU A 6 4.62 6.37 11.30
CA LEU A 6 3.40 5.99 10.59
C LEU A 6 3.03 7.03 9.55
N ASN A 7 3.37 6.76 8.29
CA ASN A 7 3.00 7.63 7.20
C ASN A 7 1.93 6.97 6.34
N TYR A 8 0.66 7.22 6.68
CA TYR A 8 -0.43 6.67 5.88
C TYR A 8 -0.46 7.34 4.52
N LEU A 9 -0.24 8.65 4.51
CA LEU A 9 -0.29 9.43 3.29
C LEU A 9 1.07 9.49 2.61
N LEU A 10 1.07 9.77 1.31
CA LEU A 10 2.29 10.09 0.59
C LEU A 10 2.40 11.60 0.43
N THR A 11 3.62 12.09 0.26
CA THR A 11 3.83 13.49 0.02
C THR A 11 3.31 13.87 -1.37
N ASP A 12 2.64 15.01 -1.46
CA ASP A 12 1.99 15.43 -2.70
C ASP A 12 3.03 15.66 -3.80
N GLU A 13 4.26 15.92 -3.40
CA GLU A 13 5.37 16.05 -4.34
C GLU A 13 5.58 14.74 -5.09
N GLN A 14 5.75 13.65 -4.35
CA GLN A 14 5.94 12.34 -4.94
C GLN A 14 4.73 11.96 -5.78
N ILE A 15 3.55 12.21 -5.22
CA ILE A 15 2.30 11.93 -5.92
C ILE A 15 2.25 12.67 -7.25
N MET A 16 2.59 13.94 -7.24
CA MET A 16 2.57 14.74 -8.46
C MET A 16 3.67 14.28 -9.42
N GLU A 17 4.77 13.79 -8.87
CA GLU A 17 5.88 13.28 -9.67
C GLU A 17 5.41 12.14 -10.57
N ASP A 18 4.79 11.13 -9.98
CA ASP A 18 4.32 9.99 -10.76
C ASP A 18 3.01 10.34 -11.48
N LEU A 19 2.23 11.23 -10.89
CA LEU A 19 1.01 11.74 -11.52
C LEU A 19 1.32 12.27 -12.92
N ARG A 20 2.39 13.05 -13.03
CA ARG A 20 2.84 13.55 -14.32
C ARG A 20 3.42 12.41 -15.16
N THR A 21 4.21 11.57 -14.53
CA THR A 21 4.89 10.47 -15.21
C THR A 21 3.89 9.50 -15.86
N LEU A 22 2.72 9.31 -15.25
CA LEU A 22 1.69 8.42 -15.80
C LEU A 22 1.18 8.93 -17.15
N ASN A 23 1.46 10.20 -17.44
CA ASN A 23 1.06 10.82 -18.70
C ASN A 23 2.27 11.09 -19.57
N LYS A 24 3.33 11.60 -18.95
CA LYS A 24 4.52 12.04 -19.66
C LYS A 24 5.55 10.93 -19.81
N LEU A 25 5.14 9.69 -19.62
CA LEU A 25 6.02 8.56 -19.86
C LEU A 25 6.18 8.36 -21.35
N LYS A 26 7.27 8.86 -21.90
CA LYS A 26 7.54 8.73 -23.32
C LYS A 26 7.99 7.33 -23.67
N SER A 27 7.32 6.74 -24.64
CA SER A 27 7.63 5.40 -25.11
C SER A 27 7.60 5.39 -26.63
N SER B 1 4.28 14.51 32.07
CA SER B 1 4.78 13.34 31.33
C SER B 1 5.52 13.77 30.07
N ASN B 2 4.77 14.28 29.09
CA ASN B 2 5.38 14.62 27.82
C ASN B 2 4.81 15.94 27.28
N ALA B 3 5.58 16.56 26.40
CA ALA B 3 5.14 17.75 25.70
C ALA B 3 5.04 17.47 24.22
N GLU B 4 5.32 16.22 23.86
CA GLU B 4 5.35 15.81 22.47
C GLU B 4 3.96 15.39 22.01
N HIS B 5 3.07 15.22 22.98
CA HIS B 5 1.74 14.66 22.76
C HIS B 5 1.86 13.22 22.26
N ILE B 6 1.90 12.29 23.20
CA ILE B 6 1.93 10.88 22.84
C ILE B 6 0.60 10.49 22.24
N TYR B 7 0.61 10.19 20.95
CA TYR B 7 -0.60 9.81 20.24
C TYR B 7 -1.00 8.40 20.62
N ARG B 8 -1.67 8.28 21.76
CA ARG B 8 -2.11 6.97 22.22
C ARG B 8 -3.58 6.76 21.90
N CYS B 9 -3.80 5.98 20.87
CA CYS B 9 -5.14 5.58 20.50
C CYS B 9 -5.41 4.21 21.11
N GLU B 10 -4.33 3.46 21.27
CA GLU B 10 -4.36 2.10 21.84
C GLU B 10 -5.20 1.18 20.95
N ASP B 11 -5.36 1.61 19.71
CA ASP B 11 -6.05 0.82 18.69
C ASP B 11 -5.27 0.89 17.39
N GLU B 12 -4.05 1.45 17.46
CA GLU B 12 -3.23 1.65 16.29
C GLU B 12 -2.76 0.32 15.77
N ARG B 13 -2.26 -0.51 16.67
CA ARG B 13 -1.73 -1.81 16.32
C ARG B 13 -2.77 -2.66 15.59
N PHE B 14 -4.02 -2.55 16.03
CA PHE B 14 -5.11 -3.26 15.38
C PHE B 14 -5.22 -2.80 13.93
N GLU B 15 -5.22 -1.49 13.74
CA GLU B 15 -5.26 -0.91 12.42
C GLU B 15 -3.99 -1.26 11.64
N LEU B 16 -2.88 -1.40 12.34
CA LEU B 16 -1.60 -1.74 11.72
C LEU B 16 -1.64 -3.14 11.13
N ASP B 17 -2.26 -4.06 11.84
CA ASP B 17 -2.41 -5.42 11.34
C ASP B 17 -3.31 -5.41 10.11
N VAL B 18 -4.40 -4.65 10.21
CA VAL B 18 -5.34 -4.51 9.10
C VAL B 18 -4.67 -3.88 7.88
N VAL B 19 -4.04 -2.72 8.06
CA VAL B 19 -3.44 -1.99 6.94
C VAL B 19 -2.30 -2.80 6.30
N LEU B 20 -1.50 -3.48 7.12
CA LEU B 20 -0.41 -4.29 6.59
C LEU B 20 -0.94 -5.44 5.76
N GLU B 21 -1.99 -6.09 6.25
CA GLU B 21 -2.58 -7.22 5.55
C GLU B 21 -3.32 -6.74 4.30
N THR B 22 -3.98 -5.58 4.42
CA THR B 22 -4.62 -4.95 3.28
C THR B 22 -3.58 -4.59 2.22
N ASN B 23 -2.48 -4.01 2.67
CA ASN B 23 -1.36 -3.69 1.80
C ASN B 23 -0.81 -4.96 1.17
N LEU B 24 -0.67 -6.00 1.96
CA LEU B 24 -0.11 -7.27 1.51
C LEU B 24 -0.94 -7.83 0.35
N ALA B 25 -2.26 -7.85 0.52
CA ALA B 25 -3.15 -8.35 -0.52
C ALA B 25 -3.00 -7.52 -1.80
N THR B 26 -2.91 -6.21 -1.64
CA THR B 26 -2.72 -5.32 -2.78
C THR B 26 -1.32 -5.50 -3.38
N ILE B 27 -0.35 -5.74 -2.52
CA ILE B 27 1.01 -6.06 -2.93
C ILE B 27 1.02 -7.28 -3.84
N ARG B 28 0.32 -8.34 -3.42
CA ARG B 28 0.32 -9.59 -4.15
C ARG B 28 -0.36 -9.47 -5.50
N VAL B 29 -1.52 -8.81 -5.52
CA VAL B 29 -2.28 -8.67 -6.76
C VAL B 29 -1.50 -7.85 -7.79
N LEU B 30 -0.86 -6.76 -7.35
CA LEU B 30 -0.11 -5.92 -8.25
C LEU B 30 1.14 -6.63 -8.77
N GLU B 31 1.83 -7.35 -7.90
CA GLU B 31 3.00 -8.12 -8.32
C GLU B 31 2.57 -9.21 -9.31
N ALA B 32 1.40 -9.78 -9.07
CA ALA B 32 0.85 -10.81 -9.94
C ALA B 32 0.56 -10.24 -11.32
N ILE B 33 -0.16 -9.13 -11.35
CA ILE B 33 -0.47 -8.44 -12.60
C ILE B 33 0.81 -8.04 -13.31
N GLN B 34 1.76 -7.50 -12.55
CA GLN B 34 3.06 -7.10 -13.09
C GLN B 34 3.73 -8.27 -13.80
N LYS B 35 3.67 -9.45 -13.18
CA LYS B 35 4.32 -10.63 -13.73
C LYS B 35 3.57 -11.16 -14.94
N LYS B 36 2.25 -11.03 -14.91
CA LYS B 36 1.42 -11.44 -16.05
C LYS B 36 1.61 -10.49 -17.21
N LEU B 37 1.92 -9.24 -16.89
CA LEU B 37 2.23 -8.24 -17.89
C LEU B 37 3.59 -8.53 -18.52
N SER B 38 4.64 -8.45 -17.71
CA SER B 38 6.02 -8.61 -18.18
C SER B 38 6.27 -7.74 -19.40
N ARG B 39 5.69 -6.54 -19.39
CA ARG B 39 5.78 -5.59 -20.49
C ARG B 39 5.04 -6.10 -21.71
N LEU B 40 3.73 -5.89 -21.74
CA LEU B 40 2.91 -6.26 -22.87
C LEU B 40 2.87 -5.13 -23.89
N SER B 41 2.62 -5.49 -25.14
CA SER B 41 2.48 -4.50 -26.20
C SER B 41 1.14 -3.78 -26.03
N ALA B 42 0.96 -2.68 -26.76
CA ALA B 42 -0.27 -1.90 -26.65
C ALA B 42 -1.48 -2.72 -27.05
N GLU B 43 -1.35 -3.48 -28.14
CA GLU B 43 -2.42 -4.34 -28.62
C GLU B 43 -2.71 -5.46 -27.63
N GLU B 44 -1.70 -5.86 -26.87
CA GLU B 44 -1.87 -6.89 -25.85
C GLU B 44 -2.57 -6.30 -24.63
N GLN B 45 -2.28 -5.04 -24.34
CA GLN B 45 -2.92 -4.33 -23.24
C GLN B 45 -4.36 -3.97 -23.58
N ALA B 46 -4.66 -3.95 -24.88
CA ALA B 46 -6.03 -3.76 -25.35
C ALA B 46 -6.82 -5.04 -25.15
N LYS B 47 -6.10 -6.15 -25.08
CA LYS B 47 -6.71 -7.45 -24.81
C LYS B 47 -6.78 -7.69 -23.32
N PHE B 48 -5.60 -7.70 -22.69
CA PHE B 48 -5.50 -7.94 -21.26
C PHE B 48 -5.24 -6.63 -20.52
N ARG B 49 -6.22 -6.20 -19.76
CA ARG B 49 -6.10 -4.98 -18.97
C ARG B 49 -6.55 -5.26 -17.54
N LEU B 50 -6.34 -4.30 -16.65
CA LEU B 50 -6.72 -4.47 -15.25
C LEU B 50 -8.22 -4.24 -15.06
N ASP B 51 -9.01 -5.11 -15.67
CA ASP B 51 -10.46 -5.06 -15.56
C ASP B 51 -10.95 -6.23 -14.73
N ASN B 52 -11.74 -5.93 -13.71
CA ASN B 52 -12.36 -6.95 -12.85
C ASN B 52 -11.32 -7.66 -11.98
N THR B 53 -10.09 -7.17 -12.00
CA THR B 53 -9.01 -7.77 -11.23
C THR B 53 -8.80 -7.04 -9.91
N LEU B 54 -8.91 -5.72 -9.94
CA LEU B 54 -8.77 -4.91 -8.74
C LEU B 54 -10.14 -4.45 -8.26
N GLY B 55 -11.17 -4.81 -9.01
CA GLY B 55 -12.52 -4.43 -8.67
C GLY B 55 -13.33 -5.61 -8.19
N GLY B 56 -14.53 -5.33 -7.69
CA GLY B 56 -15.39 -6.39 -7.19
C GLY B 56 -15.44 -6.43 -5.67
N THR B 57 -15.13 -7.58 -5.10
CA THR B 57 -15.17 -7.76 -3.66
C THR B 57 -13.85 -7.35 -3.04
N SER B 58 -12.75 -7.77 -3.67
CA SER B 58 -11.42 -7.42 -3.20
C SER B 58 -11.08 -5.98 -3.57
N GLU B 59 -12.04 -5.30 -4.19
CA GLU B 59 -11.90 -3.90 -4.58
C GLU B 59 -11.62 -3.04 -3.37
N VAL B 60 -12.48 -3.17 -2.35
CA VAL B 60 -12.37 -2.36 -1.13
C VAL B 60 -10.97 -2.48 -0.51
N ILE B 61 -10.39 -3.66 -0.64
CA ILE B 61 -9.06 -3.91 -0.10
C ILE B 61 -8.01 -3.10 -0.84
N HIS B 62 -7.94 -3.28 -2.15
CA HIS B 62 -6.91 -2.63 -2.95
C HIS B 62 -7.16 -1.14 -3.03
N ARG B 63 -8.44 -0.78 -3.11
CA ARG B 63 -8.85 0.61 -3.15
C ARG B 63 -8.41 1.34 -1.90
N LYS B 64 -8.76 0.77 -0.74
CA LYS B 64 -8.45 1.38 0.54
C LYS B 64 -6.96 1.56 0.74
N ALA B 65 -6.18 0.53 0.39
CA ALA B 65 -4.74 0.57 0.54
C ALA B 65 -4.14 1.69 -0.31
N LEU B 66 -4.58 1.80 -1.55
CA LEU B 66 -4.02 2.79 -2.46
C LEU B 66 -4.55 4.19 -2.14
N GLN B 67 -5.82 4.27 -1.75
CA GLN B 67 -6.41 5.54 -1.35
C GLN B 67 -5.78 6.08 -0.08
N ARG B 68 -5.22 5.18 0.72
CA ARG B 68 -4.56 5.57 1.96
C ARG B 68 -3.33 6.44 1.66
N ILE B 69 -2.46 5.94 0.79
CA ILE B 69 -1.23 6.66 0.47
C ILE B 69 -1.46 7.79 -0.52
N TYR B 70 -2.32 7.55 -1.50
CA TYR B 70 -2.60 8.53 -2.53
C TYR B 70 -3.88 9.29 -2.25
N ALA B 71 -4.20 9.48 -0.98
CA ALA B 71 -5.45 10.13 -0.56
C ALA B 71 -5.76 11.41 -1.34
N ASP B 72 -4.73 12.17 -1.68
CA ASP B 72 -4.93 13.47 -2.33
C ASP B 72 -5.20 13.34 -3.84
N LYS B 73 -4.91 12.17 -4.41
CA LYS B 73 -5.02 12.00 -5.86
C LYS B 73 -5.31 10.53 -6.20
N ALA B 74 -6.07 9.87 -5.33
CA ALA B 74 -6.31 8.44 -5.44
C ALA B 74 -7.03 8.08 -6.73
N ALA B 75 -8.04 8.86 -7.08
CA ALA B 75 -8.87 8.59 -8.24
C ALA B 75 -8.05 8.52 -9.53
N ASP B 76 -7.05 9.39 -9.64
CA ASP B 76 -6.27 9.49 -10.86
C ASP B 76 -5.22 8.39 -10.92
N ILE B 77 -4.79 7.93 -9.75
CA ILE B 77 -3.80 6.87 -9.66
C ILE B 77 -4.42 5.51 -9.86
N ILE B 78 -5.55 5.27 -9.20
CA ILE B 78 -6.26 4.00 -9.33
C ILE B 78 -6.75 3.82 -10.75
N ASP B 79 -7.17 4.92 -11.37
CA ASP B 79 -7.54 4.90 -12.77
C ASP B 79 -6.29 4.74 -13.64
N GLY B 80 -5.16 5.17 -13.08
CA GLY B 80 -3.88 5.02 -13.76
C GLY B 80 -3.57 3.58 -14.10
N LEU B 81 -3.80 2.69 -13.13
CA LEU B 81 -3.52 1.28 -13.28
C LEU B 81 -4.37 0.66 -14.40
N ARG B 82 -5.59 1.15 -14.55
CA ARG B 82 -6.48 0.65 -15.59
C ARG B 82 -6.21 1.37 -16.91
N LYS B 83 -5.72 2.59 -16.79
CA LYS B 83 -5.44 3.44 -17.95
C LYS B 83 -4.24 2.91 -18.72
N ASN B 84 -3.09 2.90 -18.05
CA ASN B 84 -1.84 2.47 -18.67
C ASN B 84 -1.15 1.46 -17.77
N PRO B 85 -1.42 0.15 -17.95
CA PRO B 85 -0.84 -0.88 -17.09
C PRO B 85 0.68 -0.93 -17.16
N SER B 86 1.23 -0.87 -18.37
CA SER B 86 2.67 -0.93 -18.55
C SER B 86 3.35 0.36 -18.06
N ILE B 87 2.53 1.33 -17.65
CA ILE B 87 3.05 2.59 -17.13
C ILE B 87 2.84 2.67 -15.62
N ALA B 88 1.59 2.58 -15.20
CA ALA B 88 1.23 2.81 -13.80
C ALA B 88 1.62 1.63 -12.92
N VAL B 89 1.45 0.41 -13.40
CA VAL B 89 1.72 -0.77 -12.60
C VAL B 89 3.12 -0.74 -11.97
N PRO B 90 4.19 -0.55 -12.77
CA PRO B 90 5.55 -0.45 -12.23
C PRO B 90 5.71 0.71 -11.25
N ILE B 91 5.17 1.87 -11.60
CA ILE B 91 5.34 3.08 -10.80
C ILE B 91 4.56 2.99 -9.48
N VAL B 92 3.27 2.71 -9.59
CA VAL B 92 2.38 2.68 -8.44
C VAL B 92 2.78 1.55 -7.49
N LEU B 93 3.18 0.43 -8.06
CA LEU B 93 3.64 -0.71 -7.27
C LEU B 93 4.94 -0.36 -6.56
N LYS B 94 5.80 0.41 -7.22
CA LYS B 94 7.05 0.85 -6.61
C LYS B 94 6.78 1.71 -5.37
N ARG B 95 5.81 2.61 -5.49
CA ARG B 95 5.41 3.45 -4.36
C ARG B 95 4.85 2.60 -3.23
N LEU B 96 4.08 1.57 -3.62
CA LEU B 96 3.41 0.72 -2.67
C LEU B 96 4.42 -0.18 -1.96
N LYS B 97 5.50 -0.50 -2.67
CA LYS B 97 6.58 -1.27 -2.10
C LYS B 97 7.40 -0.43 -1.13
N MET B 98 7.52 0.86 -1.42
CA MET B 98 8.18 1.78 -0.50
C MET B 98 7.42 1.82 0.82
N LYS B 99 6.11 1.87 0.74
CA LYS B 99 5.27 1.90 1.93
C LYS B 99 5.12 0.52 2.55
N GLU B 100 5.23 -0.54 1.74
CA GLU B 100 5.27 -1.90 2.27
C GLU B 100 6.40 -2.00 3.27
N GLU B 101 7.56 -1.51 2.87
CA GLU B 101 8.74 -1.49 3.73
C GLU B 101 8.50 -0.65 4.97
N GLU B 102 7.97 0.56 4.77
CA GLU B 102 7.70 1.47 5.86
C GLU B 102 6.72 0.86 6.86
N TRP B 103 5.63 0.32 6.36
CA TRP B 103 4.62 -0.30 7.20
C TRP B 103 5.15 -1.57 7.85
N ARG B 104 6.09 -2.24 7.19
CA ARG B 104 6.70 -3.44 7.76
C ARG B 104 7.46 -3.07 9.03
N GLU B 105 8.24 -2.00 8.95
CA GLU B 105 8.94 -1.48 10.12
C GLU B 105 7.95 -0.92 11.14
N ALA B 106 6.85 -0.36 10.65
CA ALA B 106 5.81 0.17 11.52
C ALA B 106 5.16 -0.95 12.33
N GLN B 107 4.74 -2.01 11.66
CA GLN B 107 4.14 -3.15 12.33
C GLN B 107 5.17 -3.84 13.22
N ARG B 108 6.43 -3.76 12.83
CA ARG B 108 7.53 -4.31 13.61
C ARG B 108 7.61 -3.62 14.98
N GLY B 109 7.27 -2.34 15.00
CA GLY B 109 7.31 -1.58 16.24
C GLY B 109 6.12 -1.87 17.15
N PHE B 110 4.92 -1.89 16.59
CA PHE B 110 3.72 -2.08 17.39
C PHE B 110 3.37 -3.55 17.55
N ASN B 111 3.03 -4.19 16.44
CA ASN B 111 2.49 -5.55 16.48
C ASN B 111 3.54 -6.56 16.90
N LYS B 112 4.72 -6.48 16.30
CA LYS B 112 5.78 -7.44 16.58
C LYS B 112 6.20 -7.37 18.04
N VAL B 113 6.60 -6.18 18.48
CA VAL B 113 7.08 -5.98 19.85
C VAL B 113 6.01 -6.38 20.86
N TRP B 114 4.75 -6.06 20.57
CA TRP B 114 3.65 -6.46 21.45
C TRP B 114 3.62 -7.97 21.60
N ARG B 115 3.71 -8.69 20.50
CA ARG B 115 3.68 -10.14 20.52
C ARG B 115 4.92 -10.68 21.23
N GLU B 116 6.06 -10.08 20.96
CA GLU B 116 7.31 -10.46 21.61
C GLU B 116 7.16 -10.39 23.14
N GLN B 117 6.51 -9.34 23.61
CA GLN B 117 6.27 -9.16 25.04
C GLN B 117 5.15 -10.08 25.52
N ASN B 118 4.20 -10.35 24.64
CA ASN B 118 3.06 -11.20 24.98
C ASN B 118 3.48 -12.67 25.08
N GLU B 119 4.34 -13.11 24.18
CA GLU B 119 4.83 -14.48 24.20
C GLU B 119 5.88 -14.64 25.30
N LYS B 120 7.01 -13.95 25.12
CA LYS B 120 8.16 -14.06 26.02
C LYS B 120 8.62 -15.51 26.16
N TYR B 121 9.54 -15.74 27.10
CA TYR B 121 10.05 -17.08 27.36
C TYR B 121 10.36 -17.23 28.83
N TYR B 122 10.15 -18.43 29.34
CA TYR B 122 10.43 -18.73 30.74
C TYR B 122 11.58 -19.73 30.81
N LEU B 123 12.21 -19.82 31.98
CA LEU B 123 13.39 -20.65 32.13
C LEU B 123 13.10 -21.86 33.00
N LYS B 124 13.70 -22.98 32.63
CA LYS B 124 13.60 -24.20 33.43
C LYS B 124 14.93 -24.46 34.12
N SER B 125 15.97 -24.54 33.32
CA SER B 125 17.32 -24.68 33.81
C SER B 125 18.27 -23.90 32.91
N SER A 1 17.54 6.97 15.72
CA SER A 1 16.16 6.58 15.38
C SER A 1 15.21 6.96 16.50
N ASN A 2 14.31 7.88 16.22
CA ASN A 2 13.38 8.39 17.23
C ASN A 2 12.47 7.29 17.75
N ALA A 3 11.63 6.75 16.85
CA ALA A 3 10.67 5.71 17.21
C ALA A 3 10.01 5.16 15.95
N ALA A 4 9.04 4.27 16.12
CA ALA A 4 8.29 3.75 15.00
C ALA A 4 7.33 4.80 14.47
N GLN A 5 7.73 5.46 13.40
CA GLN A 5 6.93 6.51 12.79
C GLN A 5 5.81 5.89 11.95
N LEU A 6 4.57 6.18 12.31
CA LEU A 6 3.42 5.65 11.59
C LEU A 6 3.05 6.58 10.45
N ASN A 7 3.78 6.46 9.35
CA ASN A 7 3.53 7.25 8.16
C ASN A 7 2.62 6.47 7.22
N TYR A 8 1.40 6.92 7.06
CA TYR A 8 0.43 6.22 6.23
C TYR A 8 0.45 6.76 4.80
N LEU A 9 0.39 8.06 4.69
CA LEU A 9 0.32 8.72 3.38
C LEU A 9 1.70 8.89 2.77
N LEU A 10 1.72 9.27 1.51
CA LEU A 10 2.95 9.66 0.84
C LEU A 10 3.03 11.18 0.80
N THR A 11 4.12 11.70 0.28
CA THR A 11 4.25 13.13 0.13
C THR A 11 3.53 13.61 -1.12
N ASP A 12 2.96 14.80 -1.07
CA ASP A 12 2.25 15.38 -2.21
C ASP A 12 3.15 15.40 -3.42
N GLU A 13 4.43 15.65 -3.16
CA GLU A 13 5.46 15.66 -4.18
C GLU A 13 5.48 14.36 -4.97
N GLN A 14 5.60 13.24 -4.26
CA GLN A 14 5.69 11.92 -4.90
C GLN A 14 4.37 11.51 -5.52
N ILE A 15 3.26 11.88 -4.90
CA ILE A 15 1.94 11.56 -5.43
C ILE A 15 1.74 12.23 -6.80
N MET A 16 2.01 13.53 -6.84
CA MET A 16 1.89 14.28 -8.09
C MET A 16 2.96 13.82 -9.09
N GLU A 17 4.13 13.44 -8.58
CA GLU A 17 5.18 12.87 -9.41
C GLU A 17 4.67 11.62 -10.12
N ASP A 18 3.99 10.77 -9.39
CA ASP A 18 3.42 9.54 -9.94
C ASP A 18 2.50 9.88 -11.10
N LEU A 19 1.55 10.78 -10.84
CA LEU A 19 0.59 11.22 -11.85
C LEU A 19 1.31 11.77 -13.08
N ARG A 20 2.37 12.54 -12.86
CA ARG A 20 3.12 13.13 -13.95
C ARG A 20 3.89 12.06 -14.73
N THR A 21 4.43 11.09 -14.00
CA THR A 21 5.19 10.01 -14.61
C THR A 21 4.31 9.19 -15.55
N LEU A 22 3.03 9.08 -15.21
CA LEU A 22 2.06 8.42 -16.07
C LEU A 22 1.98 9.11 -17.43
N ASN A 23 2.13 10.43 -17.42
CA ASN A 23 2.01 11.23 -18.63
C ASN A 23 3.35 11.34 -19.37
N LYS A 24 4.43 10.99 -18.68
CA LYS A 24 5.77 11.04 -19.28
C LYS A 24 5.90 10.03 -20.40
N LEU A 25 5.35 8.85 -20.19
CA LEU A 25 5.41 7.78 -21.19
C LEU A 25 4.10 7.68 -21.95
N LYS A 26 3.22 8.64 -21.70
CA LYS A 26 1.92 8.67 -22.35
C LYS A 26 2.05 9.30 -23.73
N SER A 27 1.53 8.61 -24.74
CA SER A 27 1.58 9.09 -26.10
C SER A 27 0.75 8.16 -26.99
N SER B 1 9.33 2.61 25.37
CA SER B 1 9.85 1.87 26.53
C SER B 1 8.72 1.14 27.25
N ASN B 2 7.86 1.89 27.94
CA ASN B 2 6.76 1.29 28.70
C ASN B 2 5.47 1.40 27.92
N ALA B 3 5.26 0.47 27.00
CA ALA B 3 4.07 0.44 26.17
C ALA B 3 3.69 -1.01 25.87
N GLU B 4 3.98 -1.88 26.83
CA GLU B 4 3.71 -3.30 26.69
C GLU B 4 2.36 -3.66 27.31
N HIS B 5 2.10 -3.10 28.49
CA HIS B 5 0.80 -3.30 29.15
C HIS B 5 0.20 -1.98 29.62
N ILE B 6 0.72 -0.87 29.10
CA ILE B 6 0.11 0.43 29.35
C ILE B 6 -0.83 0.75 28.20
N TYR B 7 -2.13 0.57 28.43
CA TYR B 7 -3.12 0.74 27.39
C TYR B 7 -3.38 2.23 27.14
N ARG B 8 -2.58 2.82 26.27
CA ARG B 8 -2.79 4.19 25.84
C ARG B 8 -2.95 4.24 24.33
N CYS B 9 -2.27 3.33 23.65
CA CYS B 9 -2.36 3.21 22.20
C CYS B 9 -3.62 2.43 21.82
N GLU B 10 -4.76 2.93 22.26
CA GLU B 10 -6.04 2.25 22.08
C GLU B 10 -6.41 2.11 20.60
N ASP B 11 -6.57 0.86 20.18
CA ASP B 11 -6.98 0.51 18.82
C ASP B 11 -6.01 1.05 17.77
N GLU B 12 -4.79 1.33 18.20
CA GLU B 12 -3.76 1.78 17.30
C GLU B 12 -3.25 0.60 16.48
N ARG B 13 -3.03 -0.51 17.19
CA ARG B 13 -2.43 -1.68 16.59
C ARG B 13 -3.41 -2.37 15.65
N PHE B 14 -4.69 -2.32 15.99
CA PHE B 14 -5.72 -2.91 15.14
C PHE B 14 -5.75 -2.24 13.78
N GLU B 15 -5.65 -0.91 13.79
CA GLU B 15 -5.53 -0.16 12.55
C GLU B 15 -4.29 -0.63 11.78
N LEU B 16 -3.20 -0.81 12.51
CA LEU B 16 -1.93 -1.23 11.92
C LEU B 16 -2.01 -2.64 11.33
N ASP B 17 -2.62 -3.56 12.08
CA ASP B 17 -2.79 -4.94 11.61
C ASP B 17 -3.58 -4.97 10.31
N VAL B 18 -4.63 -4.15 10.24
CA VAL B 18 -5.47 -4.09 9.06
C VAL B 18 -4.71 -3.49 7.89
N VAL B 19 -4.11 -2.33 8.09
CA VAL B 19 -3.39 -1.64 7.01
C VAL B 19 -2.24 -2.50 6.48
N LEU B 20 -1.52 -3.15 7.39
CA LEU B 20 -0.40 -4.01 7.01
C LEU B 20 -0.88 -5.17 6.13
N GLU B 21 -1.89 -5.88 6.59
CA GLU B 21 -2.41 -7.03 5.87
C GLU B 21 -3.02 -6.61 4.52
N THR B 22 -3.78 -5.53 4.54
CA THR B 22 -4.41 -5.02 3.32
C THR B 22 -3.33 -4.57 2.33
N ASN B 23 -2.27 -3.96 2.86
CA ASN B 23 -1.14 -3.54 2.05
C ASN B 23 -0.48 -4.73 1.38
N LEU B 24 -0.11 -5.73 2.19
CA LEU B 24 0.59 -6.90 1.70
C LEU B 24 -0.28 -7.66 0.68
N ALA B 25 -1.58 -7.73 0.95
CA ALA B 25 -2.53 -8.34 0.01
C ALA B 25 -2.44 -7.63 -1.34
N THR B 26 -2.43 -6.31 -1.30
CA THR B 26 -2.33 -5.51 -2.50
C THR B 26 -0.96 -5.70 -3.16
N ILE B 27 0.07 -5.91 -2.33
CA ILE B 27 1.39 -6.24 -2.84
C ILE B 27 1.35 -7.48 -3.72
N ARG B 28 0.69 -8.52 -3.20
CA ARG B 28 0.56 -9.79 -3.90
C ARG B 28 -0.09 -9.59 -5.27
N VAL B 29 -1.26 -8.96 -5.28
CA VAL B 29 -1.99 -8.76 -6.52
C VAL B 29 -1.27 -7.78 -7.46
N LEU B 30 -0.61 -6.78 -6.87
CA LEU B 30 0.12 -5.79 -7.64
C LEU B 30 1.24 -6.44 -8.44
N GLU B 31 2.05 -7.26 -7.76
CA GLU B 31 3.15 -7.95 -8.43
C GLU B 31 2.63 -8.92 -9.47
N ALA B 32 1.48 -9.53 -9.17
CA ALA B 32 0.83 -10.44 -10.11
C ALA B 32 0.48 -9.71 -11.41
N ILE B 33 -0.15 -8.54 -11.27
CA ILE B 33 -0.52 -7.73 -12.43
C ILE B 33 0.72 -7.28 -13.19
N GLN B 34 1.72 -6.80 -12.45
CA GLN B 34 2.97 -6.34 -13.05
C GLN B 34 3.63 -7.45 -13.86
N LYS B 35 3.58 -8.65 -13.32
CA LYS B 35 4.19 -9.82 -13.95
C LYS B 35 3.45 -10.18 -15.23
N LYS B 36 2.13 -10.07 -15.20
CA LYS B 36 1.30 -10.34 -16.37
C LYS B 36 1.56 -9.29 -17.45
N LEU B 37 1.87 -8.08 -17.02
CA LEU B 37 2.16 -7.00 -17.95
C LEU B 37 3.52 -7.18 -18.61
N SER B 38 4.58 -7.03 -17.83
CA SER B 38 5.95 -7.10 -18.35
C SER B 38 6.20 -6.04 -19.42
N ARG B 39 5.41 -4.96 -19.37
CA ARG B 39 5.52 -3.84 -20.31
C ARG B 39 5.10 -4.27 -21.72
N LEU B 40 3.84 -4.05 -22.03
CA LEU B 40 3.26 -4.47 -23.30
C LEU B 40 3.00 -3.29 -24.23
N SER B 41 2.72 -3.59 -25.49
CA SER B 41 2.39 -2.57 -26.46
C SER B 41 0.94 -2.12 -26.28
N ALA B 42 0.56 -1.02 -26.92
CA ALA B 42 -0.78 -0.45 -26.78
C ALA B 42 -1.87 -1.48 -27.06
N GLU B 43 -1.66 -2.29 -28.09
CA GLU B 43 -2.62 -3.32 -28.47
C GLU B 43 -2.78 -4.34 -27.36
N GLU B 44 -1.68 -4.67 -26.70
CA GLU B 44 -1.67 -5.65 -25.63
C GLU B 44 -2.20 -5.03 -24.34
N GLN B 45 -2.00 -3.73 -24.20
CA GLN B 45 -2.55 -2.98 -23.07
C GLN B 45 -4.07 -2.95 -23.16
N ALA B 46 -4.58 -2.96 -24.40
CA ALA B 46 -6.01 -3.05 -24.63
C ALA B 46 -6.50 -4.47 -24.38
N LYS B 47 -5.58 -5.43 -24.44
CA LYS B 47 -5.89 -6.83 -24.18
C LYS B 47 -6.03 -7.07 -22.67
N PHE B 48 -4.96 -6.78 -21.95
CA PHE B 48 -4.95 -6.96 -20.51
C PHE B 48 -5.09 -5.62 -19.80
N ARG B 49 -6.24 -5.42 -19.18
CA ARG B 49 -6.53 -4.19 -18.48
C ARG B 49 -7.17 -4.50 -17.13
N LEU B 50 -6.98 -3.63 -16.14
CA LEU B 50 -7.52 -3.87 -14.81
C LEU B 50 -9.02 -3.64 -14.79
N ASP B 51 -9.76 -4.71 -14.57
CA ASP B 51 -11.20 -4.65 -14.34
C ASP B 51 -11.67 -5.99 -13.81
N ASN B 52 -11.92 -6.03 -12.50
CA ASN B 52 -12.21 -7.28 -11.78
C ASN B 52 -10.95 -8.14 -11.68
N THR B 53 -9.85 -7.63 -12.26
CA THR B 53 -8.58 -8.33 -12.24
C THR B 53 -7.94 -8.22 -10.87
N LEU B 54 -8.39 -7.23 -10.11
CA LEU B 54 -7.91 -7.03 -8.74
C LEU B 54 -8.84 -7.74 -7.76
N GLY B 55 -9.69 -8.61 -8.30
CA GLY B 55 -10.66 -9.31 -7.49
C GLY B 55 -12.06 -8.82 -7.76
N GLY B 56 -12.99 -9.74 -7.95
CA GLY B 56 -14.37 -9.38 -8.24
C GLY B 56 -14.99 -8.55 -7.13
N THR B 57 -14.74 -8.96 -5.89
CA THR B 57 -15.22 -8.20 -4.74
C THR B 57 -14.06 -7.87 -3.82
N SER B 58 -12.86 -8.30 -4.20
CA SER B 58 -11.67 -8.04 -3.40
C SER B 58 -10.92 -6.83 -3.93
N GLU B 59 -11.49 -6.15 -4.91
CA GLU B 59 -10.84 -4.97 -5.48
C GLU B 59 -10.92 -3.80 -4.52
N VAL B 60 -11.99 -3.78 -3.72
CA VAL B 60 -12.20 -2.70 -2.74
C VAL B 60 -10.99 -2.54 -1.82
N ILE B 61 -10.47 -3.63 -1.27
CA ILE B 61 -9.35 -3.57 -0.34
C ILE B 61 -8.09 -3.13 -1.04
N HIS B 62 -7.93 -3.57 -2.28
CA HIS B 62 -6.72 -3.25 -3.04
C HIS B 62 -6.75 -1.79 -3.48
N ARG B 63 -7.91 -1.36 -3.98
CA ARG B 63 -8.10 0.03 -4.36
C ARG B 63 -7.93 0.93 -3.14
N LYS B 64 -8.58 0.57 -2.05
CA LYS B 64 -8.54 1.35 -0.83
C LYS B 64 -7.13 1.49 -0.30
N ALA B 65 -6.37 0.39 -0.32
CA ALA B 65 -5.00 0.41 0.17
C ALA B 65 -4.14 1.35 -0.65
N LEU B 66 -4.28 1.28 -1.97
CA LEU B 66 -3.50 2.13 -2.86
C LEU B 66 -3.93 3.60 -2.75
N GLN B 67 -5.22 3.82 -2.56
CA GLN B 67 -5.73 5.18 -2.40
C GLN B 67 -5.30 5.76 -1.06
N ARG B 68 -5.01 4.90 -0.11
CA ARG B 68 -4.59 5.32 1.22
C ARG B 68 -3.17 5.90 1.21
N ILE B 69 -2.43 5.69 0.13
CA ILE B 69 -1.11 6.29 0.01
C ILE B 69 -1.12 7.44 -1.01
N TYR B 70 -2.07 7.40 -1.93
CA TYR B 70 -2.17 8.41 -2.98
C TYR B 70 -3.45 9.23 -2.84
N ALA B 71 -3.98 9.32 -1.62
CA ALA B 71 -5.28 9.96 -1.33
C ALA B 71 -5.54 11.23 -2.15
N ASP B 72 -4.56 12.12 -2.21
CA ASP B 72 -4.69 13.38 -2.97
C ASP B 72 -5.16 13.14 -4.40
N LYS B 73 -4.52 12.19 -5.08
CA LYS B 73 -4.84 11.88 -6.47
C LYS B 73 -5.30 10.43 -6.59
N ALA B 74 -6.01 9.96 -5.57
CA ALA B 74 -6.41 8.55 -5.48
C ALA B 74 -7.24 8.15 -6.67
N ALA B 75 -8.29 8.91 -6.95
CA ALA B 75 -9.17 8.62 -8.08
C ALA B 75 -8.41 8.67 -9.40
N ASP B 76 -7.36 9.49 -9.44
CA ASP B 76 -6.56 9.67 -10.63
C ASP B 76 -5.68 8.46 -10.89
N ILE B 77 -5.02 7.98 -9.84
CA ILE B 77 -4.13 6.83 -9.97
C ILE B 77 -4.92 5.58 -10.35
N ILE B 78 -6.08 5.41 -9.71
CA ILE B 78 -6.96 4.28 -10.01
C ILE B 78 -7.40 4.31 -11.47
N ASP B 79 -7.76 5.50 -11.95
CA ASP B 79 -8.15 5.69 -13.34
C ASP B 79 -6.96 5.48 -14.26
N GLY B 80 -5.78 5.90 -13.81
CA GLY B 80 -4.56 5.68 -14.56
C GLY B 80 -4.30 4.21 -14.78
N LEU B 81 -4.45 3.42 -13.72
CA LEU B 81 -4.33 1.97 -13.80
C LEU B 81 -5.36 1.39 -14.76
N ARG B 82 -6.53 2.03 -14.80
CA ARG B 82 -7.64 1.58 -15.61
C ARG B 82 -7.43 1.93 -17.07
N LYS B 83 -6.44 2.78 -17.34
CA LYS B 83 -6.16 3.21 -18.70
C LYS B 83 -4.87 2.61 -19.23
N ASN B 84 -3.78 2.77 -18.48
CA ASN B 84 -2.49 2.26 -18.91
C ASN B 84 -1.76 1.60 -17.75
N PRO B 85 -1.96 0.28 -17.59
CA PRO B 85 -1.30 -0.50 -16.54
C PRO B 85 0.20 -0.66 -16.80
N SER B 86 0.58 -0.62 -18.06
CA SER B 86 1.96 -0.83 -18.46
C SER B 86 2.86 0.26 -17.90
N ILE B 87 2.29 1.45 -17.70
CA ILE B 87 3.01 2.56 -17.09
C ILE B 87 2.76 2.60 -15.58
N ALA B 88 1.48 2.66 -15.21
CA ALA B 88 1.08 2.93 -13.84
C ALA B 88 1.51 1.85 -12.85
N VAL B 89 1.19 0.60 -13.15
CA VAL B 89 1.35 -0.51 -12.20
C VAL B 89 2.78 -0.65 -11.65
N PRO B 90 3.83 -0.67 -12.51
CA PRO B 90 5.21 -0.75 -12.03
C PRO B 90 5.55 0.40 -11.06
N ILE B 91 5.06 1.60 -11.36
CA ILE B 91 5.35 2.77 -10.55
C ILE B 91 4.65 2.67 -9.19
N VAL B 92 3.33 2.44 -9.24
CA VAL B 92 2.53 2.34 -8.04
C VAL B 92 3.00 1.18 -7.16
N LEU B 93 3.43 0.09 -7.80
CA LEU B 93 3.97 -1.05 -7.09
C LEU B 93 5.24 -0.64 -6.33
N LYS B 94 6.10 0.14 -7.00
CA LYS B 94 7.33 0.62 -6.36
C LYS B 94 7.03 1.37 -5.07
N ARG B 95 6.10 2.32 -5.15
CA ARG B 95 5.74 3.10 -3.96
C ARG B 95 5.02 2.22 -2.94
N LEU B 96 4.30 1.22 -3.42
CA LEU B 96 3.54 0.34 -2.56
C LEU B 96 4.49 -0.59 -1.80
N LYS B 97 5.54 -1.00 -2.49
CA LYS B 97 6.56 -1.85 -1.91
C LYS B 97 7.35 -1.07 -0.87
N MET B 98 7.57 0.20 -1.16
CA MET B 98 8.26 1.10 -0.24
C MET B 98 7.44 1.25 1.04
N LYS B 99 6.12 1.33 0.88
CA LYS B 99 5.21 1.43 2.02
C LYS B 99 5.18 0.14 2.81
N GLU B 100 5.22 -1.00 2.12
CA GLU B 100 5.24 -2.29 2.80
C GLU B 100 6.44 -2.35 3.74
N GLU B 101 7.59 -1.93 3.23
CA GLU B 101 8.82 -1.85 4.02
C GLU B 101 8.65 -0.90 5.21
N GLU B 102 8.09 0.26 4.94
CA GLU B 102 7.93 1.31 5.94
C GLU B 102 6.96 0.88 7.03
N TRP B 103 5.79 0.41 6.62
CA TRP B 103 4.81 -0.09 7.56
C TRP B 103 5.34 -1.29 8.33
N ARG B 104 6.18 -2.09 7.68
CA ARG B 104 6.78 -3.25 8.33
C ARG B 104 7.72 -2.85 9.45
N GLU B 105 8.56 -1.85 9.22
CA GLU B 105 9.52 -1.45 10.24
C GLU B 105 8.81 -0.76 11.40
N ALA B 106 7.69 -0.11 11.11
CA ALA B 106 6.86 0.47 12.15
C ALA B 106 6.10 -0.63 12.89
N GLN B 107 5.57 -1.57 12.12
CA GLN B 107 4.86 -2.73 12.67
C GLN B 107 5.80 -3.56 13.53
N ARG B 108 7.07 -3.54 13.16
CA ARG B 108 8.11 -4.22 13.93
C ARG B 108 8.23 -3.62 15.32
N GLY B 109 7.95 -2.32 15.42
CA GLY B 109 8.05 -1.64 16.70
C GLY B 109 6.83 -1.86 17.57
N PHE B 110 5.66 -1.82 16.96
CA PHE B 110 4.40 -1.99 17.70
C PHE B 110 4.00 -3.45 17.80
N ASN B 111 3.69 -4.05 16.66
CA ASN B 111 3.12 -5.40 16.63
C ASN B 111 4.12 -6.45 17.06
N LYS B 112 5.32 -6.41 16.46
CA LYS B 112 6.32 -7.42 16.76
C LYS B 112 6.67 -7.43 18.24
N VAL B 113 6.97 -6.25 18.80
CA VAL B 113 7.29 -6.13 20.22
C VAL B 113 6.15 -6.66 21.08
N TRP B 114 4.91 -6.30 20.71
CA TRP B 114 3.75 -6.80 21.43
C TRP B 114 3.71 -8.33 21.39
N ARG B 115 4.02 -8.91 20.24
CA ARG B 115 4.02 -10.36 20.13
C ARG B 115 5.21 -10.96 20.87
N GLU B 116 6.36 -10.27 20.82
CA GLU B 116 7.55 -10.72 21.54
C GLU B 116 7.25 -10.91 23.02
N GLN B 117 6.49 -9.97 23.58
CA GLN B 117 6.14 -10.01 24.98
C GLN B 117 4.85 -10.81 25.20
N ASN B 118 4.14 -11.10 24.11
CA ASN B 118 2.95 -11.97 24.17
C ASN B 118 3.35 -13.44 24.20
N GLU B 119 4.11 -13.86 23.18
CA GLU B 119 4.51 -15.25 23.04
C GLU B 119 5.42 -15.68 24.18
N LYS B 120 6.34 -14.80 24.52
CA LYS B 120 7.35 -15.12 25.53
C LYS B 120 7.11 -14.35 26.81
N TYR B 121 7.94 -14.61 27.81
CA TYR B 121 7.74 -14.04 29.14
C TYR B 121 8.56 -12.76 29.30
N TYR B 122 9.28 -12.40 28.24
CA TYR B 122 10.15 -11.21 28.23
C TYR B 122 11.23 -11.31 29.30
N LEU B 123 12.39 -11.81 28.89
CA LEU B 123 13.53 -12.01 29.78
C LEU B 123 13.24 -13.10 30.82
N LYS B 124 14.17 -13.28 31.74
CA LYS B 124 14.01 -14.28 32.79
C LYS B 124 14.34 -13.69 34.15
N SER B 125 13.61 -14.13 35.17
CA SER B 125 13.84 -13.68 36.52
C SER B 125 14.37 -14.85 37.35
N SER A 1 13.17 2.62 22.17
CA SER A 1 13.68 1.53 21.30
C SER A 1 13.44 1.88 19.83
N ASN A 2 12.21 1.76 19.38
CA ASN A 2 11.85 2.10 18.02
C ASN A 2 10.67 3.06 18.01
N ALA A 3 10.99 4.34 17.87
CA ALA A 3 9.97 5.38 17.87
C ALA A 3 9.84 5.95 16.46
N ALA A 4 8.62 5.94 15.96
CA ALA A 4 8.36 6.40 14.60
C ALA A 4 7.02 7.11 14.53
N GLN A 5 6.95 8.16 13.72
CA GLN A 5 5.71 8.89 13.52
C GLN A 5 5.45 9.08 12.05
N LEU A 6 4.35 8.53 11.57
CA LEU A 6 4.01 8.59 10.16
C LEU A 6 2.51 8.69 9.98
N ASN A 7 2.09 9.34 8.91
CA ASN A 7 0.67 9.51 8.63
C ASN A 7 0.24 8.53 7.53
N TYR A 8 1.13 7.59 7.20
CA TYR A 8 0.88 6.52 6.24
C TYR A 8 0.86 7.02 4.80
N LEU A 9 0.46 8.26 4.60
CA LEU A 9 0.39 8.88 3.27
C LEU A 9 1.79 9.20 2.74
N LEU A 10 1.84 9.84 1.60
CA LEU A 10 3.07 10.43 1.09
C LEU A 10 2.92 11.94 1.06
N THR A 11 3.99 12.64 0.77
CA THR A 11 3.93 14.09 0.64
C THR A 11 3.36 14.48 -0.72
N ASP A 12 2.68 15.62 -0.77
CA ASP A 12 2.08 16.13 -2.02
C ASP A 12 3.05 16.03 -3.19
N GLU A 13 4.29 16.42 -2.94
CA GLU A 13 5.33 16.44 -3.96
C GLU A 13 5.44 15.09 -4.67
N GLN A 14 5.29 14.00 -3.91
CA GLN A 14 5.46 12.66 -4.45
C GLN A 14 4.24 12.23 -5.25
N ILE A 15 3.05 12.57 -4.76
CA ILE A 15 1.81 12.25 -5.47
C ILE A 15 1.82 12.97 -6.83
N MET A 16 2.12 14.26 -6.81
CA MET A 16 2.20 15.06 -8.02
C MET A 16 3.30 14.54 -8.93
N GLU A 17 4.38 14.03 -8.34
CA GLU A 17 5.47 13.45 -9.10
C GLU A 17 4.97 12.26 -9.91
N ASP A 18 4.33 11.33 -9.22
CA ASP A 18 3.86 10.09 -9.84
C ASP A 18 2.81 10.38 -10.90
N LEU A 19 1.93 11.33 -10.63
CA LEU A 19 0.97 11.79 -11.63
C LEU A 19 1.70 12.31 -12.85
N ARG A 20 2.75 13.07 -12.62
CA ARG A 20 3.58 13.58 -13.70
C ARG A 20 4.33 12.44 -14.38
N THR A 21 4.65 11.40 -13.63
CA THR A 21 5.35 10.24 -14.18
C THR A 21 4.47 9.46 -15.15
N LEU A 22 3.16 9.47 -14.89
CA LEU A 22 2.19 8.88 -15.81
C LEU A 22 2.24 9.64 -17.14
N ASN A 23 2.53 10.93 -17.06
CA ASN A 23 2.64 11.77 -18.24
C ASN A 23 4.04 11.61 -18.84
N LYS A 24 5.05 11.53 -17.98
CA LYS A 24 6.43 11.37 -18.41
C LYS A 24 6.63 10.03 -19.13
N LEU A 25 6.68 8.96 -18.33
CA LEU A 25 6.98 7.61 -18.82
C LEU A 25 8.09 7.63 -19.87
N LYS A 26 9.32 7.78 -19.42
CA LYS A 26 10.45 7.84 -20.34
C LYS A 26 11.63 7.07 -19.76
N SER A 27 11.84 5.87 -20.27
CA SER A 27 12.94 5.04 -19.83
C SER A 27 13.41 4.17 -20.98
N SER B 1 -24.76 5.97 25.00
CA SER B 1 -25.08 7.39 24.71
C SER B 1 -24.17 7.91 23.59
N ASN B 2 -22.88 7.69 23.74
CA ASN B 2 -21.90 8.20 22.79
C ASN B 2 -21.90 7.40 21.49
N ALA B 3 -21.13 6.31 21.45
CA ALA B 3 -21.04 5.46 20.27
C ALA B 3 -20.41 4.13 20.63
N GLU B 4 -20.32 3.23 19.67
CA GLU B 4 -19.81 1.88 19.92
C GLU B 4 -18.28 1.83 19.82
N HIS B 5 -17.73 2.40 18.75
CA HIS B 5 -16.30 2.32 18.52
C HIS B 5 -15.76 3.67 18.04
N ILE B 6 -15.24 4.45 18.97
CA ILE B 6 -14.72 5.77 18.67
C ILE B 6 -13.22 5.70 18.43
N TYR B 7 -12.81 6.00 17.21
CA TYR B 7 -11.41 5.94 16.86
C TYR B 7 -10.68 7.23 17.24
N ARG B 8 -9.92 7.15 18.32
CA ARG B 8 -8.96 8.18 18.65
C ARG B 8 -7.57 7.55 18.64
N CYS B 9 -7.43 6.52 19.47
CA CYS B 9 -6.21 5.75 19.57
C CYS B 9 -6.55 4.33 19.99
N GLU B 10 -7.79 3.95 19.75
CA GLU B 10 -8.31 2.66 20.18
C GLU B 10 -7.67 1.52 19.39
N ASP B 11 -6.81 0.78 20.08
CA ASP B 11 -6.09 -0.36 19.52
C ASP B 11 -5.24 0.06 18.32
N GLU B 12 -3.99 0.38 18.62
CA GLU B 12 -3.03 0.77 17.60
C GLU B 12 -2.69 -0.41 16.71
N ARG B 13 -2.60 -1.58 17.35
CA ARG B 13 -2.26 -2.80 16.65
C ARG B 13 -3.34 -3.17 15.65
N PHE B 14 -4.59 -2.95 16.02
CA PHE B 14 -5.72 -3.23 15.13
C PHE B 14 -5.50 -2.61 13.76
N GLU B 15 -5.22 -1.32 13.75
CA GLU B 15 -5.00 -0.60 12.50
C GLU B 15 -3.75 -1.11 11.81
N LEU B 16 -2.71 -1.42 12.59
CA LEU B 16 -1.45 -1.89 12.02
C LEU B 16 -1.62 -3.23 11.32
N ASP B 17 -2.36 -4.14 11.94
CA ASP B 17 -2.57 -5.45 11.37
C ASP B 17 -3.43 -5.36 10.10
N VAL B 18 -4.44 -4.48 10.15
CA VAL B 18 -5.32 -4.28 9.01
C VAL B 18 -4.57 -3.64 7.83
N VAL B 19 -3.82 -2.58 8.10
CA VAL B 19 -3.13 -1.86 7.05
C VAL B 19 -2.07 -2.74 6.39
N LEU B 20 -1.39 -3.57 7.18
CA LEU B 20 -0.41 -4.50 6.64
C LEU B 20 -1.08 -5.58 5.81
N GLU B 21 -2.21 -6.09 6.31
CA GLU B 21 -2.98 -7.09 5.59
C GLU B 21 -3.45 -6.55 4.25
N THR B 22 -4.01 -5.35 4.27
CA THR B 22 -4.48 -4.70 3.05
C THR B 22 -3.30 -4.47 2.09
N ASN B 23 -2.17 -4.09 2.67
CA ASN B 23 -0.93 -3.88 1.92
C ASN B 23 -0.54 -5.13 1.16
N LEU B 24 -0.29 -6.21 1.88
CA LEU B 24 0.20 -7.45 1.28
C LEU B 24 -0.79 -8.02 0.28
N ALA B 25 -2.08 -7.86 0.53
CA ALA B 25 -3.09 -8.31 -0.43
C ALA B 25 -2.91 -7.58 -1.76
N THR B 26 -2.69 -6.28 -1.68
CA THR B 26 -2.47 -5.47 -2.87
C THR B 26 -1.07 -5.71 -3.45
N ILE B 27 -0.11 -6.03 -2.59
CA ILE B 27 1.24 -6.40 -3.02
C ILE B 27 1.16 -7.66 -3.89
N ARG B 28 0.49 -8.68 -3.37
CA ARG B 28 0.38 -9.96 -4.05
C ARG B 28 -0.31 -9.81 -5.39
N VAL B 29 -1.43 -9.07 -5.43
CA VAL B 29 -2.18 -8.93 -6.67
C VAL B 29 -1.37 -8.17 -7.73
N LEU B 30 -0.73 -7.06 -7.34
CA LEU B 30 0.03 -6.26 -8.29
C LEU B 30 1.23 -7.02 -8.83
N GLU B 31 1.89 -7.78 -7.96
CA GLU B 31 2.98 -8.62 -8.38
C GLU B 31 2.52 -9.66 -9.38
N ALA B 32 1.36 -10.25 -9.11
CA ALA B 32 0.77 -11.24 -10.00
C ALA B 32 0.42 -10.61 -11.33
N ILE B 33 -0.14 -9.42 -11.26
CA ILE B 33 -0.50 -8.67 -12.46
C ILE B 33 0.72 -8.41 -13.32
N GLN B 34 1.80 -7.92 -12.72
CA GLN B 34 3.03 -7.65 -13.46
C GLN B 34 3.54 -8.91 -14.15
N LYS B 35 3.49 -10.03 -13.44
CA LYS B 35 3.93 -11.32 -14.00
C LYS B 35 3.10 -11.67 -15.23
N LYS B 36 1.80 -11.42 -15.16
CA LYS B 36 0.88 -11.74 -16.23
C LYS B 36 0.91 -10.68 -17.33
N LEU B 37 1.32 -9.47 -16.99
CA LEU B 37 1.42 -8.39 -17.97
C LEU B 37 2.60 -8.63 -18.90
N SER B 38 3.80 -8.48 -18.36
CA SER B 38 5.02 -8.51 -19.17
C SER B 38 4.94 -7.43 -20.27
N ARG B 39 4.40 -6.26 -19.87
CA ARG B 39 4.17 -5.12 -20.76
C ARG B 39 3.02 -5.34 -21.74
N LEU B 40 2.90 -6.57 -22.25
CA LEU B 40 1.83 -6.92 -23.19
C LEU B 40 1.93 -6.14 -24.50
N SER B 41 0.96 -6.37 -25.38
CA SER B 41 0.81 -5.58 -26.58
C SER B 41 -0.43 -4.70 -26.46
N ALA B 42 -0.69 -3.87 -27.48
CA ALA B 42 -1.86 -2.99 -27.47
C ALA B 42 -3.14 -3.79 -27.28
N GLU B 43 -3.34 -4.80 -28.10
CA GLU B 43 -4.52 -5.66 -28.02
C GLU B 43 -4.62 -6.29 -26.65
N GLU B 44 -3.47 -6.70 -26.12
CA GLU B 44 -3.42 -7.44 -24.86
C GLU B 44 -3.68 -6.52 -23.66
N GLN B 45 -3.27 -5.27 -23.77
CA GLN B 45 -3.56 -4.28 -22.73
C GLN B 45 -5.05 -3.96 -22.68
N ALA B 46 -5.69 -4.03 -23.85
CA ALA B 46 -7.14 -3.87 -23.92
C ALA B 46 -7.83 -5.17 -23.51
N LYS B 47 -7.20 -6.28 -23.85
CA LYS B 47 -7.69 -7.61 -23.51
C LYS B 47 -7.70 -7.80 -22.00
N PHE B 48 -6.51 -7.77 -21.42
CA PHE B 48 -6.34 -7.96 -19.98
C PHE B 48 -6.12 -6.61 -19.32
N ARG B 49 -7.19 -6.05 -18.78
CA ARG B 49 -7.11 -4.75 -18.12
C ARG B 49 -7.56 -4.88 -16.68
N LEU B 50 -7.12 -3.96 -15.83
CA LEU B 50 -7.30 -4.04 -14.39
C LEU B 50 -8.72 -3.67 -13.94
N ASP B 51 -9.70 -3.91 -14.81
CA ASP B 51 -11.08 -3.61 -14.47
C ASP B 51 -11.62 -4.65 -13.50
N ASN B 52 -11.95 -5.83 -14.01
CA ASN B 52 -12.48 -6.89 -13.16
C ASN B 52 -11.38 -7.49 -12.29
N THR B 53 -10.16 -7.44 -12.79
CA THR B 53 -9.03 -8.08 -12.14
C THR B 53 -8.57 -7.31 -10.90
N LEU B 54 -8.81 -6.00 -10.88
CA LEU B 54 -8.35 -5.17 -9.77
C LEU B 54 -9.49 -4.32 -9.22
N GLY B 55 -9.97 -3.39 -10.03
CA GLY B 55 -11.00 -2.46 -9.57
C GLY B 55 -12.40 -2.99 -9.82
N GLY B 56 -12.65 -4.20 -9.36
CA GLY B 56 -13.96 -4.80 -9.54
C GLY B 56 -14.68 -5.01 -8.24
N THR B 57 -14.77 -6.25 -7.81
CA THR B 57 -15.40 -6.57 -6.53
C THR B 57 -14.37 -6.56 -5.42
N SER B 58 -13.15 -6.98 -5.74
CA SER B 58 -12.05 -6.93 -4.79
C SER B 58 -11.40 -5.54 -4.82
N GLU B 59 -12.10 -4.59 -5.42
CA GLU B 59 -11.63 -3.21 -5.51
C GLU B 59 -11.38 -2.62 -4.13
N VAL B 60 -12.33 -2.84 -3.22
CA VAL B 60 -12.35 -2.18 -1.91
C VAL B 60 -11.00 -2.24 -1.20
N ILE B 61 -10.37 -3.41 -1.18
CA ILE B 61 -9.12 -3.58 -0.46
C ILE B 61 -7.97 -2.86 -1.15
N HIS B 62 -7.87 -3.00 -2.46
CA HIS B 62 -6.74 -2.43 -3.19
C HIS B 62 -6.87 -0.92 -3.27
N ARG B 63 -8.09 -0.48 -3.56
CA ARG B 63 -8.40 0.93 -3.66
C ARG B 63 -8.19 1.62 -2.32
N LYS B 64 -8.58 0.94 -1.24
CA LYS B 64 -8.39 1.47 0.11
C LYS B 64 -6.91 1.68 0.42
N ALA B 65 -6.10 0.68 0.09
CA ALA B 65 -4.66 0.77 0.32
C ALA B 65 -4.06 1.94 -0.44
N LEU B 66 -4.43 2.05 -1.72
CA LEU B 66 -3.90 3.11 -2.58
C LEU B 66 -4.44 4.48 -2.16
N GLN B 67 -5.63 4.51 -1.59
CA GLN B 67 -6.21 5.76 -1.12
C GLN B 67 -5.55 6.23 0.17
N ARG B 68 -4.97 5.31 0.94
CA ARG B 68 -4.28 5.73 2.15
C ARG B 68 -2.81 6.02 1.88
N ILE B 69 -2.47 6.18 0.61
CA ILE B 69 -1.15 6.67 0.23
C ILE B 69 -1.27 7.78 -0.80
N TYR B 70 -2.16 7.61 -1.77
CA TYR B 70 -2.42 8.62 -2.78
C TYR B 70 -3.72 9.36 -2.49
N ALA B 71 -4.07 9.47 -1.21
CA ALA B 71 -5.35 10.06 -0.75
C ALA B 71 -5.88 11.19 -1.63
N ASP B 72 -5.04 12.19 -1.92
CA ASP B 72 -5.48 13.39 -2.64
C ASP B 72 -5.78 13.10 -4.11
N LYS B 73 -5.08 12.15 -4.70
CA LYS B 73 -5.20 11.89 -6.13
C LYS B 73 -5.28 10.39 -6.43
N ALA B 74 -5.99 9.66 -5.58
CA ALA B 74 -6.12 8.22 -5.75
C ALA B 74 -6.94 7.87 -6.98
N ALA B 75 -7.89 8.74 -7.32
CA ALA B 75 -8.75 8.52 -8.47
C ALA B 75 -7.94 8.49 -9.77
N ASP B 76 -6.92 9.35 -9.83
CA ASP B 76 -6.07 9.45 -11.00
C ASP B 76 -5.22 8.19 -11.17
N ILE B 77 -4.76 7.65 -10.06
CA ILE B 77 -3.94 6.44 -10.09
C ILE B 77 -4.78 5.23 -10.49
N ILE B 78 -5.97 5.12 -9.90
CA ILE B 78 -6.89 4.04 -10.24
C ILE B 78 -7.26 4.12 -11.73
N ASP B 79 -7.48 5.33 -12.21
CA ASP B 79 -7.77 5.57 -13.61
C ASP B 79 -6.60 5.12 -14.49
N GLY B 80 -5.40 5.53 -14.08
CA GLY B 80 -4.20 5.13 -14.80
C GLY B 80 -4.01 3.63 -14.86
N LEU B 81 -4.17 2.96 -13.71
CA LEU B 81 -4.05 1.52 -13.64
C LEU B 81 -5.02 0.82 -14.59
N ARG B 82 -6.26 1.27 -14.59
CA ARG B 82 -7.31 0.62 -15.38
C ARG B 82 -7.34 1.14 -16.81
N LYS B 83 -6.27 1.76 -17.26
CA LYS B 83 -6.17 2.23 -18.64
C LYS B 83 -4.81 1.95 -19.23
N ASN B 84 -3.76 2.18 -18.44
CA ASN B 84 -2.41 1.87 -18.88
C ASN B 84 -1.61 1.22 -17.75
N PRO B 85 -1.61 -0.12 -17.71
CA PRO B 85 -0.91 -0.87 -16.66
C PRO B 85 0.60 -0.74 -16.80
N SER B 86 1.08 -0.67 -18.02
CA SER B 86 2.51 -0.63 -18.29
C SER B 86 3.14 0.67 -17.79
N ILE B 87 2.32 1.66 -17.46
CA ILE B 87 2.83 2.90 -16.89
C ILE B 87 2.59 2.95 -15.38
N ALA B 88 1.35 2.83 -14.97
CA ALA B 88 0.99 3.04 -13.56
C ALA B 88 1.46 1.90 -12.67
N VAL B 89 1.35 0.66 -13.14
CA VAL B 89 1.69 -0.50 -12.31
C VAL B 89 3.13 -0.42 -11.78
N PRO B 90 4.15 -0.25 -12.64
CA PRO B 90 5.55 -0.13 -12.19
C PRO B 90 5.73 0.94 -11.12
N ILE B 91 5.16 2.11 -11.34
CA ILE B 91 5.27 3.22 -10.41
C ILE B 91 4.59 2.91 -9.09
N VAL B 92 3.31 2.56 -9.20
CA VAL B 92 2.46 2.34 -8.03
C VAL B 92 2.96 1.15 -7.23
N LEU B 93 3.49 0.16 -7.92
CA LEU B 93 4.02 -1.04 -7.27
C LEU B 93 5.30 -0.71 -6.51
N LYS B 94 6.15 0.11 -7.08
CA LYS B 94 7.38 0.51 -6.41
C LYS B 94 7.07 1.36 -5.19
N ARG B 95 6.09 2.25 -5.32
CA ARG B 95 5.63 3.05 -4.20
C ARG B 95 5.02 2.17 -3.13
N LEU B 96 4.27 1.17 -3.57
CA LEU B 96 3.62 0.23 -2.67
C LEU B 96 4.66 -0.66 -1.98
N LYS B 97 5.72 -1.00 -2.71
CA LYS B 97 6.82 -1.77 -2.14
C LYS B 97 7.60 -0.93 -1.13
N MET B 98 7.73 0.35 -1.43
CA MET B 98 8.37 1.29 -0.54
C MET B 98 7.56 1.42 0.76
N LYS B 99 6.25 1.57 0.59
CA LYS B 99 5.35 1.64 1.74
C LYS B 99 5.24 0.28 2.42
N GLU B 100 5.48 -0.78 1.66
CA GLU B 100 5.55 -2.13 2.21
C GLU B 100 6.63 -2.19 3.28
N GLU B 101 7.80 -1.66 2.94
CA GLU B 101 8.91 -1.57 3.88
C GLU B 101 8.54 -0.64 5.03
N GLU B 102 7.95 0.49 4.70
CA GLU B 102 7.56 1.50 5.67
C GLU B 102 6.57 0.93 6.70
N TRP B 103 5.50 0.32 6.21
CA TRP B 103 4.49 -0.28 7.07
C TRP B 103 5.08 -1.41 7.89
N ARG B 104 5.99 -2.17 7.30
CA ARG B 104 6.68 -3.23 8.02
C ARG B 104 7.51 -2.66 9.16
N GLU B 105 8.19 -1.55 8.91
CA GLU B 105 9.00 -0.90 9.93
C GLU B 105 8.11 -0.23 10.98
N ALA B 106 7.00 0.34 10.54
CA ALA B 106 6.03 0.93 11.45
C ALA B 106 5.45 -0.14 12.37
N GLN B 107 4.99 -1.23 11.76
CA GLN B 107 4.47 -2.36 12.52
C GLN B 107 5.57 -2.99 13.36
N ARG B 108 6.80 -2.87 12.87
CA ARG B 108 7.98 -3.38 13.56
C ARG B 108 8.21 -2.62 14.85
N GLY B 109 8.16 -1.29 14.76
CA GLY B 109 8.38 -0.45 15.92
C GLY B 109 7.22 -0.46 16.90
N PHE B 110 6.00 -0.48 16.37
CA PHE B 110 4.81 -0.45 17.23
C PHE B 110 4.39 -1.85 17.66
N ASN B 111 3.96 -2.65 16.69
CA ASN B 111 3.36 -3.95 16.97
C ASN B 111 4.38 -4.98 17.40
N LYS B 112 5.43 -5.14 16.60
CA LYS B 112 6.45 -6.16 16.87
C LYS B 112 7.11 -5.91 18.23
N VAL B 113 7.47 -4.65 18.47
CA VAL B 113 8.09 -4.28 19.75
C VAL B 113 7.09 -4.37 20.90
N TRP B 114 5.82 -4.07 20.62
CA TRP B 114 4.77 -4.19 21.63
C TRP B 114 4.72 -5.62 22.16
N ARG B 115 4.73 -6.59 21.25
CA ARG B 115 4.73 -7.99 21.63
C ARG B 115 6.02 -8.32 22.37
N GLU B 116 7.14 -7.77 21.88
CA GLU B 116 8.44 -7.95 22.55
C GLU B 116 8.35 -7.62 24.03
N GLN B 117 7.65 -6.53 24.33
CA GLN B 117 7.53 -6.05 25.71
C GLN B 117 6.45 -6.82 26.47
N ASN B 118 5.35 -7.13 25.78
CA ASN B 118 4.18 -7.74 26.42
C ASN B 118 4.34 -9.24 26.62
N GLU B 119 5.07 -9.90 25.73
CA GLU B 119 5.17 -11.35 25.75
C GLU B 119 6.16 -11.84 26.80
N LYS B 120 6.82 -10.92 27.47
CA LYS B 120 7.72 -11.27 28.54
C LYS B 120 7.39 -10.45 29.78
N TYR B 121 7.77 -10.97 30.93
CA TYR B 121 7.44 -10.33 32.19
C TYR B 121 8.70 -10.18 33.05
N TYR B 122 8.52 -9.71 34.28
CA TYR B 122 9.64 -9.27 35.10
C TYR B 122 10.19 -10.42 35.95
N LEU B 123 9.85 -11.64 35.56
CA LEU B 123 10.38 -12.85 36.18
C LEU B 123 9.97 -12.99 37.63
N LYS B 124 8.88 -13.70 37.87
CA LYS B 124 8.44 -13.99 39.23
C LYS B 124 7.78 -15.36 39.28
N SER B 125 7.98 -16.06 40.38
CA SER B 125 7.39 -17.38 40.58
C SER B 125 6.75 -17.44 41.97
N SER A 1 13.90 10.52 19.93
CA SER A 1 14.19 10.47 18.48
C SER A 1 12.93 10.14 17.70
N ASN A 2 12.99 10.27 16.38
CA ASN A 2 11.85 9.97 15.54
C ASN A 2 12.05 8.63 14.84
N ALA A 3 11.83 7.56 15.59
CA ALA A 3 11.97 6.21 15.05
C ALA A 3 10.59 5.64 14.74
N ALA A 4 9.62 5.94 15.60
CA ALA A 4 8.27 5.48 15.39
C ALA A 4 7.57 6.32 14.33
N GLN A 5 7.77 5.94 13.08
CA GLN A 5 7.19 6.66 11.96
C GLN A 5 6.01 5.90 11.37
N LEU A 6 4.81 6.38 11.62
CA LEU A 6 3.62 5.83 11.02
C LEU A 6 3.25 6.62 9.77
N ASN A 7 3.83 6.20 8.65
CA ASN A 7 3.61 6.90 7.38
C ASN A 7 2.63 6.13 6.53
N TYR A 8 1.36 6.51 6.58
CA TYR A 8 0.32 5.85 5.82
C TYR A 8 0.13 6.50 4.46
N LEU A 9 0.21 7.81 4.45
CA LEU A 9 -0.07 8.59 3.26
C LEU A 9 1.20 8.77 2.41
N LEU A 10 1.11 9.65 1.43
CA LEU A 10 2.27 10.11 0.69
C LEU A 10 2.18 11.62 0.55
N THR A 11 3.31 12.29 0.60
CA THR A 11 3.34 13.73 0.43
C THR A 11 2.84 14.11 -0.96
N ASP A 12 2.20 15.28 -1.07
CA ASP A 12 1.62 15.75 -2.34
C ASP A 12 2.61 15.60 -3.50
N GLU A 13 3.86 15.93 -3.23
CA GLU A 13 4.91 15.86 -4.25
C GLU A 13 5.07 14.43 -4.78
N GLN A 14 4.84 13.45 -3.92
CA GLN A 14 5.01 12.05 -4.29
C GLN A 14 3.95 11.62 -5.31
N ILE A 15 2.70 11.96 -5.04
CA ILE A 15 1.61 11.64 -5.96
C ILE A 15 1.78 12.42 -7.25
N MET A 16 2.17 13.68 -7.11
CA MET A 16 2.35 14.54 -8.27
C MET A 16 3.54 14.06 -9.10
N GLU A 17 4.56 13.52 -8.43
CA GLU A 17 5.67 12.86 -9.10
C GLU A 17 5.16 11.70 -9.94
N ASP A 18 4.26 10.94 -9.33
CA ASP A 18 3.64 9.79 -9.99
C ASP A 18 2.95 10.22 -11.28
N LEU A 19 2.05 11.20 -11.16
CA LEU A 19 1.33 11.75 -12.31
C LEU A 19 2.30 12.22 -13.40
N ARG A 20 3.38 12.89 -12.99
CA ARG A 20 4.39 13.36 -13.94
C ARG A 20 5.09 12.19 -14.63
N THR A 21 5.25 11.10 -13.91
CA THR A 21 5.85 9.89 -14.47
C THR A 21 4.88 9.22 -15.44
N LEU A 22 3.62 9.13 -15.02
CA LEU A 22 2.56 8.52 -15.83
C LEU A 22 2.39 9.27 -17.15
N ASN A 23 2.74 10.55 -17.13
CA ASN A 23 2.52 11.42 -18.28
C ASN A 23 3.68 11.37 -19.27
N LYS A 24 4.90 11.21 -18.77
CA LYS A 24 6.08 11.22 -19.64
C LYS A 24 6.57 9.82 -19.96
N LEU A 25 6.54 8.92 -18.98
CA LEU A 25 7.00 7.56 -19.19
C LEU A 25 5.87 6.75 -19.81
N LYS A 26 5.76 6.80 -21.13
CA LYS A 26 4.68 6.12 -21.82
C LYS A 26 5.23 4.99 -22.69
N SER A 27 4.32 4.21 -23.25
CA SER A 27 4.70 3.17 -24.19
C SER A 27 4.96 3.79 -25.55
N SER B 1 -15.53 16.45 7.71
CA SER B 1 -16.12 15.13 8.03
C SER B 1 -16.72 15.12 9.44
N ASN B 2 -15.92 14.68 10.42
CA ASN B 2 -16.35 14.59 11.83
C ASN B 2 -17.65 13.82 11.98
N ALA B 3 -17.55 12.52 12.22
CA ALA B 3 -18.73 11.69 12.42
C ALA B 3 -19.31 11.94 13.80
N GLU B 4 -18.56 11.53 14.82
CA GLU B 4 -18.97 11.77 16.20
C GLU B 4 -17.83 12.41 16.97
N HIS B 5 -16.67 11.77 16.89
CA HIS B 5 -15.47 12.21 17.57
C HIS B 5 -14.28 11.44 17.02
N ILE B 6 -13.54 12.07 16.11
CA ILE B 6 -12.40 11.41 15.49
C ILE B 6 -11.30 11.20 16.53
N TYR B 7 -11.23 9.99 17.05
CA TYR B 7 -10.28 9.65 18.09
C TYR B 7 -9.58 8.35 17.75
N ARG B 8 -8.31 8.45 17.42
CA ARG B 8 -7.50 7.30 17.06
C ARG B 8 -6.15 7.37 17.75
N CYS B 9 -6.02 6.60 18.83
CA CYS B 9 -4.79 6.55 19.61
C CYS B 9 -4.61 5.17 20.21
N GLU B 10 -5.62 4.71 20.93
CA GLU B 10 -5.58 3.40 21.57
C GLU B 10 -5.71 2.30 20.52
N ASP B 11 -6.49 2.58 19.49
CA ASP B 11 -6.75 1.63 18.42
C ASP B 11 -5.60 1.64 17.42
N GLU B 12 -4.38 1.52 17.94
CA GLU B 12 -3.17 1.66 17.16
C GLU B 12 -2.87 0.36 16.43
N ARG B 13 -2.63 -0.70 17.19
CA ARG B 13 -2.25 -1.98 16.63
C ARG B 13 -3.35 -2.53 15.75
N PHE B 14 -4.60 -2.23 16.09
CA PHE B 14 -5.73 -2.71 15.32
C PHE B 14 -5.61 -2.24 13.87
N GLU B 15 -5.41 -0.94 13.68
CA GLU B 15 -5.26 -0.41 12.34
C GLU B 15 -3.95 -0.87 11.73
N LEU B 16 -2.93 -1.10 12.57
CA LEU B 16 -1.64 -1.59 12.07
C LEU B 16 -1.81 -2.95 11.40
N ASP B 17 -2.57 -3.82 12.05
CA ASP B 17 -2.86 -5.14 11.48
C ASP B 17 -3.65 -4.98 10.18
N VAL B 18 -4.66 -4.12 10.22
CA VAL B 18 -5.50 -3.88 9.06
C VAL B 18 -4.70 -3.31 7.88
N VAL B 19 -3.91 -2.26 8.13
CA VAL B 19 -3.18 -1.59 7.06
C VAL B 19 -2.11 -2.51 6.46
N LEU B 20 -1.42 -3.27 7.30
CA LEU B 20 -0.42 -4.22 6.83
C LEU B 20 -1.09 -5.30 5.98
N GLU B 21 -2.17 -5.87 6.50
CA GLU B 21 -2.90 -6.93 5.82
C GLU B 21 -3.42 -6.43 4.48
N THR B 22 -4.04 -5.24 4.50
CA THR B 22 -4.56 -4.62 3.29
C THR B 22 -3.42 -4.35 2.30
N ASN B 23 -2.27 -3.95 2.84
CA ASN B 23 -1.10 -3.71 2.01
C ASN B 23 -0.68 -4.98 1.30
N LEU B 24 -0.42 -6.04 2.06
CA LEU B 24 0.05 -7.30 1.48
C LEU B 24 -0.89 -7.81 0.40
N ALA B 25 -2.19 -7.66 0.63
CA ALA B 25 -3.17 -8.03 -0.38
C ALA B 25 -2.94 -7.27 -1.68
N THR B 26 -2.77 -5.96 -1.56
CA THR B 26 -2.52 -5.11 -2.71
C THR B 26 -1.12 -5.37 -3.30
N ILE B 27 -0.17 -5.67 -2.44
CA ILE B 27 1.15 -6.13 -2.87
C ILE B 27 1.00 -7.30 -3.84
N ARG B 28 0.35 -8.36 -3.37
CA ARG B 28 0.24 -9.59 -4.14
C ARG B 28 -0.44 -9.38 -5.47
N VAL B 29 -1.52 -8.61 -5.48
CA VAL B 29 -2.27 -8.38 -6.72
C VAL B 29 -1.41 -7.62 -7.73
N LEU B 30 -0.72 -6.57 -7.29
CA LEU B 30 0.04 -5.75 -8.21
C LEU B 30 1.33 -6.45 -8.66
N GLU B 31 1.92 -7.26 -7.79
CA GLU B 31 3.10 -8.04 -8.17
C GLU B 31 2.72 -9.06 -9.24
N ALA B 32 1.55 -9.67 -9.07
CA ALA B 32 1.03 -10.64 -10.04
C ALA B 32 0.73 -9.94 -11.36
N ILE B 33 0.07 -8.80 -11.29
CA ILE B 33 -0.27 -8.02 -12.47
C ILE B 33 0.98 -7.62 -13.25
N GLN B 34 1.98 -7.09 -12.56
CA GLN B 34 3.23 -6.69 -13.20
C GLN B 34 3.89 -7.89 -13.88
N LYS B 35 3.85 -9.03 -13.18
CA LYS B 35 4.40 -10.28 -13.71
C LYS B 35 3.71 -10.67 -15.01
N LYS B 36 2.39 -10.56 -15.03
CA LYS B 36 1.60 -10.89 -16.21
C LYS B 36 1.82 -9.86 -17.32
N LEU B 37 1.82 -8.58 -16.96
CA LEU B 37 2.01 -7.51 -17.92
C LEU B 37 3.37 -7.59 -18.58
N SER B 38 4.42 -7.38 -17.77
CA SER B 38 5.80 -7.33 -18.27
C SER B 38 5.95 -6.25 -19.35
N ARG B 39 5.07 -5.25 -19.31
CA ARG B 39 5.06 -4.16 -20.27
C ARG B 39 4.75 -4.67 -21.67
N LEU B 40 3.47 -4.90 -21.93
CA LEU B 40 3.01 -5.36 -23.22
C LEU B 40 2.55 -4.18 -24.08
N SER B 41 2.17 -4.49 -25.32
CA SER B 41 1.76 -3.47 -26.28
C SER B 41 0.51 -2.73 -25.80
N ALA B 42 0.33 -1.50 -26.25
CA ALA B 42 -0.81 -0.68 -25.85
C ALA B 42 -2.12 -1.35 -26.23
N GLU B 43 -2.13 -1.99 -27.40
CA GLU B 43 -3.29 -2.75 -27.85
C GLU B 43 -3.62 -3.85 -26.84
N GLU B 44 -2.58 -4.48 -26.29
CA GLU B 44 -2.77 -5.52 -25.28
C GLU B 44 -3.12 -4.91 -23.93
N GLN B 45 -2.66 -3.69 -23.70
CA GLN B 45 -2.99 -2.96 -22.47
C GLN B 45 -4.49 -2.66 -22.41
N ALA B 46 -5.09 -2.43 -23.58
CA ALA B 46 -6.52 -2.21 -23.67
C ALA B 46 -7.27 -3.53 -23.69
N LYS B 47 -6.59 -4.58 -24.13
CA LYS B 47 -7.17 -5.91 -24.18
C LYS B 47 -7.27 -6.50 -22.77
N PHE B 48 -6.12 -6.65 -22.13
CA PHE B 48 -6.06 -7.16 -20.77
C PHE B 48 -5.98 -5.99 -19.80
N ARG B 49 -7.09 -5.71 -19.15
CA ARG B 49 -7.17 -4.57 -18.27
C ARG B 49 -7.58 -5.01 -16.87
N LEU B 50 -7.19 -4.24 -15.86
CA LEU B 50 -7.31 -4.66 -14.47
C LEU B 50 -8.70 -4.37 -13.90
N ASP B 51 -9.72 -4.44 -14.75
CA ASP B 51 -11.10 -4.18 -14.31
C ASP B 51 -11.52 -5.20 -13.27
N ASN B 52 -11.42 -6.47 -13.62
CA ASN B 52 -11.83 -7.56 -12.74
C ASN B 52 -10.68 -7.96 -11.83
N THR B 53 -9.54 -7.31 -12.00
CA THR B 53 -8.36 -7.62 -11.22
C THR B 53 -8.27 -6.73 -9.98
N LEU B 54 -8.56 -5.44 -10.18
CA LEU B 54 -8.54 -4.49 -9.09
C LEU B 54 -9.94 -4.28 -8.53
N GLY B 55 -10.95 -4.58 -9.33
CA GLY B 55 -12.32 -4.37 -8.91
C GLY B 55 -13.17 -5.62 -9.09
N GLY B 56 -14.29 -5.67 -8.38
CA GLY B 56 -15.16 -6.82 -8.46
C GLY B 56 -14.92 -7.81 -7.32
N THR B 57 -13.67 -7.91 -6.92
CA THR B 57 -13.29 -8.77 -5.81
C THR B 57 -12.07 -8.19 -5.11
N SER B 58 -12.19 -7.97 -3.80
CA SER B 58 -11.13 -7.38 -3.00
C SER B 58 -10.87 -5.94 -3.43
N GLU B 59 -11.85 -5.35 -4.10
CA GLU B 59 -11.73 -4.00 -4.60
C GLU B 59 -11.63 -3.02 -3.44
N VAL B 60 -12.40 -3.27 -2.39
CA VAL B 60 -12.34 -2.44 -1.19
C VAL B 60 -10.93 -2.44 -0.60
N ILE B 61 -10.27 -3.58 -0.67
CA ILE B 61 -8.94 -3.75 -0.12
C ILE B 61 -7.91 -3.00 -0.95
N HIS B 62 -7.93 -3.27 -2.25
CA HIS B 62 -6.98 -2.65 -3.17
C HIS B 62 -7.21 -1.14 -3.20
N ARG B 63 -8.48 -0.75 -3.12
CA ARG B 63 -8.85 0.66 -3.13
C ARG B 63 -8.46 1.34 -1.83
N LYS B 64 -8.71 0.68 -0.71
CA LYS B 64 -8.42 1.25 0.60
C LYS B 64 -6.95 1.54 0.76
N ALA B 65 -6.11 0.60 0.33
CA ALA B 65 -4.67 0.78 0.36
C ALA B 65 -4.25 1.92 -0.56
N LEU B 66 -4.79 1.91 -1.77
CA LEU B 66 -4.50 2.94 -2.77
C LEU B 66 -4.93 4.32 -2.26
N GLN B 67 -6.09 4.35 -1.59
CA GLN B 67 -6.61 5.59 -1.04
C GLN B 67 -5.83 6.05 0.18
N ARG B 68 -5.14 5.14 0.86
CA ARG B 68 -4.31 5.54 1.98
C ARG B 68 -2.97 6.07 1.52
N ILE B 69 -2.47 5.58 0.38
CA ILE B 69 -1.18 6.02 -0.11
C ILE B 69 -1.30 7.23 -1.03
N TYR B 70 -2.32 7.23 -1.88
CA TYR B 70 -2.54 8.36 -2.80
C TYR B 70 -3.75 9.17 -2.35
N ALA B 71 -3.99 9.22 -1.05
CA ALA B 71 -5.23 9.77 -0.46
C ALA B 71 -5.86 10.92 -1.25
N ASP B 72 -5.13 12.02 -1.38
CA ASP B 72 -5.70 13.25 -1.95
C ASP B 72 -5.82 13.21 -3.48
N LYS B 73 -5.39 12.13 -4.10
CA LYS B 73 -5.39 12.06 -5.56
C LYS B 73 -5.50 10.59 -6.01
N ALA B 74 -6.14 9.77 -5.18
CA ALA B 74 -6.20 8.33 -5.41
C ALA B 74 -7.00 7.97 -6.66
N ALA B 75 -8.05 8.73 -6.91
CA ALA B 75 -8.94 8.47 -8.04
C ALA B 75 -8.20 8.54 -9.37
N ASP B 76 -7.15 9.37 -9.41
CA ASP B 76 -6.37 9.57 -10.62
C ASP B 76 -5.59 8.30 -10.97
N ILE B 77 -4.94 7.72 -9.95
CA ILE B 77 -4.14 6.53 -10.14
C ILE B 77 -5.01 5.33 -10.48
N ILE B 78 -6.15 5.21 -9.80
CA ILE B 78 -7.10 4.15 -10.09
C ILE B 78 -7.52 4.19 -11.55
N ASP B 79 -7.71 5.40 -12.04
CA ASP B 79 -8.09 5.61 -13.43
C ASP B 79 -6.90 5.33 -14.37
N GLY B 80 -5.72 5.81 -13.99
CA GLY B 80 -4.52 5.61 -14.79
C GLY B 80 -4.16 4.13 -14.93
N LEU B 81 -4.34 3.37 -13.85
CA LEU B 81 -4.09 1.93 -13.87
C LEU B 81 -4.95 1.24 -14.92
N ARG B 82 -6.14 1.78 -15.12
CA ARG B 82 -7.09 1.20 -16.05
C ARG B 82 -6.95 1.82 -17.44
N LYS B 83 -5.88 2.58 -17.65
CA LYS B 83 -5.59 3.12 -18.96
C LYS B 83 -4.27 2.57 -19.49
N ASN B 84 -3.22 2.75 -18.71
CA ASN B 84 -1.87 2.32 -19.11
C ASN B 84 -1.23 1.49 -18.01
N PRO B 85 -1.50 0.18 -17.99
CA PRO B 85 -0.97 -0.73 -16.97
C PRO B 85 0.54 -0.87 -17.04
N SER B 86 1.10 -0.85 -18.24
CA SER B 86 2.54 -0.98 -18.43
C SER B 86 3.28 0.25 -17.89
N ILE B 87 2.52 1.31 -17.66
CA ILE B 87 3.09 2.54 -17.12
C ILE B 87 2.88 2.62 -15.62
N ALA B 88 1.62 2.66 -15.20
CA ALA B 88 1.27 2.94 -13.81
C ALA B 88 1.61 1.78 -12.87
N VAL B 89 1.30 0.56 -13.28
CA VAL B 89 1.45 -0.61 -12.41
C VAL B 89 2.88 -0.76 -11.86
N PRO B 90 3.93 -0.70 -12.69
CA PRO B 90 5.32 -0.73 -12.19
C PRO B 90 5.61 0.38 -11.19
N ILE B 91 5.00 1.55 -11.39
CA ILE B 91 5.21 2.68 -10.50
C ILE B 91 4.49 2.49 -9.18
N VAL B 92 3.22 2.10 -9.25
CA VAL B 92 2.44 1.82 -8.05
C VAL B 92 3.01 0.61 -7.31
N LEU B 93 3.53 -0.34 -8.07
CA LEU B 93 4.23 -1.49 -7.50
C LEU B 93 5.43 -0.99 -6.70
N LYS B 94 6.15 -0.02 -7.26
CA LYS B 94 7.27 0.61 -6.58
C LYS B 94 6.81 1.28 -5.28
N ARG B 95 5.67 1.95 -5.36
CA ARG B 95 5.06 2.59 -4.19
C ARG B 95 4.67 1.55 -3.15
N LEU B 96 3.99 0.50 -3.60
CA LEU B 96 3.58 -0.57 -2.71
C LEU B 96 4.78 -1.23 -2.04
N LYS B 97 5.85 -1.44 -2.79
CA LYS B 97 7.07 -2.05 -2.25
C LYS B 97 7.72 -1.16 -1.19
N MET B 98 7.91 0.11 -1.51
CA MET B 98 8.60 1.03 -0.61
C MET B 98 7.80 1.24 0.68
N LYS B 99 6.47 1.27 0.56
CA LYS B 99 5.63 1.45 1.73
C LYS B 99 5.33 0.11 2.40
N GLU B 100 5.54 -0.98 1.67
CA GLU B 100 5.51 -2.31 2.26
C GLU B 100 6.57 -2.38 3.35
N GLU B 101 7.77 -1.96 3.00
CA GLU B 101 8.87 -1.88 3.94
C GLU B 101 8.60 -0.78 4.99
N GLU B 102 7.98 0.31 4.56
CA GLU B 102 7.63 1.40 5.46
C GLU B 102 6.73 0.89 6.59
N TRP B 103 5.64 0.23 6.21
CA TRP B 103 4.71 -0.33 7.18
C TRP B 103 5.33 -1.49 7.93
N ARG B 104 6.20 -2.24 7.25
CA ARG B 104 6.95 -3.30 7.89
C ARG B 104 7.80 -2.72 9.02
N GLU B 105 8.41 -1.57 8.74
CA GLU B 105 9.23 -0.86 9.73
C GLU B 105 8.38 -0.37 10.90
N ALA B 106 7.23 0.21 10.59
CA ALA B 106 6.32 0.69 11.62
C ALA B 106 5.83 -0.48 12.47
N GLN B 107 5.46 -1.56 11.80
CA GLN B 107 5.03 -2.79 12.48
C GLN B 107 6.17 -3.35 13.32
N ARG B 108 7.38 -3.30 12.77
CA ARG B 108 8.54 -3.83 13.47
C ARG B 108 8.96 -2.91 14.62
N GLY B 109 8.62 -1.64 14.51
CA GLY B 109 8.92 -0.69 15.56
C GLY B 109 7.99 -0.84 16.75
N PHE B 110 6.70 -1.01 16.46
CA PHE B 110 5.71 -1.17 17.52
C PHE B 110 5.53 -2.63 17.92
N ASN B 111 5.04 -3.43 16.98
CA ASN B 111 4.60 -4.80 17.28
C ASN B 111 5.77 -5.74 17.55
N LYS B 112 6.83 -5.63 16.76
CA LYS B 112 7.98 -6.52 16.93
C LYS B 112 8.62 -6.27 18.28
N VAL B 113 8.79 -5.01 18.63
CA VAL B 113 9.37 -4.65 19.92
C VAL B 113 8.44 -5.07 21.06
N TRP B 114 7.14 -4.97 20.82
CA TRP B 114 6.15 -5.47 21.77
C TRP B 114 6.38 -6.96 22.02
N ARG B 115 6.61 -7.69 20.95
CA ARG B 115 6.92 -9.11 21.03
C ARG B 115 8.24 -9.31 21.77
N GLU B 116 9.19 -8.42 21.52
CA GLU B 116 10.51 -8.48 22.16
C GLU B 116 10.40 -8.28 23.67
N GLN B 117 9.38 -7.55 24.10
CA GLN B 117 9.19 -7.29 25.53
C GLN B 117 8.31 -8.36 26.18
N ASN B 118 7.18 -8.69 25.55
CA ASN B 118 6.23 -9.63 26.14
C ASN B 118 6.66 -11.07 25.93
N GLU B 119 6.90 -11.44 24.68
CA GLU B 119 7.21 -12.82 24.33
C GLU B 119 8.65 -13.15 24.72
N LYS B 120 9.58 -12.34 24.21
CA LYS B 120 11.01 -12.54 24.44
C LYS B 120 11.46 -13.92 23.99
N TYR B 121 12.64 -14.30 24.46
CA TYR B 121 13.13 -15.65 24.29
C TYR B 121 13.45 -16.21 25.65
N TYR B 122 12.73 -17.24 26.07
CA TYR B 122 12.95 -17.83 27.37
C TYR B 122 14.33 -18.48 27.41
N LEU B 123 15.21 -17.88 28.17
CA LEU B 123 16.60 -18.31 28.24
C LEU B 123 16.72 -19.68 28.88
N LYS B 124 17.37 -20.59 28.18
CA LYS B 124 17.67 -21.91 28.73
C LYS B 124 18.75 -21.77 29.80
N SER B 125 19.88 -21.21 29.42
CA SER B 125 20.97 -20.94 30.33
C SER B 125 21.84 -19.82 29.76
N SER A 1 14.80 1.50 17.74
CA SER A 1 13.92 0.44 18.26
C SER A 1 12.63 1.04 18.82
N ASN A 2 11.52 0.32 18.64
CA ASN A 2 10.21 0.70 19.19
C ASN A 2 9.63 1.91 18.49
N ALA A 3 10.25 3.07 18.67
CA ALA A 3 9.76 4.31 18.09
C ALA A 3 10.12 4.41 16.62
N ALA A 4 9.15 4.14 15.76
CA ALA A 4 9.32 4.25 14.34
C ALA A 4 8.45 5.38 13.80
N GLN A 5 9.06 6.30 13.07
CA GLN A 5 8.32 7.42 12.51
C GLN A 5 7.63 7.00 11.22
N LEU A 6 6.33 6.80 11.31
CA LEU A 6 5.57 6.30 10.18
C LEU A 6 4.60 7.34 9.65
N ASN A 7 3.91 6.98 8.59
CA ASN A 7 2.81 7.76 8.06
C ASN A 7 1.84 6.82 7.36
N TYR A 8 0.74 7.35 6.89
CA TYR A 8 -0.21 6.55 6.14
C TYR A 8 -0.39 7.13 4.75
N LEU A 9 -0.45 8.46 4.68
CA LEU A 9 -0.65 9.17 3.43
C LEU A 9 0.66 9.28 2.65
N LEU A 10 0.63 10.02 1.56
CA LEU A 10 1.81 10.27 0.75
C LEU A 10 1.95 11.77 0.50
N THR A 11 3.18 12.24 0.35
CA THR A 11 3.42 13.67 0.17
C THR A 11 3.17 14.10 -1.28
N ASP A 12 2.78 15.36 -1.44
CA ASP A 12 2.52 15.95 -2.76
C ASP A 12 3.70 15.71 -3.70
N GLU A 13 4.91 15.88 -3.17
CA GLU A 13 6.14 15.65 -3.92
C GLU A 13 6.09 14.30 -4.62
N GLN A 14 5.88 13.25 -3.85
CA GLN A 14 5.89 11.89 -4.39
C GLN A 14 4.66 11.63 -5.24
N ILE A 15 3.50 12.10 -4.78
CA ILE A 15 2.25 11.94 -5.51
C ILE A 15 2.36 12.52 -6.92
N MET A 16 2.76 13.78 -7.00
CA MET A 16 2.84 14.46 -8.27
C MET A 16 3.95 13.88 -9.14
N GLU A 17 5.01 13.41 -8.49
CA GLU A 17 6.11 12.77 -9.21
C GLU A 17 5.58 11.56 -9.98
N ASP A 18 4.88 10.69 -9.26
CA ASP A 18 4.28 9.51 -9.86
C ASP A 18 3.28 9.90 -10.93
N LEU A 19 2.47 10.91 -10.62
CA LEU A 19 1.49 11.43 -11.57
C LEU A 19 2.14 11.90 -12.88
N ARG A 20 3.25 12.62 -12.76
CA ARG A 20 3.97 13.10 -13.95
C ARG A 20 4.48 11.92 -14.76
N THR A 21 4.93 10.89 -14.07
CA THR A 21 5.42 9.69 -14.72
C THR A 21 4.27 8.89 -15.33
N LEU A 22 3.05 9.14 -14.86
CA LEU A 22 1.86 8.55 -15.47
C LEU A 22 1.49 9.30 -16.75
N ASN A 23 1.72 10.61 -16.72
CA ASN A 23 1.36 11.48 -17.83
C ASN A 23 2.39 11.40 -18.95
N LYS A 24 3.61 11.85 -18.65
CA LYS A 24 4.67 11.93 -19.66
C LYS A 24 5.66 10.78 -19.53
N LEU A 25 5.49 9.98 -18.48
CA LEU A 25 6.36 8.84 -18.20
C LEU A 25 7.82 9.28 -18.11
N LYS A 26 8.18 9.95 -17.02
CA LYS A 26 9.57 10.33 -16.72
C LYS A 26 10.12 11.35 -17.72
N SER A 27 10.58 12.47 -17.19
CA SER A 27 11.24 13.46 -18.01
C SER A 27 12.44 14.02 -17.25
N SER B 1 -6.65 5.45 37.51
CA SER B 1 -7.68 5.45 36.44
C SER B 1 -8.33 6.82 36.34
N ASN B 2 -8.63 7.24 35.12
CA ASN B 2 -9.24 8.54 34.88
C ASN B 2 -10.76 8.43 34.82
N ALA B 3 -11.45 9.45 35.30
CA ALA B 3 -12.90 9.41 35.44
C ALA B 3 -13.61 9.52 34.09
N GLU B 4 -12.90 9.96 33.08
CA GLU B 4 -13.47 10.08 31.75
C GLU B 4 -13.00 8.92 30.89
N HIS B 5 -13.89 8.46 29.99
CA HIS B 5 -13.58 7.33 29.12
C HIS B 5 -12.69 7.75 27.95
N ILE B 6 -11.70 8.57 28.23
CA ILE B 6 -10.77 9.04 27.20
C ILE B 6 -9.73 7.97 26.91
N TYR B 7 -9.96 7.21 25.85
CA TYR B 7 -9.02 6.20 25.44
C TYR B 7 -8.01 6.82 24.48
N ARG B 8 -6.73 6.61 24.77
CA ARG B 8 -5.67 7.31 24.05
C ARG B 8 -5.27 6.53 22.80
N CYS B 9 -5.01 5.24 22.95
CA CYS B 9 -4.64 4.40 21.82
C CYS B 9 -5.87 3.70 21.25
N GLU B 10 -6.62 4.43 20.43
CA GLU B 10 -7.86 3.91 19.86
C GLU B 10 -7.59 2.96 18.69
N ASP B 11 -7.40 1.68 19.01
CA ASP B 11 -7.21 0.64 18.00
C ASP B 11 -6.10 1.00 17.01
N GLU B 12 -5.12 1.74 17.49
CA GLU B 12 -4.05 2.25 16.63
C GLU B 12 -3.15 1.11 16.20
N ARG B 13 -2.85 0.22 17.13
CA ARG B 13 -2.07 -0.95 16.85
C ARG B 13 -2.82 -1.87 15.89
N PHE B 14 -4.13 -1.97 16.11
CA PHE B 14 -4.99 -2.75 15.24
C PHE B 14 -4.99 -2.17 13.84
N GLU B 15 -5.02 -0.83 13.77
CA GLU B 15 -4.91 -0.11 12.51
C GLU B 15 -3.64 -0.52 11.77
N LEU B 16 -2.53 -0.67 12.49
CA LEU B 16 -1.27 -1.04 11.88
C LEU B 16 -1.34 -2.46 11.32
N ASP B 17 -1.96 -3.36 12.06
CA ASP B 17 -2.11 -4.75 11.61
C ASP B 17 -2.99 -4.80 10.36
N VAL B 18 -4.08 -4.04 10.38
CA VAL B 18 -5.01 -3.99 9.27
C VAL B 18 -4.36 -3.43 8.01
N VAL B 19 -3.70 -2.28 8.13
CA VAL B 19 -3.09 -1.63 6.98
C VAL B 19 -2.01 -2.53 6.38
N LEU B 20 -1.24 -3.20 7.23
CA LEU B 20 -0.18 -4.08 6.78
C LEU B 20 -0.74 -5.20 5.90
N GLU B 21 -1.74 -5.92 6.40
CA GLU B 21 -2.31 -7.03 5.65
C GLU B 21 -3.01 -6.55 4.38
N THR B 22 -3.79 -5.48 4.50
CA THR B 22 -4.52 -4.94 3.36
C THR B 22 -3.54 -4.50 2.26
N ASN B 23 -2.45 -3.88 2.67
CA ASN B 23 -1.41 -3.46 1.75
C ASN B 23 -0.76 -4.68 1.12
N LEU B 24 -0.40 -5.66 1.94
CA LEU B 24 0.26 -6.89 1.46
C LEU B 24 -0.61 -7.62 0.44
N ALA B 25 -1.92 -7.65 0.68
CA ALA B 25 -2.85 -8.24 -0.28
C ALA B 25 -2.77 -7.51 -1.61
N THR B 26 -2.76 -6.18 -1.55
CA THR B 26 -2.63 -5.35 -2.73
C THR B 26 -1.26 -5.53 -3.38
N ILE B 27 -0.23 -5.71 -2.55
CA ILE B 27 1.11 -6.02 -3.02
C ILE B 27 1.10 -7.25 -3.92
N ARG B 28 0.65 -8.36 -3.36
CA ARG B 28 0.70 -9.65 -4.03
C ARG B 28 -0.08 -9.64 -5.33
N VAL B 29 -1.26 -9.04 -5.32
CA VAL B 29 -2.09 -9.02 -6.52
C VAL B 29 -1.43 -8.16 -7.61
N LEU B 30 -0.91 -7.00 -7.25
CA LEU B 30 -0.32 -6.11 -8.23
C LEU B 30 1.02 -6.64 -8.75
N GLU B 31 1.73 -7.39 -7.91
CA GLU B 31 2.95 -8.04 -8.37
C GLU B 31 2.61 -9.09 -9.42
N ALA B 32 1.50 -9.78 -9.22
CA ALA B 32 0.99 -10.74 -10.19
C ALA B 32 0.55 -10.02 -11.47
N ILE B 33 -0.12 -8.90 -11.29
CA ILE B 33 -0.61 -8.10 -12.40
C ILE B 33 0.55 -7.62 -13.28
N GLN B 34 1.56 -7.04 -12.65
CA GLN B 34 2.72 -6.55 -13.40
C GLN B 34 3.52 -7.72 -13.97
N LYS B 35 3.43 -8.87 -13.28
CA LYS B 35 4.06 -10.10 -13.73
C LYS B 35 3.47 -10.52 -15.09
N LYS B 36 2.17 -10.27 -15.24
CA LYS B 36 1.48 -10.52 -16.50
C LYS B 36 1.74 -9.37 -17.49
N LEU B 37 1.54 -8.15 -17.01
CA LEU B 37 1.63 -6.94 -17.85
C LEU B 37 3.01 -6.76 -18.46
N SER B 38 4.02 -7.40 -17.84
CA SER B 38 5.43 -7.42 -18.27
C SER B 38 5.70 -6.84 -19.67
N ARG B 39 5.68 -5.52 -19.74
CA ARG B 39 6.03 -4.75 -20.94
C ARG B 39 5.21 -5.16 -22.16
N LEU B 40 3.97 -5.58 -21.94
CA LEU B 40 3.07 -5.95 -23.02
C LEU B 40 2.76 -4.74 -23.90
N SER B 41 2.48 -5.00 -25.17
CA SER B 41 2.09 -3.94 -26.08
C SER B 41 0.74 -3.38 -25.66
N ALA B 42 0.44 -2.15 -26.05
CA ALA B 42 -0.82 -1.51 -25.67
C ALA B 42 -2.01 -2.36 -26.09
N GLU B 43 -1.84 -3.09 -27.18
CA GLU B 43 -2.87 -4.00 -27.68
C GLU B 43 -3.17 -5.09 -26.65
N GLU B 44 -2.10 -5.61 -26.02
CA GLU B 44 -2.24 -6.63 -25.00
C GLU B 44 -2.62 -6.02 -23.66
N GLN B 45 -2.35 -4.73 -23.50
CA GLN B 45 -2.76 -4.00 -22.30
C GLN B 45 -4.27 -3.79 -22.31
N ALA B 46 -4.83 -3.75 -23.52
CA ALA B 46 -6.27 -3.70 -23.69
C ALA B 46 -6.87 -5.09 -23.49
N LYS B 47 -6.05 -6.10 -23.74
CA LYS B 47 -6.45 -7.49 -23.55
C LYS B 47 -6.48 -7.83 -22.06
N PHE B 48 -5.34 -7.68 -21.41
CA PHE B 48 -5.25 -7.90 -19.98
C PHE B 48 -5.16 -6.56 -19.27
N ARG B 49 -6.28 -6.11 -18.74
CA ARG B 49 -6.32 -4.85 -18.03
C ARG B 49 -7.05 -5.04 -16.70
N LEU B 50 -6.90 -4.06 -15.81
CA LEU B 50 -7.48 -4.16 -14.46
C LEU B 50 -9.00 -4.03 -14.48
N ASP B 51 -9.57 -3.87 -15.67
CA ASP B 51 -11.01 -3.72 -15.85
C ASP B 51 -11.77 -4.89 -15.24
N ASN B 52 -11.42 -6.11 -15.63
CA ASN B 52 -12.13 -7.29 -15.16
C ASN B 52 -11.33 -7.96 -14.04
N THR B 53 -10.12 -7.49 -13.80
CA THR B 53 -9.25 -8.13 -12.83
C THR B 53 -9.33 -7.44 -11.46
N LEU B 54 -9.28 -6.12 -11.45
CA LEU B 54 -9.32 -5.39 -10.20
C LEU B 54 -10.74 -4.93 -9.93
N GLY B 55 -11.58 -5.88 -9.55
CA GLY B 55 -12.96 -5.60 -9.26
C GLY B 55 -13.73 -6.86 -8.97
N GLY B 56 -14.88 -6.72 -8.34
CA GLY B 56 -15.69 -7.88 -8.04
C GLY B 56 -15.39 -8.42 -6.66
N THR B 57 -15.66 -7.60 -5.65
CA THR B 57 -15.51 -7.99 -4.25
C THR B 57 -14.04 -7.97 -3.79
N SER B 58 -13.13 -8.12 -4.73
CA SER B 58 -11.71 -8.11 -4.41
C SER B 58 -11.12 -6.70 -4.59
N GLU B 59 -11.96 -5.75 -4.98
CA GLU B 59 -11.49 -4.41 -5.30
C GLU B 59 -11.38 -3.53 -4.05
N VAL B 60 -12.34 -3.69 -3.13
CA VAL B 60 -12.43 -2.83 -1.95
C VAL B 60 -11.11 -2.76 -1.18
N ILE B 61 -10.48 -3.90 -0.96
CA ILE B 61 -9.25 -3.96 -0.19
C ILE B 61 -8.12 -3.25 -0.91
N HIS B 62 -8.11 -3.32 -2.23
CA HIS B 62 -7.03 -2.73 -2.99
C HIS B 62 -7.28 -1.24 -3.18
N ARG B 63 -8.56 -0.89 -3.35
CA ARG B 63 -8.96 0.51 -3.40
C ARG B 63 -8.61 1.19 -2.08
N LYS B 64 -8.96 0.52 -0.99
CA LYS B 64 -8.74 1.04 0.35
C LYS B 64 -7.26 1.30 0.61
N ALA B 65 -6.44 0.29 0.39
CA ALA B 65 -5.01 0.39 0.62
C ALA B 65 -4.38 1.49 -0.23
N LEU B 66 -4.79 1.57 -1.49
CA LEU B 66 -4.22 2.54 -2.41
C LEU B 66 -4.68 3.96 -2.07
N GLN B 67 -5.92 4.08 -1.60
CA GLN B 67 -6.46 5.38 -1.21
C GLN B 67 -5.83 5.88 0.07
N ARG B 68 -5.31 4.96 0.88
CA ARG B 68 -4.61 5.35 2.10
C ARG B 68 -3.35 6.18 1.77
N ILE B 69 -2.68 5.84 0.68
CA ILE B 69 -1.46 6.56 0.30
C ILE B 69 -1.74 7.63 -0.76
N TYR B 70 -2.53 7.30 -1.77
CA TYR B 70 -2.83 8.24 -2.84
C TYR B 70 -4.17 8.92 -2.62
N ALA B 71 -4.52 9.12 -1.35
CA ALA B 71 -5.82 9.69 -0.95
C ALA B 71 -6.31 10.83 -1.84
N ASP B 72 -5.44 11.80 -2.11
CA ASP B 72 -5.85 13.01 -2.83
C ASP B 72 -5.94 12.81 -4.35
N LYS B 73 -5.42 11.69 -4.84
CA LYS B 73 -5.46 11.42 -6.28
C LYS B 73 -5.71 9.95 -6.57
N ALA B 74 -6.46 9.30 -5.69
CA ALA B 74 -6.81 7.90 -5.87
C ALA B 74 -7.61 7.71 -7.14
N ALA B 75 -8.50 8.65 -7.42
CA ALA B 75 -9.33 8.62 -8.62
C ALA B 75 -8.47 8.68 -9.88
N ASP B 76 -7.31 9.32 -9.77
CA ASP B 76 -6.41 9.48 -10.91
C ASP B 76 -5.60 8.22 -11.13
N ILE B 77 -5.20 7.58 -10.03
CA ILE B 77 -4.39 6.37 -10.10
C ILE B 77 -5.19 5.19 -10.65
N ILE B 78 -6.40 4.99 -10.13
CA ILE B 78 -7.28 3.93 -10.61
C ILE B 78 -7.55 4.11 -12.10
N ASP B 79 -7.73 5.37 -12.50
CA ASP B 79 -7.89 5.71 -13.91
C ASP B 79 -6.66 5.31 -14.70
N GLY B 80 -5.50 5.66 -14.15
CA GLY B 80 -4.23 5.33 -14.79
C GLY B 80 -4.01 3.84 -14.93
N LEU B 81 -4.34 3.09 -13.88
CA LEU B 81 -4.20 1.64 -13.89
C LEU B 81 -4.98 1.00 -15.03
N ARG B 82 -6.16 1.54 -15.30
CA ARG B 82 -7.04 1.02 -16.35
C ARG B 82 -6.85 1.81 -17.65
N LYS B 83 -5.76 2.54 -17.74
CA LYS B 83 -5.48 3.37 -18.91
C LYS B 83 -4.08 3.08 -19.45
N ASN B 84 -3.09 3.17 -18.57
CA ASN B 84 -1.72 2.86 -18.93
C ASN B 84 -1.15 1.82 -17.97
N PRO B 85 -1.49 0.54 -18.18
CA PRO B 85 -1.06 -0.56 -17.30
C PRO B 85 0.46 -0.65 -17.17
N SER B 86 1.15 -0.62 -18.30
CA SER B 86 2.61 -0.73 -18.32
C SER B 86 3.29 0.53 -17.80
N ILE B 87 2.50 1.51 -17.39
CA ILE B 87 3.03 2.74 -16.83
C ILE B 87 2.69 2.85 -15.35
N ALA B 88 1.40 2.82 -15.04
CA ALA B 88 0.93 3.06 -13.68
C ALA B 88 1.32 1.93 -12.74
N VAL B 89 1.09 0.69 -13.15
CA VAL B 89 1.31 -0.49 -12.31
C VAL B 89 2.75 -0.58 -11.79
N PRO B 90 3.78 -0.43 -12.67
CA PRO B 90 5.17 -0.39 -12.20
C PRO B 90 5.41 0.69 -11.15
N ILE B 91 4.80 1.85 -11.35
CA ILE B 91 4.96 2.98 -10.45
C ILE B 91 4.30 2.70 -9.09
N VAL B 92 3.02 2.34 -9.13
CA VAL B 92 2.27 2.04 -7.91
C VAL B 92 2.92 0.88 -7.16
N LEU B 93 3.45 -0.06 -7.90
CA LEU B 93 4.15 -1.20 -7.33
C LEU B 93 5.37 -0.73 -6.53
N LYS B 94 6.10 0.22 -7.10
CA LYS B 94 7.25 0.82 -6.41
C LYS B 94 6.83 1.49 -5.11
N ARG B 95 5.81 2.35 -5.20
CA ARG B 95 5.31 3.09 -4.05
C ARG B 95 4.80 2.13 -2.98
N LEU B 96 4.18 1.04 -3.42
CA LEU B 96 3.67 0.03 -2.51
C LEU B 96 4.81 -0.72 -1.84
N LYS B 97 5.89 -1.01 -2.58
CA LYS B 97 7.08 -1.63 -1.99
C LYS B 97 7.67 -0.72 -0.92
N MET B 98 7.75 0.56 -1.26
CA MET B 98 8.21 1.59 -0.35
C MET B 98 7.44 1.55 0.97
N LYS B 99 6.11 1.59 0.88
CA LYS B 99 5.26 1.62 2.06
C LYS B 99 5.19 0.25 2.72
N GLU B 100 5.33 -0.81 1.93
CA GLU B 100 5.37 -2.17 2.44
C GLU B 100 6.44 -2.31 3.50
N GLU B 101 7.67 -1.98 3.13
CA GLU B 101 8.80 -2.11 4.03
C GLU B 101 8.71 -1.07 5.14
N GLU B 102 8.23 0.12 4.81
CA GLU B 102 8.02 1.17 5.80
C GLU B 102 7.09 0.67 6.90
N TRP B 103 5.94 0.14 6.49
CA TRP B 103 4.95 -0.36 7.43
C TRP B 103 5.44 -1.61 8.15
N ARG B 104 6.30 -2.40 7.50
CA ARG B 104 6.90 -3.55 8.16
C ARG B 104 7.81 -3.11 9.29
N GLU B 105 8.62 -2.10 9.04
CA GLU B 105 9.49 -1.54 10.08
C GLU B 105 8.65 -1.00 11.22
N ALA B 106 7.55 -0.34 10.85
CA ALA B 106 6.63 0.24 11.84
C ALA B 106 5.96 -0.86 12.66
N GLN B 107 5.37 -1.85 11.97
CA GLN B 107 4.67 -2.93 12.66
C GLN B 107 5.63 -3.73 13.52
N ARG B 108 6.86 -3.88 13.06
CA ARG B 108 7.88 -4.59 13.84
C ARG B 108 8.15 -3.84 15.14
N GLY B 109 8.40 -2.53 15.03
CA GLY B 109 8.72 -1.73 16.18
C GLY B 109 7.60 -1.66 17.20
N PHE B 110 6.38 -1.43 16.73
CA PHE B 110 5.23 -1.31 17.63
C PHE B 110 4.57 -2.66 17.90
N ASN B 111 3.97 -3.24 16.86
CA ASN B 111 3.14 -4.43 17.02
C ASN B 111 3.95 -5.65 17.42
N LYS B 112 4.98 -5.96 16.64
CA LYS B 112 5.78 -7.14 16.88
C LYS B 112 6.49 -7.05 18.23
N VAL B 113 7.29 -5.99 18.42
CA VAL B 113 8.05 -5.81 19.65
C VAL B 113 7.16 -5.87 20.88
N TRP B 114 5.99 -5.23 20.82
CA TRP B 114 5.05 -5.27 21.94
C TRP B 114 4.68 -6.71 22.26
N ARG B 115 4.35 -7.49 21.22
CA ARG B 115 3.97 -8.88 21.42
C ARG B 115 5.15 -9.69 21.93
N GLU B 116 6.35 -9.43 21.40
CA GLU B 116 7.55 -10.15 21.83
C GLU B 116 7.76 -9.97 23.33
N GLN B 117 7.40 -8.80 23.83
CA GLN B 117 7.49 -8.50 25.25
C GLN B 117 6.25 -9.00 25.99
N ASN B 118 5.17 -9.21 25.25
CA ASN B 118 3.91 -9.68 25.82
C ASN B 118 3.91 -11.19 26.03
N GLU B 119 4.58 -11.91 25.12
CA GLU B 119 4.64 -13.37 25.19
C GLU B 119 5.15 -13.86 26.55
N LYS B 120 6.07 -13.11 27.12
CA LYS B 120 6.62 -13.43 28.43
C LYS B 120 6.62 -12.18 29.30
N TYR B 121 7.32 -12.21 30.43
CA TYR B 121 7.55 -11.03 31.27
C TYR B 121 6.29 -10.59 32.04
N TYR B 122 5.12 -10.85 31.45
CA TYR B 122 3.82 -10.52 32.06
C TYR B 122 3.54 -9.03 32.01
N LEU B 123 2.27 -8.67 31.88
CA LEU B 123 1.86 -7.29 31.94
C LEU B 123 1.62 -6.89 33.39
N LYS B 124 2.46 -5.99 33.90
CA LYS B 124 2.36 -5.57 35.29
C LYS B 124 1.48 -4.33 35.42
N SER B 125 0.99 -3.84 34.30
CA SER B 125 0.14 -2.66 34.28
C SER B 125 -1.27 -3.02 33.84
N SER A 1 10.84 -1.51 20.04
CA SER A 1 12.31 -1.42 20.18
C SER A 1 12.92 -0.44 19.17
N ASN A 2 12.08 0.11 18.30
CA ASN A 2 12.55 1.08 17.32
C ASN A 2 11.50 2.16 17.12
N ALA A 3 11.96 3.38 16.85
CA ALA A 3 11.06 4.52 16.71
C ALA A 3 10.52 4.59 15.29
N ALA A 4 9.27 4.18 15.13
CA ALA A 4 8.64 4.16 13.82
C ALA A 4 7.59 5.24 13.71
N GLN A 5 7.46 5.80 12.51
CA GLN A 5 6.53 6.88 12.26
C GLN A 5 5.39 6.39 11.37
N LEU A 6 4.18 6.45 11.89
CA LEU A 6 3.01 6.04 11.12
C LEU A 6 2.52 7.19 10.26
N ASN A 7 3.13 7.35 9.09
CA ASN A 7 2.75 8.43 8.21
C ASN A 7 1.60 7.98 7.30
N TYR A 8 1.64 6.71 6.90
CA TYR A 8 0.60 6.10 6.04
C TYR A 8 0.66 6.64 4.63
N LEU A 9 0.44 7.95 4.49
CA LEU A 9 0.46 8.62 3.20
C LEU A 9 1.90 8.99 2.84
N LEU A 10 2.15 9.25 1.57
CA LEU A 10 3.44 9.79 1.16
C LEU A 10 3.25 11.23 0.70
N THR A 11 4.34 11.98 0.63
CA THR A 11 4.29 13.38 0.28
C THR A 11 3.59 13.61 -1.06
N ASP A 12 2.61 14.52 -1.06
CA ASP A 12 1.85 14.87 -2.26
C ASP A 12 2.77 15.25 -3.42
N GLU A 13 3.97 15.71 -3.08
CA GLU A 13 4.98 16.05 -4.07
C GLU A 13 5.32 14.83 -4.94
N GLN A 14 5.40 13.67 -4.31
CA GLN A 14 5.70 12.43 -5.03
C GLN A 14 4.50 12.00 -5.85
N ILE A 15 3.30 12.17 -5.29
CA ILE A 15 2.06 11.88 -6.02
C ILE A 15 2.00 12.70 -7.30
N MET A 16 2.34 13.98 -7.19
CA MET A 16 2.38 14.86 -8.34
C MET A 16 3.41 14.37 -9.37
N GLU A 17 4.57 13.96 -8.88
CA GLU A 17 5.62 13.44 -9.75
C GLU A 17 5.16 12.15 -10.43
N ASP A 18 4.39 11.34 -9.71
CA ASP A 18 3.84 10.11 -10.26
C ASP A 18 2.88 10.44 -11.40
N LEU A 19 1.99 11.40 -11.17
CA LEU A 19 1.08 11.87 -12.22
C LEU A 19 1.86 12.41 -13.41
N ARG A 20 2.93 13.14 -13.12
CA ARG A 20 3.82 13.63 -14.16
C ARG A 20 4.44 12.48 -14.92
N THR A 21 4.94 11.49 -14.20
CA THR A 21 5.59 10.34 -14.79
C THR A 21 4.63 9.56 -15.70
N LEU A 22 3.37 9.48 -15.30
CA LEU A 22 2.34 8.85 -16.13
C LEU A 22 2.30 9.51 -17.51
N ASN A 23 2.50 10.83 -17.53
CA ASN A 23 2.48 11.60 -18.76
C ASN A 23 3.85 11.55 -19.45
N LYS A 24 4.91 11.49 -18.65
CA LYS A 24 6.27 11.44 -19.19
C LYS A 24 6.54 10.12 -19.91
N LEU A 25 5.73 9.11 -19.64
CA LEU A 25 5.85 7.83 -20.35
C LEU A 25 5.15 7.89 -21.70
N LYS A 26 4.26 8.86 -21.87
CA LYS A 26 3.57 9.04 -23.14
C LYS A 26 4.46 9.80 -24.11
N SER A 27 5.20 9.05 -24.93
CA SER A 27 6.15 9.62 -25.88
C SER A 27 7.19 10.47 -25.15
N SER B 1 -3.67 9.55 8.74
CA SER B 1 -3.64 10.98 9.07
C SER B 1 -5.05 11.54 9.15
N ASN B 2 -5.56 11.67 10.38
CA ASN B 2 -6.90 12.19 10.62
C ASN B 2 -6.88 13.13 11.81
N ALA B 3 -7.40 14.34 11.62
CA ALA B 3 -7.40 15.39 12.65
C ALA B 3 -5.97 15.86 12.94
N GLU B 4 -5.82 16.75 13.91
CA GLU B 4 -4.50 17.25 14.27
C GLU B 4 -3.94 16.49 15.47
N HIS B 5 -4.83 16.07 16.36
CA HIS B 5 -4.41 15.30 17.52
C HIS B 5 -4.65 13.82 17.28
N ILE B 6 -3.69 13.18 16.63
CA ILE B 6 -3.79 11.76 16.32
C ILE B 6 -3.37 10.93 17.51
N TYR B 7 -4.33 10.60 18.36
CA TYR B 7 -4.08 9.77 19.52
C TYR B 7 -4.60 8.37 19.26
N ARG B 8 -3.72 7.45 18.92
CA ARG B 8 -4.13 6.11 18.63
C ARG B 8 -3.53 5.10 19.57
N CYS B 9 -4.40 4.36 20.24
CA CYS B 9 -4.02 3.23 21.06
C CYS B 9 -5.08 2.16 20.94
N GLU B 10 -6.32 2.60 20.75
CA GLU B 10 -7.45 1.69 20.57
C GLU B 10 -7.50 1.17 19.14
N ASP B 11 -7.19 2.04 18.19
CA ASP B 11 -7.24 1.67 16.77
C ASP B 11 -5.85 1.55 16.18
N GLU B 12 -4.83 1.63 17.00
CA GLU B 12 -3.46 1.68 16.49
C GLU B 12 -2.95 0.29 16.16
N ARG B 13 -3.04 -0.62 17.12
CA ARG B 13 -2.54 -1.96 16.96
C ARG B 13 -3.28 -2.69 15.85
N PHE B 14 -4.61 -2.68 15.95
CA PHE B 14 -5.45 -3.34 14.96
C PHE B 14 -5.21 -2.76 13.58
N GLU B 15 -4.99 -1.44 13.55
CA GLU B 15 -4.64 -0.78 12.30
C GLU B 15 -3.39 -1.40 11.72
N LEU B 16 -2.37 -1.59 12.56
CA LEU B 16 -1.06 -2.04 12.07
C LEU B 16 -1.15 -3.41 11.42
N ASP B 17 -1.73 -4.37 12.12
CA ASP B 17 -1.84 -5.72 11.58
C ASP B 17 -2.68 -5.72 10.31
N VAL B 18 -3.80 -5.00 10.36
CA VAL B 18 -4.73 -4.97 9.24
C VAL B 18 -4.16 -4.23 8.03
N VAL B 19 -3.56 -3.05 8.26
CA VAL B 19 -3.00 -2.27 7.16
C VAL B 19 -1.89 -3.03 6.46
N LEU B 20 -1.07 -3.74 7.23
CA LEU B 20 -0.01 -4.56 6.65
C LEU B 20 -0.60 -5.63 5.74
N GLU B 21 -1.64 -6.31 6.23
CA GLU B 21 -2.30 -7.32 5.41
C GLU B 21 -3.00 -6.69 4.22
N THR B 22 -3.67 -5.57 4.44
CA THR B 22 -4.37 -4.86 3.37
C THR B 22 -3.38 -4.43 2.28
N ASN B 23 -2.26 -3.87 2.72
CA ASN B 23 -1.21 -3.45 1.81
C ASN B 23 -0.67 -4.65 1.06
N LEU B 24 -0.31 -5.70 1.80
CA LEU B 24 0.30 -6.89 1.21
C LEU B 24 -0.67 -7.59 0.28
N ALA B 25 -1.97 -7.53 0.59
CA ALA B 25 -2.99 -8.05 -0.32
C ALA B 25 -2.93 -7.32 -1.65
N THR B 26 -2.81 -6.00 -1.57
CA THR B 26 -2.64 -5.18 -2.75
C THR B 26 -1.29 -5.47 -3.41
N ILE B 27 -0.28 -5.75 -2.59
CA ILE B 27 1.01 -6.18 -3.09
C ILE B 27 0.85 -7.45 -3.92
N ARG B 28 0.10 -8.40 -3.38
CA ARG B 28 -0.17 -9.66 -4.06
C ARG B 28 -0.72 -9.42 -5.46
N VAL B 29 -1.82 -8.69 -5.54
CA VAL B 29 -2.46 -8.44 -6.82
C VAL B 29 -1.58 -7.61 -7.75
N LEU B 30 -0.92 -6.59 -7.22
CA LEU B 30 -0.03 -5.76 -8.02
C LEU B 30 1.15 -6.57 -8.57
N GLU B 31 1.77 -7.37 -7.71
CA GLU B 31 2.88 -8.23 -8.11
C GLU B 31 2.41 -9.22 -9.19
N ALA B 32 1.18 -9.71 -9.04
CA ALA B 32 0.61 -10.65 -10.00
C ALA B 32 0.35 -9.95 -11.32
N ILE B 33 -0.19 -8.73 -11.25
CA ILE B 33 -0.47 -7.93 -12.43
C ILE B 33 0.81 -7.64 -13.20
N GLN B 34 1.83 -7.16 -12.50
CA GLN B 34 3.10 -6.82 -13.14
C GLN B 34 3.75 -8.07 -13.75
N LYS B 35 3.58 -9.20 -13.08
CA LYS B 35 4.12 -10.46 -13.55
C LYS B 35 3.32 -10.96 -14.76
N LYS B 36 2.02 -10.69 -14.76
CA LYS B 36 1.15 -11.08 -15.85
C LYS B 36 1.41 -10.18 -17.06
N LEU B 37 1.54 -8.89 -16.82
CA LEU B 37 1.81 -7.92 -17.87
C LEU B 37 3.11 -8.26 -18.59
N SER B 38 4.09 -8.76 -17.83
CA SER B 38 5.35 -9.28 -18.36
C SER B 38 5.97 -8.37 -19.45
N ARG B 39 5.75 -7.07 -19.30
CA ARG B 39 6.31 -6.07 -20.21
C ARG B 39 5.83 -6.26 -21.65
N LEU B 40 4.59 -6.71 -21.81
CA LEU B 40 3.95 -6.80 -23.11
C LEU B 40 3.93 -5.44 -23.80
N SER B 41 3.73 -5.42 -25.11
CA SER B 41 3.72 -4.17 -25.85
C SER B 41 2.40 -3.44 -25.67
N ALA B 42 2.32 -2.21 -26.19
CA ALA B 42 1.14 -1.36 -26.00
C ALA B 42 -0.15 -2.05 -26.47
N GLU B 43 -0.07 -2.77 -27.58
CA GLU B 43 -1.22 -3.49 -28.11
C GLU B 43 -1.72 -4.51 -27.10
N GLU B 44 -0.77 -5.17 -26.45
CA GLU B 44 -1.08 -6.23 -25.51
C GLU B 44 -1.51 -5.66 -24.16
N GLN B 45 -1.00 -4.47 -23.84
CA GLN B 45 -1.39 -3.77 -22.60
C GLN B 45 -2.81 -3.24 -22.73
N ALA B 46 -3.25 -3.01 -23.96
CA ALA B 46 -4.63 -2.65 -24.23
C ALA B 46 -5.49 -3.90 -24.32
N LYS B 47 -4.89 -4.95 -24.87
CA LYS B 47 -5.54 -6.25 -24.98
C LYS B 47 -5.87 -6.79 -23.60
N PHE B 48 -4.85 -6.93 -22.77
CA PHE B 48 -5.04 -7.33 -21.38
C PHE B 48 -4.91 -6.11 -20.49
N ARG B 49 -6.03 -5.56 -20.08
CA ARG B 49 -6.03 -4.32 -19.32
C ARG B 49 -6.82 -4.49 -18.02
N LEU B 50 -6.40 -3.74 -17.01
CA LEU B 50 -6.98 -3.85 -15.67
C LEU B 50 -8.42 -3.37 -15.64
N ASP B 51 -9.35 -4.30 -15.63
CA ASP B 51 -10.75 -3.97 -15.48
C ASP B 51 -11.38 -4.81 -14.38
N ASN B 52 -11.42 -6.11 -14.59
CA ASN B 52 -12.02 -7.02 -13.63
C ASN B 52 -10.96 -7.72 -12.79
N THR B 53 -9.70 -7.49 -13.14
CA THR B 53 -8.58 -8.17 -12.48
C THR B 53 -8.41 -7.70 -11.03
N LEU B 54 -8.65 -6.42 -10.78
CA LEU B 54 -8.47 -5.86 -9.44
C LEU B 54 -9.76 -5.92 -8.65
N GLY B 55 -10.83 -6.29 -9.32
CA GLY B 55 -12.14 -6.36 -8.70
C GLY B 55 -12.45 -7.75 -8.21
N GLY B 56 -13.67 -7.93 -7.72
CA GLY B 56 -14.06 -9.22 -7.18
C GLY B 56 -13.78 -9.33 -5.69
N THR B 57 -14.85 -9.45 -4.91
CA THR B 57 -14.81 -9.65 -3.44
C THR B 57 -13.95 -8.61 -2.70
N SER B 58 -12.64 -8.82 -2.68
CA SER B 58 -11.72 -7.96 -1.93
C SER B 58 -11.42 -6.65 -2.67
N GLU B 59 -12.47 -6.05 -3.22
CA GLU B 59 -12.32 -4.84 -4.01
C GLU B 59 -11.99 -3.63 -3.12
N VAL B 60 -12.79 -3.46 -2.06
CA VAL B 60 -12.67 -2.32 -1.18
C VAL B 60 -11.26 -2.18 -0.60
N ILE B 61 -10.66 -3.29 -0.16
CA ILE B 61 -9.35 -3.24 0.48
C ILE B 61 -8.28 -2.81 -0.50
N HIS B 62 -8.42 -3.21 -1.76
CA HIS B 62 -7.44 -2.86 -2.76
C HIS B 62 -7.51 -1.36 -3.04
N ARG B 63 -8.72 -0.88 -3.24
CA ARG B 63 -8.94 0.53 -3.52
C ARG B 63 -8.57 1.39 -2.31
N LYS B 64 -8.98 0.94 -1.12
CA LYS B 64 -8.71 1.68 0.11
C LYS B 64 -7.22 1.79 0.36
N ALA B 65 -6.48 0.71 0.11
CA ALA B 65 -5.03 0.73 0.27
C ALA B 65 -4.39 1.73 -0.69
N LEU B 66 -4.87 1.73 -1.92
CA LEU B 66 -4.39 2.66 -2.93
C LEU B 66 -4.77 4.09 -2.52
N GLN B 67 -5.99 4.27 -2.06
CA GLN B 67 -6.48 5.58 -1.65
C GLN B 67 -5.75 6.09 -0.41
N ARG B 68 -5.20 5.18 0.37
CA ARG B 68 -4.49 5.57 1.59
C ARG B 68 -3.11 6.16 1.26
N ILE B 69 -2.51 5.69 0.18
CA ILE B 69 -1.21 6.19 -0.22
C ILE B 69 -1.34 7.29 -1.28
N TYR B 70 -2.48 7.33 -1.95
CA TYR B 70 -2.76 8.36 -2.95
C TYR B 70 -4.03 9.14 -2.59
N ALA B 71 -4.21 9.39 -1.30
CA ALA B 71 -5.40 10.10 -0.77
C ALA B 71 -5.85 11.28 -1.63
N ASP B 72 -4.89 12.00 -2.21
CA ASP B 72 -5.21 13.21 -2.96
C ASP B 72 -5.62 12.89 -4.40
N LYS B 73 -4.86 12.02 -5.06
CA LYS B 73 -5.08 11.75 -6.48
C LYS B 73 -5.37 10.28 -6.73
N ALA B 74 -6.11 9.66 -5.82
CA ALA B 74 -6.44 8.25 -5.91
C ALA B 74 -7.21 7.95 -7.19
N ALA B 75 -8.21 8.77 -7.50
CA ALA B 75 -9.05 8.56 -8.67
C ALA B 75 -8.24 8.57 -9.97
N ASP B 76 -7.19 9.37 -9.99
CA ASP B 76 -6.35 9.48 -11.17
C ASP B 76 -5.47 8.25 -11.33
N ILE B 77 -5.00 7.71 -10.22
CA ILE B 77 -4.15 6.52 -10.26
C ILE B 77 -4.99 5.27 -10.53
N ILE B 78 -6.16 5.19 -9.91
CA ILE B 78 -7.09 4.10 -10.17
C ILE B 78 -7.42 4.03 -11.65
N ASP B 79 -7.72 5.18 -12.24
CA ASP B 79 -7.99 5.27 -13.66
C ASP B 79 -6.72 5.03 -14.46
N GLY B 80 -5.60 5.54 -13.96
CA GLY B 80 -4.31 5.35 -14.61
C GLY B 80 -3.93 3.89 -14.76
N LEU B 81 -4.22 3.11 -13.73
CA LEU B 81 -3.97 1.68 -13.76
C LEU B 81 -4.80 1.01 -14.85
N ARG B 82 -6.04 1.46 -14.98
CA ARG B 82 -6.96 0.89 -15.96
C ARG B 82 -6.76 1.56 -17.32
N LYS B 83 -5.85 2.54 -17.34
CA LYS B 83 -5.52 3.25 -18.57
C LYS B 83 -4.32 2.59 -19.23
N ASN B 84 -3.20 2.61 -18.53
CA ASN B 84 -1.96 2.07 -19.04
C ASN B 84 -1.21 1.31 -17.95
N PRO B 85 -1.44 -0.01 -17.87
CA PRO B 85 -0.81 -0.86 -16.86
C PRO B 85 0.71 -0.93 -17.02
N SER B 86 1.18 -0.71 -18.25
CA SER B 86 2.62 -0.71 -18.50
C SER B 86 3.28 0.55 -17.95
N ILE B 87 2.48 1.53 -17.56
CA ILE B 87 2.99 2.77 -17.04
C ILE B 87 2.75 2.89 -15.53
N ALA B 88 1.49 2.84 -15.13
CA ALA B 88 1.13 3.10 -13.73
C ALA B 88 1.50 1.96 -12.80
N VAL B 89 1.32 0.72 -13.26
CA VAL B 89 1.53 -0.44 -12.42
C VAL B 89 2.94 -0.49 -11.81
N PRO B 90 4.02 -0.40 -12.62
CA PRO B 90 5.39 -0.40 -12.09
C PRO B 90 5.61 0.71 -11.07
N ILE B 91 5.12 1.91 -11.38
CA ILE B 91 5.28 3.06 -10.50
C ILE B 91 4.53 2.85 -9.19
N VAL B 92 3.26 2.54 -9.31
CA VAL B 92 2.38 2.41 -8.16
C VAL B 92 2.81 1.25 -7.29
N LEU B 93 3.32 0.20 -7.92
CA LEU B 93 3.82 -0.96 -7.20
C LEU B 93 5.03 -0.55 -6.35
N LYS B 94 5.93 0.24 -6.93
CA LYS B 94 7.10 0.73 -6.20
C LYS B 94 6.67 1.52 -4.97
N ARG B 95 5.66 2.38 -5.14
CA ARG B 95 5.15 3.18 -4.04
C ARG B 95 4.59 2.27 -2.94
N LEU B 96 3.91 1.21 -3.36
CA LEU B 96 3.36 0.22 -2.44
C LEU B 96 4.46 -0.49 -1.66
N LYS B 97 5.51 -0.92 -2.37
CA LYS B 97 6.62 -1.63 -1.75
C LYS B 97 7.37 -0.72 -0.79
N MET B 98 7.43 0.56 -1.13
CA MET B 98 8.04 1.57 -0.28
C MET B 98 7.27 1.67 1.04
N LYS B 99 5.95 1.72 0.93
CA LYS B 99 5.10 1.80 2.12
C LYS B 99 5.08 0.48 2.89
N GLU B 100 5.18 -0.63 2.16
CA GLU B 100 5.31 -1.94 2.80
C GLU B 100 6.52 -1.93 3.73
N GLU B 101 7.61 -1.34 3.24
CA GLU B 101 8.83 -1.18 4.03
C GLU B 101 8.55 -0.34 5.28
N GLU B 102 7.90 0.80 5.07
CA GLU B 102 7.55 1.71 6.16
C GLU B 102 6.69 1.01 7.21
N TRP B 103 5.63 0.35 6.74
CA TRP B 103 4.69 -0.31 7.62
C TRP B 103 5.31 -1.50 8.35
N ARG B 104 6.28 -2.17 7.72
CA ARG B 104 7.01 -3.24 8.38
C ARG B 104 7.83 -2.70 9.54
N GLU B 105 8.51 -1.58 9.29
CA GLU B 105 9.32 -0.92 10.32
C GLU B 105 8.45 -0.56 11.52
N ALA B 106 7.24 -0.10 11.24
CA ALA B 106 6.29 0.26 12.28
C ALA B 106 5.73 -0.98 12.96
N GLN B 107 5.31 -1.97 12.16
CA GLN B 107 4.73 -3.19 12.68
C GLN B 107 5.70 -3.92 13.59
N ARG B 108 6.97 -3.94 13.21
CA ARG B 108 8.00 -4.58 14.02
C ARG B 108 8.10 -3.90 15.37
N GLY B 109 8.26 -2.58 15.36
CA GLY B 109 8.45 -1.83 16.58
C GLY B 109 7.29 -1.96 17.53
N PHE B 110 6.07 -1.81 17.02
CA PHE B 110 4.89 -1.84 17.86
C PHE B 110 4.35 -3.26 18.04
N ASN B 111 3.90 -3.86 16.94
CA ASN B 111 3.16 -5.12 16.99
C ASN B 111 4.05 -6.31 17.29
N LYS B 112 5.12 -6.46 16.53
CA LYS B 112 6.02 -7.59 16.69
C LYS B 112 6.57 -7.64 18.11
N VAL B 113 7.13 -6.53 18.58
CA VAL B 113 7.70 -6.46 19.92
C VAL B 113 6.63 -6.65 21.00
N TRP B 114 5.43 -6.12 20.76
CA TRP B 114 4.32 -6.29 21.69
C TRP B 114 4.01 -7.77 21.88
N ARG B 115 3.87 -8.50 20.78
CA ARG B 115 3.52 -9.92 20.83
C ARG B 115 4.61 -10.70 21.56
N GLU B 116 5.86 -10.37 21.27
CA GLU B 116 7.00 -10.98 21.96
C GLU B 116 6.84 -10.84 23.48
N GLN B 117 6.51 -9.63 23.91
CA GLN B 117 6.35 -9.33 25.33
C GLN B 117 5.06 -9.94 25.89
N ASN B 118 4.01 -9.93 25.09
CA ASN B 118 2.71 -10.42 25.52
C ASN B 118 2.70 -11.94 25.67
N GLU B 119 3.28 -12.64 24.69
CA GLU B 119 3.25 -14.10 24.68
C GLU B 119 4.04 -14.70 25.85
N LYS B 120 4.91 -13.90 26.46
CA LYS B 120 5.68 -14.39 27.60
C LYS B 120 5.08 -13.88 28.91
N TYR B 121 3.95 -13.22 28.80
CA TYR B 121 3.29 -12.61 29.93
C TYR B 121 1.89 -13.16 30.10
N TYR B 122 1.24 -13.45 28.98
CA TYR B 122 -0.11 -13.99 28.97
C TYR B 122 -0.11 -15.42 29.48
N LEU B 123 -0.55 -15.59 30.72
CA LEU B 123 -0.58 -16.89 31.35
C LEU B 123 -1.99 -17.48 31.27
N LYS B 124 -2.06 -18.80 31.29
CA LYS B 124 -3.34 -19.49 31.28
C LYS B 124 -4.03 -19.30 32.62
N SER B 125 -3.25 -19.24 33.68
CA SER B 125 -3.76 -19.01 35.01
C SER B 125 -2.73 -18.24 35.83
N SER A 1 1.60 6.56 16.22
CA SER A 1 1.43 6.20 17.64
C SER A 1 2.30 7.07 18.53
N ASN A 2 2.21 6.87 19.84
CA ASN A 2 3.03 7.61 20.81
C ASN A 2 4.49 7.22 20.68
N ALA A 3 4.74 5.95 20.41
CA ALA A 3 6.10 5.42 20.30
C ALA A 3 6.84 6.02 19.12
N ALA A 4 6.31 5.82 17.92
CA ALA A 4 6.96 6.30 16.70
C ALA A 4 5.94 6.91 15.75
N GLN A 5 6.43 7.77 14.87
CA GLN A 5 5.60 8.37 13.83
C GLN A 5 5.55 7.46 12.62
N LEU A 6 4.39 7.37 11.98
CA LEU A 6 4.24 6.56 10.79
C LEU A 6 3.25 7.19 9.82
N ASN A 7 3.77 7.69 8.71
CA ASN A 7 2.94 8.29 7.68
C ASN A 7 2.32 7.19 6.83
N TYR A 8 1.00 7.10 6.84
CA TYR A 8 0.31 6.13 6.00
C TYR A 8 0.33 6.62 4.56
N LEU A 9 0.03 7.89 4.39
CA LEU A 9 -0.08 8.51 3.07
C LEU A 9 1.30 8.75 2.46
N LEU A 10 1.31 9.05 1.17
CA LEU A 10 2.50 9.55 0.51
C LEU A 10 2.48 11.07 0.56
N THR A 11 3.62 11.70 0.38
CA THR A 11 3.64 13.14 0.27
C THR A 11 2.98 13.55 -1.04
N ASP A 12 2.06 14.52 -0.97
CA ASP A 12 1.28 14.92 -2.14
C ASP A 12 2.20 15.33 -3.28
N GLU A 13 3.34 15.92 -2.93
CA GLU A 13 4.33 16.32 -3.91
C GLU A 13 4.80 15.12 -4.74
N GLN A 14 5.13 14.02 -4.07
CA GLN A 14 5.58 12.81 -4.76
C GLN A 14 4.40 12.10 -5.41
N ILE A 15 3.21 12.30 -4.86
CA ILE A 15 1.98 11.81 -5.48
C ILE A 15 1.81 12.45 -6.85
N MET A 16 2.00 13.77 -6.91
CA MET A 16 1.92 14.50 -8.16
C MET A 16 3.05 14.07 -9.10
N GLU A 17 4.22 13.82 -8.52
CA GLU A 17 5.37 13.31 -9.27
C GLU A 17 4.97 12.03 -10.00
N ASP A 18 4.36 11.12 -9.26
CA ASP A 18 3.92 9.84 -9.79
C ASP A 18 2.92 10.05 -10.93
N LEU A 19 1.90 10.85 -10.64
CA LEU A 19 0.84 11.17 -11.61
C LEU A 19 1.42 11.74 -12.90
N ARG A 20 2.38 12.65 -12.78
CA ARG A 20 3.03 13.23 -13.94
C ARG A 20 3.78 12.17 -14.72
N THR A 21 4.47 11.30 -13.99
CA THR A 21 5.27 10.24 -14.59
C THR A 21 4.41 9.29 -15.43
N LEU A 22 3.17 9.09 -15.00
CA LEU A 22 2.23 8.22 -15.71
C LEU A 22 1.94 8.74 -17.12
N ASN A 23 1.92 10.06 -17.26
CA ASN A 23 1.69 10.68 -18.57
C ASN A 23 3.01 10.89 -19.29
N LYS A 24 4.05 11.22 -18.53
CA LYS A 24 5.37 11.46 -19.06
C LYS A 24 5.97 10.20 -19.68
N LEU A 25 6.07 9.15 -18.87
CA LEU A 25 6.81 7.93 -19.23
C LEU A 25 8.19 8.30 -19.73
N LYS A 26 9.07 8.61 -18.81
CA LYS A 26 10.43 9.03 -19.15
C LYS A 26 11.36 7.84 -19.25
N SER A 27 12.26 7.89 -20.20
CA SER A 27 13.25 6.86 -20.38
C SER A 27 14.34 7.00 -19.31
N SER B 1 -4.84 7.35 40.09
CA SER B 1 -5.26 6.20 40.94
C SER B 1 -5.80 5.06 40.08
N ASN B 2 -5.26 4.93 38.87
CA ASN B 2 -5.69 3.89 37.95
C ASN B 2 -4.93 2.60 38.21
N ALA B 3 -5.60 1.65 38.84
CA ALA B 3 -4.99 0.36 39.15
C ALA B 3 -5.48 -0.71 38.18
N GLU B 4 -6.63 -0.48 37.58
CA GLU B 4 -7.23 -1.46 36.70
C GLU B 4 -7.75 -0.79 35.42
N HIS B 5 -7.88 -1.59 34.37
CA HIS B 5 -8.39 -1.13 33.07
C HIS B 5 -7.43 -0.13 32.45
N ILE B 6 -6.15 -0.35 32.66
CA ILE B 6 -5.11 0.52 32.15
C ILE B 6 -4.79 0.18 30.70
N TYR B 7 -5.06 1.10 29.80
CA TYR B 7 -4.75 0.91 28.41
C TYR B 7 -3.28 1.21 28.14
N ARG B 8 -2.43 0.25 28.49
CA ARG B 8 -0.98 0.39 28.30
C ARG B 8 -0.63 0.44 26.82
N CYS B 9 -1.48 -0.16 26.00
CA CYS B 9 -1.34 -0.10 24.56
C CYS B 9 -2.38 0.86 24.00
N GLU B 10 -1.97 1.70 23.06
CA GLU B 10 -2.90 2.58 22.35
C GLU B 10 -3.81 1.74 21.46
N ASP B 11 -3.32 0.55 21.13
CA ASP B 11 -4.02 -0.39 20.25
C ASP B 11 -4.14 0.15 18.83
N GLU B 12 -3.37 1.19 18.53
CA GLU B 12 -3.25 1.69 17.17
C GLU B 12 -2.53 0.62 16.34
N ARG B 13 -1.83 -0.25 17.07
CA ARG B 13 -1.17 -1.41 16.48
C ARG B 13 -2.18 -2.30 15.78
N PHE B 14 -3.43 -2.24 16.22
CA PHE B 14 -4.50 -3.02 15.60
C PHE B 14 -4.72 -2.52 14.18
N GLU B 15 -4.74 -1.20 14.01
CA GLU B 15 -4.86 -0.62 12.69
C GLU B 15 -3.62 -0.94 11.86
N LEU B 16 -2.48 -1.05 12.52
CA LEU B 16 -1.23 -1.40 11.86
C LEU B 16 -1.31 -2.81 11.27
N ASP B 17 -1.86 -3.75 12.03
CA ASP B 17 -2.06 -5.11 11.53
C ASP B 17 -2.99 -5.08 10.32
N VAL B 18 -4.08 -4.33 10.45
CA VAL B 18 -5.07 -4.22 9.38
C VAL B 18 -4.47 -3.58 8.13
N VAL B 19 -3.75 -2.49 8.28
CA VAL B 19 -3.17 -1.80 7.14
C VAL B 19 -2.08 -2.65 6.48
N LEU B 20 -1.36 -3.42 7.27
CA LEU B 20 -0.38 -4.34 6.72
C LEU B 20 -1.07 -5.44 5.92
N GLU B 21 -2.22 -5.90 6.42
CA GLU B 21 -3.04 -6.85 5.69
C GLU B 21 -3.53 -6.25 4.38
N THR B 22 -4.08 -5.04 4.48
CA THR B 22 -4.52 -4.29 3.31
C THR B 22 -3.36 -4.14 2.32
N ASN B 23 -2.19 -3.83 2.86
CA ASN B 23 -0.96 -3.71 2.10
C ASN B 23 -0.67 -5.01 1.36
N LEU B 24 -0.48 -6.09 2.11
CA LEU B 24 -0.09 -7.38 1.54
C LEU B 24 -1.08 -7.86 0.47
N ALA B 25 -2.38 -7.68 0.72
CA ALA B 25 -3.39 -8.07 -0.24
C ALA B 25 -3.20 -7.33 -1.56
N THR B 26 -3.00 -6.02 -1.47
CA THR B 26 -2.80 -5.21 -2.65
C THR B 26 -1.41 -5.47 -3.25
N ILE B 27 -0.45 -5.78 -2.39
CA ILE B 27 0.87 -6.21 -2.83
C ILE B 27 0.76 -7.43 -3.73
N ARG B 28 0.02 -8.43 -3.25
CA ARG B 28 -0.19 -9.67 -3.99
C ARG B 28 -0.79 -9.42 -5.36
N VAL B 29 -1.90 -8.68 -5.40
CA VAL B 29 -2.60 -8.45 -6.66
C VAL B 29 -1.75 -7.64 -7.65
N LEU B 30 -1.08 -6.58 -7.16
CA LEU B 30 -0.30 -5.73 -8.03
C LEU B 30 0.93 -6.47 -8.57
N GLU B 31 1.53 -7.32 -7.73
CA GLU B 31 2.64 -8.16 -8.19
C GLU B 31 2.17 -9.12 -9.26
N ALA B 32 0.96 -9.66 -9.08
CA ALA B 32 0.38 -10.58 -10.05
C ALA B 32 0.19 -9.87 -11.38
N ILE B 33 -0.31 -8.65 -11.32
CA ILE B 33 -0.51 -7.83 -12.50
C ILE B 33 0.81 -7.52 -13.19
N GLN B 34 1.76 -6.99 -12.42
CA GLN B 34 3.06 -6.59 -12.95
C GLN B 34 3.75 -7.75 -13.65
N LYS B 35 3.70 -8.92 -13.02
CA LYS B 35 4.37 -10.10 -13.54
C LYS B 35 3.57 -10.72 -14.70
N LYS B 36 2.28 -10.46 -14.72
CA LYS B 36 1.45 -10.89 -15.86
C LYS B 36 1.69 -9.98 -17.05
N LEU B 37 1.94 -8.71 -16.77
CA LEU B 37 2.27 -7.73 -17.80
C LEU B 37 3.62 -8.05 -18.41
N SER B 38 4.67 -7.99 -17.59
CA SER B 38 6.04 -8.22 -18.05
C SER B 38 6.39 -7.29 -19.19
N ARG B 39 5.93 -6.04 -19.10
CA ARG B 39 6.16 -5.04 -20.13
C ARG B 39 5.38 -5.38 -21.41
N LEU B 40 4.13 -4.97 -21.46
CA LEU B 40 3.28 -5.25 -22.60
C LEU B 40 3.31 -4.11 -23.59
N SER B 41 3.10 -4.44 -24.85
CA SER B 41 2.97 -3.43 -25.89
C SER B 41 1.63 -2.72 -25.73
N ALA B 42 1.52 -1.52 -26.29
CA ALA B 42 0.28 -0.74 -26.18
C ALA B 42 -0.91 -1.53 -26.73
N GLU B 43 -0.68 -2.28 -27.80
CA GLU B 43 -1.70 -3.15 -28.37
C GLU B 43 -2.12 -4.19 -27.34
N GLU B 44 -1.14 -4.75 -26.63
CA GLU B 44 -1.38 -5.77 -25.62
C GLU B 44 -2.07 -5.17 -24.41
N GLN B 45 -1.75 -3.92 -24.11
CA GLN B 45 -2.39 -3.20 -23.00
C GLN B 45 -3.86 -2.93 -23.33
N ALA B 46 -4.17 -2.84 -24.62
CA ALA B 46 -5.54 -2.72 -25.07
C ALA B 46 -6.25 -4.08 -24.96
N LYS B 47 -5.53 -5.13 -25.34
CA LYS B 47 -6.05 -6.49 -25.27
C LYS B 47 -6.30 -6.91 -23.83
N PHE B 48 -5.26 -6.91 -23.02
CA PHE B 48 -5.39 -7.26 -21.62
C PHE B 48 -5.25 -6.01 -20.75
N ARG B 49 -6.37 -5.53 -20.26
CA ARG B 49 -6.39 -4.34 -19.42
C ARG B 49 -7.04 -4.68 -18.09
N LEU B 50 -6.60 -4.02 -17.04
CA LEU B 50 -7.05 -4.33 -15.69
C LEU B 50 -8.45 -3.79 -15.42
N ASP B 51 -9.45 -4.64 -15.60
CA ASP B 51 -10.82 -4.29 -15.23
C ASP B 51 -11.35 -5.27 -14.20
N ASN B 52 -11.02 -6.55 -14.36
CA ASN B 52 -11.50 -7.59 -13.47
C ASN B 52 -10.41 -8.06 -12.52
N THR B 53 -9.18 -7.75 -12.86
CA THR B 53 -8.01 -8.23 -12.12
C THR B 53 -7.94 -7.64 -10.72
N LEU B 54 -8.52 -6.46 -10.54
CA LEU B 54 -8.50 -5.80 -9.24
C LEU B 54 -9.74 -6.16 -8.42
N GLY B 55 -10.58 -7.01 -8.98
CA GLY B 55 -11.80 -7.40 -8.31
C GLY B 55 -11.62 -8.69 -7.53
N GLY B 56 -12.55 -9.61 -7.70
CA GLY B 56 -12.49 -10.87 -6.99
C GLY B 56 -13.29 -10.83 -5.71
N THR B 57 -12.84 -10.04 -4.75
CA THR B 57 -13.53 -9.89 -3.48
C THR B 57 -13.13 -8.58 -2.80
N SER B 58 -11.82 -8.36 -2.69
CA SER B 58 -11.30 -7.24 -1.94
C SER B 58 -11.15 -5.97 -2.79
N GLU B 59 -12.20 -5.63 -3.54
CA GLU B 59 -12.18 -4.41 -4.33
C GLU B 59 -12.02 -3.20 -3.42
N VAL B 60 -12.82 -3.16 -2.36
CA VAL B 60 -12.73 -2.10 -1.38
C VAL B 60 -11.35 -2.04 -0.73
N ILE B 61 -10.76 -3.21 -0.50
CA ILE B 61 -9.46 -3.29 0.16
C ILE B 61 -8.35 -2.76 -0.74
N HIS B 62 -8.37 -3.14 -2.01
CA HIS B 62 -7.36 -2.69 -2.95
C HIS B 62 -7.55 -1.20 -3.24
N ARG B 63 -8.81 -0.80 -3.33
CA ARG B 63 -9.17 0.60 -3.51
C ARG B 63 -8.67 1.41 -2.32
N LYS B 64 -9.07 0.99 -1.13
CA LYS B 64 -8.70 1.67 0.10
C LYS B 64 -7.20 1.73 0.30
N ALA B 65 -6.50 0.68 -0.15
CA ALA B 65 -5.05 0.65 -0.04
C ALA B 65 -4.42 1.72 -0.90
N LEU B 66 -4.87 1.83 -2.14
CA LEU B 66 -4.35 2.82 -3.06
C LEU B 66 -4.74 4.23 -2.61
N GLN B 67 -5.91 4.34 -2.02
CA GLN B 67 -6.38 5.61 -1.48
C GLN B 67 -5.66 5.99 -0.20
N ARG B 68 -5.11 4.99 0.50
CA ARG B 68 -4.40 5.25 1.75
C ARG B 68 -2.97 5.73 1.46
N ILE B 69 -2.58 5.75 0.19
CA ILE B 69 -1.28 6.29 -0.19
C ILE B 69 -1.42 7.44 -1.19
N TYR B 70 -2.34 7.31 -2.13
CA TYR B 70 -2.55 8.33 -3.16
C TYR B 70 -3.82 9.15 -2.89
N ALA B 71 -4.27 9.17 -1.63
CA ALA B 71 -5.58 9.75 -1.24
C ALA B 71 -6.08 10.90 -2.10
N ASP B 72 -5.30 11.97 -2.21
CA ASP B 72 -5.78 13.20 -2.85
C ASP B 72 -5.85 13.06 -4.37
N LYS B 73 -5.08 12.13 -4.93
CA LYS B 73 -5.08 11.88 -6.36
C LYS B 73 -5.49 10.44 -6.63
N ALA B 74 -6.26 9.86 -5.71
CA ALA B 74 -6.64 8.46 -5.78
C ALA B 74 -7.41 8.15 -7.06
N ALA B 75 -8.38 9.00 -7.38
CA ALA B 75 -9.17 8.81 -8.59
C ALA B 75 -8.30 8.85 -9.84
N ASP B 76 -7.19 9.57 -9.75
CA ASP B 76 -6.26 9.69 -10.85
C ASP B 76 -5.44 8.42 -11.02
N ILE B 77 -5.00 7.85 -9.90
CA ILE B 77 -4.13 6.67 -9.93
C ILE B 77 -4.95 5.39 -10.15
N ILE B 78 -6.20 5.39 -9.67
CA ILE B 78 -7.13 4.29 -9.97
C ILE B 78 -7.27 4.16 -11.49
N ASP B 79 -7.33 5.30 -12.15
CA ASP B 79 -7.40 5.35 -13.59
C ASP B 79 -6.02 5.05 -14.20
N GLY B 80 -4.97 5.37 -13.44
CA GLY B 80 -3.60 5.13 -13.88
C GLY B 80 -3.36 3.68 -14.25
N LEU B 81 -3.73 2.78 -13.35
CA LEU B 81 -3.49 1.35 -13.52
C LEU B 81 -4.24 0.79 -14.72
N ARG B 82 -5.31 1.47 -15.11
CA ARG B 82 -6.13 1.03 -16.24
C ARG B 82 -5.62 1.64 -17.53
N LYS B 83 -5.34 2.95 -17.48
CA LYS B 83 -4.92 3.71 -18.65
C LYS B 83 -3.68 3.11 -19.28
N ASN B 84 -2.62 2.99 -18.50
CA ASN B 84 -1.37 2.45 -18.97
C ASN B 84 -0.77 1.51 -17.94
N PRO B 85 -1.14 0.23 -17.97
CA PRO B 85 -0.64 -0.77 -17.01
C PRO B 85 0.87 -0.91 -17.05
N SER B 86 1.46 -0.85 -18.24
CA SER B 86 2.91 -1.01 -18.38
C SER B 86 3.64 0.27 -17.99
N ILE B 87 2.89 1.29 -17.59
CA ILE B 87 3.46 2.53 -17.07
C ILE B 87 3.16 2.67 -15.59
N ALA B 88 1.87 2.63 -15.25
CA ALA B 88 1.45 2.88 -13.87
C ALA B 88 1.82 1.74 -12.94
N VAL B 89 1.44 0.51 -13.32
CA VAL B 89 1.61 -0.65 -12.45
C VAL B 89 3.02 -0.76 -11.85
N PRO B 90 4.10 -0.67 -12.66
CA PRO B 90 5.47 -0.69 -12.12
C PRO B 90 5.73 0.43 -11.11
N ILE B 91 5.33 1.65 -11.45
CA ILE B 91 5.56 2.80 -10.57
C ILE B 91 4.73 2.68 -9.31
N VAL B 92 3.43 2.49 -9.50
CA VAL B 92 2.47 2.41 -8.41
C VAL B 92 2.81 1.25 -7.46
N LEU B 93 3.18 0.10 -8.02
CA LEU B 93 3.58 -1.04 -7.21
C LEU B 93 4.87 -0.74 -6.46
N LYS B 94 5.79 -0.03 -7.10
CA LYS B 94 7.04 0.34 -6.45
C LYS B 94 6.78 1.27 -5.26
N ARG B 95 5.84 2.20 -5.41
CA ARG B 95 5.46 3.07 -4.32
C ARG B 95 4.86 2.25 -3.18
N LEU B 96 4.12 1.22 -3.55
CA LEU B 96 3.48 0.35 -2.59
C LEU B 96 4.52 -0.53 -1.90
N LYS B 97 5.59 -0.81 -2.62
CA LYS B 97 6.72 -1.57 -2.08
C LYS B 97 7.52 -0.72 -1.11
N MET B 98 7.62 0.57 -1.38
CA MET B 98 8.29 1.49 -0.48
C MET B 98 7.47 1.62 0.81
N LYS B 99 6.16 1.69 0.65
CA LYS B 99 5.26 1.74 1.79
C LYS B 99 5.23 0.40 2.51
N GLU B 100 5.32 -0.68 1.74
CA GLU B 100 5.41 -2.04 2.30
C GLU B 100 6.54 -2.11 3.31
N GLU B 101 7.73 -1.68 2.89
CA GLU B 101 8.87 -1.61 3.76
C GLU B 101 8.56 -0.78 5.01
N GLU B 102 8.08 0.44 4.78
CA GLU B 102 7.78 1.37 5.86
C GLU B 102 6.81 0.79 6.87
N TRP B 103 5.67 0.31 6.39
CA TRP B 103 4.66 -0.28 7.25
C TRP B 103 5.21 -1.48 8.03
N ARG B 104 5.99 -2.30 7.35
CA ARG B 104 6.54 -3.50 7.97
C ARG B 104 7.60 -3.13 9.00
N GLU B 105 8.30 -2.01 8.79
CA GLU B 105 9.28 -1.55 9.76
C GLU B 105 8.59 -1.06 11.03
N ALA B 106 7.45 -0.41 10.85
CA ALA B 106 6.64 0.00 11.99
C ALA B 106 6.06 -1.22 12.68
N GLN B 107 5.64 -2.20 11.88
CA GLN B 107 5.13 -3.46 12.40
C GLN B 107 6.17 -4.17 13.25
N ARG B 108 7.44 -4.06 12.83
CA ARG B 108 8.55 -4.64 13.58
C ARG B 108 8.56 -4.16 15.02
N GLY B 109 8.40 -2.86 15.19
CA GLY B 109 8.50 -2.26 16.50
C GLY B 109 7.26 -2.47 17.35
N PHE B 110 6.10 -2.44 16.73
CA PHE B 110 4.85 -2.57 17.47
C PHE B 110 4.43 -4.03 17.62
N ASN B 111 4.18 -4.69 16.50
CA ASN B 111 3.64 -6.05 16.50
C ASN B 111 4.63 -7.05 17.10
N LYS B 112 5.83 -7.08 16.55
CA LYS B 112 6.84 -8.06 16.97
C LYS B 112 7.23 -7.85 18.42
N VAL B 113 7.66 -6.64 18.76
CA VAL B 113 8.15 -6.33 20.09
C VAL B 113 7.08 -6.61 21.16
N TRP B 114 5.83 -6.23 20.87
CA TRP B 114 4.74 -6.52 21.80
C TRP B 114 4.61 -8.03 22.00
N ARG B 115 4.65 -8.77 20.90
CA ARG B 115 4.56 -10.22 20.94
C ARG B 115 5.70 -10.81 21.75
N GLU B 116 6.91 -10.32 21.51
CA GLU B 116 8.10 -10.80 22.20
C GLU B 116 8.00 -10.58 23.71
N GLN B 117 7.55 -9.39 24.10
CA GLN B 117 7.46 -9.04 25.51
C GLN B 117 6.29 -9.78 26.18
N ASN B 118 5.29 -10.12 25.39
CA ASN B 118 4.11 -10.81 25.91
C ASN B 118 4.36 -12.30 26.05
N GLU B 119 4.91 -12.91 25.01
CA GLU B 119 5.11 -14.36 24.99
C GLU B 119 6.36 -14.77 25.78
N LYS B 120 7.39 -13.96 25.69
CA LYS B 120 8.64 -14.26 26.39
C LYS B 120 8.79 -13.41 27.63
N TYR B 121 9.39 -13.98 28.65
CA TYR B 121 9.61 -13.28 29.89
C TYR B 121 10.97 -12.60 29.87
N TYR B 122 11.02 -11.40 29.31
CA TYR B 122 12.25 -10.61 29.32
C TYR B 122 12.38 -9.86 30.63
N LEU B 123 11.29 -9.81 31.37
CA LEU B 123 11.24 -9.05 32.62
C LEU B 123 11.65 -9.92 33.80
N LYS B 124 12.74 -10.65 33.62
CA LYS B 124 13.25 -11.54 34.66
C LYS B 124 14.15 -10.77 35.63
N SER B 125 14.57 -9.59 35.20
CA SER B 125 15.44 -8.75 36.00
C SER B 125 14.60 -7.76 36.80
N SER A 1 7.77 7.99 25.27
CA SER A 1 8.87 8.86 24.81
C SER A 1 9.35 8.41 23.43
N ASN A 2 9.89 7.20 23.35
CA ASN A 2 10.34 6.67 22.06
C ASN A 2 9.24 5.82 21.42
N ALA A 3 8.85 6.20 20.21
CA ALA A 3 7.81 5.50 19.48
C ALA A 3 7.86 5.88 18.01
N ALA A 4 7.82 4.87 17.13
CA ALA A 4 7.87 5.12 15.70
C ALA A 4 6.51 5.56 15.18
N GLN A 5 6.24 6.86 15.27
CA GLN A 5 4.99 7.42 14.81
C GLN A 5 5.13 7.82 13.34
N LEU A 6 4.21 7.33 12.51
CA LEU A 6 4.28 7.58 11.08
C LEU A 6 2.90 7.82 10.50
N ASN A 7 2.84 8.63 9.46
CA ASN A 7 1.59 8.85 8.74
C ASN A 7 1.46 7.81 7.64
N TYR A 8 0.26 7.26 7.47
CA TYR A 8 0.03 6.19 6.53
C TYR A 8 0.04 6.71 5.09
N LEU A 9 -0.18 8.00 4.94
CA LEU A 9 -0.28 8.60 3.62
C LEU A 9 1.10 8.96 3.06
N LEU A 10 1.10 9.36 1.80
CA LEU A 10 2.31 9.84 1.14
C LEU A 10 2.29 11.36 1.10
N THR A 11 3.19 11.96 0.35
CA THR A 11 3.16 13.39 0.11
C THR A 11 2.63 13.68 -1.30
N ASP A 12 1.79 14.70 -1.41
CA ASP A 12 1.14 15.04 -2.67
C ASP A 12 2.16 15.27 -3.78
N GLU A 13 3.27 15.89 -3.44
CA GLU A 13 4.33 16.17 -4.41
C GLU A 13 4.83 14.88 -5.07
N GLN A 14 5.07 13.85 -4.26
CA GLN A 14 5.52 12.56 -4.79
C GLN A 14 4.41 11.89 -5.57
N ILE A 15 3.18 12.10 -5.14
CA ILE A 15 2.02 11.60 -5.86
C ILE A 15 1.91 12.25 -7.22
N MET A 16 2.21 13.55 -7.26
CA MET A 16 2.21 14.29 -8.51
C MET A 16 3.29 13.78 -9.44
N GLU A 17 4.46 13.44 -8.88
CA GLU A 17 5.54 12.89 -9.67
C GLU A 17 5.11 11.58 -10.32
N ASP A 18 4.38 10.77 -9.55
CA ASP A 18 3.81 9.52 -10.06
C ASP A 18 2.94 9.81 -11.28
N LEU A 19 1.98 10.71 -11.10
CA LEU A 19 1.06 11.12 -12.16
C LEU A 19 1.81 11.64 -13.38
N ARG A 20 2.81 12.48 -13.14
CA ARG A 20 3.62 13.04 -14.21
C ARG A 20 4.28 11.93 -15.01
N THR A 21 4.86 10.97 -14.31
CA THR A 21 5.51 9.84 -14.95
C THR A 21 4.51 9.00 -15.74
N LEU A 22 3.32 8.79 -15.16
CA LEU A 22 2.26 8.00 -15.81
C LEU A 22 1.95 8.52 -17.20
N ASN A 23 1.98 9.84 -17.35
CA ASN A 23 1.59 10.47 -18.60
C ASN A 23 2.81 10.90 -19.41
N LYS A 24 3.98 10.43 -19.03
CA LYS A 24 5.19 10.71 -19.80
C LYS A 24 5.67 9.46 -20.54
N LEU A 25 4.99 8.36 -20.32
CA LEU A 25 5.27 7.14 -21.07
C LEU A 25 4.12 6.87 -22.03
N LYS A 26 4.45 6.51 -23.26
CA LYS A 26 3.43 6.23 -24.26
C LYS A 26 3.57 4.81 -24.80
N SER A 27 2.51 4.04 -24.64
CA SER A 27 2.45 2.71 -25.20
C SER A 27 1.62 2.76 -26.48
N SER B 1 -3.26 7.49 41.29
CA SER B 1 -2.47 7.34 40.05
C SER B 1 -2.72 5.97 39.44
N ASN B 2 -2.41 5.83 38.16
CA ASN B 2 -2.63 4.58 37.46
C ASN B 2 -1.32 3.86 37.17
N ALA B 3 -1.11 2.72 37.81
CA ALA B 3 0.08 1.92 37.58
C ALA B 3 -0.22 0.75 36.67
N GLU B 4 -1.31 0.03 36.97
CA GLU B 4 -1.71 -1.11 36.15
C GLU B 4 -2.75 -0.69 35.11
N HIS B 5 -3.07 0.59 35.07
CA HIS B 5 -3.98 1.12 34.06
C HIS B 5 -3.18 1.88 33.01
N ILE B 6 -2.73 1.17 31.98
CA ILE B 6 -1.91 1.75 30.94
C ILE B 6 -2.71 1.95 29.66
N TYR B 7 -2.95 3.20 29.33
CA TYR B 7 -3.66 3.53 28.11
C TYR B 7 -2.74 4.31 27.18
N ARG B 8 -2.12 3.60 26.24
CA ARG B 8 -1.23 4.23 25.27
C ARG B 8 -1.49 3.70 23.87
N CYS B 9 -1.98 2.47 23.80
CA CYS B 9 -2.32 1.85 22.53
C CYS B 9 -3.55 0.96 22.69
N GLU B 10 -4.61 1.29 21.98
CA GLU B 10 -5.83 0.49 22.02
C GLU B 10 -6.05 -0.17 20.66
N ASP B 11 -6.53 0.61 19.70
CA ASP B 11 -6.82 0.08 18.36
C ASP B 11 -5.68 0.44 17.40
N GLU B 12 -4.60 0.95 17.97
CA GLU B 12 -3.49 1.45 17.17
C GLU B 12 -2.80 0.28 16.48
N ARG B 13 -2.43 -0.70 17.28
CA ARG B 13 -1.77 -1.88 16.76
C ARG B 13 -2.70 -2.66 15.84
N PHE B 14 -3.98 -2.72 16.19
CA PHE B 14 -4.96 -3.43 15.39
C PHE B 14 -5.02 -2.84 13.99
N GLU B 15 -5.06 -1.51 13.92
CA GLU B 15 -5.07 -0.83 12.64
C GLU B 15 -3.78 -1.12 11.88
N LEU B 16 -2.66 -1.18 12.60
CA LEU B 16 -1.36 -1.47 11.97
C LEU B 16 -1.41 -2.82 11.25
N ASP B 17 -1.97 -3.82 11.92
CA ASP B 17 -2.11 -5.14 11.31
C ASP B 17 -3.04 -5.09 10.11
N VAL B 18 -4.13 -4.34 10.23
CA VAL B 18 -5.06 -4.16 9.13
C VAL B 18 -4.36 -3.51 7.93
N VAL B 19 -3.59 -2.45 8.20
CA VAL B 19 -2.83 -1.77 7.17
C VAL B 19 -1.91 -2.73 6.43
N LEU B 20 -1.05 -3.38 7.20
CA LEU B 20 -0.05 -4.29 6.65
C LEU B 20 -0.69 -5.40 5.82
N GLU B 21 -1.72 -6.04 6.37
CA GLU B 21 -2.40 -7.15 5.69
C GLU B 21 -3.06 -6.67 4.40
N THR B 22 -3.79 -5.55 4.49
CA THR B 22 -4.43 -4.99 3.32
C THR B 22 -3.38 -4.58 2.27
N ASN B 23 -2.24 -4.12 2.77
CA ASN B 23 -1.11 -3.81 1.90
C ASN B 23 -0.63 -5.06 1.18
N LEU B 24 -0.35 -6.11 1.95
CA LEU B 24 0.13 -7.38 1.39
C LEU B 24 -0.83 -7.93 0.35
N ALA B 25 -2.12 -7.81 0.61
CA ALA B 25 -3.14 -8.22 -0.35
C ALA B 25 -2.96 -7.46 -1.66
N THR B 26 -2.76 -6.15 -1.54
CA THR B 26 -2.55 -5.29 -2.68
C THR B 26 -1.21 -5.59 -3.36
N ILE B 27 -0.18 -5.86 -2.56
CA ILE B 27 1.11 -6.27 -3.07
C ILE B 27 0.99 -7.55 -3.90
N ARG B 28 0.42 -8.58 -3.29
CA ARG B 28 0.31 -9.89 -3.92
C ARG B 28 -0.41 -9.82 -5.26
N VAL B 29 -1.54 -9.11 -5.29
CA VAL B 29 -2.31 -9.00 -6.53
C VAL B 29 -1.57 -8.18 -7.59
N LEU B 30 -0.98 -7.06 -7.18
CA LEU B 30 -0.27 -6.20 -8.12
C LEU B 30 0.99 -6.88 -8.63
N GLU B 31 1.66 -7.65 -7.78
CA GLU B 31 2.81 -8.43 -8.18
C GLU B 31 2.43 -9.41 -9.28
N ALA B 32 1.29 -10.07 -9.09
CA ALA B 32 0.79 -11.00 -10.10
C ALA B 32 0.46 -10.25 -11.39
N ILE B 33 -0.11 -9.06 -11.24
CA ILE B 33 -0.47 -8.23 -12.38
C ILE B 33 0.77 -7.75 -13.13
N GLN B 34 1.72 -7.16 -12.41
CA GLN B 34 2.94 -6.62 -13.03
C GLN B 34 3.71 -7.70 -13.78
N LYS B 35 3.88 -8.84 -13.15
CA LYS B 35 4.64 -9.94 -13.71
C LYS B 35 3.87 -10.61 -14.86
N LYS B 36 2.54 -10.47 -14.83
CA LYS B 36 1.71 -10.90 -15.94
C LYS B 36 1.80 -9.89 -17.10
N LEU B 37 1.82 -8.61 -16.75
CA LEU B 37 1.96 -7.54 -17.73
C LEU B 37 3.26 -7.69 -18.51
N SER B 38 4.37 -7.69 -17.78
CA SER B 38 5.70 -7.77 -18.38
C SER B 38 5.85 -6.81 -19.56
N ARG B 39 5.32 -5.59 -19.37
CA ARG B 39 5.35 -4.52 -20.37
C ARG B 39 4.52 -4.89 -21.59
N LEU B 40 3.26 -4.46 -21.56
CA LEU B 40 2.33 -4.72 -22.65
C LEU B 40 2.24 -3.54 -23.60
N SER B 41 1.88 -3.82 -24.85
CA SER B 41 1.61 -2.78 -25.82
C SER B 41 0.19 -2.26 -25.62
N ALA B 42 -0.17 -1.21 -26.36
CA ALA B 42 -1.47 -0.56 -26.21
C ALA B 42 -2.62 -1.54 -26.40
N GLU B 43 -2.53 -2.33 -27.48
CA GLU B 43 -3.56 -3.33 -27.78
C GLU B 43 -3.66 -4.36 -26.66
N GLU B 44 -2.51 -4.72 -26.11
CA GLU B 44 -2.48 -5.69 -25.03
C GLU B 44 -3.10 -5.10 -23.76
N GLN B 45 -2.90 -3.80 -23.57
CA GLN B 45 -3.50 -3.10 -22.44
C GLN B 45 -5.00 -2.93 -22.64
N ALA B 46 -5.45 -2.97 -23.89
CA ALA B 46 -6.87 -2.92 -24.19
C ALA B 46 -7.48 -4.30 -23.97
N LYS B 47 -6.73 -5.34 -24.34
CA LYS B 47 -7.15 -6.71 -24.13
C LYS B 47 -7.18 -7.02 -22.64
N PHE B 48 -6.03 -6.87 -21.98
CA PHE B 48 -5.92 -7.11 -20.56
C PHE B 48 -5.68 -5.81 -19.83
N ARG B 49 -6.72 -5.33 -19.17
CA ARG B 49 -6.66 -4.07 -18.45
C ARG B 49 -7.18 -4.26 -17.04
N LEU B 50 -6.82 -3.35 -16.15
CA LEU B 50 -7.23 -3.43 -14.75
C LEU B 50 -8.71 -3.10 -14.58
N ASP B 51 -9.55 -4.09 -14.79
CA ASP B 51 -10.98 -3.94 -14.60
C ASP B 51 -11.43 -4.80 -13.42
N ASN B 52 -11.50 -6.11 -13.65
CA ASN B 52 -11.89 -7.06 -12.63
C ASN B 52 -10.67 -7.54 -11.86
N THR B 53 -9.52 -7.53 -12.53
CA THR B 53 -8.27 -7.99 -11.94
C THR B 53 -7.82 -7.08 -10.79
N LEU B 54 -8.14 -5.80 -10.90
CA LEU B 54 -7.79 -4.85 -9.85
C LEU B 54 -8.97 -4.64 -8.91
N GLY B 55 -10.16 -4.59 -9.48
CA GLY B 55 -11.35 -4.43 -8.68
C GLY B 55 -12.13 -5.72 -8.55
N GLY B 56 -13.15 -5.87 -9.38
CA GLY B 56 -13.95 -7.08 -9.37
C GLY B 56 -14.58 -7.34 -8.02
N THR B 57 -14.09 -8.37 -7.34
CA THR B 57 -14.60 -8.78 -6.04
C THR B 57 -13.84 -8.09 -4.91
N SER B 58 -12.59 -7.77 -5.17
CA SER B 58 -11.70 -7.25 -4.15
C SER B 58 -11.43 -5.77 -4.38
N GLU B 59 -12.39 -5.09 -5.01
CA GLU B 59 -12.26 -3.68 -5.34
C GLU B 59 -11.95 -2.85 -4.10
N VAL B 60 -12.86 -2.89 -3.13
CA VAL B 60 -12.77 -2.05 -1.95
C VAL B 60 -11.42 -2.20 -1.24
N ILE B 61 -10.90 -3.42 -1.22
CA ILE B 61 -9.65 -3.71 -0.52
C ILE B 61 -8.49 -2.90 -1.10
N HIS B 62 -8.35 -2.95 -2.41
CA HIS B 62 -7.22 -2.30 -3.08
C HIS B 62 -7.54 -0.82 -3.29
N ARG B 63 -8.81 -0.54 -3.50
CA ARG B 63 -9.30 0.82 -3.62
C ARG B 63 -9.00 1.62 -2.35
N LYS B 64 -9.37 1.06 -1.21
CA LYS B 64 -9.15 1.71 0.07
C LYS B 64 -7.67 1.77 0.41
N ALA B 65 -6.95 0.67 0.14
CA ALA B 65 -5.53 0.60 0.43
C ALA B 65 -4.75 1.66 -0.36
N LEU B 66 -5.12 1.83 -1.62
CA LEU B 66 -4.44 2.80 -2.47
C LEU B 66 -4.78 4.22 -2.03
N GLN B 67 -6.02 4.44 -1.60
CA GLN B 67 -6.43 5.74 -1.09
C GLN B 67 -5.74 6.06 0.23
N ARG B 68 -5.31 5.03 0.94
CA ARG B 68 -4.59 5.22 2.19
C ARG B 68 -3.30 6.00 1.97
N ILE B 69 -2.73 5.89 0.77
CA ILE B 69 -1.50 6.59 0.45
C ILE B 69 -1.73 7.71 -0.56
N TYR B 70 -2.54 7.44 -1.58
CA TYR B 70 -2.78 8.40 -2.65
C TYR B 70 -4.09 9.15 -2.45
N ALA B 71 -4.51 9.29 -1.20
CA ALA B 71 -5.82 9.88 -0.83
C ALA B 71 -6.31 10.99 -1.77
N ASP B 72 -5.52 12.04 -1.91
CA ASP B 72 -5.94 13.23 -2.66
C ASP B 72 -6.01 12.98 -4.16
N LYS B 73 -5.07 12.19 -4.67
CA LYS B 73 -4.97 11.98 -6.12
C LYS B 73 -5.27 10.52 -6.48
N ALA B 74 -6.06 9.86 -5.65
CA ALA B 74 -6.36 8.45 -5.83
C ALA B 74 -7.11 8.19 -7.13
N ALA B 75 -8.07 9.05 -7.43
CA ALA B 75 -8.84 8.92 -8.65
C ALA B 75 -7.94 9.05 -9.88
N ASP B 76 -6.85 9.79 -9.73
CA ASP B 76 -5.91 10.00 -10.81
C ASP B 76 -5.02 8.78 -11.00
N ILE B 77 -4.57 8.20 -9.88
CA ILE B 77 -3.75 7.00 -9.93
C ILE B 77 -4.55 5.84 -10.50
N ILE B 78 -5.76 5.67 -9.99
CA ILE B 78 -6.65 4.61 -10.44
C ILE B 78 -6.99 4.78 -11.92
N ASP B 79 -7.20 6.02 -12.33
CA ASP B 79 -7.39 6.33 -13.75
C ASP B 79 -6.20 5.83 -14.56
N GLY B 80 -5.00 6.18 -14.10
CA GLY B 80 -3.78 5.75 -14.78
C GLY B 80 -3.63 4.24 -14.77
N LEU B 81 -3.92 3.62 -13.64
CA LEU B 81 -3.87 2.17 -13.50
C LEU B 81 -4.77 1.49 -14.53
N ARG B 82 -5.97 2.00 -14.68
CA ARG B 82 -6.95 1.41 -15.58
C ARG B 82 -6.86 2.05 -16.97
N LYS B 83 -5.75 2.73 -17.21
CA LYS B 83 -5.49 3.36 -18.50
C LYS B 83 -4.26 2.71 -19.13
N ASN B 84 -3.15 2.77 -18.40
CA ASN B 84 -1.89 2.20 -18.81
C ASN B 84 -1.27 1.41 -17.67
N PRO B 85 -1.68 0.15 -17.46
CA PRO B 85 -1.18 -0.67 -16.36
C PRO B 85 0.31 -0.98 -16.53
N SER B 86 0.77 -1.02 -17.77
CA SER B 86 2.17 -1.31 -18.06
C SER B 86 3.05 -0.11 -17.72
N ILE B 87 2.41 0.99 -17.36
CA ILE B 87 3.11 2.19 -16.94
C ILE B 87 2.87 2.44 -15.45
N ALA B 88 1.60 2.48 -15.07
CA ALA B 88 1.21 2.84 -13.72
C ALA B 88 1.61 1.77 -12.69
N VAL B 89 1.23 0.52 -12.97
CA VAL B 89 1.43 -0.58 -12.03
C VAL B 89 2.89 -0.70 -11.55
N PRO B 90 3.89 -0.70 -12.46
CA PRO B 90 5.30 -0.72 -12.05
C PRO B 90 5.66 0.43 -11.11
N ILE B 91 5.14 1.62 -11.39
CA ILE B 91 5.44 2.80 -10.61
C ILE B 91 4.76 2.72 -9.24
N VAL B 92 3.46 2.43 -9.25
CA VAL B 92 2.70 2.33 -8.02
C VAL B 92 3.20 1.19 -7.14
N LEU B 93 3.63 0.11 -7.75
CA LEU B 93 4.22 -1.00 -7.02
C LEU B 93 5.56 -0.59 -6.41
N LYS B 94 6.32 0.23 -7.11
CA LYS B 94 7.57 0.74 -6.57
C LYS B 94 7.30 1.61 -5.34
N ARG B 95 6.29 2.46 -5.46
CA ARG B 95 5.84 3.30 -4.35
C ARG B 95 5.33 2.42 -3.21
N LEU B 96 4.51 1.45 -3.57
CA LEU B 96 3.87 0.55 -2.62
C LEU B 96 4.89 -0.33 -1.91
N LYS B 97 5.93 -0.76 -2.63
CA LYS B 97 7.00 -1.55 -2.04
C LYS B 97 7.77 -0.73 -1.02
N MET B 98 8.04 0.52 -1.36
CA MET B 98 8.69 1.46 -0.45
C MET B 98 7.84 1.64 0.81
N LYS B 99 6.55 1.83 0.60
CA LYS B 99 5.62 2.08 1.70
C LYS B 99 5.41 0.79 2.50
N GLU B 100 5.45 -0.35 1.82
CA GLU B 100 5.36 -1.65 2.46
C GLU B 100 6.45 -1.81 3.50
N GLU B 101 7.69 -1.55 3.08
CA GLU B 101 8.82 -1.63 3.99
C GLU B 101 8.67 -0.64 5.14
N GLU B 102 8.16 0.54 4.83
CA GLU B 102 7.90 1.56 5.85
C GLU B 102 6.92 1.01 6.90
N TRP B 103 5.78 0.53 6.42
CA TRP B 103 4.75 -0.04 7.30
C TRP B 103 5.27 -1.26 8.05
N ARG B 104 5.97 -2.13 7.32
CA ARG B 104 6.43 -3.39 7.89
C ARG B 104 7.45 -3.15 8.99
N GLU B 105 8.37 -2.21 8.79
CA GLU B 105 9.34 -1.88 9.83
C GLU B 105 8.65 -1.25 11.03
N ALA B 106 7.64 -0.43 10.77
CA ALA B 106 6.85 0.17 11.83
C ALA B 106 6.12 -0.89 12.62
N GLN B 107 5.45 -1.79 11.92
CA GLN B 107 4.74 -2.89 12.57
C GLN B 107 5.72 -3.82 13.28
N ARG B 108 6.90 -3.98 12.72
CA ARG B 108 7.95 -4.76 13.34
C ARG B 108 8.32 -4.17 14.69
N GLY B 109 8.44 -2.84 14.72
CA GLY B 109 8.80 -2.15 15.95
C GLY B 109 7.72 -2.22 17.02
N PHE B 110 6.47 -2.19 16.60
CA PHE B 110 5.36 -2.26 17.54
C PHE B 110 4.95 -3.71 17.83
N ASN B 111 4.46 -4.39 16.81
CA ASN B 111 3.88 -5.73 16.98
C ASN B 111 4.94 -6.76 17.31
N LYS B 112 5.96 -6.87 16.44
CA LYS B 112 6.95 -7.92 16.60
C LYS B 112 7.78 -7.72 17.86
N VAL B 113 8.22 -6.48 18.10
CA VAL B 113 8.99 -6.16 19.29
C VAL B 113 8.15 -6.40 20.55
N TRP B 114 6.85 -6.11 20.48
CA TRP B 114 5.95 -6.43 21.57
C TRP B 114 6.03 -7.92 21.88
N ARG B 115 5.97 -8.75 20.83
CA ARG B 115 6.09 -10.20 20.99
C ARG B 115 7.44 -10.54 21.61
N GLU B 116 8.50 -9.98 21.05
CA GLU B 116 9.87 -10.25 21.49
C GLU B 116 10.05 -9.99 22.99
N GLN B 117 9.50 -8.88 23.46
CA GLN B 117 9.70 -8.48 24.85
C GLN B 117 8.63 -9.06 25.78
N ASN B 118 7.40 -9.20 25.29
CA ASN B 118 6.32 -9.72 26.13
C ASN B 118 6.50 -11.21 26.36
N GLU B 119 6.86 -11.94 25.31
CA GLU B 119 7.19 -13.35 25.45
C GLU B 119 8.57 -13.48 26.08
N LYS B 120 9.54 -12.86 25.40
CA LYS B 120 10.94 -12.82 25.83
C LYS B 120 11.48 -14.21 26.13
N TYR B 121 12.03 -14.83 25.10
CA TYR B 121 12.50 -16.21 25.20
C TYR B 121 13.74 -16.39 24.32
N TYR B 122 14.65 -15.42 24.37
CA TYR B 122 15.87 -15.47 23.59
C TYR B 122 16.76 -16.62 24.06
N LEU B 123 16.67 -16.87 25.35
CA LEU B 123 17.45 -17.92 26.00
C LEU B 123 16.52 -18.82 26.81
N LYS B 124 17.09 -19.66 27.65
CA LYS B 124 16.29 -20.42 28.60
C LYS B 124 16.15 -19.63 29.90
N SER B 125 17.13 -19.76 30.77
CA SER B 125 17.21 -18.97 32.00
C SER B 125 18.63 -19.03 32.55
N SER A 1 11.03 5.53 22.99
CA SER A 1 12.18 4.81 22.40
C SER A 1 12.25 5.07 20.90
N ASN A 2 11.10 5.04 20.24
CA ASN A 2 11.03 5.33 18.80
C ASN A 2 9.77 6.12 18.49
N ALA A 3 9.95 7.32 17.96
CA ALA A 3 8.81 8.13 17.54
C ALA A 3 8.46 7.82 16.09
N ALA A 4 7.73 6.73 15.91
CA ALA A 4 7.36 6.28 14.58
C ALA A 4 6.14 7.04 14.07
N GLN A 5 6.39 8.06 13.24
CA GLN A 5 5.29 8.82 12.67
C GLN A 5 4.74 8.11 11.45
N LEU A 6 3.48 7.73 11.54
CA LEU A 6 2.81 7.06 10.44
C LEU A 6 1.94 8.05 9.69
N ASN A 7 2.50 8.63 8.64
CA ASN A 7 1.77 9.57 7.81
C ASN A 7 0.89 8.79 6.85
N TYR A 8 1.33 7.57 6.54
CA TYR A 8 0.63 6.68 5.61
C TYR A 8 0.73 7.20 4.19
N LEU A 9 0.16 8.37 3.97
CA LEU A 9 0.17 9.04 2.68
C LEU A 9 1.60 9.36 2.24
N LEU A 10 1.80 9.52 0.94
CA LEU A 10 3.06 10.01 0.42
C LEU A 10 3.09 11.53 0.52
N THR A 11 4.26 12.12 0.38
CA THR A 11 4.35 13.57 0.39
C THR A 11 3.70 14.15 -0.86
N ASP A 12 3.12 15.33 -0.71
CA ASP A 12 2.39 15.99 -1.80
C ASP A 12 3.24 16.07 -3.07
N GLU A 13 4.53 16.32 -2.88
CA GLU A 13 5.45 16.46 -4.00
C GLU A 13 5.66 15.12 -4.72
N GLN A 14 5.68 14.03 -3.97
CA GLN A 14 5.86 12.72 -4.57
C GLN A 14 4.58 12.23 -5.22
N ILE A 15 3.44 12.64 -4.66
CA ILE A 15 2.15 12.35 -5.28
C ILE A 15 2.08 12.94 -6.67
N MET A 16 2.44 14.22 -6.77
CA MET A 16 2.46 14.92 -8.04
C MET A 16 3.57 14.38 -8.94
N GLU A 17 4.63 13.87 -8.31
CA GLU A 17 5.73 13.25 -9.06
C GLU A 17 5.20 12.08 -9.87
N ASP A 18 4.45 11.20 -9.21
CA ASP A 18 3.89 10.03 -9.86
C ASP A 18 2.92 10.41 -10.96
N LEU A 19 2.03 11.35 -10.66
CA LEU A 19 1.05 11.79 -11.64
C LEU A 19 1.74 12.39 -12.86
N ARG A 20 2.84 13.08 -12.63
CA ARG A 20 3.64 13.64 -13.73
C ARG A 20 4.42 12.55 -14.45
N THR A 21 4.85 11.54 -13.71
CA THR A 21 5.55 10.41 -14.30
C THR A 21 4.64 9.67 -15.28
N LEU A 22 3.38 9.52 -14.89
CA LEU A 22 2.37 8.92 -15.76
C LEU A 22 2.20 9.77 -17.02
N ASN A 23 2.28 11.07 -16.84
CA ASN A 23 2.09 12.03 -17.93
C ASN A 23 3.32 12.06 -18.84
N LYS A 24 4.43 11.51 -18.37
CA LYS A 24 5.66 11.47 -19.13
C LYS A 24 5.62 10.39 -20.20
N LEU A 25 4.73 9.41 -20.01
CA LEU A 25 4.61 8.30 -20.95
C LEU A 25 3.67 8.65 -22.09
N LYS A 26 4.03 8.25 -23.29
CA LYS A 26 3.17 8.44 -24.46
C LYS A 26 2.10 7.36 -24.52
N SER A 27 0.94 7.67 -23.98
CA SER A 27 -0.18 6.74 -24.00
C SER A 27 -1.36 7.33 -24.77
N SER B 1 4.27 13.34 31.71
CA SER B 1 3.17 12.60 32.35
C SER B 1 1.91 13.46 32.44
N ASN B 2 0.76 12.80 32.49
CA ASN B 2 -0.51 13.50 32.64
C ASN B 2 -1.28 12.91 33.81
N ALA B 3 -0.95 11.65 34.12
CA ALA B 3 -1.59 10.89 35.22
C ALA B 3 -3.01 10.48 34.85
N GLU B 4 -3.85 11.47 34.58
CA GLU B 4 -5.22 11.21 34.16
C GLU B 4 -5.20 10.54 32.80
N HIS B 5 -6.01 9.49 32.64
CA HIS B 5 -5.97 8.68 31.43
C HIS B 5 -6.71 9.36 30.28
N ILE B 6 -5.99 10.21 29.57
CA ILE B 6 -6.52 10.84 28.38
C ILE B 6 -6.32 9.90 27.20
N TYR B 7 -7.35 9.73 26.38
CA TYR B 7 -7.28 8.83 25.23
C TYR B 7 -6.13 9.20 24.30
N ARG B 8 -5.08 8.40 24.34
CA ARG B 8 -3.93 8.55 23.47
C ARG B 8 -3.42 7.19 23.04
N CYS B 9 -3.57 6.87 21.76
CA CYS B 9 -3.02 5.63 21.19
C CYS B 9 -3.58 4.39 21.89
N GLU B 10 -4.69 3.88 21.37
CA GLU B 10 -5.28 2.66 21.92
C GLU B 10 -5.72 1.72 20.79
N ASP B 11 -5.37 2.08 19.56
CA ASP B 11 -5.85 1.35 18.38
C ASP B 11 -4.70 1.13 17.41
N GLU B 12 -3.48 1.26 17.92
CA GLU B 12 -2.30 1.31 17.10
C GLU B 12 -2.06 -0.04 16.42
N ARG B 13 -1.82 -1.06 17.24
CA ARG B 13 -1.56 -2.39 16.74
C ARG B 13 -2.63 -2.85 15.76
N PHE B 14 -3.88 -2.63 16.12
CA PHE B 14 -5.00 -3.08 15.30
C PHE B 14 -4.95 -2.44 13.92
N GLU B 15 -4.64 -1.15 13.88
CA GLU B 15 -4.52 -0.45 12.62
C GLU B 15 -3.34 -0.97 11.82
N LEU B 16 -2.28 -1.36 12.53
CA LEU B 16 -1.08 -1.88 11.87
C LEU B 16 -1.37 -3.20 11.18
N ASP B 17 -1.99 -4.12 11.90
CA ASP B 17 -2.34 -5.42 11.34
C ASP B 17 -3.28 -5.27 10.15
N VAL B 18 -4.23 -4.34 10.26
CA VAL B 18 -5.17 -4.10 9.18
C VAL B 18 -4.49 -3.49 7.96
N VAL B 19 -3.73 -2.41 8.15
CA VAL B 19 -3.08 -1.72 7.04
C VAL B 19 -2.06 -2.63 6.36
N LEU B 20 -1.31 -3.40 7.16
CA LEU B 20 -0.32 -4.32 6.62
C LEU B 20 -0.98 -5.41 5.78
N GLU B 21 -2.06 -5.99 6.31
CA GLU B 21 -2.77 -7.05 5.59
C GLU B 21 -3.36 -6.52 4.29
N THR B 22 -4.08 -5.41 4.39
CA THR B 22 -4.69 -4.78 3.23
C THR B 22 -3.63 -4.43 2.19
N ASN B 23 -2.51 -3.90 2.67
CA ASN B 23 -1.39 -3.55 1.81
C ASN B 23 -0.81 -4.81 1.16
N LEU B 24 -0.53 -5.84 1.97
CA LEU B 24 0.08 -7.07 1.47
C LEU B 24 -0.78 -7.72 0.39
N ALA B 25 -2.09 -7.68 0.58
CA ALA B 25 -3.02 -8.18 -0.43
C ALA B 25 -2.88 -7.40 -1.72
N THR B 26 -2.81 -6.07 -1.58
CA THR B 26 -2.64 -5.18 -2.73
C THR B 26 -1.26 -5.39 -3.38
N ILE B 27 -0.25 -5.59 -2.55
CA ILE B 27 1.11 -5.89 -3.03
C ILE B 27 1.09 -7.14 -3.90
N ARG B 28 0.59 -8.23 -3.33
CA ARG B 28 0.60 -9.52 -4.00
C ARG B 28 -0.16 -9.48 -5.32
N VAL B 29 -1.32 -8.83 -5.33
CA VAL B 29 -2.13 -8.77 -6.53
C VAL B 29 -1.46 -7.88 -7.59
N LEU B 30 -0.91 -6.74 -7.18
CA LEU B 30 -0.26 -5.84 -8.11
C LEU B 30 1.01 -6.45 -8.68
N GLU B 31 1.77 -7.14 -7.84
CA GLU B 31 2.97 -7.84 -8.29
C GLU B 31 2.61 -8.98 -9.23
N ALA B 32 1.46 -9.61 -8.97
CA ALA B 32 0.95 -10.64 -9.86
C ALA B 32 0.58 -10.04 -11.20
N ILE B 33 -0.09 -8.89 -11.14
CA ILE B 33 -0.47 -8.16 -12.34
C ILE B 33 0.77 -7.76 -13.13
N GLN B 34 1.72 -7.12 -12.47
CA GLN B 34 2.98 -6.71 -13.11
C GLN B 34 3.72 -7.90 -13.68
N LYS B 35 3.67 -9.02 -12.97
CA LYS B 35 4.32 -10.25 -13.41
C LYS B 35 3.69 -10.76 -14.71
N LYS B 36 2.38 -10.57 -14.84
CA LYS B 36 1.66 -10.95 -16.04
C LYS B 36 1.81 -9.89 -17.13
N LEU B 37 1.96 -8.64 -16.71
CA LEU B 37 2.14 -7.53 -17.63
C LEU B 37 3.51 -7.60 -18.30
N SER B 38 4.55 -7.37 -17.49
CA SER B 38 5.93 -7.32 -17.98
C SER B 38 6.10 -6.18 -18.99
N ARG B 39 5.15 -5.24 -18.95
CA ARG B 39 5.14 -4.08 -19.84
C ARG B 39 4.78 -4.50 -21.26
N LEU B 40 3.49 -4.42 -21.57
CA LEU B 40 2.97 -4.81 -22.87
C LEU B 40 2.70 -3.58 -23.72
N SER B 41 2.33 -3.81 -24.98
CA SER B 41 2.00 -2.72 -25.89
C SER B 41 0.58 -2.22 -25.63
N ALA B 42 0.21 -1.10 -26.23
CA ALA B 42 -1.13 -0.53 -26.06
C ALA B 42 -2.20 -1.54 -26.46
N GLU B 43 -1.97 -2.21 -27.59
CA GLU B 43 -2.88 -3.25 -28.09
C GLU B 43 -3.09 -4.33 -27.05
N GLU B 44 -2.02 -4.71 -26.36
CA GLU B 44 -2.07 -5.80 -25.40
C GLU B 44 -2.65 -5.32 -24.07
N GLN B 45 -2.47 -4.04 -23.76
CA GLN B 45 -3.00 -3.47 -22.52
C GLN B 45 -4.51 -3.28 -22.62
N ALA B 46 -4.99 -2.97 -23.83
CA ALA B 46 -6.42 -2.89 -24.07
C ALA B 46 -7.01 -4.30 -24.17
N LYS B 47 -6.14 -5.25 -24.45
CA LYS B 47 -6.52 -6.65 -24.54
C LYS B 47 -6.71 -7.23 -23.15
N PHE B 48 -5.63 -7.21 -22.37
CA PHE B 48 -5.67 -7.68 -20.99
C PHE B 48 -5.64 -6.48 -20.06
N ARG B 49 -6.82 -5.96 -19.73
CA ARG B 49 -6.91 -4.78 -18.89
C ARG B 49 -7.43 -5.16 -17.50
N LEU B 50 -7.04 -4.38 -16.51
CA LEU B 50 -7.43 -4.63 -15.13
C LEU B 50 -8.83 -4.13 -14.85
N ASP B 51 -9.80 -5.02 -14.92
CA ASP B 51 -11.16 -4.67 -14.59
C ASP B 51 -11.56 -5.28 -13.25
N ASN B 52 -11.99 -6.53 -13.28
CA ASN B 52 -12.45 -7.23 -12.08
C ASN B 52 -11.27 -7.62 -11.20
N THR B 53 -10.09 -7.62 -11.80
CA THR B 53 -8.85 -7.95 -11.10
C THR B 53 -8.55 -6.94 -9.99
N LEU B 54 -8.99 -5.70 -10.19
CA LEU B 54 -8.72 -4.64 -9.22
C LEU B 54 -10.03 -4.06 -8.71
N GLY B 55 -10.96 -3.77 -9.63
CA GLY B 55 -12.22 -3.20 -9.25
C GLY B 55 -13.37 -4.16 -9.45
N GLY B 56 -13.29 -5.30 -8.79
CA GLY B 56 -14.35 -6.28 -8.88
C GLY B 56 -15.06 -6.46 -7.56
N THR B 57 -14.99 -7.66 -7.00
CA THR B 57 -15.63 -7.95 -5.72
C THR B 57 -14.68 -7.70 -4.57
N SER B 58 -13.41 -7.50 -4.90
CA SER B 58 -12.38 -7.23 -3.90
C SER B 58 -11.83 -5.81 -4.07
N GLU B 59 -12.62 -4.94 -4.68
CA GLU B 59 -12.18 -3.58 -4.98
C GLU B 59 -11.93 -2.77 -3.71
N VAL B 60 -12.62 -3.11 -2.62
CA VAL B 60 -12.53 -2.35 -1.39
C VAL B 60 -11.08 -2.26 -0.88
N ILE B 61 -10.38 -3.38 -0.84
CA ILE B 61 -9.01 -3.40 -0.35
C ILE B 61 -8.07 -2.70 -1.31
N HIS B 62 -8.34 -2.86 -2.60
CA HIS B 62 -7.48 -2.32 -3.64
C HIS B 62 -7.51 -0.79 -3.60
N ARG B 63 -8.71 -0.24 -3.68
CA ARG B 63 -8.90 1.19 -3.74
C ARG B 63 -8.56 1.85 -2.42
N LYS B 64 -8.94 1.22 -1.31
CA LYS B 64 -8.68 1.78 0.01
C LYS B 64 -7.18 1.88 0.26
N ALA B 65 -6.44 0.85 -0.12
CA ALA B 65 -4.99 0.84 0.04
C ALA B 65 -4.36 1.89 -0.85
N LEU B 66 -4.89 2.04 -2.06
CA LEU B 66 -4.40 3.05 -2.99
C LEU B 66 -4.67 4.45 -2.44
N GLN B 67 -5.82 4.62 -1.80
CA GLN B 67 -6.16 5.90 -1.19
C GLN B 67 -5.33 6.14 0.07
N ARG B 68 -4.86 5.07 0.68
CA ARG B 68 -4.02 5.19 1.86
C ARG B 68 -2.67 5.81 1.50
N ILE B 69 -2.23 5.61 0.26
CA ILE B 69 -0.95 6.16 -0.18
C ILE B 69 -1.15 7.42 -1.04
N TYR B 70 -2.26 7.50 -1.76
CA TYR B 70 -2.53 8.65 -2.64
C TYR B 70 -3.98 9.09 -2.54
N ALA B 71 -4.44 9.33 -1.32
CA ALA B 71 -5.82 9.73 -1.03
C ALA B 71 -6.39 10.73 -2.05
N ASP B 72 -5.70 11.84 -2.24
CA ASP B 72 -6.23 12.95 -3.05
C ASP B 72 -6.08 12.72 -4.55
N LYS B 73 -5.45 11.62 -4.95
CA LYS B 73 -5.18 11.41 -6.36
C LYS B 73 -5.35 9.94 -6.74
N ALA B 74 -5.99 9.18 -5.87
CA ALA B 74 -6.16 7.74 -6.09
C ALA B 74 -7.07 7.49 -7.28
N ALA B 75 -8.11 8.30 -7.42
CA ALA B 75 -9.03 8.19 -8.54
C ALA B 75 -8.28 8.26 -9.87
N ASP B 76 -7.36 9.21 -9.97
CA ASP B 76 -6.56 9.40 -11.16
C ASP B 76 -5.61 8.23 -11.38
N ILE B 77 -5.09 7.66 -10.31
CA ILE B 77 -4.19 6.53 -10.40
C ILE B 77 -4.96 5.26 -10.78
N ILE B 78 -6.17 5.11 -10.25
CA ILE B 78 -7.02 3.96 -10.58
C ILE B 78 -7.30 3.90 -12.07
N ASP B 79 -7.54 5.06 -12.67
CA ASP B 79 -7.73 5.16 -14.12
C ASP B 79 -6.46 4.73 -14.85
N GLY B 80 -5.33 5.15 -14.30
CA GLY B 80 -4.04 4.77 -14.86
C GLY B 80 -3.81 3.27 -14.75
N LEU B 81 -4.10 2.70 -13.59
CA LEU B 81 -3.96 1.27 -13.38
C LEU B 81 -4.83 0.49 -14.35
N ARG B 82 -6.04 0.99 -14.56
CA ARG B 82 -6.98 0.37 -15.50
C ARG B 82 -6.45 0.45 -16.93
N LYS B 83 -6.46 1.66 -17.46
CA LYS B 83 -6.24 1.89 -18.88
C LYS B 83 -4.76 1.80 -19.27
N ASN B 84 -3.88 2.05 -18.32
CA ASN B 84 -2.44 2.06 -18.62
C ASN B 84 -1.67 1.21 -17.60
N PRO B 85 -1.94 -0.10 -17.54
CA PRO B 85 -1.38 -0.96 -16.50
C PRO B 85 0.15 -1.07 -16.60
N SER B 86 0.69 -1.11 -17.81
CA SER B 86 2.13 -1.23 -17.97
C SER B 86 2.84 0.09 -17.67
N ILE B 87 2.06 1.11 -17.35
CA ILE B 87 2.60 2.41 -16.98
C ILE B 87 2.45 2.65 -15.48
N ALA B 88 1.21 2.70 -15.00
CA ALA B 88 0.94 3.08 -13.63
C ALA B 88 1.29 1.98 -12.64
N VAL B 89 1.02 0.72 -13.00
CA VAL B 89 1.25 -0.41 -12.10
C VAL B 89 2.71 -0.44 -11.60
N PRO B 90 3.72 -0.46 -12.50
CA PRO B 90 5.13 -0.50 -12.08
C PRO B 90 5.48 0.63 -11.11
N ILE B 91 5.06 1.84 -11.43
CA ILE B 91 5.37 3.01 -10.61
C ILE B 91 4.67 2.95 -9.26
N VAL B 92 3.36 2.70 -9.30
CA VAL B 92 2.56 2.68 -8.10
C VAL B 92 2.96 1.51 -7.20
N LEU B 93 3.35 0.40 -7.82
CA LEU B 93 3.81 -0.77 -7.09
C LEU B 93 5.14 -0.48 -6.40
N LYS B 94 5.98 0.29 -7.08
CA LYS B 94 7.26 0.70 -6.52
C LYS B 94 7.03 1.52 -5.24
N ARG B 95 6.09 2.45 -5.31
CA ARG B 95 5.73 3.27 -4.16
C ARG B 95 5.11 2.42 -3.07
N LEU B 96 4.27 1.49 -3.49
CA LEU B 96 3.53 0.65 -2.56
C LEU B 96 4.48 -0.34 -1.87
N LYS B 97 5.49 -0.77 -2.60
CA LYS B 97 6.49 -1.69 -2.07
C LYS B 97 7.35 -0.96 -1.04
N MET B 98 7.65 0.31 -1.35
CA MET B 98 8.38 1.17 -0.43
C MET B 98 7.59 1.35 0.87
N LYS B 99 6.30 1.60 0.72
CA LYS B 99 5.40 1.74 1.86
C LYS B 99 5.23 0.41 2.59
N GLU B 100 5.20 -0.68 1.83
CA GLU B 100 5.11 -2.02 2.41
C GLU B 100 6.26 -2.26 3.38
N GLU B 101 7.45 -1.86 2.98
CA GLU B 101 8.61 -1.96 3.85
C GLU B 101 8.44 -1.07 5.08
N GLU B 102 8.03 0.18 4.85
CA GLU B 102 7.81 1.14 5.92
C GLU B 102 6.80 0.61 6.93
N TRP B 103 5.67 0.13 6.43
CA TRP B 103 4.61 -0.38 7.29
C TRP B 103 5.05 -1.62 8.06
N ARG B 104 5.81 -2.49 7.42
CA ARG B 104 6.31 -3.68 8.08
C ARG B 104 7.32 -3.31 9.17
N GLU B 105 8.11 -2.28 8.92
CA GLU B 105 9.05 -1.79 9.92
C GLU B 105 8.30 -1.11 11.06
N ALA B 106 7.19 -0.47 10.73
CA ALA B 106 6.33 0.13 11.74
C ALA B 106 5.64 -0.94 12.58
N GLN B 107 5.13 -1.96 11.92
CA GLN B 107 4.50 -3.08 12.61
C GLN B 107 5.53 -3.81 13.48
N ARG B 108 6.76 -3.86 13.00
CA ARG B 108 7.86 -4.40 13.79
C ARG B 108 8.11 -3.52 15.01
N GLY B 109 8.02 -2.22 14.80
CA GLY B 109 8.22 -1.27 15.88
C GLY B 109 7.21 -1.43 16.99
N PHE B 110 5.95 -1.55 16.63
CA PHE B 110 4.88 -1.67 17.63
C PHE B 110 4.64 -3.12 18.03
N ASN B 111 4.14 -3.92 17.08
CA ASN B 111 3.69 -5.29 17.39
C ASN B 111 4.84 -6.18 17.82
N LYS B 112 5.88 -6.22 16.98
CA LYS B 112 7.02 -7.12 17.21
C LYS B 112 7.71 -6.80 18.53
N VAL B 113 8.20 -5.57 18.64
CA VAL B 113 8.99 -5.16 19.80
C VAL B 113 8.18 -5.27 21.09
N TRP B 114 6.92 -4.83 21.06
CA TRP B 114 6.07 -4.90 22.25
C TRP B 114 5.91 -6.35 22.71
N ARG B 115 5.62 -7.24 21.78
CA ARG B 115 5.40 -8.64 22.12
C ARG B 115 6.66 -9.26 22.74
N GLU B 116 7.79 -9.11 22.04
CA GLU B 116 9.04 -9.71 22.48
C GLU B 116 9.44 -9.20 23.87
N GLN B 117 9.23 -7.91 24.10
CA GLN B 117 9.57 -7.30 25.39
C GLN B 117 8.58 -7.70 26.47
N ASN B 118 7.36 -8.00 26.07
CA ASN B 118 6.30 -8.36 27.01
C ASN B 118 6.46 -9.79 27.51
N GLU B 119 6.78 -10.71 26.59
CA GLU B 119 6.88 -12.12 26.92
C GLU B 119 8.23 -12.49 27.55
N LYS B 120 9.14 -11.53 27.64
CA LYS B 120 10.46 -11.82 28.20
C LYS B 120 10.59 -11.30 29.62
N TYR B 121 11.62 -11.76 30.32
CA TYR B 121 11.93 -11.31 31.68
C TYR B 121 10.74 -11.56 32.60
N TYR B 122 10.28 -12.81 32.63
CA TYR B 122 9.14 -13.19 33.44
C TYR B 122 9.56 -13.33 34.91
N LEU B 123 10.85 -13.40 35.13
CA LEU B 123 11.41 -13.46 36.46
C LEU B 123 12.00 -12.11 36.84
N LYS B 124 11.44 -11.47 37.87
CA LYS B 124 11.94 -10.17 38.27
C LYS B 124 13.20 -10.32 39.11
N SER B 125 14.23 -9.57 38.75
CA SER B 125 15.50 -9.58 39.46
C SER B 125 16.22 -8.26 39.21
N SER A 1 18.39 10.15 17.52
CA SER A 1 17.40 9.08 17.75
C SER A 1 16.31 9.14 16.69
N ASN A 2 15.94 7.99 16.16
CA ASN A 2 14.91 7.91 15.13
C ASN A 2 14.65 6.46 14.76
N ALA A 3 13.40 6.14 14.46
CA ALA A 3 13.04 4.80 14.04
C ALA A 3 12.09 4.87 12.84
N ALA A 4 10.83 5.17 13.11
CA ALA A 4 9.83 5.26 12.06
C ALA A 4 8.67 6.14 12.50
N GLN A 5 8.39 7.16 11.71
CA GLN A 5 7.25 8.03 11.97
C GLN A 5 6.03 7.51 11.23
N LEU A 6 4.91 7.43 11.93
CA LEU A 6 3.69 6.90 11.37
C LEU A 6 2.99 7.95 10.52
N ASN A 7 3.41 8.05 9.27
CA ASN A 7 2.79 8.98 8.34
C ASN A 7 1.63 8.31 7.61
N TYR A 8 1.82 7.04 7.23
CA TYR A 8 0.82 6.25 6.51
C TYR A 8 0.60 6.76 5.08
N LEU A 9 0.18 8.01 4.98
CA LEU A 9 -0.11 8.65 3.70
C LEU A 9 1.18 8.88 2.89
N LEU A 10 1.03 9.13 1.60
CA LEU A 10 2.17 9.48 0.77
C LEU A 10 2.34 10.99 0.73
N THR A 11 3.59 11.43 0.78
CA THR A 11 3.90 12.84 0.64
C THR A 11 3.50 13.32 -0.75
N ASP A 12 2.90 14.51 -0.84
CA ASP A 12 2.43 15.05 -2.12
C ASP A 12 3.58 15.16 -3.11
N GLU A 13 4.80 15.22 -2.59
CA GLU A 13 6.00 15.17 -3.42
C GLU A 13 5.97 13.94 -4.32
N GLN A 14 5.82 12.78 -3.70
CA GLN A 14 5.78 11.52 -4.45
C GLN A 14 4.53 11.43 -5.30
N ILE A 15 3.42 11.93 -4.76
CA ILE A 15 2.15 11.87 -5.47
C ILE A 15 2.22 12.63 -6.79
N MET A 16 2.66 13.88 -6.74
CA MET A 16 2.76 14.70 -7.94
C MET A 16 3.84 14.15 -8.86
N GLU A 17 4.88 13.57 -8.28
CA GLU A 17 5.95 12.93 -9.05
C GLU A 17 5.37 11.80 -9.90
N ASP A 18 4.55 10.98 -9.27
CA ASP A 18 3.93 9.83 -9.93
C ASP A 18 3.05 10.30 -11.09
N LEU A 19 2.17 11.26 -10.80
CA LEU A 19 1.28 11.83 -11.81
C LEU A 19 2.08 12.37 -12.99
N ARG A 20 3.14 13.11 -12.69
CA ARG A 20 3.98 13.68 -13.74
C ARG A 20 4.59 12.59 -14.61
N THR A 21 4.98 11.48 -13.98
CA THR A 21 5.52 10.35 -14.71
C THR A 21 4.45 9.77 -15.65
N LEU A 22 3.25 9.58 -15.11
CA LEU A 22 2.13 9.02 -15.89
C LEU A 22 1.75 9.94 -17.05
N ASN A 23 1.93 11.24 -16.86
CA ASN A 23 1.52 12.22 -17.86
C ASN A 23 2.60 12.45 -18.91
N LYS A 24 3.85 12.17 -18.57
CA LYS A 24 4.95 12.41 -19.49
C LYS A 24 5.39 11.12 -20.19
N LEU A 25 5.27 9.99 -19.50
CA LEU A 25 5.65 8.72 -20.07
C LEU A 25 4.49 8.16 -20.88
N LYS A 26 4.45 8.56 -22.15
CA LYS A 26 3.42 8.09 -23.06
C LYS A 26 4.05 7.39 -24.25
N SER A 27 3.36 6.41 -24.79
CA SER A 27 3.85 5.66 -25.93
C SER A 27 2.70 5.30 -26.86
N SER B 1 -17.88 3.43 12.36
CA SER B 1 -17.24 2.12 12.14
C SER B 1 -17.46 1.17 13.31
N ASN B 2 -17.93 1.71 14.43
CA ASN B 2 -18.14 0.89 15.62
C ASN B 2 -19.61 0.93 16.05
N ALA B 3 -20.04 -0.12 16.72
CA ALA B 3 -21.41 -0.21 17.21
C ALA B 3 -21.50 0.14 18.69
N GLU B 4 -20.43 0.74 19.20
CA GLU B 4 -20.37 1.13 20.61
C GLU B 4 -19.23 2.12 20.80
N HIS B 5 -19.24 2.83 21.91
CA HIS B 5 -18.19 3.79 22.21
C HIS B 5 -17.06 3.11 23.00
N ILE B 6 -16.14 2.49 22.29
CA ILE B 6 -14.99 1.85 22.90
C ILE B 6 -13.71 2.27 22.20
N TYR B 7 -12.68 2.54 22.98
CA TYR B 7 -11.39 2.91 22.45
C TYR B 7 -10.30 2.21 23.25
N ARG B 8 -9.80 1.10 22.73
CA ARG B 8 -8.96 0.20 23.51
C ARG B 8 -7.52 0.19 23.00
N CYS B 9 -6.60 0.56 23.88
CA CYS B 9 -5.17 0.60 23.56
C CYS B 9 -4.92 1.56 22.40
N GLU B 10 -5.75 2.61 22.34
CA GLU B 10 -5.67 3.65 21.31
C GLU B 10 -6.02 3.10 19.92
N ASP B 11 -6.33 1.80 19.86
CA ASP B 11 -6.71 1.13 18.62
C ASP B 11 -5.67 1.30 17.52
N GLU B 12 -4.46 1.65 17.91
CA GLU B 12 -3.37 1.84 16.97
C GLU B 12 -2.99 0.51 16.36
N ARG B 13 -2.76 -0.47 17.23
CA ARG B 13 -2.39 -1.82 16.82
C ARG B 13 -3.46 -2.44 15.93
N PHE B 14 -4.72 -2.15 16.24
CA PHE B 14 -5.83 -2.68 15.46
C PHE B 14 -5.69 -2.24 14.00
N GLU B 15 -5.44 -0.95 13.82
CA GLU B 15 -5.27 -0.41 12.48
C GLU B 15 -4.00 -0.94 11.85
N LEU B 16 -2.98 -1.19 12.67
CA LEU B 16 -1.70 -1.70 12.17
C LEU B 16 -1.87 -3.10 11.59
N ASP B 17 -2.60 -3.93 12.31
CA ASP B 17 -2.91 -5.29 11.86
C ASP B 17 -3.66 -5.25 10.53
N VAL B 18 -4.69 -4.42 10.49
CA VAL B 18 -5.52 -4.30 9.30
C VAL B 18 -4.73 -3.75 8.11
N VAL B 19 -4.01 -2.65 8.32
CA VAL B 19 -3.30 -1.98 7.23
C VAL B 19 -2.23 -2.88 6.62
N LEU B 20 -1.50 -3.62 7.45
CA LEU B 20 -0.47 -4.53 6.96
C LEU B 20 -1.11 -5.64 6.13
N GLU B 21 -2.20 -6.22 6.63
CA GLU B 21 -2.91 -7.26 5.91
C GLU B 21 -3.47 -6.74 4.58
N THR B 22 -4.04 -5.54 4.61
CA THR B 22 -4.60 -4.95 3.41
C THR B 22 -3.48 -4.62 2.42
N ASN B 23 -2.37 -4.14 2.96
CA ASN B 23 -1.19 -3.81 2.17
C ASN B 23 -0.71 -5.05 1.42
N LEU B 24 -0.51 -6.14 2.14
CA LEU B 24 0.00 -7.37 1.57
C LEU B 24 -0.92 -7.90 0.47
N ALA B 25 -2.23 -7.82 0.69
CA ALA B 25 -3.20 -8.24 -0.33
C ALA B 25 -3.00 -7.44 -1.61
N THR B 26 -2.82 -6.14 -1.46
CA THR B 26 -2.60 -5.25 -2.60
C THR B 26 -1.22 -5.52 -3.22
N ILE B 27 -0.24 -5.81 -2.37
CA ILE B 27 1.09 -6.18 -2.84
C ILE B 27 1.00 -7.43 -3.72
N ARG B 28 0.32 -8.45 -3.22
CA ARG B 28 0.18 -9.72 -3.93
C ARG B 28 -0.43 -9.53 -5.31
N VAL B 29 -1.55 -8.81 -5.39
CA VAL B 29 -2.24 -8.65 -6.65
C VAL B 29 -1.40 -7.85 -7.65
N LEU B 30 -0.75 -6.79 -7.18
CA LEU B 30 0.06 -5.95 -8.06
C LEU B 30 1.32 -6.68 -8.53
N GLU B 31 1.93 -7.46 -7.64
CA GLU B 31 3.07 -8.30 -8.00
C GLU B 31 2.69 -9.27 -9.11
N ALA B 32 1.52 -9.87 -8.98
CA ALA B 32 1.03 -10.82 -9.96
C ALA B 32 0.83 -10.13 -11.31
N ILE B 33 0.28 -8.93 -11.27
CA ILE B 33 0.05 -8.15 -12.48
C ILE B 33 1.37 -7.76 -13.14
N GLN B 34 2.31 -7.28 -12.35
CA GLN B 34 3.63 -6.90 -12.84
C GLN B 34 4.28 -8.07 -13.57
N LYS B 35 4.25 -9.23 -12.93
CA LYS B 35 4.85 -10.44 -13.50
C LYS B 35 4.15 -10.85 -14.79
N LYS B 36 2.83 -10.69 -14.81
CA LYS B 36 2.03 -11.08 -15.96
C LYS B 36 2.24 -10.10 -17.12
N LEU B 37 2.38 -8.83 -16.77
CA LEU B 37 2.62 -7.78 -17.76
C LEU B 37 4.01 -7.89 -18.36
N SER B 38 5.03 -7.90 -17.49
CA SER B 38 6.43 -7.91 -17.90
C SER B 38 6.73 -6.81 -18.92
N ARG B 39 5.97 -5.70 -18.82
CA ARG B 39 6.05 -4.57 -19.74
C ARG B 39 5.69 -4.98 -21.15
N LEU B 40 4.42 -4.83 -21.48
CA LEU B 40 3.89 -5.19 -22.80
C LEU B 40 3.86 -3.96 -23.70
N SER B 41 3.52 -4.18 -24.97
CA SER B 41 3.39 -3.08 -25.92
C SER B 41 1.99 -2.50 -25.86
N ALA B 42 1.76 -1.39 -26.56
CA ALA B 42 0.49 -0.66 -26.48
C ALA B 42 -0.72 -1.55 -26.75
N GLU B 43 -0.68 -2.32 -27.83
CA GLU B 43 -1.82 -3.16 -28.21
C GLU B 43 -2.08 -4.25 -27.17
N GLU B 44 -1.02 -4.68 -26.49
CA GLU B 44 -1.13 -5.70 -25.46
C GLU B 44 -1.65 -5.07 -24.17
N GLN B 45 -1.24 -3.83 -23.92
CA GLN B 45 -1.69 -3.08 -22.74
C GLN B 45 -3.18 -2.78 -22.84
N ALA B 46 -3.65 -2.61 -24.07
CA ALA B 46 -5.06 -2.37 -24.32
C ALA B 46 -5.84 -3.67 -24.21
N LYS B 47 -5.19 -4.78 -24.59
CA LYS B 47 -5.82 -6.09 -24.56
C LYS B 47 -5.95 -6.57 -23.12
N PHE B 48 -4.85 -6.53 -22.38
CA PHE B 48 -4.85 -6.95 -21.00
C PHE B 48 -4.87 -5.75 -20.08
N ARG B 49 -6.04 -5.45 -19.54
CA ARG B 49 -6.23 -4.33 -18.65
C ARG B 49 -6.85 -4.79 -17.35
N LEU B 50 -6.67 -4.02 -16.28
CA LEU B 50 -7.21 -4.39 -14.97
C LEU B 50 -8.71 -4.23 -14.96
N ASP B 51 -9.42 -5.30 -15.30
CA ASP B 51 -10.87 -5.29 -15.34
C ASP B 51 -11.45 -6.38 -14.44
N ASN B 52 -11.07 -7.62 -14.70
CA ASN B 52 -11.55 -8.74 -13.91
C ASN B 52 -10.67 -8.99 -12.68
N THR B 53 -9.36 -9.08 -12.90
CA THR B 53 -8.41 -9.36 -11.82
C THR B 53 -8.54 -8.35 -10.69
N LEU B 54 -8.51 -7.07 -11.03
CA LEU B 54 -8.72 -6.03 -10.04
C LEU B 54 -10.19 -5.63 -10.03
N GLY B 55 -11.02 -6.49 -9.47
CA GLY B 55 -12.44 -6.24 -9.44
C GLY B 55 -13.17 -7.17 -8.50
N GLY B 56 -14.40 -7.51 -8.84
CA GLY B 56 -15.21 -8.35 -7.98
C GLY B 56 -15.51 -7.66 -6.67
N THR B 57 -15.40 -8.39 -5.58
CA THR B 57 -15.60 -7.82 -4.26
C THR B 57 -14.27 -7.35 -3.69
N SER B 58 -13.18 -7.65 -4.40
CA SER B 58 -11.84 -7.36 -3.92
C SER B 58 -11.38 -6.00 -4.44
N GLU B 59 -12.24 -5.31 -5.18
CA GLU B 59 -11.90 -4.01 -5.74
C GLU B 59 -11.63 -3.01 -4.62
N VAL B 60 -12.49 -3.02 -3.61
CA VAL B 60 -12.42 -2.05 -2.52
C VAL B 60 -11.16 -2.24 -1.67
N ILE B 61 -10.71 -3.49 -1.53
CA ILE B 61 -9.55 -3.79 -0.71
C ILE B 61 -8.31 -3.09 -1.26
N HIS B 62 -8.01 -3.38 -2.51
CA HIS B 62 -6.81 -2.87 -3.16
C HIS B 62 -6.96 -1.36 -3.39
N ARG B 63 -8.17 -0.96 -3.72
CA ARG B 63 -8.48 0.45 -3.97
C ARG B 63 -8.24 1.28 -2.71
N LYS B 64 -8.84 0.85 -1.61
CA LYS B 64 -8.75 1.57 -0.35
C LYS B 64 -7.32 1.62 0.17
N ALA B 65 -6.59 0.53 -0.03
CA ALA B 65 -5.19 0.48 0.36
C ALA B 65 -4.38 1.51 -0.40
N LEU B 66 -4.66 1.63 -1.69
CA LEU B 66 -3.97 2.59 -2.53
C LEU B 66 -4.47 4.01 -2.21
N GLN B 67 -5.74 4.13 -1.82
CA GLN B 67 -6.31 5.41 -1.43
C GLN B 67 -5.71 5.89 -0.12
N ARG B 68 -5.23 4.97 0.70
CA ARG B 68 -4.64 5.32 1.98
C ARG B 68 -3.32 6.09 1.78
N ILE B 69 -2.64 5.83 0.67
CA ILE B 69 -1.40 6.53 0.37
C ILE B 69 -1.63 7.66 -0.65
N TYR B 70 -2.48 7.41 -1.62
CA TYR B 70 -2.75 8.38 -2.67
C TYR B 70 -4.05 9.13 -2.44
N ALA B 71 -4.45 9.27 -1.17
CA ALA B 71 -5.73 9.91 -0.80
C ALA B 71 -6.00 11.21 -1.58
N ASP B 72 -4.96 11.96 -1.88
CA ASP B 72 -5.10 13.25 -2.53
C ASP B 72 -5.45 13.10 -4.02
N LYS B 73 -4.90 12.09 -4.68
CA LYS B 73 -5.09 11.91 -6.12
C LYS B 73 -5.37 10.45 -6.47
N ALA B 74 -6.06 9.76 -5.58
CA ALA B 74 -6.33 8.34 -5.74
C ALA B 74 -7.21 8.09 -6.96
N ALA B 75 -8.15 9.00 -7.20
CA ALA B 75 -9.05 8.88 -8.32
C ALA B 75 -8.28 8.90 -9.65
N ASP B 76 -7.15 9.58 -9.66
CA ASP B 76 -6.35 9.71 -10.88
C ASP B 76 -5.52 8.45 -11.12
N ILE B 77 -4.85 7.97 -10.08
CA ILE B 77 -4.02 6.77 -10.20
C ILE B 77 -4.87 5.56 -10.56
N ILE B 78 -6.05 5.47 -9.96
CA ILE B 78 -6.97 4.37 -10.25
C ILE B 78 -7.39 4.41 -11.72
N ASP B 79 -7.61 5.61 -12.24
CA ASP B 79 -7.97 5.79 -13.64
C ASP B 79 -6.80 5.39 -14.54
N GLY B 80 -5.58 5.75 -14.10
CA GLY B 80 -4.39 5.36 -14.82
C GLY B 80 -4.22 3.86 -14.88
N LEU B 81 -4.39 3.20 -13.74
CA LEU B 81 -4.31 1.74 -13.66
C LEU B 81 -5.41 1.10 -14.50
N ARG B 82 -6.58 1.72 -14.48
CA ARG B 82 -7.75 1.19 -15.16
C ARG B 82 -7.74 1.52 -16.65
N LYS B 83 -6.59 1.97 -17.14
CA LYS B 83 -6.50 2.41 -18.53
C LYS B 83 -5.16 2.03 -19.15
N ASN B 84 -4.07 2.31 -18.45
CA ASN B 84 -2.72 1.97 -18.93
C ASN B 84 -1.95 1.20 -17.87
N PRO B 85 -2.14 -0.14 -17.84
CA PRO B 85 -1.52 -0.99 -16.83
C PRO B 85 0.00 -0.95 -16.86
N SER B 86 0.58 -1.20 -18.03
CA SER B 86 2.03 -1.34 -18.15
C SER B 86 2.74 0.00 -17.95
N ILE B 87 1.97 1.07 -17.77
CA ILE B 87 2.53 2.37 -17.46
C ILE B 87 2.42 2.66 -15.97
N ALA B 88 1.20 2.59 -15.44
CA ALA B 88 0.96 2.96 -14.05
C ALA B 88 1.37 1.86 -13.07
N VAL B 89 1.14 0.60 -13.44
CA VAL B 89 1.38 -0.53 -12.54
C VAL B 89 2.81 -0.55 -11.99
N PRO B 90 3.86 -0.56 -12.86
CA PRO B 90 5.25 -0.60 -12.39
C PRO B 90 5.57 0.54 -11.43
N ILE B 91 5.15 1.74 -11.78
CA ILE B 91 5.44 2.92 -10.97
C ILE B 91 4.71 2.83 -9.64
N VAL B 92 3.40 2.65 -9.71
CA VAL B 92 2.55 2.64 -8.52
C VAL B 92 2.94 1.48 -7.60
N LEU B 93 3.32 0.37 -8.21
CA LEU B 93 3.76 -0.81 -7.46
C LEU B 93 5.02 -0.49 -6.66
N LYS B 94 5.96 0.24 -7.28
CA LYS B 94 7.19 0.60 -6.59
C LYS B 94 6.90 1.57 -5.44
N ARG B 95 5.95 2.47 -5.63
CA ARG B 95 5.54 3.40 -4.58
C ARG B 95 4.97 2.61 -3.40
N LEU B 96 4.10 1.66 -3.72
CA LEU B 96 3.47 0.81 -2.72
C LEU B 96 4.50 -0.12 -2.10
N LYS B 97 5.51 -0.47 -2.88
CA LYS B 97 6.55 -1.37 -2.44
C LYS B 97 7.42 -0.72 -1.36
N MET B 98 7.81 0.52 -1.59
CA MET B 98 8.61 1.26 -0.61
C MET B 98 7.74 1.61 0.60
N LYS B 99 6.45 1.82 0.37
CA LYS B 99 5.52 2.07 1.45
C LYS B 99 5.35 0.81 2.29
N GLU B 100 5.37 -0.33 1.60
CA GLU B 100 5.30 -1.65 2.26
C GLU B 100 6.46 -1.82 3.22
N GLU B 101 7.67 -1.47 2.75
CA GLU B 101 8.86 -1.53 3.59
C GLU B 101 8.74 -0.55 4.76
N GLU B 102 8.07 0.57 4.53
CA GLU B 102 7.85 1.56 5.58
C GLU B 102 6.88 1.03 6.63
N TRP B 103 5.79 0.42 6.19
CA TRP B 103 4.85 -0.20 7.11
C TRP B 103 5.49 -1.34 7.87
N ARG B 104 6.42 -2.04 7.22
CA ARG B 104 7.22 -3.05 7.90
C ARG B 104 8.02 -2.44 9.04
N GLU B 105 8.62 -1.28 8.79
CA GLU B 105 9.36 -0.56 9.82
C GLU B 105 8.46 -0.24 11.00
N ALA B 106 7.25 0.21 10.71
CA ALA B 106 6.25 0.51 11.74
C ALA B 106 5.89 -0.77 12.50
N GLN B 107 5.60 -1.83 11.76
CA GLN B 107 5.22 -3.10 12.35
C GLN B 107 6.36 -3.67 13.20
N ARG B 108 7.59 -3.51 12.72
CA ARG B 108 8.76 -3.97 13.45
C ARG B 108 8.88 -3.23 14.77
N GLY B 109 8.73 -1.92 14.73
CA GLY B 109 8.87 -1.11 15.92
C GLY B 109 7.79 -1.40 16.97
N PHE B 110 6.54 -1.45 16.53
CA PHE B 110 5.44 -1.64 17.47
C PHE B 110 5.13 -3.12 17.69
N ASN B 111 4.68 -3.78 16.64
CA ASN B 111 4.18 -5.16 16.73
C ASN B 111 5.30 -6.14 17.06
N LYS B 112 6.38 -6.10 16.27
CA LYS B 112 7.47 -7.05 16.43
C LYS B 112 8.15 -6.87 17.78
N VAL B 113 8.57 -5.65 18.08
CA VAL B 113 9.28 -5.38 19.33
C VAL B 113 8.43 -5.70 20.55
N TRP B 114 7.12 -5.45 20.46
CA TRP B 114 6.21 -5.85 21.54
C TRP B 114 6.26 -7.36 21.73
N ARG B 115 6.18 -8.09 20.63
CA ARG B 115 6.26 -9.55 20.67
C ARG B 115 7.59 -10.03 21.26
N GLU B 116 8.67 -9.36 20.86
CA GLU B 116 10.01 -9.71 21.31
C GLU B 116 10.19 -9.41 22.80
N GLN B 117 9.43 -8.44 23.31
CA GLN B 117 9.49 -8.09 24.73
C GLN B 117 8.50 -8.92 25.55
N ASN B 118 7.36 -9.25 24.95
CA ASN B 118 6.29 -9.93 25.65
C ASN B 118 6.53 -11.44 25.75
N GLU B 119 6.57 -12.11 24.60
CA GLU B 119 6.65 -13.57 24.57
C GLU B 119 8.08 -14.05 24.79
N LYS B 120 9.04 -13.15 24.64
CA LYS B 120 10.43 -13.47 24.88
C LYS B 120 10.94 -12.81 26.15
N TYR B 121 12.10 -13.24 26.60
CA TYR B 121 12.73 -12.63 27.76
C TYR B 121 13.68 -11.52 27.33
N TYR B 122 13.13 -10.33 27.15
CA TYR B 122 13.93 -9.18 26.75
C TYR B 122 14.74 -8.68 27.95
N LEU B 123 15.81 -7.95 27.66
CA LEU B 123 16.68 -7.42 28.69
C LEU B 123 16.02 -6.24 29.42
N LYS B 124 16.73 -5.67 30.38
CA LYS B 124 16.22 -4.53 31.11
C LYS B 124 16.81 -3.25 30.56
N SER B 125 17.38 -3.35 29.36
CA SER B 125 17.98 -2.21 28.69
C SER B 125 16.96 -1.54 27.79
N SER A 1 15.11 10.07 17.82
CA SER A 1 13.82 10.74 18.09
C SER A 1 12.69 10.10 17.30
N ASN A 2 13.03 9.13 16.46
CA ASN A 2 12.04 8.42 15.65
C ASN A 2 12.66 7.16 15.07
N ALA A 3 11.94 6.05 15.18
CA ALA A 3 12.38 4.80 14.60
C ALA A 3 11.52 4.44 13.41
N ALA A 4 10.24 4.81 13.51
CA ALA A 4 9.29 4.61 12.43
C ALA A 4 8.24 5.72 12.48
N GLN A 5 8.06 6.42 11.39
CA GLN A 5 7.10 7.51 11.32
C GLN A 5 5.80 7.04 10.69
N LEU A 6 4.72 7.08 11.46
CA LEU A 6 3.42 6.67 10.99
C LEU A 6 2.77 7.78 10.17
N ASN A 7 3.19 7.91 8.93
CA ASN A 7 2.68 8.96 8.06
C ASN A 7 1.59 8.42 7.15
N TYR A 8 1.76 7.17 6.70
CA TYR A 8 0.80 6.49 5.81
C TYR A 8 0.77 7.10 4.41
N LEU A 9 0.48 8.39 4.34
CA LEU A 9 0.28 9.09 3.08
C LEU A 9 1.60 9.36 2.35
N LEU A 10 1.51 10.12 1.27
CA LEU A 10 2.67 10.59 0.54
C LEU A 10 2.59 12.11 0.41
N THR A 11 3.75 12.75 0.32
CA THR A 11 3.80 14.19 0.18
C THR A 11 3.29 14.60 -1.20
N ASP A 12 2.70 15.80 -1.29
CA ASP A 12 2.10 16.31 -2.54
C ASP A 12 3.04 16.15 -3.73
N GLU A 13 4.32 16.42 -3.50
CA GLU A 13 5.33 16.29 -4.54
C GLU A 13 5.31 14.89 -5.14
N GLN A 14 5.29 13.88 -4.28
CA GLN A 14 5.34 12.49 -4.70
C GLN A 14 4.07 12.11 -5.46
N ILE A 15 2.94 12.68 -5.00
CA ILE A 15 1.65 12.45 -5.64
C ILE A 15 1.67 12.97 -7.08
N MET A 16 1.98 14.25 -7.23
CA MET A 16 2.00 14.88 -8.54
C MET A 16 3.13 14.29 -9.39
N GLU A 17 4.20 13.88 -8.73
CA GLU A 17 5.30 13.19 -9.40
C GLU A 17 4.78 11.96 -10.12
N ASP A 18 3.95 11.20 -9.42
CA ASP A 18 3.36 10.00 -9.99
C ASP A 18 2.55 10.36 -11.23
N LEU A 19 1.64 11.32 -11.06
CA LEU A 19 0.81 11.81 -12.17
C LEU A 19 1.67 12.22 -13.37
N ARG A 20 2.69 13.03 -13.11
CA ARG A 20 3.57 13.53 -14.16
C ARG A 20 4.35 12.39 -14.81
N THR A 21 4.74 11.41 -14.02
CA THR A 21 5.47 10.26 -14.52
C THR A 21 4.57 9.37 -15.35
N LEU A 22 3.30 9.25 -14.96
CA LEU A 22 2.32 8.48 -15.71
C LEU A 22 2.14 9.05 -17.12
N ASN A 23 2.21 10.36 -17.21
CA ASN A 23 2.07 11.06 -18.49
C ASN A 23 3.34 10.89 -19.33
N LYS A 24 4.48 10.81 -18.66
CA LYS A 24 5.76 10.69 -19.34
C LYS A 24 6.14 9.23 -19.58
N LEU A 25 6.67 8.58 -18.52
CA LEU A 25 7.24 7.24 -18.62
C LEU A 25 8.25 7.18 -19.77
N LYS A 26 9.13 8.17 -19.79
CA LYS A 26 10.15 8.27 -20.83
C LYS A 26 11.51 8.47 -20.20
N SER A 27 11.65 7.99 -18.99
CA SER A 27 12.88 8.13 -18.23
C SER A 27 13.88 7.04 -18.65
N SER B 1 -18.24 -10.08 21.44
CA SER B 1 -18.00 -8.64 21.66
C SER B 1 -18.76 -7.83 20.62
N ASN B 2 -18.68 -6.51 20.72
CA ASN B 2 -19.46 -5.63 19.84
C ASN B 2 -18.94 -5.69 18.40
N ALA B 3 -19.87 -5.85 17.47
CA ALA B 3 -19.53 -5.97 16.05
C ALA B 3 -18.81 -4.74 15.53
N GLU B 4 -19.37 -3.57 15.78
CA GLU B 4 -18.76 -2.32 15.35
C GLU B 4 -17.57 -1.99 16.27
N HIS B 5 -16.55 -1.38 15.70
CA HIS B 5 -15.32 -1.12 16.44
C HIS B 5 -15.47 0.08 17.36
N ILE B 6 -15.45 -0.18 18.66
CA ILE B 6 -15.45 0.88 19.66
C ILE B 6 -14.01 1.34 19.90
N TYR B 7 -13.76 2.63 19.71
CA TYR B 7 -12.41 3.16 19.84
C TYR B 7 -12.19 3.71 21.25
N ARG B 8 -11.18 3.18 21.93
CA ARG B 8 -10.86 3.62 23.27
C ARG B 8 -9.35 3.50 23.49
N CYS B 9 -8.61 3.78 22.42
CA CYS B 9 -7.16 3.76 22.42
C CYS B 9 -6.61 2.33 22.49
N GLU B 10 -5.33 2.20 22.14
CA GLU B 10 -4.69 0.90 21.93
C GLU B 10 -5.21 0.26 20.65
N ASP B 11 -6.08 0.99 19.95
CA ASP B 11 -6.68 0.52 18.71
C ASP B 11 -5.74 0.79 17.54
N GLU B 12 -4.62 1.41 17.85
CA GLU B 12 -3.65 1.82 16.85
C GLU B 12 -3.02 0.61 16.20
N ARG B 13 -2.69 -0.38 17.03
CA ARG B 13 -2.07 -1.60 16.55
C ARG B 13 -3.04 -2.36 15.67
N PHE B 14 -4.32 -2.28 15.99
CA PHE B 14 -5.35 -2.94 15.20
C PHE B 14 -5.37 -2.38 13.79
N GLU B 15 -5.22 -1.07 13.66
CA GLU B 15 -5.12 -0.46 12.34
C GLU B 15 -3.87 -0.97 11.63
N LEU B 16 -2.77 -1.09 12.37
CA LEU B 16 -1.51 -1.55 11.80
C LEU B 16 -1.66 -2.96 11.23
N ASP B 17 -2.29 -3.85 11.98
CA ASP B 17 -2.50 -5.22 11.53
C ASP B 17 -3.42 -5.26 10.32
N VAL B 18 -4.44 -4.41 10.33
CA VAL B 18 -5.37 -4.34 9.20
C VAL B 18 -4.69 -3.76 7.96
N VAL B 19 -3.95 -2.66 8.11
CA VAL B 19 -3.32 -2.02 6.98
C VAL B 19 -2.20 -2.89 6.40
N LEU B 20 -1.47 -3.58 7.27
CA LEU B 20 -0.42 -4.49 6.82
C LEU B 20 -1.01 -5.68 6.08
N GLU B 21 -2.12 -6.21 6.59
CA GLU B 21 -2.82 -7.30 5.94
C GLU B 21 -3.29 -6.87 4.56
N THR B 22 -4.00 -5.75 4.52
CA THR B 22 -4.51 -5.21 3.27
C THR B 22 -3.36 -4.83 2.33
N ASN B 23 -2.25 -4.39 2.92
CA ASN B 23 -1.05 -4.08 2.16
C ASN B 23 -0.55 -5.33 1.44
N LEU B 24 -0.31 -6.39 2.21
CA LEU B 24 0.21 -7.64 1.66
C LEU B 24 -0.73 -8.18 0.59
N ALA B 25 -2.04 -8.10 0.85
CA ALA B 25 -3.05 -8.52 -0.11
C ALA B 25 -2.90 -7.75 -1.42
N THR B 26 -2.71 -6.45 -1.30
CA THR B 26 -2.53 -5.59 -2.46
C THR B 26 -1.17 -5.87 -3.11
N ILE B 27 -0.18 -6.18 -2.29
CA ILE B 27 1.13 -6.61 -2.80
C ILE B 27 0.97 -7.83 -3.69
N ARG B 28 0.22 -8.82 -3.20
CA ARG B 28 -0.03 -10.04 -3.93
C ARG B 28 -0.63 -9.76 -5.30
N VAL B 29 -1.74 -9.01 -5.33
CA VAL B 29 -2.43 -8.73 -6.58
C VAL B 29 -1.56 -7.85 -7.51
N LEU B 30 -0.84 -6.90 -6.92
CA LEU B 30 0.03 -6.02 -7.70
C LEU B 30 1.16 -6.81 -8.35
N GLU B 31 1.82 -7.67 -7.57
CA GLU B 31 2.89 -8.52 -8.10
C GLU B 31 2.35 -9.41 -9.22
N ALA B 32 1.12 -9.88 -9.05
CA ALA B 32 0.48 -10.75 -10.05
C ALA B 32 0.23 -9.98 -11.35
N ILE B 33 -0.37 -8.80 -11.23
CA ILE B 33 -0.64 -7.97 -12.40
C ILE B 33 0.66 -7.54 -13.08
N GLN B 34 1.61 -7.08 -12.27
CA GLN B 34 2.91 -6.64 -12.76
C GLN B 34 3.61 -7.76 -13.55
N LYS B 35 3.54 -8.98 -13.03
CA LYS B 35 4.19 -10.11 -13.66
C LYS B 35 3.48 -10.50 -14.95
N LYS B 36 2.15 -10.47 -14.92
CA LYS B 36 1.35 -10.81 -16.10
C LYS B 36 1.53 -9.73 -17.18
N LEU B 37 1.77 -8.50 -16.73
CA LEU B 37 2.04 -7.40 -17.63
C LEU B 37 3.45 -7.50 -18.23
N SER B 38 4.45 -7.30 -17.38
CA SER B 38 5.84 -7.28 -17.81
C SER B 38 6.03 -6.37 -19.02
N ARG B 39 5.36 -5.21 -18.97
CA ARG B 39 5.37 -4.24 -20.06
C ARG B 39 4.78 -4.83 -21.33
N LEU B 40 3.48 -4.63 -21.50
CA LEU B 40 2.79 -5.10 -22.69
C LEU B 40 2.79 -4.01 -23.75
N SER B 41 2.68 -4.41 -25.00
CA SER B 41 2.55 -3.46 -26.10
C SER B 41 1.18 -2.79 -26.00
N ALA B 42 0.97 -1.73 -26.77
CA ALA B 42 -0.28 -0.98 -26.74
C ALA B 42 -1.50 -1.90 -26.84
N GLU B 43 -1.52 -2.74 -27.87
CA GLU B 43 -2.64 -3.64 -28.09
C GLU B 43 -2.75 -4.67 -26.96
N GLU B 44 -1.60 -5.08 -26.43
CA GLU B 44 -1.57 -6.11 -25.41
C GLU B 44 -2.12 -5.60 -24.09
N GLN B 45 -1.75 -4.37 -23.72
CA GLN B 45 -2.20 -3.79 -22.45
C GLN B 45 -3.62 -3.26 -22.55
N ALA B 46 -4.05 -2.99 -23.78
CA ALA B 46 -5.46 -2.70 -24.04
C ALA B 46 -6.28 -3.97 -24.00
N LYS B 47 -5.61 -5.08 -24.29
CA LYS B 47 -6.25 -6.39 -24.24
C LYS B 47 -6.40 -6.85 -22.80
N PHE B 48 -5.30 -6.81 -22.05
CA PHE B 48 -5.34 -7.09 -20.62
C PHE B 48 -5.29 -5.79 -19.84
N ARG B 49 -6.44 -5.33 -19.41
CA ARG B 49 -6.55 -4.07 -18.70
C ARG B 49 -7.03 -4.29 -17.27
N LEU B 50 -6.59 -3.44 -16.35
CA LEU B 50 -7.04 -3.52 -14.98
C LEU B 50 -8.41 -2.90 -14.84
N ASP B 51 -9.25 -3.52 -14.02
CA ASP B 51 -10.58 -3.00 -13.75
C ASP B 51 -11.23 -3.81 -12.64
N ASN B 52 -11.77 -4.97 -13.01
CA ASN B 52 -12.38 -5.87 -12.05
C ASN B 52 -11.36 -6.92 -11.60
N THR B 53 -10.22 -6.96 -12.27
CA THR B 53 -9.15 -7.89 -11.93
C THR B 53 -8.49 -7.48 -10.61
N LEU B 54 -8.93 -6.36 -10.06
CA LEU B 54 -8.44 -5.90 -8.77
C LEU B 54 -9.32 -6.48 -7.67
N GLY B 55 -10.28 -7.31 -8.06
CA GLY B 55 -11.15 -7.96 -7.11
C GLY B 55 -12.62 -7.74 -7.44
N GLY B 56 -13.37 -8.82 -7.55
CA GLY B 56 -14.80 -8.72 -7.76
C GLY B 56 -15.49 -8.07 -6.58
N THR B 57 -14.99 -8.36 -5.39
CA THR B 57 -15.44 -7.70 -4.19
C THR B 57 -14.23 -7.17 -3.41
N SER B 58 -13.06 -7.70 -3.73
CA SER B 58 -11.82 -7.29 -3.10
C SER B 58 -11.25 -6.03 -3.76
N GLU B 59 -12.03 -5.43 -4.64
CA GLU B 59 -11.60 -4.22 -5.33
C GLU B 59 -11.40 -3.08 -4.34
N VAL B 60 -12.31 -2.97 -3.39
CA VAL B 60 -12.30 -1.85 -2.44
C VAL B 60 -11.09 -1.90 -1.52
N ILE B 61 -10.72 -3.08 -1.03
CA ILE B 61 -9.59 -3.18 -0.11
C ILE B 61 -8.28 -2.84 -0.81
N HIS B 62 -8.08 -3.37 -2.00
CA HIS B 62 -6.84 -3.11 -2.73
C HIS B 62 -6.77 -1.65 -3.13
N ARG B 63 -7.88 -1.15 -3.65
CA ARG B 63 -7.98 0.23 -4.06
C ARG B 63 -7.72 1.16 -2.89
N LYS B 64 -8.43 0.91 -1.79
CA LYS B 64 -8.34 1.74 -0.59
C LYS B 64 -6.92 1.71 0.00
N ALA B 65 -6.28 0.57 -0.07
CA ALA B 65 -4.90 0.43 0.41
C ALA B 65 -3.99 1.37 -0.36
N LEU B 66 -4.16 1.42 -1.68
CA LEU B 66 -3.39 2.32 -2.52
C LEU B 66 -3.84 3.76 -2.30
N GLN B 67 -5.10 3.94 -1.91
CA GLN B 67 -5.66 5.25 -1.66
C GLN B 67 -5.11 5.85 -0.36
N ARG B 68 -4.66 5.00 0.55
CA ARG B 68 -4.11 5.50 1.81
C ARG B 68 -2.74 6.13 1.62
N ILE B 69 -2.18 6.02 0.41
CA ILE B 69 -0.92 6.67 0.11
C ILE B 69 -1.10 7.75 -0.96
N TYR B 70 -1.99 7.49 -1.90
CA TYR B 70 -2.28 8.45 -2.97
C TYR B 70 -3.60 9.16 -2.71
N ALA B 71 -3.92 9.34 -1.43
CA ALA B 71 -5.20 9.90 -0.98
C ALA B 71 -5.78 10.98 -1.90
N ASP B 72 -5.03 12.06 -2.12
CA ASP B 72 -5.55 13.20 -2.87
C ASP B 72 -5.88 12.85 -4.32
N LYS B 73 -5.02 12.08 -4.97
CA LYS B 73 -5.20 11.73 -6.37
C LYS B 73 -5.56 10.27 -6.52
N ALA B 74 -6.26 9.73 -5.53
CA ALA B 74 -6.66 8.34 -5.53
C ALA B 74 -7.49 7.98 -6.76
N ALA B 75 -8.29 8.93 -7.20
CA ALA B 75 -9.13 8.73 -8.37
C ALA B 75 -8.29 8.55 -9.63
N ASP B 76 -7.29 9.41 -9.79
CA ASP B 76 -6.46 9.43 -10.99
C ASP B 76 -5.52 8.24 -11.05
N ILE B 77 -4.92 7.88 -9.93
CA ILE B 77 -3.98 6.75 -9.90
C ILE B 77 -4.68 5.45 -10.25
N ILE B 78 -5.83 5.22 -9.63
CA ILE B 78 -6.62 4.02 -9.90
C ILE B 78 -7.13 4.05 -11.35
N ASP B 79 -7.48 5.24 -11.82
CA ASP B 79 -7.91 5.43 -13.22
C ASP B 79 -6.76 5.10 -14.16
N GLY B 80 -5.57 5.54 -13.79
CA GLY B 80 -4.37 5.26 -14.57
C GLY B 80 -4.06 3.78 -14.64
N LEU B 81 -4.27 3.08 -13.54
CA LEU B 81 -4.09 1.63 -13.51
C LEU B 81 -5.01 0.95 -14.51
N ARG B 82 -6.21 1.48 -14.63
CA ARG B 82 -7.23 0.92 -15.50
C ARG B 82 -7.11 1.49 -16.91
N LYS B 83 -5.96 2.06 -17.22
CA LYS B 83 -5.77 2.74 -18.49
C LYS B 83 -4.38 2.46 -19.05
N ASN B 84 -3.37 2.79 -18.28
CA ASN B 84 -1.97 2.61 -18.70
C ASN B 84 -1.24 1.70 -17.73
N PRO B 85 -1.42 0.36 -17.85
CA PRO B 85 -0.87 -0.60 -16.89
C PRO B 85 0.65 -0.75 -16.99
N SER B 86 1.17 -0.65 -18.21
CA SER B 86 2.61 -0.77 -18.43
C SER B 86 3.34 0.48 -17.95
N ILE B 87 2.58 1.45 -17.46
CA ILE B 87 3.13 2.70 -16.98
C ILE B 87 2.86 2.89 -15.49
N ALA B 88 1.60 2.85 -15.10
CA ALA B 88 1.22 3.15 -13.72
C ALA B 88 1.61 2.04 -12.75
N VAL B 89 1.34 0.79 -13.14
CA VAL B 89 1.54 -0.36 -12.25
C VAL B 89 2.97 -0.44 -11.70
N PRO B 90 4.03 -0.36 -12.54
CA PRO B 90 5.41 -0.35 -12.05
C PRO B 90 5.64 0.69 -10.96
N ILE B 91 5.14 1.89 -11.20
CA ILE B 91 5.35 3.00 -10.28
C ILE B 91 4.56 2.79 -8.99
N VAL B 92 3.28 2.46 -9.14
CA VAL B 92 2.40 2.29 -7.98
C VAL B 92 2.82 1.10 -7.13
N LEU B 93 3.19 0.00 -7.77
CA LEU B 93 3.68 -1.17 -7.05
C LEU B 93 5.01 -0.86 -6.37
N LYS B 94 5.83 -0.08 -7.05
CA LYS B 94 7.14 0.28 -6.51
C LYS B 94 6.99 1.20 -5.30
N ARG B 95 6.08 2.17 -5.39
CA ARG B 95 5.79 3.06 -4.29
C ARG B 95 5.12 2.28 -3.16
N LEU B 96 4.28 1.32 -3.54
CA LEU B 96 3.61 0.44 -2.60
C LEU B 96 4.61 -0.46 -1.89
N LYS B 97 5.64 -0.87 -2.61
CA LYS B 97 6.69 -1.70 -2.04
C LYS B 97 7.53 -0.89 -1.05
N MET B 98 7.69 0.40 -1.34
CA MET B 98 8.32 1.32 -0.42
C MET B 98 7.49 1.43 0.85
N LYS B 99 6.16 1.48 0.67
CA LYS B 99 5.25 1.51 1.79
C LYS B 99 5.22 0.18 2.52
N GLU B 100 5.40 -0.91 1.77
CA GLU B 100 5.56 -2.23 2.38
C GLU B 100 6.66 -2.19 3.42
N GLU B 101 7.81 -1.66 3.02
CA GLU B 101 8.93 -1.46 3.93
C GLU B 101 8.51 -0.63 5.15
N GLU B 102 7.93 0.54 4.88
CA GLU B 102 7.51 1.45 5.93
C GLU B 102 6.57 0.78 6.91
N TRP B 103 5.52 0.16 6.39
CA TRP B 103 4.52 -0.49 7.24
C TRP B 103 5.11 -1.71 7.93
N ARG B 104 6.00 -2.42 7.26
CA ARG B 104 6.62 -3.61 7.82
C ARG B 104 7.46 -3.24 9.04
N GLU B 105 8.33 -2.24 8.87
CA GLU B 105 9.21 -1.83 9.96
C GLU B 105 8.42 -1.13 11.06
N ALA B 106 7.33 -0.47 10.68
CA ALA B 106 6.43 0.13 11.66
C ALA B 106 5.77 -0.96 12.50
N GLN B 107 5.25 -1.98 11.84
CA GLN B 107 4.61 -3.08 12.53
C GLN B 107 5.63 -3.86 13.35
N ARG B 108 6.88 -3.90 12.87
CA ARG B 108 7.96 -4.54 13.60
C ARG B 108 8.28 -3.78 14.89
N GLY B 109 8.30 -2.46 14.80
CA GLY B 109 8.58 -1.64 15.96
C GLY B 109 7.46 -1.64 16.98
N PHE B 110 6.22 -1.59 16.49
CA PHE B 110 5.06 -1.54 17.37
C PHE B 110 4.56 -2.94 17.74
N ASN B 111 4.09 -3.69 16.76
CA ASN B 111 3.42 -4.96 17.03
C ASN B 111 4.40 -6.07 17.39
N LYS B 112 5.45 -6.23 16.58
CA LYS B 112 6.41 -7.31 16.79
C LYS B 112 7.02 -7.20 18.18
N VAL B 113 7.48 -6.00 18.52
CA VAL B 113 8.04 -5.74 19.84
C VAL B 113 7.00 -6.00 20.92
N TRP B 114 5.79 -5.49 20.71
CA TRP B 114 4.70 -5.70 21.66
C TRP B 114 4.47 -7.18 21.90
N ARG B 115 4.44 -7.97 20.84
CA ARG B 115 4.25 -9.41 20.96
C ARG B 115 5.40 -10.06 21.73
N GLU B 116 6.60 -9.53 21.53
CA GLU B 116 7.77 -10.02 22.26
C GLU B 116 7.60 -9.77 23.75
N GLN B 117 7.26 -8.55 24.10
CA GLN B 117 7.08 -8.16 25.49
C GLN B 117 5.84 -8.82 26.08
N ASN B 118 4.94 -9.24 25.20
CA ASN B 118 3.70 -9.88 25.60
C ASN B 118 3.92 -11.36 25.91
N GLU B 119 4.27 -12.13 24.87
CA GLU B 119 4.43 -13.58 25.02
C GLU B 119 5.68 -13.92 25.81
N LYS B 120 6.78 -13.25 25.49
CA LYS B 120 8.06 -13.57 26.10
C LYS B 120 8.25 -12.78 27.39
N TYR B 121 8.03 -13.46 28.50
CA TYR B 121 8.10 -12.85 29.82
C TYR B 121 9.56 -12.58 30.20
N TYR B 122 10.47 -13.28 29.53
CA TYR B 122 11.89 -13.20 29.86
C TYR B 122 12.61 -12.21 28.96
N LEU B 123 11.86 -11.37 28.26
CA LEU B 123 12.44 -10.25 27.53
C LEU B 123 12.23 -8.96 28.30
N LYS B 124 11.74 -9.12 29.50
CA LYS B 124 11.50 -8.00 30.40
C LYS B 124 12.62 -7.94 31.44
N SER B 125 13.16 -6.75 31.64
CA SER B 125 14.23 -6.56 32.61
C SER B 125 13.67 -6.50 34.03
N SER A 1 0.31 7.04 17.90
CA SER A 1 1.74 6.67 17.90
C SER A 1 2.60 7.87 18.30
N ASN A 2 3.52 7.64 19.24
CA ASN A 2 4.40 8.71 19.72
C ASN A 2 5.85 8.42 19.37
N ALA A 3 6.22 7.14 19.44
CA ALA A 3 7.59 6.72 19.19
C ALA A 3 8.00 6.98 17.75
N ALA A 4 7.08 6.72 16.82
CA ALA A 4 7.33 6.95 15.42
C ALA A 4 6.10 7.54 14.76
N GLN A 5 6.27 8.66 14.07
CA GLN A 5 5.18 9.27 13.33
C GLN A 5 4.98 8.53 12.02
N LEU A 6 3.96 7.70 12.00
CA LEU A 6 3.69 6.83 10.87
C LEU A 6 2.92 7.57 9.80
N ASN A 7 3.63 7.97 8.75
CA ASN A 7 3.04 8.66 7.63
C ASN A 7 2.36 7.67 6.70
N TYR A 8 1.08 7.40 6.96
CA TYR A 8 0.31 6.46 6.16
C TYR A 8 0.10 7.03 4.78
N LEU A 9 -0.28 8.30 4.74
CA LEU A 9 -0.50 9.01 3.50
C LEU A 9 0.83 9.19 2.75
N LEU A 10 0.75 9.45 1.45
CA LEU A 10 1.92 9.80 0.67
C LEU A 10 1.97 11.31 0.50
N THR A 11 3.15 11.88 0.64
CA THR A 11 3.30 13.32 0.52
C THR A 11 2.92 13.80 -0.87
N ASP A 12 2.29 14.97 -0.93
CA ASP A 12 1.81 15.54 -2.19
C ASP A 12 2.93 15.61 -3.22
N GLU A 13 4.15 15.81 -2.73
CA GLU A 13 5.33 15.84 -3.59
C GLU A 13 5.43 14.57 -4.43
N GLN A 14 5.29 13.43 -3.76
CA GLN A 14 5.39 12.14 -4.42
C GLN A 14 4.17 11.89 -5.31
N ILE A 15 3.01 12.38 -4.87
CA ILE A 15 1.77 12.22 -5.63
C ILE A 15 1.92 12.84 -7.02
N MET A 16 2.36 14.09 -7.06
CA MET A 16 2.58 14.79 -8.30
C MET A 16 3.70 14.14 -9.10
N GLU A 17 4.72 13.66 -8.39
CA GLU A 17 5.86 13.01 -9.03
C GLU A 17 5.39 11.76 -9.79
N ASP A 18 4.52 10.97 -9.16
CA ASP A 18 3.97 9.79 -9.80
C ASP A 18 3.14 10.16 -11.02
N LEU A 19 2.33 11.20 -10.89
CA LEU A 19 1.50 11.66 -11.99
C LEU A 19 2.35 12.08 -13.19
N ARG A 20 3.47 12.73 -12.92
CA ARG A 20 4.42 13.10 -13.98
C ARG A 20 4.93 11.84 -14.67
N THR A 21 5.32 10.87 -13.86
CA THR A 21 5.92 9.64 -14.34
C THR A 21 4.92 8.82 -15.15
N LEU A 22 3.65 8.94 -14.85
CA LEU A 22 2.60 8.22 -15.57
C LEU A 22 2.50 8.71 -17.02
N ASN A 23 3.11 9.86 -17.30
CA ASN A 23 3.09 10.42 -18.64
C ASN A 23 4.49 10.40 -19.25
N LYS A 24 5.44 10.99 -18.53
CA LYS A 24 6.79 11.18 -19.04
C LYS A 24 7.73 10.06 -18.60
N LEU A 25 7.18 8.91 -18.22
CA LEU A 25 7.96 7.73 -17.83
C LEU A 25 9.18 7.55 -18.72
N LYS A 26 10.34 7.84 -18.17
CA LYS A 26 11.59 7.73 -18.91
C LYS A 26 12.62 6.97 -18.07
N SER A 27 12.32 5.71 -17.80
CA SER A 27 13.20 4.88 -17.01
C SER A 27 13.27 3.48 -17.61
N SER B 1 -9.25 -3.04 43.43
CA SER B 1 -8.81 -4.44 43.29
C SER B 1 -7.43 -4.51 42.67
N ASN B 2 -7.33 -4.28 41.37
CA ASN B 2 -6.06 -4.36 40.66
C ASN B 2 -5.32 -3.04 40.74
N ALA B 3 -4.40 -2.94 41.68
CA ALA B 3 -3.60 -1.74 41.86
C ALA B 3 -2.25 -1.89 41.20
N GLU B 4 -1.94 -3.11 40.80
CA GLU B 4 -0.70 -3.44 40.12
C GLU B 4 -0.64 -2.78 38.74
N HIS B 5 0.57 -2.60 38.23
CA HIS B 5 0.75 -1.92 36.95
C HIS B 5 0.65 -2.88 35.78
N ILE B 6 -0.52 -2.92 35.18
CA ILE B 6 -0.74 -3.73 33.99
C ILE B 6 -0.88 -2.81 32.78
N TYR B 7 0.20 -2.63 32.05
CA TYR B 7 0.19 -1.77 30.89
C TYR B 7 0.05 -2.59 29.62
N ARG B 8 -0.82 -2.14 28.74
CA ARG B 8 -1.06 -2.81 27.46
C ARG B 8 -0.96 -1.79 26.34
N CYS B 9 -1.22 -2.23 25.13
CA CYS B 9 -1.35 -1.31 24.01
C CYS B 9 -2.82 -1.11 23.69
N GLU B 10 -3.13 0.03 23.12
CA GLU B 10 -4.47 0.30 22.64
C GLU B 10 -4.66 -0.31 21.24
N ASP B 11 -5.66 0.18 20.54
CA ASP B 11 -6.05 -0.35 19.25
C ASP B 11 -5.13 0.13 18.13
N GLU B 12 -3.95 0.59 18.51
CA GLU B 12 -2.97 1.08 17.56
C GLU B 12 -2.51 -0.08 16.69
N ARG B 13 -2.16 -1.18 17.35
CA ARG B 13 -1.72 -2.36 16.66
C ARG B 13 -2.81 -2.90 15.76
N PHE B 14 -4.05 -2.74 16.16
CA PHE B 14 -5.16 -3.31 15.42
C PHE B 14 -5.27 -2.69 14.03
N GLU B 15 -5.05 -1.38 13.95
CA GLU B 15 -5.04 -0.72 12.66
C GLU B 15 -3.80 -1.15 11.88
N LEU B 16 -2.67 -1.27 12.58
CA LEU B 16 -1.42 -1.68 11.94
C LEU B 16 -1.55 -3.09 11.37
N ASP B 17 -2.10 -3.99 12.16
CA ASP B 17 -2.32 -5.38 11.76
C ASP B 17 -3.18 -5.42 10.51
N VAL B 18 -4.26 -4.64 10.53
CA VAL B 18 -5.19 -4.57 9.39
C VAL B 18 -4.53 -3.92 8.17
N VAL B 19 -3.93 -2.74 8.35
CA VAL B 19 -3.35 -2.01 7.23
C VAL B 19 -2.22 -2.79 6.57
N LEU B 20 -1.42 -3.48 7.38
CA LEU B 20 -0.35 -4.31 6.84
C LEU B 20 -0.91 -5.49 6.04
N GLU B 21 -1.96 -6.10 6.58
CA GLU B 21 -2.61 -7.21 5.89
C GLU B 21 -3.23 -6.74 4.57
N THR B 22 -3.97 -5.63 4.64
CA THR B 22 -4.56 -5.04 3.45
C THR B 22 -3.46 -4.63 2.46
N ASN B 23 -2.37 -4.11 3.00
CA ASN B 23 -1.21 -3.72 2.20
C ASN B 23 -0.66 -4.92 1.45
N LEU B 24 -0.29 -5.96 2.18
CA LEU B 24 0.33 -7.16 1.60
C LEU B 24 -0.60 -7.83 0.59
N ALA B 25 -1.90 -7.74 0.81
CA ALA B 25 -2.87 -8.25 -0.16
C ALA B 25 -2.73 -7.50 -1.47
N THR B 26 -2.72 -6.17 -1.38
CA THR B 26 -2.56 -5.32 -2.54
C THR B 26 -1.17 -5.49 -3.15
N ILE B 27 -0.16 -5.62 -2.31
CA ILE B 27 1.21 -5.86 -2.75
C ILE B 27 1.27 -7.09 -3.65
N ARG B 28 0.78 -8.21 -3.15
CA ARG B 28 0.86 -9.47 -3.84
C ARG B 28 0.08 -9.45 -5.15
N VAL B 29 -1.09 -8.83 -5.15
CA VAL B 29 -1.88 -8.75 -6.37
C VAL B 29 -1.21 -7.82 -7.38
N LEU B 30 -0.62 -6.72 -6.90
CA LEU B 30 0.10 -5.79 -7.74
C LEU B 30 1.27 -6.47 -8.44
N GLU B 31 2.09 -7.16 -7.65
CA GLU B 31 3.23 -7.89 -8.20
C GLU B 31 2.78 -8.90 -9.24
N ALA B 32 1.69 -9.60 -8.93
CA ALA B 32 1.15 -10.61 -9.83
C ALA B 32 0.76 -10.00 -11.17
N ILE B 33 0.07 -8.87 -11.11
CA ILE B 33 -0.38 -8.18 -12.32
C ILE B 33 0.81 -7.75 -13.17
N GLN B 34 1.83 -7.16 -12.53
CA GLN B 34 3.02 -6.72 -13.25
C GLN B 34 3.69 -7.90 -13.96
N LYS B 35 3.69 -9.04 -13.31
CA LYS B 35 4.28 -10.25 -13.90
C LYS B 35 3.49 -10.70 -15.12
N LYS B 36 2.16 -10.74 -14.98
CA LYS B 36 1.29 -11.15 -16.05
C LYS B 36 1.33 -10.15 -17.21
N LEU B 37 1.60 -8.90 -16.87
CA LEU B 37 1.76 -7.87 -17.88
C LEU B 37 3.10 -8.00 -18.59
N SER B 38 4.18 -7.93 -17.81
CA SER B 38 5.54 -7.91 -18.34
C SER B 38 5.73 -6.70 -19.25
N ARG B 39 4.95 -5.65 -18.98
CA ARG B 39 4.91 -4.44 -19.79
C ARG B 39 4.45 -4.76 -21.21
N LEU B 40 3.14 -4.69 -21.39
CA LEU B 40 2.52 -4.99 -22.68
C LEU B 40 2.48 -3.76 -23.57
N SER B 41 2.29 -3.98 -24.86
CA SER B 41 2.19 -2.89 -25.82
C SER B 41 0.77 -2.30 -25.79
N ALA B 42 0.56 -1.21 -26.52
CA ALA B 42 -0.73 -0.52 -26.53
C ALA B 42 -1.89 -1.47 -26.89
N GLU B 43 -1.71 -2.24 -27.96
CA GLU B 43 -2.73 -3.20 -28.39
C GLU B 43 -2.95 -4.26 -27.33
N GLU B 44 -1.88 -4.64 -26.64
CA GLU B 44 -1.96 -5.68 -25.64
C GLU B 44 -2.61 -5.15 -24.36
N GLN B 45 -2.47 -3.85 -24.12
CA GLN B 45 -3.15 -3.21 -23.00
C GLN B 45 -4.65 -3.10 -23.28
N ALA B 46 -4.99 -2.95 -24.55
CA ALA B 46 -6.38 -2.95 -24.97
C ALA B 46 -6.96 -4.37 -24.95
N LYS B 47 -6.09 -5.34 -25.22
CA LYS B 47 -6.48 -6.74 -25.21
C LYS B 47 -6.64 -7.23 -23.77
N PHE B 48 -5.57 -7.15 -23.00
CA PHE B 48 -5.58 -7.54 -21.60
C PHE B 48 -5.46 -6.31 -20.73
N ARG B 49 -6.58 -5.84 -20.22
CA ARG B 49 -6.60 -4.65 -19.38
C ARG B 49 -7.16 -4.98 -18.00
N LEU B 50 -6.85 -4.15 -17.03
CA LEU B 50 -7.23 -4.37 -15.65
C LEU B 50 -8.66 -3.95 -15.40
N ASP B 51 -9.41 -4.81 -14.72
CA ASP B 51 -10.76 -4.49 -14.28
C ASP B 51 -11.19 -5.46 -13.19
N ASN B 52 -11.59 -6.66 -13.61
CA ASN B 52 -12.02 -7.69 -12.67
C ASN B 52 -10.79 -8.39 -12.09
N THR B 53 -9.65 -8.14 -12.72
CA THR B 53 -8.38 -8.72 -12.29
C THR B 53 -8.08 -8.40 -10.83
N LEU B 54 -8.29 -7.14 -10.45
CA LEU B 54 -8.09 -6.72 -9.08
C LEU B 54 -9.42 -6.32 -8.47
N GLY B 55 -10.44 -6.23 -9.32
CA GLY B 55 -11.74 -5.75 -8.90
C GLY B 55 -12.61 -6.83 -8.31
N GLY B 56 -13.84 -6.47 -7.98
CA GLY B 56 -14.74 -7.42 -7.34
C GLY B 56 -14.92 -7.11 -5.88
N THR B 57 -15.01 -8.16 -5.06
CA THR B 57 -15.19 -8.00 -3.63
C THR B 57 -13.90 -7.50 -2.99
N SER B 58 -12.78 -7.79 -3.62
CA SER B 58 -11.48 -7.40 -3.09
C SER B 58 -11.04 -6.04 -3.60
N GLU B 59 -11.88 -5.39 -4.41
CA GLU B 59 -11.55 -4.05 -4.92
C GLU B 59 -11.49 -3.05 -3.78
N VAL B 60 -12.41 -3.19 -2.83
CA VAL B 60 -12.54 -2.25 -1.72
C VAL B 60 -11.24 -2.13 -0.92
N ILE B 61 -10.58 -3.24 -0.67
CA ILE B 61 -9.36 -3.21 0.12
C ILE B 61 -8.22 -2.57 -0.65
N HIS B 62 -8.19 -2.81 -1.95
CA HIS B 62 -7.15 -2.23 -2.78
C HIS B 62 -7.40 -0.74 -2.94
N ARG B 63 -8.66 -0.41 -3.20
CA ARG B 63 -9.09 0.97 -3.34
C ARG B 63 -8.80 1.76 -2.07
N LYS B 64 -9.29 1.25 -0.95
CA LYS B 64 -9.18 1.94 0.33
C LYS B 64 -7.72 2.12 0.74
N ALA B 65 -6.92 1.08 0.56
CA ALA B 65 -5.51 1.15 0.90
C ALA B 65 -4.80 2.18 0.04
N LEU B 66 -5.18 2.24 -1.23
CA LEU B 66 -4.60 3.17 -2.17
C LEU B 66 -5.08 4.59 -1.87
N GLN B 67 -6.29 4.70 -1.32
CA GLN B 67 -6.85 5.99 -0.97
C GLN B 67 -6.20 6.54 0.29
N ARG B 68 -5.69 5.68 1.15
CA ARG B 68 -5.00 6.14 2.36
C ARG B 68 -3.61 6.68 2.02
N ILE B 69 -3.15 6.45 0.80
CA ILE B 69 -1.85 6.95 0.39
C ILE B 69 -1.98 8.00 -0.72
N TYR B 70 -2.92 7.79 -1.63
CA TYR B 70 -3.18 8.75 -2.72
C TYR B 70 -4.49 9.48 -2.49
N ALA B 71 -4.82 9.72 -1.22
CA ALA B 71 -6.12 10.31 -0.82
C ALA B 71 -6.66 11.38 -1.77
N ASP B 72 -5.85 12.37 -2.10
CA ASP B 72 -6.33 13.53 -2.85
C ASP B 72 -6.28 13.31 -4.37
N LYS B 73 -5.69 12.20 -4.81
CA LYS B 73 -5.48 11.99 -6.23
C LYS B 73 -5.49 10.51 -6.56
N ALA B 74 -6.37 9.76 -5.89
CA ALA B 74 -6.43 8.32 -6.06
C ALA B 74 -7.12 7.96 -7.37
N ALA B 75 -8.15 8.72 -7.72
CA ALA B 75 -8.93 8.45 -8.92
C ALA B 75 -8.04 8.46 -10.17
N ASP B 76 -7.09 9.39 -10.20
CA ASP B 76 -6.17 9.52 -11.32
C ASP B 76 -5.21 8.35 -11.40
N ILE B 77 -4.99 7.68 -10.27
CA ILE B 77 -4.12 6.52 -10.23
C ILE B 77 -4.88 5.29 -10.75
N ILE B 78 -6.11 5.12 -10.28
CA ILE B 78 -6.98 4.07 -10.79
C ILE B 78 -7.20 4.26 -12.29
N ASP B 79 -7.39 5.51 -12.68
CA ASP B 79 -7.51 5.89 -14.08
C ASP B 79 -6.29 5.45 -14.87
N GLY B 80 -5.12 5.61 -14.27
CA GLY B 80 -3.89 5.19 -14.91
C GLY B 80 -3.76 3.67 -14.99
N LEU B 81 -4.05 3.01 -13.87
CA LEU B 81 -3.94 1.55 -13.78
C LEU B 81 -4.86 0.86 -14.78
N ARG B 82 -6.08 1.36 -14.90
CA ARG B 82 -7.08 0.76 -15.77
C ARG B 82 -6.98 1.29 -17.20
N LYS B 83 -5.84 1.88 -17.53
CA LYS B 83 -5.66 2.46 -18.86
C LYS B 83 -4.27 2.16 -19.42
N ASN B 84 -3.24 2.43 -18.63
CA ASN B 84 -1.87 2.13 -19.03
C ASN B 84 -1.17 1.30 -17.95
N PRO B 85 -1.44 -0.02 -17.92
CA PRO B 85 -0.84 -0.92 -16.92
C PRO B 85 0.65 -1.13 -17.12
N SER B 86 1.16 -0.83 -18.31
CA SER B 86 2.59 -0.94 -18.58
C SER B 86 3.32 0.24 -17.95
N ILE B 87 2.56 1.30 -17.64
CA ILE B 87 3.13 2.50 -17.05
C ILE B 87 2.83 2.58 -15.57
N ALA B 88 1.55 2.67 -15.24
CA ALA B 88 1.14 2.94 -13.86
C ALA B 88 1.48 1.80 -12.92
N VAL B 89 1.23 0.56 -13.33
CA VAL B 89 1.46 -0.59 -12.46
C VAL B 89 2.89 -0.63 -11.93
N PRO B 90 3.92 -0.65 -12.81
CA PRO B 90 5.33 -0.63 -12.37
C PRO B 90 5.62 0.48 -11.36
N ILE B 91 5.22 1.68 -11.70
CA ILE B 91 5.43 2.86 -10.85
C ILE B 91 4.71 2.71 -9.51
N VAL B 92 3.40 2.52 -9.59
CA VAL B 92 2.56 2.48 -8.39
C VAL B 92 2.95 1.30 -7.51
N LEU B 93 3.34 0.21 -8.14
CA LEU B 93 3.81 -0.97 -7.42
C LEU B 93 5.06 -0.63 -6.62
N LYS B 94 6.03 0.03 -7.25
CA LYS B 94 7.25 0.43 -6.58
C LYS B 94 6.96 1.36 -5.40
N ARG B 95 6.05 2.31 -5.60
CA ARG B 95 5.65 3.23 -4.55
C ARG B 95 5.01 2.44 -3.40
N LEU B 96 4.19 1.46 -3.76
CA LEU B 96 3.50 0.65 -2.79
C LEU B 96 4.46 -0.29 -2.06
N LYS B 97 5.46 -0.78 -2.79
CA LYS B 97 6.46 -1.69 -2.21
C LYS B 97 7.33 -0.98 -1.19
N MET B 98 7.72 0.26 -1.49
CA MET B 98 8.55 1.01 -0.57
C MET B 98 7.74 1.42 0.67
N LYS B 99 6.44 1.65 0.47
CA LYS B 99 5.55 1.94 1.58
C LYS B 99 5.32 0.66 2.39
N GLU B 100 5.23 -0.47 1.69
CA GLU B 100 5.14 -1.79 2.32
C GLU B 100 6.31 -1.98 3.28
N GLU B 101 7.51 -1.75 2.76
CA GLU B 101 8.73 -1.89 3.54
C GLU B 101 8.66 -1.00 4.78
N GLU B 102 8.24 0.24 4.57
CA GLU B 102 8.14 1.20 5.67
C GLU B 102 7.12 0.72 6.71
N TRP B 103 5.97 0.26 6.24
CA TRP B 103 4.93 -0.27 7.11
C TRP B 103 5.41 -1.51 7.87
N ARG B 104 6.08 -2.42 7.16
CA ARG B 104 6.63 -3.61 7.79
C ARG B 104 7.67 -3.23 8.84
N GLU B 105 8.50 -2.26 8.52
CA GLU B 105 9.52 -1.78 9.46
C GLU B 105 8.87 -1.18 10.71
N ALA B 106 7.77 -0.45 10.51
CA ALA B 106 7.04 0.12 11.63
C ALA B 106 6.36 -0.98 12.43
N GLN B 107 5.72 -1.91 11.71
CA GLN B 107 5.06 -3.05 12.35
C GLN B 107 6.07 -3.88 13.14
N ARG B 108 7.26 -4.03 12.56
CA ARG B 108 8.36 -4.71 13.23
C ARG B 108 8.79 -3.94 14.48
N GLY B 109 8.99 -2.64 14.31
CA GLY B 109 9.45 -1.81 15.41
C GLY B 109 8.49 -1.80 16.59
N PHE B 110 7.20 -1.69 16.31
CA PHE B 110 6.21 -1.67 17.37
C PHE B 110 5.77 -3.08 17.76
N ASN B 111 5.11 -3.77 16.83
CA ASN B 111 4.40 -5.00 17.15
C ASN B 111 5.33 -6.19 17.30
N LYS B 112 6.18 -6.39 16.30
CA LYS B 112 7.08 -7.54 16.27
C LYS B 112 8.00 -7.53 17.50
N VAL B 113 8.63 -6.39 17.75
CA VAL B 113 9.51 -6.24 18.90
C VAL B 113 8.75 -6.40 20.20
N TRP B 114 7.63 -5.68 20.35
CA TRP B 114 6.82 -5.75 21.56
C TRP B 114 6.46 -7.21 21.87
N ARG B 115 6.10 -7.93 20.82
CA ARG B 115 5.67 -9.32 20.95
C ARG B 115 6.77 -10.19 21.53
N GLU B 116 7.94 -10.15 20.89
CA GLU B 116 9.05 -11.03 21.29
C GLU B 116 9.71 -10.56 22.59
N GLN B 117 9.43 -9.34 23.02
CA GLN B 117 10.00 -8.84 24.27
C GLN B 117 9.11 -9.19 25.46
N ASN B 118 7.81 -9.05 25.28
CA ASN B 118 6.84 -9.35 26.35
C ASN B 118 6.53 -10.84 26.43
N GLU B 119 6.01 -11.38 25.33
CA GLU B 119 5.59 -12.77 25.29
C GLU B 119 6.78 -13.71 25.41
N LYS B 120 7.79 -13.45 24.60
CA LYS B 120 8.99 -14.26 24.57
C LYS B 120 10.00 -13.74 25.59
N TYR B 121 10.61 -14.64 26.33
CA TYR B 121 11.60 -14.25 27.33
C TYR B 121 12.99 -14.70 26.89
N TYR B 122 13.65 -13.86 26.11
CA TYR B 122 14.99 -14.18 25.64
C TYR B 122 15.94 -13.03 25.96
N LEU B 123 16.82 -13.25 26.92
CA LEU B 123 17.76 -12.22 27.35
C LEU B 123 19.07 -12.35 26.57
N LYS B 124 19.26 -11.44 25.64
CA LYS B 124 20.47 -11.40 24.85
C LYS B 124 21.45 -10.41 25.45
N SER B 125 21.07 -9.14 25.44
CA SER B 125 21.85 -8.07 26.04
C SER B 125 20.97 -6.84 26.24
#